data_7YE9
#
_entry.id   7YE9
#
_cell.length_a   1.00
_cell.length_b   1.00
_cell.length_c   1.00
_cell.angle_alpha   90.00
_cell.angle_beta   90.00
_cell.angle_gamma   90.00
#
_symmetry.space_group_name_H-M   'P 1'
#
loop_
_entity.id
_entity.type
_entity.pdbx_description
1 polymer 'Spike glycoprotein'
2 polymer 'Heavy chain of R1-32 Fab'
3 polymer 'Light chain of R1-32 Fab'
4 branched 2-acetamido-2-deoxy-beta-D-glucopyranose-(1-4)-2-acetamido-2-deoxy-beta-D-glucopyranose
5 non-polymer 2-acetamido-2-deoxy-beta-D-glucopyranose
#
loop_
_entity_poly.entity_id
_entity_poly.type
_entity_poly.pdbx_seq_one_letter_code
_entity_poly.pdbx_strand_id
1 'polypeptide(L)'
;MFVFLVLLPLVSSQCVNLTTRTQLPPAYTNSFTRGVYYPDKVFRSSVLHSTQDLFLPFFSNVTWFHAIHVSGTNGTKRFD
NPVLPFNDGVYFASTEKSNIIRGWIFGTTLDSKTQSLLIVNNATNVVIKVCEFQFCNDPFLGVYYHKNNKSWMESEFRVY
SSANNCTFEYVSQPFLMDLEGKQGNFKNLREFVFKNIDGYFKIYSKHTPINLVRDLPQGFSALEPLVDLPIGINITRFQT
LLALHRSYLTPGDSSSGWTAGAAAYYVGYLQPRTFLLKYNENGTITDAVDCALDPLSETKCTLKSFTVEKGIYQTSNFRV
QPTESIVRFPNITNLCPFGEVFNATRFASVYAWNRKRISNCVADYSVLYNSASFSTFKCYGVSPTKLNDLCFTNVYADSF
VIRGDEVRQIAPGQTGKIADYNYKLPDDFTGCVIAWNSNNLDSKVGGNYNYLYRLFRKSNLKPFERDISTEIYQAGSTPC
NGVEGFNCYFPLQSYGFQPTNGVGYQPYRVVVLSFELLHAPATVCGPKKSTNLVKNKCVNFNFNGLTGTGVLTESNKKFL
PFQQFGRDIADTTDAVRDPQTLEILDITPCSFGGVSVITPGTNTSNQVAVLYQDVNCTEVPVAIHADQLTPTWRVYSTGS
NVFQTRAGCLIGAEHVNNSYECDIPIGAGICASYQTQTNSPGSASSVASQSIIAYTMSLGAENSVAYSNNSIAIPTNFTI
SVTTEILPVSMTKTSVDCTMYICGDSTECSNLLLQYGSFCTQLNRALTGIAVEQDKNTQEVFAQVKQIYKTPPIKDFGGF
NFSQILPDPSKPSKRSPIEDLLFNKVTLADAGFIKQYGDCLGDIAARDLICAQKFNGLTVLPPLLTDEMIAQYTSALLAG
TITSGWTFGAGPALQIPFPMQMAYRFNGIGVTQNVLYENQKLIANQFNSAIGKIQDSLSSTPSALGKLQDVVNQNAQALN
TLVKQLSSNFGAISSVLNDILSRLDPPEAEVQIDRLITGRLQSLQTYVTQQLIRAAEIRASANLAATKMSECVLGQSKRV
DFCGKGYHLMSFPQSAPHGVVFLHVTYVPAQEKNFTTAPAICHDGKAHFPREGVFVSNGTHWFVTQRNFYEPQIITTDNT
FVSGNCDVVIGIVNNTVYDPLQPELDSFKEELDKYFKNHTSPDVDLGDISGINASVVNIQKEIDRLNEVAKNLNESLIDL
QELGKYEQ
;
A,B,C
2 'polypeptide(L)'
;EVQLVESGAEVKKPGSSVKVSCKASGGTFSSYAISWVRQAPGQGLEWMGGIIPILGIANYAQKFQGRVTITADKSTSTAY
MELSSLRSEDTAVYYCARENGYSGYGAAANFDLWGRGTLVTVSSASTKGPSVFPLAPSSKSTSGGTAALGCLVKDYFPEP
VTVSWNSGALTSGVHTFPAVLQSSGLYSLSSVVTVPSSSLGTQTYICNVNHKPSNTKVDKKVEPKSCD
;
H,G,N
3 'polypeptide(L)'
;QSVLTQPPSVSGAPGQRVTISCTGSSSNIGAGYDVHWYQQLPGTAPKLLIYGNSNRPSGVPDRFSGSKSGTSASLAITGL
QAEDEADYYCQSYDSSLSGSVFGGGTKLTVLGQPKAAPSVTLFPPSSEELQANKATLVCLISDFYPGAVTVAWKADSSPV
KAGVETTTPSKQSNNKYAASSYLSLTPEQWKSHRSYSCQVTHEGSTVEKTVAPT
;
L,I,O
#
loop_
_chem_comp.id
_chem_comp.type
_chem_comp.name
_chem_comp.formula
NAG D-saccharide, beta linking 2-acetamido-2-deoxy-beta-D-glucopyranose 'C8 H15 N O6'
#
# COMPACT_ATOMS: atom_id res chain seq x y z
N GLN A 14 -22.58 -10.00 57.88
CA GLN A 14 -21.83 -9.37 58.96
C GLN A 14 -20.57 -10.15 59.29
N CYS A 15 -19.56 -9.46 59.81
CA CYS A 15 -18.29 -10.08 60.17
C CYS A 15 -17.82 -9.53 61.51
N VAL A 16 -16.89 -10.27 62.12
CA VAL A 16 -16.30 -9.88 63.39
C VAL A 16 -14.78 -9.78 63.19
N ASN A 17 -14.12 -9.17 64.17
CA ASN A 17 -12.68 -9.00 64.14
C ASN A 17 -11.99 -10.10 64.94
N LEU A 18 -10.74 -10.34 64.60
CA LEU A 18 -9.93 -11.36 65.26
C LEU A 18 -9.02 -10.73 66.31
N THR A 19 -8.42 -11.59 67.13
CA THR A 19 -7.50 -11.18 68.17
C THR A 19 -6.07 -11.57 67.79
N THR A 20 -5.12 -10.74 68.17
CA THR A 20 -3.72 -11.00 67.86
C THR A 20 -3.22 -12.22 68.61
N ARG A 21 -2.51 -13.10 67.90
CA ARG A 21 -1.99 -14.33 68.46
C ARG A 21 -0.72 -14.71 67.73
N THR A 22 -0.12 -15.82 68.15
CA THR A 22 1.10 -16.31 67.50
C THR A 22 0.74 -17.09 66.25
N GLN A 23 1.34 -16.72 65.12
CA GLN A 23 1.12 -17.38 63.84
C GLN A 23 2.39 -18.10 63.40
N LEU A 24 2.34 -18.65 62.19
CA LEU A 24 3.49 -19.27 61.55
C LEU A 24 3.79 -18.57 60.23
N PRO A 25 5.06 -18.28 59.94
CA PRO A 25 5.40 -17.61 58.69
C PRO A 25 5.31 -18.57 57.52
N PRO A 26 4.99 -18.08 56.33
CA PRO A 26 4.92 -18.96 55.16
C PRO A 26 6.29 -19.37 54.67
N ALA A 27 6.36 -20.59 54.15
CA ALA A 27 7.60 -21.16 53.64
C ALA A 27 7.62 -21.16 52.12
N TYR A 28 8.78 -21.46 51.57
CA TYR A 28 8.98 -21.51 50.12
C TYR A 28 9.40 -22.92 49.73
N THR A 29 8.62 -23.54 48.85
CA THR A 29 8.88 -24.88 48.35
C THR A 29 9.09 -24.83 46.84
N ASN A 30 9.29 -26.00 46.25
CA ASN A 30 9.56 -26.13 44.82
C ASN A 30 8.47 -26.96 44.16
N SER A 31 8.11 -26.58 42.94
CA SER A 31 7.11 -27.31 42.16
C SER A 31 7.80 -28.34 41.27
N PHE A 32 7.05 -29.38 40.90
CA PHE A 32 7.56 -30.48 40.09
C PHE A 32 6.51 -30.83 39.03
N THR A 33 6.65 -30.21 37.85
CA THR A 33 5.78 -30.47 36.70
C THR A 33 4.31 -30.25 37.07
N ARG A 34 3.99 -29.01 37.45
CA ARG A 34 2.65 -28.63 37.82
C ARG A 34 2.25 -27.36 37.08
N GLY A 35 0.94 -27.23 36.81
CA GLY A 35 0.43 -26.05 36.15
C GLY A 35 0.29 -26.19 34.65
N VAL A 36 -0.21 -27.34 34.21
CA VAL A 36 -0.40 -27.63 32.79
C VAL A 36 -1.90 -27.88 32.56
N TYR A 37 -2.48 -27.13 31.63
CA TYR A 37 -3.89 -27.24 31.29
C TYR A 37 -4.05 -27.27 29.78
N TYR A 38 -5.29 -27.38 29.32
CA TYR A 38 -5.58 -27.39 27.88
C TYR A 38 -5.56 -25.96 27.36
N PRO A 39 -4.69 -25.62 26.40
CA PRO A 39 -4.60 -24.23 25.94
C PRO A 39 -5.66 -23.84 24.93
N ASP A 40 -6.47 -24.77 24.46
CA ASP A 40 -7.51 -24.48 23.48
C ASP A 40 -8.66 -25.46 23.65
N LYS A 41 -9.67 -25.31 22.79
CA LYS A 41 -10.85 -26.17 22.80
C LYS A 41 -10.94 -27.02 21.54
N VAL A 42 -9.79 -27.40 20.97
CA VAL A 42 -9.74 -28.23 19.78
C VAL A 42 -9.02 -29.53 20.12
N PHE A 43 -9.16 -30.51 19.24
CA PHE A 43 -8.57 -31.82 19.41
C PHE A 43 -7.24 -31.92 18.67
N ARG A 44 -6.24 -32.47 19.34
CA ARG A 44 -4.91 -32.68 18.75
C ARG A 44 -4.45 -34.09 19.06
N SER A 45 -3.88 -34.76 18.06
CA SER A 45 -3.44 -36.13 18.22
C SER A 45 -2.19 -36.36 17.36
N SER A 46 -1.14 -36.90 17.99
CA SER A 46 0.10 -37.24 17.29
C SER A 46 0.71 -36.03 16.61
N VAL A 47 0.68 -34.89 17.30
CA VAL A 47 1.26 -33.65 16.78
C VAL A 47 1.92 -32.90 17.94
N LEU A 48 3.11 -32.37 17.67
CA LEU A 48 3.87 -31.61 18.66
C LEU A 48 3.77 -30.13 18.31
N HIS A 49 2.75 -29.49 18.86
CA HIS A 49 2.45 -28.09 18.57
C HIS A 49 2.70 -27.23 19.82
N SER A 50 3.22 -26.03 19.59
CA SER A 50 3.51 -25.09 20.67
C SER A 50 2.62 -23.86 20.55
N THR A 51 2.27 -23.28 21.70
CA THR A 51 1.45 -22.08 21.75
C THR A 51 2.04 -21.13 22.78
N GLN A 52 1.56 -19.89 22.75
CA GLN A 52 2.01 -18.84 23.67
C GLN A 52 0.86 -18.48 24.59
N ASP A 53 0.83 -19.08 25.78
CA ASP A 53 -0.22 -18.83 26.76
C ASP A 53 0.43 -18.68 28.13
N LEU A 54 -0.40 -18.43 29.13
CA LEU A 54 0.05 -18.22 30.50
C LEU A 54 0.14 -19.56 31.22
N PHE A 55 1.36 -20.06 31.41
CA PHE A 55 1.60 -21.32 32.08
C PHE A 55 2.55 -21.10 33.24
N LEU A 56 2.82 -22.16 34.00
CA LEU A 56 3.71 -22.09 35.15
C LEU A 56 5.07 -22.66 34.80
N PRO A 57 6.16 -21.91 35.03
CA PRO A 57 7.49 -22.46 34.75
C PRO A 57 7.85 -23.55 35.76
N PHE A 58 8.47 -24.61 35.26
CA PHE A 58 8.86 -25.74 36.10
C PHE A 58 10.08 -25.39 36.93
N PHE A 59 10.19 -26.05 38.08
CA PHE A 59 11.32 -25.88 39.00
C PHE A 59 11.46 -24.42 39.44
N SER A 60 10.33 -23.76 39.67
CA SER A 60 10.31 -22.37 40.09
C SER A 60 9.99 -22.26 41.58
N ASN A 61 10.26 -21.09 42.13
CA ASN A 61 9.99 -20.83 43.54
C ASN A 61 8.52 -20.47 43.72
N VAL A 62 7.81 -21.27 44.51
CA VAL A 62 6.39 -21.07 44.77
C VAL A 62 6.18 -20.95 46.27
N THR A 63 5.14 -20.21 46.64
CA THR A 63 4.83 -19.98 48.05
C THR A 63 4.07 -21.17 48.63
N TRP A 64 4.07 -21.26 49.96
CA TRP A 64 3.41 -22.34 50.67
C TRP A 64 2.75 -21.78 51.92
N PHE A 65 1.45 -22.01 52.06
CA PHE A 65 0.68 -21.58 53.21
C PHE A 65 0.05 -22.80 53.89
N HIS A 66 0.09 -22.81 55.21
CA HIS A 66 -0.44 -23.92 56.00
C HIS A 66 -1.83 -23.59 56.54
N ALA A 67 -2.58 -24.64 56.85
CA ALA A 67 -3.90 -24.48 57.45
C ALA A 67 -4.17 -25.49 58.56
N ILE A 68 -3.16 -26.20 59.04
CA ILE A 68 -3.34 -27.19 60.09
C ILE A 68 -3.39 -26.49 61.44
N HIS A 69 -4.29 -26.95 62.31
CA HIS A 69 -4.43 -26.34 63.63
C HIS A 69 -3.25 -26.66 64.52
N VAL A 70 -3.03 -27.94 64.79
CA VAL A 70 -1.94 -28.36 65.66
C VAL A 70 -0.62 -28.34 64.91
N THR A 76 1.03 -23.31 66.70
CA THR A 76 -0.36 -23.75 66.61
C THR A 76 -1.28 -22.61 66.22
N LYS A 77 -2.54 -22.94 65.90
CA LYS A 77 -3.55 -21.97 65.51
C LYS A 77 -3.08 -21.17 64.29
N ARG A 78 -2.88 -21.89 63.19
CA ARG A 78 -2.40 -21.30 61.94
C ARG A 78 -3.60 -20.87 61.09
N PHE A 79 -3.70 -19.56 60.85
CA PHE A 79 -4.77 -19.01 60.01
C PHE A 79 -4.19 -17.78 59.31
N ASP A 80 -3.68 -18.00 58.09
CA ASP A 80 -3.07 -16.94 57.28
C ASP A 80 -3.80 -16.86 55.95
N ASN A 81 -4.58 -15.79 55.78
CA ASN A 81 -5.32 -15.55 54.54
C ASN A 81 -5.17 -14.08 54.17
N PRO A 82 -4.07 -13.71 53.54
CA PRO A 82 -3.86 -12.31 53.14
C PRO A 82 -4.52 -12.00 51.80
N VAL A 83 -4.49 -10.72 51.45
CA VAL A 83 -5.06 -10.23 50.21
C VAL A 83 -3.91 -10.15 49.20
N LEU A 84 -3.78 -11.19 48.38
CA LEU A 84 -2.71 -11.26 47.39
C LEU A 84 -3.15 -10.62 46.07
N PRO A 85 -2.23 -9.97 45.36
CA PRO A 85 -2.59 -9.35 44.08
C PRO A 85 -2.82 -10.40 43.00
N PHE A 86 -3.87 -10.20 42.22
CA PHE A 86 -4.24 -11.11 41.15
C PHE A 86 -3.55 -10.67 39.86
N ASN A 87 -2.66 -11.51 39.35
CA ASN A 87 -1.94 -11.25 38.12
C ASN A 87 -2.64 -11.93 36.94
N ASP A 88 -2.01 -11.90 35.78
CA ASP A 88 -2.57 -12.51 34.57
C ASP A 88 -2.38 -14.01 34.66
N GLY A 89 -3.35 -14.69 35.26
CA GLY A 89 -3.31 -16.13 35.40
C GLY A 89 -2.63 -16.59 36.69
N VAL A 90 -3.34 -17.37 37.49
CA VAL A 90 -2.81 -17.89 38.74
C VAL A 90 -2.92 -19.40 38.72
N TYR A 91 -2.23 -20.04 39.68
CA TYR A 91 -2.25 -21.49 39.82
C TYR A 91 -2.52 -21.81 41.29
N PHE A 92 -3.70 -22.34 41.58
CA PHE A 92 -4.13 -22.66 42.94
C PHE A 92 -4.28 -24.17 43.05
N ALA A 93 -3.27 -24.83 43.62
CA ALA A 93 -3.27 -26.27 43.83
C ALA A 93 -3.47 -26.56 45.31
N SER A 94 -4.42 -27.45 45.63
CA SER A 94 -4.74 -27.79 47.00
C SER A 94 -4.90 -29.30 47.11
N THR A 95 -4.12 -29.91 48.00
CA THR A 95 -4.24 -31.34 48.30
C THR A 95 -5.35 -31.55 49.33
N GLU A 96 -6.58 -31.33 48.87
CA GLU A 96 -7.74 -31.33 49.74
C GLU A 96 -8.10 -32.75 50.17
N LYS A 97 -8.43 -32.89 51.46
CA LYS A 97 -8.85 -34.17 52.03
C LYS A 97 -10.29 -34.12 52.56
N SER A 98 -10.59 -33.14 53.42
CA SER A 98 -11.89 -33.05 54.07
C SER A 98 -12.70 -31.83 53.64
N ASN A 99 -12.32 -31.18 52.53
CA ASN A 99 -13.06 -30.06 51.96
C ASN A 99 -13.16 -28.89 52.96
N ILE A 100 -12.01 -28.32 53.29
CA ILE A 100 -11.95 -27.18 54.20
C ILE A 100 -12.11 -25.86 53.44
N ILE A 101 -11.36 -25.68 52.35
CA ILE A 101 -11.48 -24.47 51.55
C ILE A 101 -12.78 -24.51 50.77
N ARG A 102 -13.63 -23.51 50.99
CA ARG A 102 -14.96 -23.50 50.37
C ARG A 102 -14.98 -22.73 49.06
N GLY A 103 -14.61 -21.45 49.09
CA GLY A 103 -14.68 -20.63 47.89
C GLY A 103 -13.58 -19.60 47.78
N TRP A 104 -13.71 -18.71 46.79
CA TRP A 104 -12.73 -17.65 46.55
C TRP A 104 -13.46 -16.37 46.19
N ILE A 105 -12.84 -15.24 46.52
CA ILE A 105 -13.38 -13.93 46.21
C ILE A 105 -12.40 -13.17 45.33
N PHE A 106 -12.93 -12.20 44.59
CA PHE A 106 -12.12 -11.37 43.70
C PHE A 106 -12.58 -9.92 43.80
N GLY A 107 -11.72 -9.02 43.38
CA GLY A 107 -12.03 -7.60 43.42
C GLY A 107 -10.77 -6.78 43.34
N THR A 108 -10.98 -5.46 43.46
CA THR A 108 -9.89 -4.48 43.40
C THR A 108 -9.70 -3.78 44.73
N THR A 109 -10.75 -3.18 45.28
CA THR A 109 -10.67 -2.48 46.56
C THR A 109 -11.50 -3.12 47.66
N LEU A 110 -12.53 -3.89 47.32
CA LEU A 110 -13.36 -4.61 48.29
C LEU A 110 -14.01 -3.66 49.28
N ASP A 111 -14.66 -2.62 48.75
CA ASP A 111 -15.40 -1.66 49.58
C ASP A 111 -16.74 -1.30 48.94
N SER A 112 -17.35 -2.24 48.23
CA SER A 112 -18.62 -2.01 47.54
C SER A 112 -18.50 -0.87 46.54
N LYS A 113 -17.49 -0.94 45.69
CA LYS A 113 -17.25 0.07 44.66
C LYS A 113 -17.14 -0.50 43.26
N THR A 114 -16.60 -1.71 43.12
CA THR A 114 -16.47 -2.38 41.82
C THR A 114 -17.32 -3.65 41.82
N GLN A 115 -17.22 -4.41 40.73
CA GLN A 115 -17.98 -5.64 40.57
C GLN A 115 -17.17 -6.79 41.17
N SER A 116 -17.40 -7.06 42.45
CA SER A 116 -16.69 -8.13 43.14
C SER A 116 -17.27 -9.48 42.76
N LEU A 117 -16.42 -10.51 42.81
CA LEU A 117 -16.82 -11.87 42.48
C LEU A 117 -17.01 -12.69 43.74
N LEU A 118 -17.92 -13.66 43.66
CA LEU A 118 -18.21 -14.54 44.80
C LEU A 118 -18.53 -15.93 44.25
N ILE A 119 -17.51 -16.80 44.21
CA ILE A 119 -17.70 -18.18 43.79
C ILE A 119 -17.44 -19.08 44.99
N VAL A 120 -18.51 -19.46 45.69
CA VAL A 120 -18.42 -20.25 46.91
C VAL A 120 -19.03 -21.62 46.67
N ASN A 121 -18.28 -22.66 46.99
CA ASN A 121 -18.77 -24.04 46.88
C ASN A 121 -19.43 -24.41 48.20
N ASN A 122 -20.75 -24.31 48.26
CA ASN A 122 -21.49 -24.62 49.46
C ASN A 122 -21.84 -26.11 49.51
N ALA A 123 -22.57 -26.51 50.54
CA ALA A 123 -22.95 -27.90 50.72
C ALA A 123 -24.20 -28.28 49.94
N THR A 124 -24.87 -27.32 49.30
CA THR A 124 -26.07 -27.58 48.51
C THR A 124 -25.85 -27.39 47.02
N ASN A 125 -25.35 -26.22 46.61
CA ASN A 125 -25.11 -25.95 45.20
C ASN A 125 -24.03 -24.89 45.08
N VAL A 126 -23.37 -24.89 43.92
CA VAL A 126 -22.32 -23.93 43.62
C VAL A 126 -22.94 -22.70 42.98
N VAL A 127 -22.69 -21.53 43.55
CA VAL A 127 -23.22 -20.27 43.07
C VAL A 127 -22.11 -19.44 42.47
N ILE A 128 -22.44 -18.68 41.42
CA ILE A 128 -21.52 -17.74 40.78
C ILE A 128 -22.28 -16.43 40.68
N LYS A 129 -22.07 -15.54 41.65
CA LYS A 129 -22.84 -14.30 41.76
C LYS A 129 -21.85 -13.13 41.80
N VAL A 130 -21.71 -12.44 40.68
CA VAL A 130 -20.84 -11.27 40.58
C VAL A 130 -21.70 -10.03 40.87
N CYS A 131 -21.47 -9.42 42.03
CA CYS A 131 -22.29 -8.31 42.50
C CYS A 131 -21.39 -7.36 43.30
N GLU A 132 -22.02 -6.50 44.10
CA GLU A 132 -21.28 -5.48 44.84
C GLU A 132 -21.37 -5.74 46.33
N PHE A 133 -21.16 -6.99 46.73
CA PHE A 133 -21.27 -7.38 48.13
C PHE A 133 -20.27 -6.60 48.99
N GLN A 134 -20.63 -6.44 50.26
CA GLN A 134 -19.79 -5.72 51.22
C GLN A 134 -18.82 -6.72 51.84
N PHE A 135 -17.63 -6.82 51.25
CA PHE A 135 -16.61 -7.73 51.75
C PHE A 135 -15.92 -7.13 52.96
N CYS A 136 -15.85 -7.91 54.03
CA CYS A 136 -15.26 -7.46 55.29
C CYS A 136 -13.75 -7.70 55.27
N ASN A 137 -13.10 -7.52 56.42
CA ASN A 137 -11.65 -7.72 56.51
C ASN A 137 -11.29 -9.20 56.37
N ASP A 138 -12.15 -10.09 56.85
CA ASP A 138 -11.88 -11.53 56.79
C ASP A 138 -13.20 -12.31 56.79
N PRO A 139 -13.69 -12.69 55.60
CA PRO A 139 -14.89 -13.52 55.55
C PRO A 139 -14.56 -15.01 55.66
N PHE A 140 -15.33 -15.70 56.48
CA PHE A 140 -15.11 -17.13 56.71
C PHE A 140 -16.43 -17.80 57.07
N LEU A 141 -16.55 -19.06 56.70
CA LEU A 141 -17.72 -19.86 57.03
C LEU A 141 -17.46 -20.67 58.29
N GLY A 142 -18.46 -20.74 59.17
CA GLY A 142 -18.35 -21.43 60.43
C GLY A 142 -19.20 -22.69 60.43
N VAL A 143 -18.62 -23.78 60.92
CA VAL A 143 -19.29 -25.07 61.01
C VAL A 143 -19.49 -25.39 62.49
N TYR A 144 -20.74 -25.48 62.91
CA TYR A 144 -21.08 -25.77 64.29
C TYR A 144 -21.49 -27.22 64.45
N TYR A 145 -21.06 -27.84 65.54
CA TYR A 145 -21.34 -29.24 65.82
C TYR A 145 -22.51 -29.33 66.78
N HIS A 146 -23.59 -29.98 66.35
CA HIS A 146 -24.77 -30.12 67.17
C HIS A 146 -24.59 -31.22 68.21
N LYS A 147 -25.32 -31.08 69.33
CA LYS A 147 -25.23 -32.07 70.40
C LYS A 147 -26.12 -33.27 70.13
N ASN A 148 -27.38 -33.03 69.76
CA ASN A 148 -28.31 -34.13 69.52
C ASN A 148 -28.08 -34.77 68.15
N ASN A 149 -27.56 -34.02 67.18
CA ASN A 149 -27.30 -34.51 65.85
C ASN A 149 -25.79 -34.68 65.67
N LYS A 150 -25.37 -35.91 65.37
CA LYS A 150 -23.94 -36.22 65.27
C LYS A 150 -23.48 -36.00 63.83
N SER A 151 -23.52 -34.73 63.42
CA SER A 151 -23.12 -34.35 62.07
C SER A 151 -22.69 -32.89 62.08
N TRP A 152 -21.72 -32.58 61.22
CA TRP A 152 -21.20 -31.22 61.11
C TRP A 152 -22.04 -30.42 60.13
N MET A 153 -22.67 -29.36 60.61
CA MET A 153 -23.54 -28.51 59.80
C MET A 153 -23.02 -27.08 59.84
N GLU A 154 -23.09 -26.41 58.68
CA GLU A 154 -22.66 -25.03 58.56
C GLU A 154 -23.79 -24.10 58.96
N SER A 155 -23.51 -23.21 59.92
CA SER A 155 -24.50 -22.26 60.42
C SER A 155 -24.06 -20.81 60.33
N GLU A 156 -22.77 -20.53 60.52
CA GLU A 156 -22.24 -19.18 60.45
C GLU A 156 -21.94 -18.85 59.00
N PHE A 157 -22.88 -18.18 58.32
CA PHE A 157 -22.72 -17.79 56.93
C PHE A 157 -22.30 -16.32 56.90
N ARG A 158 -21.01 -16.10 57.10
CA ARG A 158 -20.44 -14.75 57.17
C ARG A 158 -19.49 -14.57 55.99
N VAL A 159 -20.06 -14.14 54.85
CA VAL A 159 -19.28 -13.82 53.66
C VAL A 159 -19.39 -12.35 53.28
N TYR A 160 -20.58 -11.76 53.45
CA TYR A 160 -20.79 -10.35 53.15
C TYR A 160 -21.90 -9.82 54.05
N SER A 161 -22.09 -8.51 54.01
CA SER A 161 -23.10 -7.85 54.83
C SER A 161 -24.42 -7.69 54.09
N SER A 162 -24.41 -6.99 52.97
CA SER A 162 -25.62 -6.74 52.20
C SER A 162 -25.24 -6.49 50.74
N ALA A 163 -26.27 -6.30 49.91
CA ALA A 163 -26.08 -6.01 48.50
C ALA A 163 -27.24 -5.16 48.01
N ASN A 164 -26.93 -4.14 47.21
CA ASN A 164 -27.94 -3.21 46.74
C ASN A 164 -28.51 -3.61 45.38
N ASN A 165 -27.65 -3.76 44.38
CA ASN A 165 -28.11 -4.06 43.03
C ASN A 165 -26.98 -4.65 42.21
N CYS A 166 -27.33 -5.64 41.38
CA CYS A 166 -26.39 -6.21 40.41
C CYS A 166 -27.20 -6.86 39.30
N THR A 167 -26.50 -7.28 38.24
CA THR A 167 -27.13 -7.78 37.04
C THR A 167 -26.90 -9.26 36.82
N PHE A 168 -25.66 -9.74 36.88
CA PHE A 168 -25.36 -11.12 36.54
C PHE A 168 -25.58 -12.04 37.74
N GLU A 169 -26.16 -13.21 37.47
CA GLU A 169 -26.35 -14.24 38.49
C GLU A 169 -26.46 -15.58 37.78
N TYR A 170 -25.60 -16.52 38.15
CA TYR A 170 -25.55 -17.82 37.50
C TYR A 170 -25.35 -18.90 38.54
N VAL A 171 -26.05 -20.03 38.36
CA VAL A 171 -25.94 -21.19 39.23
C VAL A 171 -25.23 -22.30 38.49
N SER A 172 -24.34 -23.00 39.20
CA SER A 172 -23.56 -24.07 38.63
C SER A 172 -24.19 -25.42 38.98
N GLN A 173 -23.50 -26.51 38.63
CA GLN A 173 -24.01 -27.84 38.93
C GLN A 173 -23.89 -28.13 40.42
N PRO A 174 -24.82 -28.93 40.97
CA PRO A 174 -24.73 -29.28 42.40
C PRO A 174 -23.55 -30.20 42.66
N PHE A 175 -22.89 -29.97 43.79
CA PHE A 175 -21.74 -30.77 44.19
C PHE A 175 -21.83 -31.07 45.68
N LEU A 176 -21.65 -32.33 46.04
CA LEU A 176 -21.72 -32.77 47.43
C LEU A 176 -20.34 -32.67 48.08
N MET A 177 -20.32 -32.19 49.31
CA MET A 177 -19.07 -32.00 50.06
C MET A 177 -19.21 -32.61 51.45
N ASP A 178 -18.06 -32.95 52.02
CA ASP A 178 -18.00 -33.47 53.38
C ASP A 178 -17.63 -32.35 54.34
N LEU A 179 -18.44 -32.17 55.37
CA LEU A 179 -18.25 -31.10 56.35
C LEU A 179 -17.44 -31.55 57.57
N GLU A 180 -17.08 -32.82 57.65
CA GLU A 180 -16.35 -33.35 58.78
C GLU A 180 -14.85 -33.20 58.54
N GLY A 181 -14.15 -32.62 59.50
CA GLY A 181 -12.73 -32.34 59.38
C GLY A 181 -11.92 -33.21 60.32
N LYS A 182 -10.84 -33.79 59.80
CA LYS A 182 -9.95 -34.67 60.53
C LYS A 182 -8.55 -34.10 60.56
N GLN A 183 -7.63 -34.86 61.17
CA GLN A 183 -6.22 -34.48 61.26
C GLN A 183 -5.31 -35.52 60.61
N GLY A 184 -5.86 -36.35 59.74
CA GLY A 184 -5.09 -37.37 59.06
C GLY A 184 -4.43 -36.88 57.80
N ASN A 185 -3.88 -37.82 57.04
CA ASN A 185 -3.20 -37.49 55.80
C ASN A 185 -4.20 -37.24 54.68
N PHE A 186 -3.76 -36.49 53.68
CA PHE A 186 -4.62 -36.15 52.55
C PHE A 186 -4.76 -37.34 51.60
N LYS A 187 -5.89 -37.36 50.89
CA LYS A 187 -6.17 -38.44 49.95
C LYS A 187 -6.50 -37.96 48.54
N ASN A 188 -6.74 -36.67 48.33
CA ASN A 188 -7.06 -36.12 47.02
C ASN A 188 -6.25 -34.86 46.78
N LEU A 189 -6.24 -34.42 45.53
CA LEU A 189 -5.53 -33.22 45.12
C LEU A 189 -6.37 -32.47 44.11
N ARG A 190 -6.61 -31.18 44.37
CA ARG A 190 -7.43 -30.34 43.51
C ARG A 190 -6.62 -29.13 43.06
N GLU A 191 -6.64 -28.87 41.74
CA GLU A 191 -5.94 -27.74 41.16
C GLU A 191 -6.94 -26.80 40.51
N PHE A 192 -6.74 -25.50 40.70
CA PHE A 192 -7.63 -24.48 40.17
C PHE A 192 -6.80 -23.41 39.46
N VAL A 193 -7.20 -23.08 38.23
CA VAL A 193 -6.53 -22.07 37.42
C VAL A 193 -7.55 -21.00 37.06
N PHE A 194 -7.27 -19.77 37.46
CA PHE A 194 -8.13 -18.62 37.17
C PHE A 194 -7.38 -17.67 36.25
N LYS A 195 -7.93 -17.45 35.06
CA LYS A 195 -7.33 -16.56 34.07
C LYS A 195 -8.33 -15.48 33.67
N ASN A 196 -7.81 -14.42 33.07
CA ASN A 196 -8.64 -13.29 32.65
C ASN A 196 -8.05 -12.72 31.36
N ILE A 197 -8.64 -13.09 30.22
CA ILE A 197 -8.23 -12.57 28.92
C ILE A 197 -9.45 -11.93 28.26
N ASP A 198 -9.29 -10.67 27.84
CA ASP A 198 -10.35 -9.91 27.17
C ASP A 198 -11.62 -9.85 28.01
N GLY A 199 -11.47 -9.85 29.34
CA GLY A 199 -12.60 -9.82 30.24
C GLY A 199 -13.26 -11.16 30.51
N TYR A 200 -12.86 -12.22 29.81
CA TYR A 200 -13.45 -13.53 29.99
C TYR A 200 -12.74 -14.28 31.11
N PHE A 201 -13.52 -14.96 31.94
CA PHE A 201 -13.01 -15.71 33.07
C PHE A 201 -12.94 -17.19 32.73
N LYS A 202 -11.82 -17.82 33.08
CA LYS A 202 -11.59 -19.24 32.79
C LYS A 202 -11.35 -19.98 34.10
N ILE A 203 -11.98 -21.14 34.24
CA ILE A 203 -11.84 -21.98 35.42
C ILE A 203 -11.40 -23.37 34.97
N TYR A 204 -10.22 -23.79 35.41
CA TYR A 204 -9.67 -25.09 35.09
C TYR A 204 -9.57 -25.90 36.38
N SER A 205 -10.42 -26.91 36.51
CA SER A 205 -10.47 -27.75 37.70
C SER A 205 -10.39 -29.21 37.32
N LYS A 206 -9.65 -29.98 38.11
CA LYS A 206 -9.50 -31.42 37.89
C LYS A 206 -9.09 -32.07 39.19
N HIS A 207 -9.76 -33.18 39.53
CA HIS A 207 -9.50 -33.91 40.75
C HIS A 207 -8.58 -35.10 40.47
N THR A 208 -7.57 -35.28 41.32
CA THR A 208 -6.61 -36.36 41.15
C THR A 208 -6.25 -36.94 42.52
N PRO A 209 -6.46 -38.24 42.73
CA PRO A 209 -6.13 -38.85 44.02
C PRO A 209 -4.63 -39.01 44.19
N ILE A 210 -4.15 -38.72 45.40
CA ILE A 210 -2.74 -38.87 45.74
C ILE A 210 -2.64 -39.09 47.25
N ASN A 211 -1.54 -39.72 47.67
CA ASN A 211 -1.28 -40.01 49.07
C ASN A 211 0.03 -39.34 49.46
N LEU A 212 -0.06 -38.08 49.86
CA LEU A 212 1.13 -37.31 50.20
C LEU A 212 0.72 -36.08 51.00
N VAL A 213 1.63 -35.60 51.84
CA VAL A 213 1.37 -34.44 52.68
C VAL A 213 2.11 -33.19 52.23
N ARG A 214 3.26 -33.33 51.58
CA ARG A 214 4.04 -32.19 51.11
C ARG A 214 5.03 -32.68 50.07
N ASP A 215 5.67 -31.71 49.39
CA ASP A 215 6.65 -31.99 48.34
C ASP A 215 6.01 -32.83 47.22
N LEU A 216 5.05 -32.20 46.55
CA LEU A 216 4.23 -32.77 45.47
C LEU A 216 5.05 -33.63 44.52
N PRO A 217 4.48 -34.73 44.01
CA PRO A 217 5.25 -35.64 43.16
C PRO A 217 5.47 -35.04 41.78
N GLN A 218 6.21 -35.80 40.96
CA GLN A 218 6.53 -35.40 39.59
C GLN A 218 5.53 -35.96 38.57
N GLY A 219 4.33 -36.33 39.01
CA GLY A 219 3.35 -36.87 38.10
C GLY A 219 2.78 -35.82 37.16
N PHE A 220 2.09 -36.30 36.12
CA PHE A 220 1.48 -35.46 35.12
C PHE A 220 -0.03 -35.65 35.14
N SER A 221 -0.76 -34.55 35.07
CA SER A 221 -2.22 -34.58 35.07
C SER A 221 -2.74 -33.32 34.40
N ALA A 222 -3.57 -33.50 33.37
CA ALA A 222 -4.13 -32.36 32.65
C ALA A 222 -5.30 -31.76 33.42
N LEU A 223 -5.62 -30.51 33.08
CA LEU A 223 -6.69 -29.77 33.74
C LEU A 223 -7.72 -29.39 32.68
N GLU A 224 -8.97 -29.80 32.89
CA GLU A 224 -10.02 -29.54 31.92
C GLU A 224 -10.94 -28.41 32.41
N PRO A 225 -11.29 -27.48 31.52
CA PRO A 225 -12.23 -26.42 31.91
C PRO A 225 -13.66 -26.92 31.97
N LEU A 226 -14.50 -26.11 32.62
CA LEU A 226 -15.92 -26.45 32.78
C LEU A 226 -16.82 -25.49 32.01
N VAL A 227 -16.80 -24.20 32.35
CA VAL A 227 -17.65 -23.20 31.72
C VAL A 227 -16.88 -21.89 31.63
N ASP A 228 -17.11 -21.15 30.55
CA ASP A 228 -16.56 -19.82 30.40
C ASP A 228 -17.55 -18.78 30.92
N LEU A 229 -17.04 -17.80 31.65
CA LEU A 229 -17.87 -16.78 32.27
C LEU A 229 -17.56 -15.41 31.67
N PRO A 230 -18.33 -14.95 30.68
CA PRO A 230 -18.07 -13.63 30.05
C PRO A 230 -18.71 -12.44 30.77
N ILE A 231 -18.03 -11.98 31.81
CA ILE A 231 -18.47 -10.79 32.54
C ILE A 231 -17.91 -9.56 31.87
N GLY A 232 -16.57 -9.49 31.78
CA GLY A 232 -15.93 -8.37 31.13
C GLY A 232 -15.49 -7.26 32.08
N ILE A 233 -14.78 -7.64 33.14
CA ILE A 233 -14.25 -6.68 34.11
C ILE A 233 -12.78 -6.99 34.36
N ASN A 234 -12.14 -6.10 35.10
CA ASN A 234 -10.72 -6.21 35.43
C ASN A 234 -10.57 -6.67 36.88
N ILE A 235 -9.67 -7.64 37.10
CA ILE A 235 -9.40 -8.18 38.42
C ILE A 235 -7.91 -7.98 38.71
N THR A 236 -7.61 -7.37 39.86
CA THR A 236 -6.24 -7.12 40.27
C THR A 236 -5.89 -7.70 41.63
N ARG A 237 -6.87 -8.13 42.42
CA ARG A 237 -6.62 -8.73 43.72
C ARG A 237 -7.54 -9.93 43.90
N PHE A 238 -7.12 -10.85 44.77
CA PHE A 238 -7.89 -12.05 45.06
C PHE A 238 -7.57 -12.52 46.46
N GLN A 239 -8.48 -13.32 47.01
CA GLN A 239 -8.34 -13.83 48.37
C GLN A 239 -9.16 -15.11 48.50
N THR A 240 -8.61 -16.07 49.22
CA THR A 240 -9.26 -17.36 49.43
C THR A 240 -10.05 -17.37 50.73
N LEU A 241 -11.01 -18.27 50.82
CA LEU A 241 -11.89 -18.41 51.97
C LEU A 241 -11.58 -19.72 52.69
N LEU A 242 -11.43 -19.64 54.01
CA LEU A 242 -11.17 -20.81 54.84
C LEU A 242 -12.32 -21.02 55.81
N ALA A 243 -12.60 -22.29 56.11
CA ALA A 243 -13.69 -22.67 57.00
C ALA A 243 -13.14 -23.27 58.28
N LEU A 244 -13.76 -22.92 59.41
CA LEU A 244 -13.36 -23.42 60.72
C LEU A 244 -14.49 -24.26 61.30
N HIS A 245 -14.13 -25.09 62.28
CA HIS A 245 -15.06 -25.97 62.96
C HIS A 245 -15.24 -25.55 64.40
N ARG A 246 -16.44 -25.76 64.94
CA ARG A 246 -16.78 -25.42 66.31
C ARG A 246 -17.27 -26.68 67.01
N SER A 247 -16.38 -27.36 67.73
CA SER A 247 -16.70 -28.57 68.45
C SER A 247 -16.91 -28.25 69.94
N TYR A 248 -17.08 -29.29 70.75
CA TYR A 248 -17.29 -29.11 72.18
C TYR A 248 -15.99 -28.83 72.93
N LEU A 249 -14.84 -29.01 72.30
CA LEU A 249 -13.57 -28.71 72.96
C LEU A 249 -13.33 -27.22 73.06
N THR A 250 -13.72 -26.46 72.03
CA THR A 250 -13.60 -25.00 72.02
C THR A 250 -14.85 -24.35 72.60
N PRO A 251 -14.71 -23.19 73.24
CA PRO A 251 -15.90 -22.51 73.79
C PRO A 251 -16.86 -22.01 72.72
N GLY A 252 -16.39 -21.83 71.49
CA GLY A 252 -17.25 -21.39 70.41
C GLY A 252 -17.08 -19.96 69.95
N ASP A 253 -16.12 -19.23 70.51
CA ASP A 253 -15.86 -17.84 70.13
C ASP A 253 -14.73 -17.78 69.11
N SER A 254 -14.87 -16.87 68.14
CA SER A 254 -13.85 -16.69 67.11
C SER A 254 -12.84 -15.61 67.50
N SER A 255 -12.26 -15.74 68.69
CA SER A 255 -11.25 -14.80 69.17
C SER A 255 -9.89 -15.46 69.34
N SER A 256 -9.80 -16.52 70.15
CA SER A 256 -8.54 -17.22 70.35
C SER A 256 -8.66 -18.74 70.35
N GLY A 257 -9.86 -19.31 70.47
CA GLY A 257 -10.01 -20.75 70.48
C GLY A 257 -10.82 -21.27 69.30
N TRP A 258 -10.17 -22.01 68.41
CA TRP A 258 -10.83 -22.53 67.22
C TRP A 258 -10.01 -23.70 66.69
N THR A 259 -10.55 -24.34 65.65
CA THR A 259 -9.84 -25.41 64.95
C THR A 259 -10.16 -25.31 63.46
N ALA A 260 -9.28 -25.88 62.64
CA ALA A 260 -9.44 -25.81 61.20
C ALA A 260 -9.11 -27.12 60.48
N GLY A 261 -8.80 -28.19 61.20
CA GLY A 261 -8.48 -29.45 60.54
C GLY A 261 -7.06 -29.43 60.01
N ALA A 262 -6.89 -29.83 58.75
CA ALA A 262 -5.58 -29.86 58.12
C ALA A 262 -5.75 -29.65 56.62
N ALA A 263 -5.07 -28.63 56.10
CA ALA A 263 -5.13 -28.33 54.68
C ALA A 263 -3.85 -27.63 54.26
N ALA A 264 -3.57 -27.66 52.95
CA ALA A 264 -2.37 -27.02 52.41
C ALA A 264 -2.65 -26.63 50.97
N TYR A 265 -2.60 -25.33 50.69
CA TYR A 265 -2.83 -24.81 49.35
C TYR A 265 -1.60 -24.06 48.86
N TYR A 266 -1.36 -24.13 47.56
CA TYR A 266 -0.22 -23.50 46.92
C TYR A 266 -0.70 -22.36 46.03
N VAL A 267 -0.03 -21.21 46.11
CA VAL A 267 -0.38 -20.03 45.33
C VAL A 267 0.77 -19.77 44.36
N GLY A 268 0.49 -19.93 43.07
CA GLY A 268 1.50 -19.70 42.05
C GLY A 268 1.00 -18.74 40.98
N TYR A 269 1.93 -17.99 40.43
CA TYR A 269 1.63 -17.00 39.39
C TYR A 269 2.08 -17.54 38.03
N LEU A 270 1.17 -17.53 37.07
CA LEU A 270 1.46 -18.02 35.73
C LEU A 270 2.25 -16.96 34.95
N GLN A 271 3.31 -17.39 34.28
CA GLN A 271 4.14 -16.49 33.49
C GLN A 271 3.89 -16.71 32.00
N PRO A 272 3.96 -15.65 31.19
CA PRO A 272 3.75 -15.82 29.75
C PRO A 272 4.92 -16.51 29.06
N ARG A 273 4.96 -17.84 29.17
CA ARG A 273 6.02 -18.65 28.58
C ARG A 273 5.41 -19.68 27.64
N THR A 274 6.07 -19.90 26.50
CA THR A 274 5.62 -20.88 25.54
C THR A 274 5.95 -22.29 26.01
N PHE A 275 5.03 -23.22 25.77
CA PHE A 275 5.17 -24.59 26.20
C PHE A 275 4.84 -25.54 25.07
N LEU A 276 5.64 -26.60 24.93
CA LEU A 276 5.42 -27.64 23.94
C LEU A 276 4.71 -28.82 24.62
N LEU A 277 3.56 -29.20 24.07
CA LEU A 277 2.76 -30.29 24.63
C LEU A 277 2.85 -31.53 23.75
N LYS A 278 2.56 -32.67 24.35
CA LYS A 278 2.56 -33.95 23.66
C LYS A 278 1.15 -34.51 23.63
N TYR A 279 0.71 -34.94 22.45
CA TYR A 279 -0.64 -35.47 22.25
C TYR A 279 -0.55 -36.91 21.76
N ASN A 280 -1.21 -37.81 22.46
CA ASN A 280 -1.22 -39.22 22.11
C ASN A 280 -2.42 -39.52 21.20
N GLU A 281 -2.70 -40.81 20.97
CA GLU A 281 -3.83 -41.17 20.14
C GLU A 281 -5.16 -40.86 20.83
N ASN A 282 -5.17 -40.83 22.16
CA ASN A 282 -6.40 -40.50 22.88
C ASN A 282 -6.70 -39.01 22.83
N GLY A 283 -5.67 -38.18 22.75
CA GLY A 283 -5.83 -36.75 22.67
C GLY A 283 -5.58 -35.99 23.96
N THR A 284 -5.04 -36.64 24.98
CA THR A 284 -4.77 -35.98 26.26
C THR A 284 -3.32 -35.53 26.33
N ILE A 285 -3.07 -34.58 27.22
CA ILE A 285 -1.72 -34.03 27.40
C ILE A 285 -0.89 -35.01 28.21
N THR A 286 0.28 -35.37 27.68
CA THR A 286 1.18 -36.31 28.32
C THR A 286 2.42 -35.66 28.90
N ASP A 287 3.06 -34.74 28.17
CA ASP A 287 4.26 -34.08 28.64
C ASP A 287 4.22 -32.61 28.24
N ALA A 288 5.02 -31.81 28.94
CA ALA A 288 5.13 -30.37 28.70
C ALA A 288 6.59 -29.96 28.71
N VAL A 289 7.00 -29.23 27.68
CA VAL A 289 8.39 -28.82 27.51
C VAL A 289 8.44 -27.30 27.37
N ASP A 290 9.19 -26.65 28.25
CA ASP A 290 9.34 -25.20 28.22
C ASP A 290 10.41 -24.79 27.19
N CYS A 291 10.47 -23.49 26.91
CA CYS A 291 11.49 -22.93 26.03
C CYS A 291 12.23 -21.75 26.64
N ALA A 292 11.96 -21.39 27.89
CA ALA A 292 12.67 -20.29 28.55
C ALA A 292 13.16 -20.67 29.93
N LEU A 293 13.34 -21.97 30.21
CA LEU A 293 13.80 -22.46 31.50
C LEU A 293 15.13 -23.18 31.41
N ASP A 294 15.24 -24.18 30.54
CA ASP A 294 16.44 -24.98 30.41
C ASP A 294 16.86 -25.05 28.94
N PRO A 295 18.17 -24.98 28.66
CA PRO A 295 18.64 -25.13 27.28
C PRO A 295 18.36 -26.50 26.70
N LEU A 296 18.24 -27.54 27.53
CA LEU A 296 17.84 -28.85 27.01
C LEU A 296 16.37 -28.84 26.59
N SER A 297 15.51 -28.20 27.37
CA SER A 297 14.11 -28.06 26.97
C SER A 297 13.96 -27.07 25.82
N GLU A 298 14.87 -26.10 25.71
CA GLU A 298 14.85 -25.18 24.57
C GLU A 298 15.24 -25.89 23.28
N THR A 299 15.99 -26.98 23.36
CA THR A 299 16.37 -27.71 22.15
C THR A 299 15.19 -28.49 21.58
N LYS A 300 14.34 -29.05 22.45
CA LYS A 300 13.27 -29.92 22.00
C LYS A 300 12.08 -29.17 21.41
N CYS A 301 11.73 -28.00 21.95
CA CYS A 301 10.57 -27.30 21.44
C CYS A 301 10.90 -26.52 20.17
N THR A 302 12.11 -25.99 20.06
CA THR A 302 12.52 -25.29 18.85
C THR A 302 12.65 -26.25 17.67
N LEU A 303 13.11 -27.48 17.91
CA LEU A 303 13.17 -28.49 16.86
C LEU A 303 11.84 -29.21 16.68
N LYS A 304 10.88 -29.00 17.57
CA LYS A 304 9.57 -29.67 17.52
C LYS A 304 9.71 -31.18 17.53
N SER A 305 10.64 -31.67 18.36
CA SER A 305 10.86 -33.10 18.52
C SER A 305 11.20 -33.40 19.97
N PHE A 306 10.59 -34.44 20.52
CA PHE A 306 10.81 -34.81 21.91
C PHE A 306 12.08 -35.61 22.13
N THR A 307 12.80 -35.96 21.06
CA THR A 307 14.07 -36.66 21.15
C THR A 307 15.12 -35.90 20.37
N VAL A 308 16.33 -35.82 20.92
CA VAL A 308 17.43 -35.07 20.33
C VAL A 308 18.59 -36.02 20.08
N GLU A 309 19.11 -35.99 18.85
CA GLU A 309 20.28 -36.79 18.50
C GLU A 309 21.53 -35.94 18.69
N LYS A 310 22.68 -36.47 18.27
CA LYS A 310 23.94 -35.75 18.39
C LYS A 310 24.09 -34.73 17.26
N GLY A 311 24.62 -33.57 17.60
CA GLY A 311 24.80 -32.51 16.62
C GLY A 311 24.70 -31.16 17.28
N ILE A 312 24.89 -30.13 16.47
CA ILE A 312 24.82 -28.74 16.92
C ILE A 312 23.49 -28.14 16.47
N TYR A 313 22.97 -27.22 17.26
CA TYR A 313 21.71 -26.56 16.97
C TYR A 313 21.77 -25.11 17.42
N GLN A 314 20.84 -24.31 16.91
CA GLN A 314 20.72 -22.90 17.24
C GLN A 314 19.32 -22.64 17.81
N THR A 315 19.26 -22.16 19.04
CA THR A 315 17.98 -21.92 19.71
C THR A 315 17.51 -20.49 19.53
N SER A 316 18.31 -19.52 19.98
CA SER A 316 17.95 -18.11 19.89
C SER A 316 19.21 -17.28 19.75
N ASN A 317 19.09 -15.97 19.95
CA ASN A 317 20.19 -15.04 19.84
C ASN A 317 20.48 -14.42 21.20
N PHE A 318 21.67 -13.81 21.30
CA PHE A 318 22.12 -13.17 22.54
C PHE A 318 22.34 -11.69 22.24
N ARG A 319 21.47 -10.84 22.78
CA ARG A 319 21.56 -9.40 22.62
C ARG A 319 21.74 -8.75 23.98
N VAL A 320 22.78 -7.95 24.13
CA VAL A 320 23.08 -7.26 25.38
C VAL A 320 22.39 -5.90 25.35
N GLN A 321 21.49 -5.66 26.30
CA GLN A 321 20.75 -4.41 26.38
C GLN A 321 21.50 -3.39 27.20
N PRO A 322 21.72 -2.17 26.68
CA PRO A 322 22.40 -1.14 27.48
C PRO A 322 21.47 -0.60 28.56
N THR A 323 21.99 -0.47 29.77
CA THR A 323 21.22 -0.01 30.91
C THR A 323 21.40 1.47 31.19
N GLU A 324 22.31 2.14 30.50
CA GLU A 324 22.52 3.57 30.66
C GLU A 324 22.57 4.24 29.29
N SER A 325 22.33 5.55 29.29
CA SER A 325 22.32 6.33 28.05
C SER A 325 22.78 7.75 28.38
N ILE A 326 23.75 8.24 27.61
CA ILE A 326 24.32 9.57 27.82
C ILE A 326 24.10 10.41 26.57
N VAL A 327 23.73 11.67 26.78
CA VAL A 327 23.53 12.62 25.69
C VAL A 327 24.26 13.90 26.09
N ARG A 328 25.35 14.21 25.38
CA ARG A 328 26.18 15.38 25.67
C ARG A 328 26.45 16.12 24.36
N PHE A 329 25.61 17.11 24.04
CA PHE A 329 25.82 17.89 22.83
C PHE A 329 26.96 18.90 23.02
N PRO A 330 26.91 19.78 24.05
CA PRO A 330 28.00 20.74 24.21
C PRO A 330 29.10 20.22 25.15
N ASN A 331 30.18 20.99 25.28
CA ASN A 331 31.21 20.69 26.28
C ASN A 331 30.95 21.45 27.58
N ILE A 332 30.93 22.78 27.50
CA ILE A 332 30.60 23.65 28.64
C ILE A 332 29.72 24.77 28.12
N THR A 333 28.55 24.95 28.72
CA THR A 333 27.63 26.00 28.30
C THR A 333 28.18 27.36 28.73
N ASN A 334 28.61 28.15 27.75
CA ASN A 334 29.12 29.48 28.03
C ASN A 334 27.98 30.43 28.38
N LEU A 335 27.99 30.93 29.61
CA LEU A 335 26.94 31.83 30.08
C LEU A 335 27.18 33.23 29.56
N CYS A 336 26.19 33.78 28.86
CA CYS A 336 26.24 35.18 28.48
C CYS A 336 26.10 36.06 29.72
N PRO A 337 26.63 37.29 29.69
CA PRO A 337 26.64 38.11 30.91
C PRO A 337 25.23 38.51 31.36
N PHE A 338 24.78 37.90 32.46
CA PHE A 338 23.50 38.23 33.05
C PHE A 338 23.57 38.35 34.57
N GLY A 339 24.74 38.11 35.17
CA GLY A 339 24.88 38.28 36.61
C GLY A 339 24.88 39.73 37.05
N GLU A 340 25.12 40.67 36.11
CA GLU A 340 25.02 42.08 36.43
C GLU A 340 23.58 42.50 36.69
N VAL A 341 22.60 41.75 36.21
CA VAL A 341 21.21 42.02 36.53
C VAL A 341 20.93 41.65 37.99
N PHE A 342 21.51 40.54 38.45
CA PHE A 342 21.32 40.13 39.85
C PHE A 342 22.23 40.93 40.78
N ASN A 343 23.54 40.87 40.53
CA ASN A 343 24.53 41.55 41.37
C ASN A 343 24.99 42.82 40.66
N ALA A 344 24.55 43.97 41.17
CA ALA A 344 24.96 45.27 40.64
C ALA A 344 25.18 46.22 41.81
N THR A 345 25.56 47.46 41.49
CA THR A 345 25.78 48.46 42.53
C THR A 345 24.47 49.08 43.00
N ARG A 346 23.51 49.25 42.10
CA ARG A 346 22.18 49.73 42.47
C ARG A 346 21.17 49.21 41.45
N PHE A 347 19.90 49.32 41.81
CA PHE A 347 18.79 48.86 40.99
C PHE A 347 17.93 50.04 40.57
N ALA A 348 16.82 49.73 39.91
CA ALA A 348 15.87 50.73 39.43
C ALA A 348 14.59 50.68 40.26
N SER A 349 13.62 51.50 39.88
CA SER A 349 12.36 51.64 40.57
C SER A 349 11.29 50.76 39.90
N VAL A 350 10.04 50.94 40.32
CA VAL A 350 8.94 50.17 39.76
C VAL A 350 8.19 50.91 38.65
N TYR A 351 8.22 52.24 38.63
CA TYR A 351 7.61 52.96 37.51
C TYR A 351 8.50 52.98 36.28
N ALA A 352 9.81 52.77 36.45
CA ALA A 352 10.76 52.62 35.34
C ALA A 352 11.76 51.54 35.76
N TRP A 353 11.46 50.30 35.39
CA TRP A 353 12.27 49.16 35.77
C TRP A 353 13.19 48.74 34.63
N ASN A 354 14.18 47.93 34.97
CA ASN A 354 15.14 47.45 33.99
C ASN A 354 14.54 46.34 33.14
N ARG A 355 14.68 46.46 31.82
CA ARG A 355 14.17 45.47 30.88
C ARG A 355 15.35 44.85 30.14
N LYS A 356 15.51 43.54 30.27
CA LYS A 356 16.60 42.81 29.66
C LYS A 356 16.06 41.73 28.73
N ARG A 357 16.67 41.61 27.56
CA ARG A 357 16.30 40.60 26.57
C ARG A 357 17.47 39.63 26.39
N ILE A 358 17.18 38.34 26.37
CA ILE A 358 18.18 37.30 26.22
C ILE A 358 18.03 36.71 24.82
N SER A 359 18.98 37.03 23.94
CA SER A 359 18.95 36.54 22.58
C SER A 359 20.35 36.09 22.17
N ASN A 360 20.41 35.06 21.33
CA ASN A 360 21.67 34.49 20.85
C ASN A 360 22.56 34.07 22.01
N CYS A 361 21.96 33.41 22.99
CA CYS A 361 22.67 32.97 24.19
C CYS A 361 22.22 31.56 24.56
N VAL A 362 22.97 30.95 25.48
CA VAL A 362 22.62 29.66 26.06
C VAL A 362 22.86 29.75 27.56
N ALA A 363 21.98 29.13 28.34
CA ALA A 363 22.04 29.24 29.79
C ALA A 363 21.69 27.91 30.43
N ASP A 364 21.90 27.83 31.74
CA ASP A 364 21.60 26.64 32.53
C ASP A 364 20.85 27.08 33.78
N TYR A 365 19.61 26.60 33.93
CA TYR A 365 18.77 26.95 35.06
C TYR A 365 18.99 26.05 36.26
N SER A 366 20.07 25.26 36.27
CA SER A 366 20.35 24.40 37.41
C SER A 366 21.07 25.15 38.53
N VAL A 367 21.86 26.17 38.18
CA VAL A 367 22.56 26.96 39.20
C VAL A 367 21.67 27.99 39.86
N LEU A 368 20.50 28.27 39.27
CA LEU A 368 19.52 29.17 39.89
C LEU A 368 18.58 28.45 40.85
N TYR A 369 18.65 27.12 40.92
CA TYR A 369 17.80 26.34 41.80
C TYR A 369 18.53 25.83 43.03
N ASN A 370 19.81 25.52 42.93
CA ASN A 370 20.61 25.02 44.05
C ASN A 370 21.43 26.12 44.72
N SER A 371 20.96 27.37 44.64
CA SER A 371 21.70 28.47 45.26
C SER A 371 21.48 28.52 46.76
N ALA A 372 20.29 28.12 47.24
CA ALA A 372 19.96 28.10 48.66
C ALA A 372 20.13 29.48 49.30
N SER A 373 19.75 30.52 48.55
CA SER A 373 19.85 31.89 49.03
C SER A 373 18.60 32.71 48.77
N PHE A 374 17.62 32.16 48.06
CA PHE A 374 16.39 32.89 47.75
C PHE A 374 15.35 32.68 48.84
N SER A 375 14.54 33.71 49.08
CA SER A 375 13.51 33.64 50.11
C SER A 375 12.28 32.89 49.60
N THR A 376 11.64 33.41 48.55
CA THR A 376 10.48 32.79 47.96
C THR A 376 10.76 32.45 46.50
N PHE A 377 10.13 31.38 46.01
CA PHE A 377 10.34 30.92 44.64
C PHE A 377 9.04 30.36 44.12
N LYS A 378 8.40 31.07 43.19
CA LYS A 378 7.18 30.62 42.54
C LYS A 378 7.42 30.54 41.04
N CYS A 379 6.89 29.49 40.42
CA CYS A 379 7.12 29.26 38.99
C CYS A 379 5.86 28.63 38.42
N TYR A 380 4.98 29.46 37.88
CA TYR A 380 3.72 29.00 37.32
C TYR A 380 3.84 28.77 35.81
N GLY A 381 2.96 27.92 35.30
CA GLY A 381 2.94 27.58 33.89
C GLY A 381 3.85 26.43 33.52
N VAL A 382 4.89 26.17 34.29
CA VAL A 382 5.83 25.09 34.03
C VAL A 382 6.43 24.65 35.36
N SER A 383 6.76 23.37 35.46
CA SER A 383 7.33 22.84 36.68
C SER A 383 8.74 23.41 36.89
N PRO A 384 9.15 23.65 38.14
CA PRO A 384 10.45 24.31 38.37
C PRO A 384 11.64 23.45 38.01
N THR A 385 11.48 22.14 37.86
CA THR A 385 12.61 21.24 37.62
C THR A 385 12.63 20.67 36.21
N LYS A 386 11.60 20.92 35.40
CA LYS A 386 11.52 20.41 34.04
C LYS A 386 11.27 21.55 33.05
N LEU A 387 11.95 22.68 33.25
CA LEU A 387 11.86 23.80 32.34
C LEU A 387 13.11 23.99 31.50
N ASN A 388 14.17 23.24 31.76
CA ASN A 388 15.40 23.37 30.97
C ASN A 388 15.34 22.52 29.70
N ASP A 389 14.55 21.44 29.71
CA ASP A 389 14.44 20.62 28.52
C ASP A 389 13.57 21.29 27.46
N LEU A 390 12.39 21.75 27.85
CA LEU A 390 11.55 22.54 26.96
C LEU A 390 12.03 23.99 26.95
N CYS A 391 12.37 24.49 25.76
CA CYS A 391 12.85 25.85 25.57
C CYS A 391 12.09 26.54 24.46
N PHE A 392 12.11 27.87 24.48
CA PHE A 392 11.17 28.76 23.80
C PHE A 392 11.92 29.68 22.84
N THR A 393 11.30 30.82 22.53
CA THR A 393 11.89 31.79 21.60
C THR A 393 12.69 32.87 22.33
N ASN A 394 12.05 33.62 23.22
CA ASN A 394 12.70 34.74 23.88
C ASN A 394 12.46 34.68 25.38
N VAL A 395 13.32 35.37 26.12
CA VAL A 395 13.25 35.45 27.58
C VAL A 395 13.24 36.92 27.97
N TYR A 396 12.15 37.35 28.60
CA TYR A 396 11.99 38.72 29.06
C TYR A 396 12.14 38.75 30.58
N ALA A 397 13.15 39.46 31.07
CA ALA A 397 13.45 39.56 32.49
C ALA A 397 13.35 41.01 32.93
N ASP A 398 12.53 41.27 33.95
CA ASP A 398 12.38 42.59 34.54
C ASP A 398 12.82 42.55 35.99
N SER A 399 13.51 43.61 36.43
CA SER A 399 14.08 43.68 37.77
C SER A 399 13.67 44.98 38.43
N PHE A 400 13.12 44.87 39.64
CA PHE A 400 12.78 46.04 40.44
C PHE A 400 12.80 45.64 41.91
N VAL A 401 12.51 46.60 42.77
CA VAL A 401 12.52 46.38 44.22
C VAL A 401 11.09 46.48 44.73
N ILE A 402 10.83 45.78 45.84
CA ILE A 402 9.50 45.75 46.44
C ILE A 402 9.66 45.42 47.93
N ARG A 403 8.66 45.77 48.72
CA ARG A 403 8.69 45.53 50.14
C ARG A 403 8.39 44.06 50.45
N GLY A 404 8.55 43.70 51.72
CA GLY A 404 8.35 42.32 52.13
C GLY A 404 6.90 41.90 52.21
N ASP A 405 5.99 42.84 52.43
CA ASP A 405 4.56 42.55 52.52
C ASP A 405 3.86 42.56 51.17
N GLU A 406 4.56 42.94 50.10
CA GLU A 406 3.98 42.99 48.77
C GLU A 406 4.51 41.89 47.86
N VAL A 407 5.30 40.96 48.39
CA VAL A 407 5.80 39.86 47.57
C VAL A 407 4.71 38.86 47.24
N ARG A 408 3.61 38.86 48.01
CA ARG A 408 2.46 38.01 47.70
C ARG A 408 1.56 38.60 46.63
N GLN A 409 1.78 39.87 46.26
CA GLN A 409 0.95 40.52 45.25
C GLN A 409 1.43 40.23 43.82
N ILE A 410 2.60 39.65 43.65
CA ILE A 410 3.11 39.32 42.30
C ILE A 410 2.54 37.94 41.97
N ALA A 411 1.30 37.95 41.47
CA ALA A 411 0.59 36.74 41.11
C ALA A 411 -0.61 37.13 40.26
N PRO A 412 -1.01 36.29 39.31
CA PRO A 412 -2.18 36.62 38.48
C PRO A 412 -3.47 36.32 39.21
N GLY A 413 -4.36 37.32 39.28
CA GLY A 413 -5.69 37.09 39.81
C GLY A 413 -5.99 37.75 41.15
N GLN A 414 -5.45 38.94 41.38
CA GLN A 414 -5.79 39.68 42.59
C GLN A 414 -5.66 41.18 42.30
N THR A 415 -6.18 41.98 43.23
CA THR A 415 -6.20 43.43 43.12
C THR A 415 -5.49 44.03 44.34
N GLY A 416 -5.07 45.28 44.20
CA GLY A 416 -4.36 45.95 45.28
C GLY A 416 -3.91 47.35 44.92
N LYS A 417 -2.65 47.67 45.21
CA LYS A 417 -2.12 49.01 44.99
C LYS A 417 -0.92 49.03 44.04
N ILE A 418 -0.08 48.00 44.09
CA ILE A 418 1.13 47.96 43.28
C ILE A 418 0.94 47.12 42.02
N ALA A 419 0.26 45.98 42.13
CA ALA A 419 0.12 45.05 41.02
C ALA A 419 -0.87 45.53 39.95
N ASP A 420 -1.56 46.65 40.17
CA ASP A 420 -2.51 47.17 39.20
C ASP A 420 -2.14 48.54 38.67
N TYR A 421 -1.20 49.26 39.29
CA TYR A 421 -0.80 50.59 38.84
C TYR A 421 0.62 50.64 38.31
N ASN A 422 1.43 49.61 38.54
CA ASN A 422 2.82 49.58 38.08
C ASN A 422 3.09 48.44 37.12
N TYR A 423 2.66 47.23 37.45
CA TYR A 423 2.91 46.06 36.59
C TYR A 423 1.75 45.10 36.75
N LYS A 424 0.90 45.01 35.73
CA LYS A 424 -0.25 44.13 35.77
C LYS A 424 0.14 42.74 35.27
N LEU A 425 -0.43 41.71 35.91
CA LEU A 425 -0.18 40.33 35.52
C LEU A 425 -1.37 39.80 34.75
N PRO A 426 -1.20 39.32 33.53
CA PRO A 426 -2.33 38.80 32.75
C PRO A 426 -2.72 37.40 33.22
N ASP A 427 -3.77 36.86 32.59
CA ASP A 427 -4.24 35.53 32.94
C ASP A 427 -3.30 34.45 32.41
N ASP A 428 -2.82 34.62 31.17
CA ASP A 428 -1.90 33.67 30.56
C ASP A 428 -0.46 34.08 30.87
N PHE A 429 -0.13 34.03 32.16
CA PHE A 429 1.18 34.43 32.67
C PHE A 429 1.97 33.17 33.02
N THR A 430 2.91 32.80 32.15
CA THR A 430 3.79 31.66 32.38
C THR A 430 5.17 32.09 32.84
N GLY A 431 5.25 33.18 33.60
CA GLY A 431 6.52 33.67 34.11
C GLY A 431 7.03 32.83 35.25
N CYS A 432 8.18 33.26 35.79
CA CYS A 432 8.82 32.52 36.88
C CYS A 432 9.54 33.55 37.76
N VAL A 433 8.97 33.83 38.92
CA VAL A 433 9.41 34.90 39.80
C VAL A 433 10.42 34.36 40.81
N ILE A 434 11.49 35.13 41.04
CA ILE A 434 12.53 34.79 42.01
C ILE A 434 12.76 36.00 42.89
N ALA A 435 12.67 35.80 44.21
CA ALA A 435 12.85 36.88 45.17
C ALA A 435 13.86 36.47 46.24
N TRP A 436 14.62 37.45 46.73
CA TRP A 436 15.60 37.21 47.78
C TRP A 436 15.84 38.53 48.52
N ASN A 437 16.45 38.41 49.70
CA ASN A 437 16.69 39.55 50.56
C ASN A 437 18.17 39.93 50.55
N SER A 438 18.44 41.20 50.29
CA SER A 438 19.80 41.76 50.32
C SER A 438 19.79 43.10 51.06
N ASN A 439 19.19 43.10 52.25
CA ASN A 439 18.97 44.35 52.98
C ASN A 439 20.26 45.08 53.33
N ASN A 440 21.42 44.44 53.19
CA ASN A 440 22.69 45.04 53.54
C ASN A 440 23.31 45.83 52.39
N LEU A 441 22.61 46.00 51.29
CA LEU A 441 23.18 46.74 50.16
C LEU A 441 22.28 47.87 49.67
N ASP A 442 20.96 47.66 49.65
CA ASP A 442 20.03 48.66 49.13
C ASP A 442 19.41 49.51 50.23
N SER A 443 20.04 49.57 51.40
CA SER A 443 19.54 50.38 52.51
C SER A 443 20.73 50.90 53.31
N LYS A 444 20.51 52.03 53.98
CA LYS A 444 21.54 52.63 54.81
C LYS A 444 20.87 53.38 55.96
N VAL A 445 21.69 53.80 56.92
CA VAL A 445 21.18 54.48 58.10
C VAL A 445 20.79 55.91 57.74
N GLY A 446 19.78 56.43 58.44
CA GLY A 446 19.27 57.76 58.19
C GLY A 446 18.08 57.83 57.24
N GLY A 447 17.82 56.76 56.49
CA GLY A 447 16.69 56.74 55.58
C GLY A 447 17.06 56.71 54.11
N ASN A 448 16.93 55.54 53.48
CA ASN A 448 17.23 55.37 52.07
C ASN A 448 15.93 55.51 51.28
N TYR A 449 15.78 56.62 50.57
CA TYR A 449 14.57 56.94 49.82
C TYR A 449 14.83 57.05 48.33
N ASN A 450 15.87 56.36 47.83
CA ASN A 450 16.26 56.51 46.43
C ASN A 450 15.29 55.86 45.46
N TYR A 451 14.57 54.84 45.88
CA TYR A 451 13.61 54.16 45.02
C TYR A 451 12.21 54.73 45.22
N LEU A 452 11.44 54.77 44.14
CA LEU A 452 10.13 55.41 44.12
C LEU A 452 9.05 54.39 43.75
N TYR A 453 7.80 54.80 43.89
CA TYR A 453 6.66 53.99 43.47
C TYR A 453 5.48 54.89 43.16
N ARG A 454 4.58 54.39 42.33
CA ARG A 454 3.37 55.11 41.96
C ARG A 454 2.20 54.64 42.83
N LEU A 455 1.46 55.60 43.37
CA LEU A 455 0.33 55.31 44.26
C LEU A 455 -1.02 55.60 43.65
N PHE A 456 -1.14 56.68 42.87
CA PHE A 456 -2.41 57.09 42.28
C PHE A 456 -2.39 56.88 40.77
N ARG A 457 -3.57 56.59 40.22
CA ARG A 457 -3.72 56.39 38.79
C ARG A 457 -5.17 56.65 38.42
N LYS A 458 -5.39 57.08 37.17
CA LYS A 458 -6.73 57.41 36.73
C LYS A 458 -7.58 56.17 36.51
N SER A 459 -7.04 55.19 35.78
CA SER A 459 -7.78 53.97 35.48
C SER A 459 -6.78 52.80 35.43
N ASN A 460 -7.24 51.66 34.94
CA ASN A 460 -6.41 50.48 34.84
C ASN A 460 -5.48 50.58 33.63
N LEU A 461 -4.55 49.63 33.55
CA LEU A 461 -3.55 49.61 32.50
C LEU A 461 -3.39 48.20 31.94
N LYS A 462 -2.97 48.13 30.68
CA LYS A 462 -2.73 46.84 30.05
C LYS A 462 -1.48 46.18 30.65
N PRO A 463 -1.49 44.87 30.84
CA PRO A 463 -0.29 44.20 31.35
C PRO A 463 0.89 44.34 30.38
N PHE A 464 2.09 44.18 30.93
CA PHE A 464 3.34 44.35 30.19
C PHE A 464 3.42 45.74 29.57
N GLU A 465 3.13 46.76 30.38
CA GLU A 465 3.19 48.15 29.95
C GLU A 465 3.79 48.99 31.08
N ARG A 466 4.73 49.86 30.72
CA ARG A 466 5.41 50.70 31.70
C ARG A 466 4.74 52.07 31.74
N ASP A 467 4.65 52.63 32.95
CA ASP A 467 4.02 53.92 33.19
C ASP A 467 5.04 54.85 33.85
N ILE A 468 5.45 55.89 33.13
CA ILE A 468 6.39 56.88 33.63
C ILE A 468 5.75 58.27 33.72
N SER A 469 4.43 58.33 33.73
CA SER A 469 3.73 59.61 33.76
C SER A 469 3.89 60.27 35.12
N THR A 470 4.49 61.45 35.14
CA THR A 470 4.69 62.23 36.36
C THR A 470 3.64 63.33 36.52
N GLU A 471 2.46 63.14 35.93
CA GLU A 471 1.40 64.14 36.02
C GLU A 471 0.66 64.02 37.34
N ILE A 472 0.23 65.16 37.86
CA ILE A 472 -0.49 65.19 39.14
C ILE A 472 -1.91 64.67 38.91
N TYR A 473 -2.26 63.61 39.63
CA TYR A 473 -3.59 63.03 39.51
C TYR A 473 -4.62 63.93 40.16
N GLN A 474 -5.57 64.43 39.37
CA GLN A 474 -6.60 65.32 39.87
C GLN A 474 -7.72 64.50 40.51
N ALA A 475 -8.05 64.81 41.76
CA ALA A 475 -9.12 64.12 42.47
C ALA A 475 -10.46 64.85 42.34
N GLY A 476 -10.45 66.17 42.48
CA GLY A 476 -11.66 66.95 42.39
C GLY A 476 -12.06 67.25 40.95
N SER A 477 -12.86 68.30 40.79
CA SER A 477 -13.37 68.71 39.49
C SER A 477 -12.74 69.99 38.97
N THR A 478 -11.80 70.58 39.72
CA THR A 478 -11.19 71.84 39.28
C THR A 478 -9.71 71.64 38.98
N PRO A 479 -9.20 72.29 37.94
CA PRO A 479 -7.77 72.20 37.65
C PRO A 479 -6.94 73.02 38.62
N CYS A 480 -5.76 72.50 38.95
CA CYS A 480 -4.86 73.14 39.89
C CYS A 480 -3.54 73.61 39.28
N ASN A 481 -3.21 73.15 38.07
CA ASN A 481 -2.07 73.66 37.31
C ASN A 481 -0.75 73.43 38.05
N GLY A 482 -0.58 72.22 38.61
CA GLY A 482 0.66 71.85 39.25
C GLY A 482 0.96 72.60 40.52
N VAL A 483 0.14 72.37 41.56
CA VAL A 483 0.36 72.95 42.88
C VAL A 483 -0.04 71.91 43.91
N GLU A 484 0.62 71.95 45.07
CA GLU A 484 0.32 71.03 46.17
C GLU A 484 -0.81 71.55 47.05
N GLY A 485 -1.91 71.95 46.41
CA GLY A 485 -3.06 72.50 47.09
C GLY A 485 -4.12 71.46 47.38
N PHE A 486 -5.37 71.82 47.10
CA PHE A 486 -6.50 70.94 47.38
C PHE A 486 -6.90 70.17 46.13
N ASN A 487 -7.35 68.94 46.35
CA ASN A 487 -7.83 68.05 45.30
C ASN A 487 -6.78 67.77 44.23
N CYS A 488 -5.50 67.89 44.60
CA CYS A 488 -4.39 67.54 43.71
C CYS A 488 -3.30 66.90 44.55
N TYR A 489 -2.97 65.65 44.25
CA TYR A 489 -1.94 64.92 44.98
C TYR A 489 -0.97 64.27 44.00
N PHE A 490 0.28 64.19 44.40
CA PHE A 490 1.30 63.59 43.56
C PHE A 490 1.21 62.07 43.63
N PRO A 491 1.17 61.36 42.50
CA PRO A 491 1.06 59.90 42.56
C PRO A 491 2.35 59.23 42.99
N LEU A 492 3.51 59.78 42.63
CA LEU A 492 4.79 59.18 42.96
C LEU A 492 5.17 59.54 44.39
N GLN A 493 5.35 58.52 45.24
CA GLN A 493 5.74 58.71 46.62
C GLN A 493 6.99 57.92 46.93
N SER A 494 7.62 58.24 48.05
CA SER A 494 8.89 57.64 48.43
C SER A 494 8.69 56.41 49.30
N TYR A 495 9.75 55.61 49.43
CA TYR A 495 9.73 54.40 50.24
C TYR A 495 10.07 54.71 51.69
N GLY A 496 10.11 53.66 52.51
CA GLY A 496 10.51 53.76 53.90
C GLY A 496 11.54 52.71 54.26
N PHE A 497 12.45 52.41 53.32
CA PHE A 497 13.43 51.35 53.53
C PHE A 497 14.38 51.71 54.66
N GLN A 498 14.47 50.83 55.66
CA GLN A 498 15.40 50.99 56.77
C GLN A 498 15.98 49.61 57.07
N PRO A 499 17.30 49.49 57.21
CA PRO A 499 17.89 48.16 57.44
C PRO A 499 17.63 47.60 58.82
N THR A 500 17.07 48.38 59.74
CA THR A 500 16.79 47.92 61.10
C THR A 500 15.36 47.46 61.27
N ASN A 501 14.63 47.22 60.17
CA ASN A 501 13.23 46.82 60.24
C ASN A 501 13.14 45.32 60.52
N GLY A 502 11.94 44.77 60.36
CA GLY A 502 11.71 43.36 60.62
C GLY A 502 11.93 42.48 59.41
N VAL A 503 10.91 41.72 59.03
CA VAL A 503 10.97 40.79 57.92
C VAL A 503 10.01 41.18 56.79
N GLY A 504 8.79 41.59 57.15
CA GLY A 504 7.77 41.88 56.17
C GLY A 504 7.79 43.27 55.56
N TYR A 505 8.85 44.05 55.79
CA TYR A 505 8.91 45.39 55.22
C TYR A 505 10.31 45.73 54.69
N GLN A 506 11.15 44.72 54.43
CA GLN A 506 12.50 44.95 53.93
C GLN A 506 12.51 45.01 52.42
N PRO A 507 13.49 45.71 51.82
CA PRO A 507 13.60 45.73 50.36
C PRO A 507 13.98 44.39 49.78
N TYR A 508 13.06 43.75 49.06
CA TYR A 508 13.28 42.45 48.47
C TYR A 508 13.55 42.60 46.98
N ARG A 509 14.71 42.09 46.54
CA ARG A 509 15.06 42.09 45.12
C ARG A 509 14.25 41.01 44.42
N VAL A 510 13.28 41.41 43.62
CA VAL A 510 12.38 40.49 42.94
C VAL A 510 12.63 40.57 41.44
N VAL A 511 12.76 39.40 40.81
CA VAL A 511 12.94 39.31 39.36
C VAL A 511 11.92 38.30 38.83
N VAL A 512 11.46 38.54 37.61
CA VAL A 512 10.51 37.66 36.94
C VAL A 512 11.09 37.27 35.59
N LEU A 513 11.08 35.97 35.29
CA LEU A 513 11.60 35.45 34.03
C LEU A 513 10.43 34.90 33.23
N SER A 514 10.04 35.61 32.19
CA SER A 514 8.93 35.21 31.33
C SER A 514 9.46 34.68 30.01
N PHE A 515 8.69 33.79 29.39
CA PHE A 515 9.04 33.16 28.14
C PHE A 515 8.06 33.56 27.04
N GLU A 516 8.54 33.53 25.80
CA GLU A 516 7.74 33.90 24.64
C GLU A 516 7.56 32.70 23.73
N LEU A 517 6.38 32.58 23.12
CA LEU A 517 6.05 31.47 22.22
C LEU A 517 5.47 32.05 20.94
N LEU A 518 6.28 32.09 19.89
CA LEU A 518 5.86 32.58 18.58
C LEU A 518 6.33 31.60 17.51
N HIS A 519 6.10 31.98 16.24
CA HIS A 519 6.53 31.17 15.10
C HIS A 519 7.99 31.50 14.80
N ALA A 520 8.87 30.92 15.61
CA ALA A 520 10.31 31.14 15.48
C ALA A 520 11.04 29.94 16.07
N PRO A 521 12.22 29.60 15.55
CA PRO A 521 12.98 28.48 16.11
C PRO A 521 13.50 28.80 17.50
N ALA A 522 14.03 27.78 18.15
CA ALA A 522 14.59 27.95 19.49
C ALA A 522 15.89 28.75 19.43
N THR A 523 15.98 29.78 20.26
CA THR A 523 17.20 30.59 20.32
C THR A 523 17.87 30.25 21.63
N VAL A 524 17.61 31.04 22.66
CA VAL A 524 18.15 30.72 23.97
C VAL A 524 17.50 29.40 24.36
N CYS A 525 18.30 28.40 24.72
CA CYS A 525 17.74 27.09 25.01
C CYS A 525 18.52 26.33 26.05
N GLY A 526 17.90 25.31 26.65
CA GLY A 526 18.63 24.49 27.59
C GLY A 526 18.83 23.16 26.90
N PRO A 527 20.09 22.76 26.69
CA PRO A 527 20.35 21.46 26.10
C PRO A 527 20.96 20.55 27.16
N LYS A 528 20.83 19.25 26.98
CA LYS A 528 21.42 18.31 27.92
C LYS A 528 22.80 18.76 28.21
N LYS A 529 23.11 18.88 29.48
CA LYS A 529 24.42 19.36 29.86
C LYS A 529 25.59 18.42 29.56
N SER A 530 26.22 17.86 30.60
CA SER A 530 27.41 17.06 30.39
C SER A 530 27.50 16.02 31.50
N THR A 531 27.22 14.76 31.16
CA THR A 531 27.27 13.68 32.12
C THR A 531 28.69 13.14 32.26
N ASN A 532 28.84 12.06 33.03
CA ASN A 532 30.15 11.47 33.27
C ASN A 532 30.58 10.65 32.06
N LEU A 533 31.82 10.84 31.63
CA LEU A 533 32.35 10.11 30.49
C LEU A 533 32.75 8.70 30.92
N VAL A 534 32.17 7.69 30.27
CA VAL A 534 32.48 6.30 30.55
C VAL A 534 32.95 5.64 29.27
N LYS A 535 33.81 4.63 29.40
CA LYS A 535 34.40 3.95 28.27
C LYS A 535 34.52 2.46 28.58
N ASN A 536 34.82 1.68 27.53
CA ASN A 536 35.08 0.25 27.62
C ASN A 536 33.90 -0.53 28.18
N LYS A 537 32.69 0.00 28.07
CA LYS A 537 31.48 -0.71 28.44
C LYS A 537 30.46 -0.60 27.32
N CYS A 538 29.46 -1.48 27.36
CA CYS A 538 28.45 -1.58 26.31
C CYS A 538 27.43 -0.48 26.54
N VAL A 539 27.65 0.68 25.91
CA VAL A 539 26.91 1.90 26.23
C VAL A 539 26.14 2.37 24.99
N ASN A 540 25.20 3.28 25.23
CA ASN A 540 24.41 3.93 24.19
C ASN A 540 24.63 5.44 24.28
N PHE A 541 24.98 6.06 23.15
CA PHE A 541 25.26 7.48 23.09
C PHE A 541 24.51 8.11 21.92
N ASN A 542 24.37 9.43 21.99
CA ASN A 542 23.73 10.23 20.94
C ASN A 542 24.60 11.48 20.70
N PHE A 543 25.54 11.37 19.78
CA PHE A 543 26.46 12.48 19.49
C PHE A 543 26.01 13.26 18.26
N ASN A 544 24.80 13.83 18.38
CA ASN A 544 24.28 14.85 17.48
C ASN A 544 23.94 14.33 16.09
N GLY A 545 24.30 13.08 15.78
CA GLY A 545 24.01 12.56 14.46
C GLY A 545 23.54 11.12 14.39
N LEU A 546 23.56 10.42 15.52
CA LEU A 546 23.21 9.00 15.51
C LEU A 546 23.01 8.52 16.94
N THR A 547 22.27 7.43 17.08
CA THR A 547 22.04 6.76 18.36
C THR A 547 22.52 5.32 18.21
N GLY A 548 23.79 5.09 18.55
CA GLY A 548 24.41 3.78 18.41
C GLY A 548 24.70 3.16 19.77
N THR A 549 24.59 1.84 19.84
CA THR A 549 24.84 1.08 21.05
C THR A 549 26.09 0.24 20.85
N GLY A 550 27.09 0.47 21.70
CA GLY A 550 28.33 -0.28 21.59
C GLY A 550 29.32 0.15 22.64
N VAL A 551 30.60 -0.08 22.36
CA VAL A 551 31.68 0.27 23.25
C VAL A 551 32.45 1.45 22.66
N LEU A 552 33.26 2.09 23.50
CA LEU A 552 34.07 3.24 23.11
C LEU A 552 35.53 2.95 23.47
N THR A 553 36.26 2.34 22.54
CA THR A 553 37.65 2.02 22.75
C THR A 553 38.54 3.15 22.27
N GLU A 554 39.73 3.26 22.86
CA GLU A 554 40.67 4.31 22.53
C GLU A 554 41.36 4.00 21.21
N SER A 555 41.18 4.87 20.23
CA SER A 555 41.78 4.70 18.91
C SER A 555 43.19 5.27 18.89
N ASN A 556 43.92 4.96 17.82
CA ASN A 556 45.29 5.41 17.65
C ASN A 556 45.46 6.35 16.46
N LYS A 557 44.37 6.74 15.81
CA LYS A 557 44.42 7.62 14.65
C LYS A 557 43.78 8.96 15.01
N LYS A 558 44.44 10.05 14.64
CA LYS A 558 43.95 11.40 14.87
C LYS A 558 43.24 11.91 13.62
N PHE A 559 42.07 12.51 13.81
CA PHE A 559 41.27 13.00 12.70
C PHE A 559 41.62 14.45 12.40
N LEU A 560 41.20 14.91 11.22
CA LEU A 560 41.36 16.30 10.86
C LEU A 560 40.36 17.16 11.64
N PRO A 561 40.75 18.39 12.02
CA PRO A 561 39.92 19.24 12.88
C PRO A 561 38.77 19.94 12.15
N PHE A 562 38.11 19.21 11.25
CA PHE A 562 36.92 19.72 10.60
C PHE A 562 35.80 18.69 10.47
N GLN A 563 36.03 17.45 10.91
CA GLN A 563 35.04 16.39 10.80
C GLN A 563 34.49 16.04 12.19
N GLN A 564 33.39 15.30 12.18
CA GLN A 564 32.75 14.87 13.42
C GLN A 564 32.55 13.35 13.48
N PHE A 565 32.24 12.72 12.36
CA PHE A 565 32.01 11.28 12.29
C PHE A 565 33.08 10.62 11.43
N GLY A 566 32.97 9.30 11.28
CA GLY A 566 33.91 8.56 10.46
C GLY A 566 33.36 7.23 9.98
N ARG A 567 33.45 6.98 8.68
CA ARG A 567 33.01 5.73 8.09
C ARG A 567 34.19 4.78 7.93
N ASP A 568 33.97 3.68 7.22
CA ASP A 568 35.00 2.67 7.03
C ASP A 568 34.81 2.04 5.65
N ILE A 569 35.46 0.91 5.42
CA ILE A 569 35.38 0.24 4.12
C ILE A 569 33.98 -0.33 3.91
N ALA A 570 33.39 -0.93 4.95
CA ALA A 570 32.08 -1.55 4.86
C ALA A 570 30.94 -0.55 5.01
N ASP A 571 31.23 0.75 4.92
CA ASP A 571 30.20 1.80 4.98
C ASP A 571 29.41 1.72 6.29
N THR A 572 30.13 1.91 7.39
CA THR A 572 29.52 1.90 8.72
C THR A 572 30.18 2.97 9.58
N THR A 573 29.36 3.85 10.15
CA THR A 573 29.87 4.91 11.02
C THR A 573 30.31 4.29 12.34
N ASP A 574 31.63 4.08 12.48
CA ASP A 574 32.17 3.44 13.67
C ASP A 574 33.26 4.29 14.33
N ALA A 575 33.28 5.59 14.05
CA ALA A 575 34.27 6.49 14.64
C ALA A 575 33.66 7.87 14.76
N VAL A 576 33.32 8.27 15.99
CA VAL A 576 32.70 9.56 16.26
C VAL A 576 33.60 10.34 17.21
N ARG A 577 33.97 11.56 16.82
CA ARG A 577 34.82 12.40 17.66
C ARG A 577 34.02 12.95 18.83
N ASP A 578 34.55 12.80 20.03
CA ASP A 578 33.88 13.30 21.22
C ASP A 578 34.05 14.81 21.31
N PRO A 579 32.96 15.58 21.38
CA PRO A 579 33.08 17.04 21.45
C PRO A 579 33.51 17.58 22.81
N GLN A 580 33.81 16.72 23.77
CA GLN A 580 34.21 17.18 25.09
C GLN A 580 35.64 17.68 25.09
N THR A 581 36.59 16.83 24.67
CA THR A 581 37.99 17.20 24.64
C THR A 581 38.68 16.75 23.35
N LEU A 582 37.92 16.52 22.29
CA LEU A 582 38.44 16.06 21.01
C LEU A 582 39.18 14.74 21.16
N GLU A 583 38.48 13.75 21.71
CA GLU A 583 39.01 12.41 21.92
C GLU A 583 38.35 11.47 20.91
N ILE A 584 39.15 10.93 20.00
CA ILE A 584 38.64 10.03 18.97
C ILE A 584 38.37 8.66 19.59
N LEU A 585 37.15 8.16 19.40
CA LEU A 585 36.75 6.86 19.93
C LEU A 585 36.10 6.04 18.83
N ASP A 586 36.34 4.73 18.87
CA ASP A 586 35.78 3.80 17.91
C ASP A 586 34.51 3.17 18.46
N ILE A 587 33.67 2.69 17.55
CA ILE A 587 32.40 2.06 17.90
C ILE A 587 32.46 0.61 17.47
N THR A 588 32.18 -0.30 18.41
CA THR A 588 32.13 -1.73 18.14
C THR A 588 30.84 -2.24 18.75
N PRO A 589 30.00 -2.91 17.97
CA PRO A 589 28.67 -3.31 18.47
C PRO A 589 28.77 -4.31 19.61
N CYS A 590 27.63 -4.52 20.26
CA CYS A 590 27.58 -5.25 21.52
C CYS A 590 27.09 -6.68 21.36
N SER A 591 26.18 -6.94 20.42
CA SER A 591 25.68 -8.30 20.16
C SER A 591 26.31 -8.83 18.88
N PHE A 592 27.06 -9.91 18.98
CA PHE A 592 27.67 -10.57 17.83
C PHE A 592 27.22 -12.02 17.81
N GLY A 593 26.37 -12.38 16.85
CA GLY A 593 25.89 -13.73 16.71
C GLY A 593 24.79 -14.09 17.68
N GLY A 594 24.81 -15.32 18.19
CA GLY A 594 23.81 -15.77 19.13
C GLY A 594 24.31 -16.88 20.04
N VAL A 595 23.39 -17.67 20.59
CA VAL A 595 23.73 -18.77 21.46
C VAL A 595 23.52 -20.08 20.71
N SER A 596 24.11 -21.15 21.26
CA SER A 596 23.99 -22.48 20.68
C SER A 596 24.11 -23.51 21.79
N VAL A 597 23.41 -24.63 21.62
CA VAL A 597 23.34 -25.68 22.62
C VAL A 597 24.06 -26.92 22.11
N ILE A 598 24.50 -27.76 23.03
CA ILE A 598 25.19 -29.01 22.73
C ILE A 598 24.48 -30.13 23.45
N THR A 599 23.97 -31.10 22.69
CA THR A 599 23.29 -32.26 23.25
C THR A 599 24.01 -33.53 22.84
N PRO A 600 24.41 -34.39 23.78
CA PRO A 600 25.12 -35.62 23.40
C PRO A 600 24.25 -36.65 22.71
N GLY A 601 22.94 -36.57 22.84
CA GLY A 601 22.03 -37.50 22.21
C GLY A 601 21.09 -38.16 23.22
N THR A 602 20.13 -38.89 22.67
CA THR A 602 19.13 -39.56 23.50
C THR A 602 19.73 -40.78 24.17
N ASN A 603 19.20 -41.10 25.36
CA ASN A 603 19.63 -42.24 26.18
C ASN A 603 21.13 -42.20 26.50
N THR A 604 21.73 -41.01 26.49
CA THR A 604 23.16 -40.87 26.77
C THR A 604 23.43 -39.99 27.98
N SER A 605 22.83 -38.82 28.06
CA SER A 605 23.11 -37.88 29.15
C SER A 605 21.88 -37.01 29.39
N ASN A 606 22.02 -36.06 30.31
CA ASN A 606 20.95 -35.14 30.66
C ASN A 606 21.36 -33.67 30.68
N GLN A 607 22.64 -33.37 30.82
CA GLN A 607 23.10 -31.99 30.86
C GLN A 607 23.50 -31.51 29.47
N VAL A 608 23.54 -30.19 29.31
CA VAL A 608 23.88 -29.55 28.05
C VAL A 608 24.96 -28.51 28.30
N ALA A 609 25.36 -27.80 27.25
CA ALA A 609 26.38 -26.78 27.33
C ALA A 609 25.96 -25.59 26.48
N VAL A 610 26.28 -24.38 26.96
CA VAL A 610 25.96 -23.14 26.27
C VAL A 610 27.20 -22.67 25.53
N LEU A 611 27.08 -22.48 24.21
CA LEU A 611 28.19 -22.05 23.37
C LEU A 611 27.83 -20.72 22.72
N TYR A 612 28.75 -19.75 22.81
CA TYR A 612 28.57 -18.45 22.19
C TYR A 612 29.29 -18.43 20.84
N GLN A 613 28.69 -17.74 19.87
CA GLN A 613 29.25 -17.70 18.52
C GLN A 613 30.42 -16.73 18.44
N ASP A 614 30.17 -15.44 18.71
CA ASP A 614 31.20 -14.41 18.63
C ASP A 614 31.08 -13.46 19.82
N VAL A 615 30.79 -13.99 21.00
CA VAL A 615 30.66 -13.21 22.21
C VAL A 615 31.82 -13.56 23.13
N ASN A 616 32.64 -12.56 23.46
CA ASN A 616 33.78 -12.77 24.36
C ASN A 616 33.31 -12.86 25.80
N CYS A 617 34.02 -13.67 26.59
CA CYS A 617 33.66 -13.88 27.99
C CYS A 617 34.54 -13.10 28.95
N ASN A 641 34.73 -26.04 33.35
CA ASN A 641 33.67 -25.06 33.54
C ASN A 641 33.63 -24.08 32.36
N VAL A 642 34.36 -22.98 32.49
CA VAL A 642 34.41 -21.95 31.46
C VAL A 642 35.73 -22.10 30.71
N PHE A 643 35.65 -22.27 29.39
CA PHE A 643 36.82 -22.42 28.54
C PHE A 643 36.69 -21.47 27.36
N GLN A 644 37.62 -20.54 27.23
CA GLN A 644 37.62 -19.56 26.14
C GLN A 644 38.19 -20.24 24.90
N THR A 645 37.29 -20.79 24.09
CA THR A 645 37.69 -21.46 22.86
C THR A 645 37.96 -20.43 21.75
N ARG A 646 38.52 -20.91 20.65
CA ARG A 646 38.81 -20.05 19.52
C ARG A 646 37.57 -19.69 18.73
N ALA A 647 36.47 -20.42 18.92
CA ALA A 647 35.22 -20.17 18.22
C ALA A 647 34.18 -19.45 19.07
N GLY A 648 34.62 -18.78 20.15
CA GLY A 648 33.71 -18.06 21.01
C GLY A 648 33.85 -18.40 22.48
N CYS A 649 32.77 -18.89 23.08
CA CYS A 649 32.75 -19.29 24.48
C CYS A 649 31.97 -20.58 24.62
N LEU A 650 32.62 -21.61 25.16
CA LEU A 650 31.93 -22.83 25.59
C LEU A 650 32.00 -22.90 27.11
N ILE A 651 30.85 -22.81 27.75
CA ILE A 651 30.76 -22.87 29.21
C ILE A 651 30.03 -24.15 29.61
N GLY A 652 30.26 -24.58 30.84
CA GLY A 652 29.66 -25.79 31.34
C GLY A 652 30.37 -27.07 30.94
N ALA A 653 31.58 -26.98 30.40
CA ALA A 653 32.32 -28.15 29.97
C ALA A 653 33.81 -27.92 30.24
N GLU A 654 34.42 -28.82 30.98
CA GLU A 654 35.84 -28.70 31.30
C GLU A 654 36.69 -29.07 30.08
N HIS A 655 37.94 -28.64 30.11
CA HIS A 655 38.89 -28.88 29.03
C HIS A 655 39.92 -29.92 29.45
N VAL A 656 40.26 -30.80 28.52
CA VAL A 656 41.25 -31.84 28.74
C VAL A 656 42.26 -31.80 27.59
N ASN A 657 43.53 -32.02 27.92
CA ASN A 657 44.59 -31.94 26.92
C ASN A 657 44.69 -33.19 26.05
N ASN A 658 43.99 -34.27 26.41
CA ASN A 658 44.01 -35.47 25.58
C ASN A 658 43.14 -35.28 24.34
N SER A 659 43.44 -36.05 23.30
CA SER A 659 42.75 -35.96 22.03
C SER A 659 42.16 -37.32 21.67
N TYR A 660 40.89 -37.32 21.27
CA TYR A 660 40.19 -38.52 20.85
C TYR A 660 39.37 -38.20 19.61
N GLU A 661 38.62 -39.19 19.13
CA GLU A 661 37.78 -39.05 17.94
C GLU A 661 36.49 -38.31 18.28
N CYS A 662 36.10 -37.39 17.42
CA CYS A 662 34.95 -36.51 17.65
C CYS A 662 33.63 -37.15 17.23
N ASP A 663 32.55 -36.63 17.80
CA ASP A 663 31.18 -36.91 17.38
C ASP A 663 30.40 -35.65 17.03
N ILE A 664 30.34 -34.70 17.95
CA ILE A 664 29.58 -33.47 17.76
C ILE A 664 30.53 -32.38 17.28
N PRO A 665 30.34 -31.84 16.08
CA PRO A 665 31.23 -30.76 15.61
C PRO A 665 30.85 -29.42 16.23
N ILE A 666 31.87 -28.63 16.55
CA ILE A 666 31.67 -27.30 17.12
C ILE A 666 32.25 -26.24 16.19
N GLY A 667 33.52 -26.35 15.87
CA GLY A 667 34.19 -25.41 14.99
C GLY A 667 35.57 -25.06 15.50
N ALA A 668 36.40 -24.53 14.58
CA ALA A 668 37.75 -24.08 14.90
C ALA A 668 38.61 -25.21 15.47
N GLY A 669 38.37 -26.44 15.01
CA GLY A 669 39.22 -27.55 15.35
C GLY A 669 39.04 -28.12 16.74
N ILE A 670 38.03 -27.65 17.49
CA ILE A 670 37.79 -28.12 18.86
C ILE A 670 36.34 -28.61 18.92
N CYS A 671 36.11 -29.67 19.69
CA CYS A 671 34.85 -30.39 19.71
C CYS A 671 34.13 -30.25 21.05
N ALA A 672 33.05 -31.03 21.20
CA ALA A 672 32.37 -31.24 22.46
C ALA A 672 31.88 -32.68 22.50
N SER A 673 32.33 -33.45 23.49
CA SER A 673 31.99 -34.86 23.58
C SER A 673 31.69 -35.19 25.04
N TYR A 674 31.28 -36.44 25.27
CA TYR A 674 30.90 -36.93 26.61
C TYR A 674 31.68 -38.21 26.90
N GLN A 675 32.77 -38.08 27.65
CA GLN A 675 33.60 -39.20 28.04
C GLN A 675 33.84 -39.14 29.55
N THR A 676 34.62 -40.11 30.05
CA THR A 676 34.93 -40.15 31.47
C THR A 676 36.02 -39.15 31.83
N SER A 689 32.36 -39.22 37.97
CA SER A 689 31.74 -40.00 36.91
C SER A 689 32.16 -39.48 35.54
N GLN A 690 31.20 -39.39 34.62
CA GLN A 690 31.44 -38.90 33.27
C GLN A 690 30.78 -37.54 33.08
N SER A 691 31.50 -36.63 32.43
CA SER A 691 31.01 -35.28 32.19
C SER A 691 31.35 -34.88 30.76
N ILE A 692 30.70 -33.81 30.31
CA ILE A 692 30.93 -33.29 28.96
C ILE A 692 32.27 -32.56 28.94
N ILE A 693 33.16 -32.99 28.05
CA ILE A 693 34.50 -32.42 27.94
C ILE A 693 34.68 -31.86 26.53
N ALA A 694 35.55 -30.86 26.43
CA ALA A 694 35.89 -30.23 25.16
C ALA A 694 37.39 -30.35 24.95
N TYR A 695 37.79 -30.89 23.79
CA TYR A 695 39.20 -31.11 23.51
C TYR A 695 39.44 -31.01 22.01
N THR A 696 40.71 -30.85 21.64
CA THR A 696 41.09 -30.76 20.24
C THR A 696 40.93 -32.11 19.56
N MET A 697 40.41 -32.08 18.33
CA MET A 697 40.12 -33.31 17.61
C MET A 697 41.41 -33.96 17.11
N SER A 698 41.37 -35.29 16.97
CA SER A 698 42.46 -36.05 16.41
C SER A 698 42.26 -36.19 14.91
N LEU A 699 43.29 -35.84 14.14
CA LEU A 699 43.20 -35.88 12.69
C LEU A 699 43.47 -37.27 12.11
N GLY A 700 43.77 -38.24 12.95
CA GLY A 700 44.03 -39.59 12.49
C GLY A 700 44.95 -40.32 13.46
N ALA A 701 45.25 -41.56 13.10
CA ALA A 701 46.13 -42.40 13.91
C ALA A 701 47.57 -41.94 13.71
N GLU A 702 48.16 -41.39 14.78
CA GLU A 702 49.54 -40.90 14.73
C GLU A 702 50.48 -42.09 14.72
N ASN A 703 50.92 -42.48 13.53
CA ASN A 703 51.83 -43.61 13.35
C ASN A 703 52.93 -43.22 12.37
N SER A 704 54.04 -43.95 12.44
CA SER A 704 55.20 -43.72 11.59
C SER A 704 55.29 -44.82 10.54
N VAL A 705 55.53 -44.41 9.29
CA VAL A 705 55.65 -45.34 8.18
C VAL A 705 57.13 -45.45 7.81
N ALA A 706 57.68 -46.65 7.91
CA ALA A 706 59.08 -46.89 7.61
C ALA A 706 59.29 -46.86 6.10
N TYR A 707 60.17 -45.97 5.62
CA TYR A 707 60.48 -45.85 4.20
C TYR A 707 61.95 -46.18 3.99
N SER A 708 62.23 -47.02 3.00
CA SER A 708 63.59 -47.36 2.63
C SER A 708 63.63 -47.70 1.14
N ASN A 709 64.84 -47.62 0.58
CA ASN A 709 65.04 -47.82 -0.85
C ASN A 709 65.19 -49.28 -1.24
N ASN A 710 65.26 -50.20 -0.27
CA ASN A 710 65.47 -51.62 -0.56
C ASN A 710 64.54 -52.48 0.29
N SER A 711 63.30 -52.03 0.48
CA SER A 711 62.32 -52.79 1.23
C SER A 711 60.94 -52.57 0.62
N ILE A 712 60.23 -53.68 0.38
CA ILE A 712 58.88 -53.63 -0.17
C ILE A 712 57.96 -54.42 0.76
N ALA A 713 56.67 -54.11 0.66
CA ALA A 713 55.64 -54.77 1.47
C ALA A 713 54.61 -55.39 0.54
N ILE A 714 54.49 -56.70 0.56
CA ILE A 714 53.55 -57.44 -0.26
C ILE A 714 52.53 -58.09 0.65
N PRO A 715 51.23 -57.84 0.46
CA PRO A 715 50.23 -58.45 1.33
C PRO A 715 50.04 -59.93 1.01
N THR A 716 49.83 -60.72 2.07
CA THR A 716 49.64 -62.15 1.94
C THR A 716 48.20 -62.61 2.17
N ASN A 717 47.34 -61.74 2.71
CA ASN A 717 45.95 -62.08 2.96
C ASN A 717 45.08 -60.87 2.62
N PHE A 718 43.76 -61.11 2.62
CA PHE A 718 42.81 -60.06 2.26
C PHE A 718 41.46 -60.38 2.90
N THR A 719 40.66 -59.32 3.07
CA THR A 719 39.32 -59.45 3.60
C THR A 719 38.33 -58.86 2.60
N ILE A 720 37.27 -59.61 2.30
CA ILE A 720 36.25 -59.18 1.35
C ILE A 720 35.17 -58.43 2.13
N SER A 721 35.13 -57.11 1.95
CA SER A 721 34.17 -56.25 2.63
C SER A 721 33.19 -55.66 1.62
N VAL A 722 32.09 -55.13 2.16
CA VAL A 722 31.03 -54.53 1.35
C VAL A 722 30.85 -53.10 1.82
N THR A 723 31.06 -52.14 0.91
CA THR A 723 30.88 -50.73 1.20
C THR A 723 29.48 -50.31 0.74
N THR A 724 28.65 -49.89 1.69
CA THR A 724 27.27 -49.48 1.41
C THR A 724 27.25 -47.98 1.15
N GLU A 725 26.91 -47.59 -0.07
CA GLU A 725 26.80 -46.20 -0.46
C GLU A 725 25.33 -45.86 -0.69
N ILE A 726 24.88 -44.74 -0.13
CA ILE A 726 23.49 -44.32 -0.21
C ILE A 726 23.42 -43.13 -1.17
N LEU A 727 22.68 -43.30 -2.26
CA LEU A 727 22.54 -42.25 -3.26
C LEU A 727 21.09 -42.15 -3.74
N PRO A 728 20.41 -41.03 -3.50
CA PRO A 728 19.02 -40.90 -3.94
C PRO A 728 18.94 -40.57 -5.43
N VAL A 729 17.83 -40.97 -6.03
CA VAL A 729 17.60 -40.72 -7.45
C VAL A 729 16.30 -39.97 -7.72
N SER A 730 15.35 -39.96 -6.78
CA SER A 730 14.09 -39.27 -6.98
C SER A 730 13.52 -38.87 -5.62
N MET A 731 12.41 -38.14 -5.66
CA MET A 731 11.75 -37.68 -4.46
C MET A 731 10.25 -37.62 -4.74
N THR A 732 9.51 -36.99 -3.82
CA THR A 732 8.07 -36.86 -3.96
C THR A 732 7.72 -35.81 -5.02
N LYS A 733 6.55 -35.98 -5.63
CA LYS A 733 6.05 -35.08 -6.66
C LYS A 733 4.89 -34.28 -6.10
N THR A 734 5.03 -32.95 -6.08
CA THR A 734 4.01 -32.05 -5.55
C THR A 734 3.61 -31.07 -6.63
N SER A 735 2.31 -30.91 -6.85
CA SER A 735 1.77 -30.00 -7.85
C SER A 735 0.92 -28.96 -7.13
N VAL A 736 1.46 -27.75 -6.98
CA VAL A 736 0.76 -26.66 -6.32
C VAL A 736 0.05 -25.82 -7.37
N ASP A 737 -1.25 -25.62 -7.18
CA ASP A 737 -2.06 -24.81 -8.09
C ASP A 737 -1.97 -23.34 -7.71
N CYS A 738 -2.02 -22.48 -8.71
CA CYS A 738 -1.92 -21.04 -8.44
C CYS A 738 -3.24 -20.44 -8.02
N THR A 739 -4.36 -21.10 -8.31
CA THR A 739 -5.69 -20.61 -7.93
C THR A 739 -6.19 -21.20 -6.62
N MET A 740 -5.95 -22.49 -6.39
CA MET A 740 -6.48 -23.16 -5.20
C MET A 740 -5.76 -22.74 -3.93
N TYR A 741 -4.47 -22.45 -4.01
CA TYR A 741 -3.71 -22.09 -2.82
C TYR A 741 -3.95 -20.64 -2.43
N ILE A 742 -4.16 -19.76 -3.42
CA ILE A 742 -4.35 -18.34 -3.13
C ILE A 742 -5.81 -18.04 -2.85
N CYS A 743 -6.70 -18.42 -3.77
CA CYS A 743 -8.13 -18.23 -3.58
C CYS A 743 -8.75 -19.35 -2.77
N GLY A 744 -9.83 -19.01 -2.08
CA GLY A 744 -10.64 -19.98 -1.38
C GLY A 744 -11.91 -20.32 -2.11
N ASP A 745 -13.02 -19.71 -1.71
CA ASP A 745 -14.33 -19.97 -2.29
C ASP A 745 -15.07 -18.67 -2.59
N SER A 746 -14.40 -17.73 -3.27
CA SER A 746 -15.00 -16.46 -3.62
C SER A 746 -14.62 -16.09 -5.04
N THR A 747 -15.33 -15.10 -5.58
CA THR A 747 -15.10 -14.62 -6.94
C THR A 747 -14.27 -13.34 -6.98
N GLU A 748 -14.12 -12.66 -5.84
CA GLU A 748 -13.44 -11.37 -5.83
C GLU A 748 -11.93 -11.48 -6.02
N CYS A 749 -11.33 -12.58 -5.58
CA CYS A 749 -9.88 -12.73 -5.77
C CYS A 749 -9.54 -13.12 -7.20
N SER A 750 -10.46 -13.82 -7.88
CA SER A 750 -10.21 -14.23 -9.26
C SER A 750 -10.13 -13.06 -10.21
N ASN A 751 -10.70 -11.91 -9.83
CA ASN A 751 -10.54 -10.71 -10.64
C ASN A 751 -9.13 -10.14 -10.48
N LEU A 752 -8.57 -10.23 -9.27
CA LEU A 752 -7.20 -9.77 -9.03
C LEU A 752 -6.16 -10.79 -9.45
N LEU A 753 -6.54 -12.06 -9.63
CA LEU A 753 -5.59 -13.08 -10.07
C LEU A 753 -5.28 -12.97 -11.55
N LEU A 754 -6.10 -12.26 -12.33
CA LEU A 754 -5.82 -12.10 -13.74
C LEU A 754 -4.65 -11.16 -13.98
N GLN A 755 -4.40 -10.24 -13.04
CA GLN A 755 -3.24 -9.36 -13.14
C GLN A 755 -1.95 -10.10 -12.81
N TYR A 756 -2.03 -11.19 -12.07
CA TYR A 756 -0.87 -12.02 -11.75
C TYR A 756 -0.95 -13.38 -12.46
N GLY A 757 -1.68 -13.45 -13.56
CA GLY A 757 -1.78 -14.70 -14.30
C GLY A 757 -0.48 -15.08 -14.99
N SER A 758 0.36 -14.09 -15.30
CA SER A 758 1.66 -14.38 -15.87
C SER A 758 2.60 -14.99 -14.84
N PHE A 759 2.43 -14.66 -13.55
CA PHE A 759 3.30 -15.21 -12.52
C PHE A 759 2.98 -16.67 -12.23
N CYS A 760 1.70 -17.05 -12.16
CA CYS A 760 1.37 -18.42 -11.85
C CYS A 760 1.53 -19.32 -13.06
N THR A 761 1.56 -18.74 -14.27
CA THR A 761 1.91 -19.52 -15.45
C THR A 761 3.38 -19.92 -15.43
N GLN A 762 4.24 -19.06 -14.89
CA GLN A 762 5.64 -19.43 -14.72
C GLN A 762 5.81 -20.47 -13.61
N LEU A 763 4.95 -20.42 -12.59
CA LEU A 763 5.03 -21.39 -11.51
C LEU A 763 4.44 -22.73 -11.90
N ASN A 764 3.45 -22.73 -12.80
CA ASN A 764 2.87 -23.98 -13.28
C ASN A 764 3.80 -24.69 -14.25
N ARG A 765 4.51 -23.94 -15.10
CA ARG A 765 5.46 -24.55 -16.01
C ARG A 765 6.70 -25.04 -15.29
N ALA A 766 7.06 -24.41 -14.17
CA ALA A 766 8.21 -24.85 -13.39
C ALA A 766 7.88 -26.11 -12.60
N LEU A 767 6.68 -26.21 -12.04
CA LEU A 767 6.27 -27.42 -11.34
C LEU A 767 6.02 -28.56 -12.32
N THR A 768 5.65 -28.25 -13.55
CA THR A 768 5.51 -29.29 -14.57
C THR A 768 6.87 -29.78 -15.03
N GLY A 769 7.86 -28.87 -15.10
CA GLY A 769 9.22 -29.27 -15.44
C GLY A 769 9.88 -30.11 -14.37
N ILE A 770 9.42 -30.00 -13.12
CA ILE A 770 9.96 -30.83 -12.05
C ILE A 770 9.42 -32.26 -12.17
N ALA A 771 8.11 -32.38 -12.44
CA ALA A 771 7.50 -33.70 -12.47
C ALA A 771 8.01 -34.55 -13.62
N VAL A 772 8.36 -33.93 -14.75
CA VAL A 772 8.93 -34.68 -15.85
C VAL A 772 10.38 -35.07 -15.55
N GLU A 773 11.12 -34.17 -14.90
CA GLU A 773 12.50 -34.48 -14.53
C GLU A 773 12.55 -35.51 -13.41
N GLN A 774 11.54 -35.53 -12.54
CA GLN A 774 11.49 -36.54 -11.48
C GLN A 774 11.16 -37.91 -12.04
N ASP A 775 10.40 -37.98 -13.13
CA ASP A 775 10.08 -39.24 -13.78
C ASP A 775 11.12 -39.66 -14.80
N LYS A 776 11.96 -38.74 -15.26
CA LYS A 776 13.03 -39.06 -16.20
C LYS A 776 14.29 -39.57 -15.54
N ASN A 777 14.50 -39.23 -14.26
CA ASN A 777 15.68 -39.72 -13.55
C ASN A 777 15.58 -41.20 -13.22
N THR A 778 14.37 -41.74 -13.12
CA THR A 778 14.21 -43.17 -12.87
C THR A 778 14.54 -43.99 -14.10
N GLN A 779 14.23 -43.47 -15.29
CA GLN A 779 14.51 -44.17 -16.54
C GLN A 779 15.98 -44.14 -16.93
N GLU A 780 16.79 -43.32 -16.25
CA GLU A 780 18.21 -43.21 -16.57
C GLU A 780 19.09 -44.07 -15.67
N VAL A 781 18.59 -44.49 -14.51
CA VAL A 781 19.36 -45.29 -13.56
C VAL A 781 18.89 -46.75 -13.57
N PHE A 782 17.60 -46.98 -13.39
CA PHE A 782 17.07 -48.34 -13.34
C PHE A 782 16.77 -48.92 -14.71
N ALA A 783 16.38 -48.09 -15.68
CA ALA A 783 16.03 -48.56 -17.02
C ALA A 783 17.24 -48.51 -17.95
N GLN A 784 18.29 -49.22 -17.56
CA GLN A 784 19.49 -49.30 -18.38
C GLN A 784 19.34 -50.33 -19.50
N VAL A 785 18.59 -51.40 -19.27
CA VAL A 785 18.36 -52.42 -20.28
C VAL A 785 16.85 -52.49 -20.55
N LYS A 786 16.51 -53.09 -21.69
CA LYS A 786 15.12 -53.22 -22.12
C LYS A 786 14.66 -54.67 -22.12
N GLN A 787 15.31 -55.53 -21.34
CA GLN A 787 14.95 -56.94 -21.25
C GLN A 787 14.91 -57.36 -19.80
N ILE A 788 13.86 -58.10 -19.43
CA ILE A 788 13.71 -58.62 -18.07
C ILE A 788 14.38 -59.98 -18.00
N TYR A 789 15.39 -60.10 -17.14
CA TYR A 789 16.17 -61.33 -16.99
C TYR A 789 15.58 -62.14 -15.83
N LYS A 790 15.15 -63.36 -16.14
CA LYS A 790 14.57 -64.23 -15.13
C LYS A 790 15.65 -64.86 -14.26
N THR A 791 15.29 -65.12 -13.00
CA THR A 791 16.22 -65.75 -12.06
C THR A 791 16.34 -67.24 -12.38
N PRO A 792 17.56 -67.76 -12.47
CA PRO A 792 17.73 -69.19 -12.77
C PRO A 792 17.42 -70.04 -11.57
N PRO A 793 16.88 -71.25 -11.77
CA PRO A 793 16.54 -72.11 -10.63
C PRO A 793 17.73 -72.73 -9.94
N ILE A 794 18.89 -72.78 -10.60
CA ILE A 794 20.10 -73.37 -10.01
C ILE A 794 20.67 -72.38 -9.01
N LYS A 795 20.56 -72.71 -7.72
CA LYS A 795 21.05 -71.85 -6.65
C LYS A 795 22.48 -72.19 -6.24
N ASP A 796 23.11 -73.17 -6.88
CA ASP A 796 24.48 -73.55 -6.57
C ASP A 796 25.43 -72.68 -7.38
N PHE A 797 25.98 -71.64 -6.75
CA PHE A 797 26.89 -70.71 -7.40
C PHE A 797 28.33 -70.93 -6.99
N GLY A 798 28.65 -72.11 -6.44
CA GLY A 798 30.00 -72.40 -6.02
C GLY A 798 30.30 -72.07 -4.57
N GLY A 799 29.32 -72.14 -3.69
CA GLY A 799 29.50 -71.84 -2.29
C GLY A 799 29.06 -70.46 -1.87
N PHE A 800 28.52 -69.66 -2.79
CA PHE A 800 28.06 -68.31 -2.47
C PHE A 800 26.58 -68.32 -2.11
N ASN A 801 26.22 -67.47 -1.15
CA ASN A 801 24.83 -67.34 -0.71
C ASN A 801 24.22 -66.13 -1.40
N PHE A 802 23.26 -66.37 -2.30
CA PHE A 802 22.59 -65.32 -3.04
C PHE A 802 21.12 -65.20 -2.69
N SER A 803 20.70 -65.80 -1.57
CA SER A 803 19.30 -65.73 -1.16
C SER A 803 18.92 -64.37 -0.58
N GLN A 804 19.91 -63.56 -0.19
CA GLN A 804 19.61 -62.25 0.37
C GLN A 804 19.35 -61.20 -0.73
N ILE A 805 19.93 -61.39 -1.90
CA ILE A 805 19.72 -60.46 -3.01
C ILE A 805 18.64 -60.92 -3.97
N LEU A 806 18.21 -62.19 -3.91
CA LEU A 806 17.18 -62.71 -4.79
C LEU A 806 15.83 -62.72 -4.07
N PRO A 807 14.74 -62.44 -4.81
CA PRO A 807 13.42 -62.44 -4.17
C PRO A 807 13.00 -63.86 -3.81
N ASP A 808 12.57 -64.03 -2.55
CA ASP A 808 12.12 -65.34 -2.08
C ASP A 808 10.67 -65.58 -2.49
N PRO A 809 10.30 -66.81 -2.85
CA PRO A 809 8.92 -67.09 -3.24
C PRO A 809 7.96 -67.27 -2.08
N SER A 810 8.43 -67.12 -0.84
CA SER A 810 7.54 -67.28 0.31
C SER A 810 6.61 -66.08 0.49
N LYS A 811 7.04 -64.89 0.03
CA LYS A 811 6.24 -63.69 0.13
C LYS A 811 5.71 -63.29 -1.24
N PRO A 812 4.50 -62.70 -1.30
CA PRO A 812 3.96 -62.27 -2.60
C PRO A 812 4.67 -61.07 -3.18
N SER A 813 5.34 -60.27 -2.36
CA SER A 813 6.06 -59.10 -2.86
C SER A 813 7.37 -59.52 -3.52
N LYS A 814 7.84 -58.67 -4.43
CA LYS A 814 9.07 -58.92 -5.17
C LYS A 814 10.32 -58.46 -4.41
N ARG A 815 10.13 -57.84 -3.25
CA ARG A 815 11.27 -57.32 -2.49
C ARG A 815 12.05 -58.42 -1.78
N SER A 816 13.37 -58.34 -1.84
CA SER A 816 14.22 -59.32 -1.17
C SER A 816 14.17 -59.06 0.33
N PRO A 817 14.69 -60.02 1.13
CA PRO A 817 14.73 -59.81 2.57
C PRO A 817 15.37 -58.47 2.90
N ILE A 818 16.49 -58.16 2.26
CA ILE A 818 17.15 -56.90 2.50
C ILE A 818 16.28 -55.74 2.04
N GLU A 819 15.80 -55.80 0.81
CA GLU A 819 14.95 -54.74 0.29
C GLU A 819 13.73 -54.50 1.17
N ASP A 820 13.21 -55.54 1.82
CA ASP A 820 12.10 -55.36 2.75
C ASP A 820 12.56 -54.76 4.07
N LEU A 821 13.82 -54.98 4.44
CA LEU A 821 14.35 -54.36 5.66
C LEU A 821 14.59 -52.87 5.47
N LEU A 822 14.88 -52.44 4.23
CA LEU A 822 15.09 -51.03 3.95
C LEU A 822 13.78 -50.27 3.75
N PHE A 823 12.69 -50.97 3.42
CA PHE A 823 11.42 -50.29 3.23
C PHE A 823 10.83 -49.84 4.56
N ASN A 824 10.99 -50.63 5.61
CA ASN A 824 10.50 -50.29 6.94
C ASN A 824 11.51 -49.48 7.75
N LYS A 825 12.74 -49.33 7.28
CA LYS A 825 13.74 -48.57 8.02
C LYS A 825 13.54 -47.07 7.84
N VAL A 826 13.38 -46.62 6.61
CA VAL A 826 13.17 -45.20 6.32
C VAL A 826 11.67 -44.93 6.21
N THR A 827 11.23 -43.82 6.77
CA THR A 827 9.82 -43.44 6.74
C THR A 827 9.49 -42.66 5.47
N ALA A 852 -4.23 -33.98 6.93
CA ALA A 852 -3.46 -34.43 5.78
C ALA A 852 -2.80 -33.25 5.07
N GLN A 853 -1.71 -33.53 4.36
CA GLN A 853 -0.99 -32.48 3.64
C GLN A 853 -1.71 -32.05 2.36
N LYS A 854 -2.63 -32.87 1.85
CA LYS A 854 -3.37 -32.55 0.64
C LYS A 854 -4.65 -31.78 0.92
N PHE A 855 -4.88 -31.38 2.17
CA PHE A 855 -6.12 -30.68 2.53
C PHE A 855 -6.11 -29.22 2.09
N ASN A 856 -4.93 -28.61 1.91
CA ASN A 856 -4.81 -27.23 1.49
C ASN A 856 -4.44 -27.09 0.02
N GLY A 857 -4.87 -28.04 -0.81
CA GLY A 857 -4.55 -28.03 -2.22
C GLY A 857 -3.16 -28.53 -2.57
N LEU A 858 -2.42 -29.04 -1.60
CA LEU A 858 -1.05 -29.53 -1.84
C LEU A 858 -1.09 -31.04 -2.08
N THR A 859 -1.67 -31.41 -3.22
CA THR A 859 -1.81 -32.81 -3.57
C THR A 859 -0.47 -33.39 -4.02
N VAL A 860 -0.28 -34.67 -3.72
CA VAL A 860 0.94 -35.40 -4.08
C VAL A 860 0.61 -36.32 -5.25
N LEU A 861 1.28 -36.11 -6.37
CA LEU A 861 1.04 -36.92 -7.56
C LEU A 861 1.89 -38.20 -7.50
N PRO A 862 1.33 -39.33 -7.91
CA PRO A 862 2.10 -40.58 -7.90
C PRO A 862 3.10 -40.60 -9.05
N PRO A 863 4.23 -41.28 -8.89
CA PRO A 863 5.23 -41.34 -9.95
C PRO A 863 4.80 -42.29 -11.06
N LEU A 864 5.63 -42.36 -12.10
CA LEU A 864 5.33 -43.24 -13.22
C LEU A 864 5.55 -44.70 -12.87
N LEU A 865 6.61 -45.00 -12.13
CA LEU A 865 6.94 -46.36 -11.73
C LEU A 865 6.80 -46.49 -10.22
N THR A 866 6.04 -47.50 -9.78
CA THR A 866 5.80 -47.72 -8.36
C THR A 866 6.97 -48.49 -7.76
N ASP A 867 6.85 -48.87 -6.49
CA ASP A 867 7.92 -49.59 -5.82
C ASP A 867 8.04 -51.03 -6.30
N GLU A 868 6.99 -51.59 -6.89
CA GLU A 868 7.05 -52.97 -7.37
C GLU A 868 7.83 -53.07 -8.68
N MET A 869 7.71 -52.06 -9.54
CA MET A 869 8.44 -52.07 -10.80
C MET A 869 9.91 -51.69 -10.61
N ILE A 870 10.21 -50.88 -9.60
CA ILE A 870 11.61 -50.61 -9.27
C ILE A 870 12.26 -51.85 -8.68
N ALA A 871 11.52 -52.62 -7.89
CA ALA A 871 12.04 -53.87 -7.36
C ALA A 871 12.22 -54.90 -8.47
N GLN A 872 11.40 -54.84 -9.52
CA GLN A 872 11.58 -55.74 -10.65
C GLN A 872 12.77 -55.33 -11.51
N TYR A 873 13.10 -54.04 -11.54
CA TYR A 873 14.24 -53.58 -12.32
C TYR A 873 15.56 -54.00 -11.66
N THR A 874 15.61 -53.97 -10.32
CA THR A 874 16.82 -54.36 -9.62
C THR A 874 17.01 -55.88 -9.64
N SER A 875 15.92 -56.65 -9.62
CA SER A 875 16.04 -58.10 -9.72
C SER A 875 16.43 -58.52 -11.13
N ALA A 876 16.05 -57.73 -12.14
CA ALA A 876 16.46 -58.03 -13.51
C ALA A 876 17.93 -57.70 -13.74
N LEU A 877 18.44 -56.65 -13.09
CA LEU A 877 19.85 -56.33 -13.19
C LEU A 877 20.71 -57.28 -12.38
N LEU A 878 20.18 -57.78 -11.26
CA LEU A 878 20.92 -58.75 -10.46
C LEU A 878 20.95 -60.13 -11.10
N ALA A 879 19.92 -60.47 -11.88
CA ALA A 879 19.91 -61.77 -12.58
C ALA A 879 20.90 -61.77 -13.74
N GLY A 880 21.05 -60.64 -14.43
CA GLY A 880 22.01 -60.55 -15.51
C GLY A 880 23.44 -60.39 -15.06
N THR A 881 23.66 -59.91 -13.83
CA THR A 881 25.01 -59.76 -13.32
C THR A 881 25.59 -61.10 -12.88
N ILE A 882 24.76 -61.95 -12.27
CA ILE A 882 25.23 -63.26 -11.82
C ILE A 882 25.27 -64.28 -12.94
N THR A 883 24.73 -63.97 -14.11
CA THR A 883 24.70 -64.88 -15.24
C THR A 883 25.49 -64.41 -16.45
N SER A 884 25.63 -63.10 -16.65
CA SER A 884 26.37 -62.57 -17.79
C SER A 884 27.48 -61.64 -17.32
N GLY A 885 27.24 -60.90 -16.24
CA GLY A 885 28.24 -60.00 -15.70
C GLY A 885 28.23 -58.63 -16.31
N TRP A 886 28.71 -58.51 -17.55
CA TRP A 886 28.80 -57.22 -18.22
C TRP A 886 28.33 -57.22 -19.66
N THR A 887 28.10 -58.38 -20.28
CA THR A 887 27.68 -58.41 -21.67
C THR A 887 26.20 -58.10 -21.85
N PHE A 888 25.41 -58.20 -20.78
CA PHE A 888 23.99 -57.89 -20.88
C PHE A 888 23.70 -56.39 -20.88
N GLY A 889 24.65 -55.58 -20.40
CA GLY A 889 24.48 -54.14 -20.39
C GLY A 889 25.19 -53.46 -21.54
N ALA A 890 26.01 -54.22 -22.28
CA ALA A 890 26.76 -53.68 -23.40
C ALA A 890 26.53 -54.49 -24.67
N GLY A 891 25.48 -55.30 -24.70
CA GLY A 891 25.17 -56.13 -25.86
C GLY A 891 24.29 -57.26 -25.38
N PRO A 892 24.20 -58.35 -26.16
CA PRO A 892 23.46 -59.51 -25.68
C PRO A 892 24.19 -60.20 -24.54
N ALA A 893 23.46 -60.71 -23.55
CA ALA A 893 24.07 -61.36 -22.40
C ALA A 893 24.74 -62.66 -22.79
N LEU A 894 25.76 -63.06 -22.03
CA LEU A 894 26.45 -64.32 -22.31
C LEU A 894 26.55 -65.16 -21.05
N GLN A 895 26.05 -66.40 -21.09
CA GLN A 895 26.05 -67.25 -19.91
C GLN A 895 27.49 -67.48 -19.47
N ILE A 896 27.74 -67.30 -18.18
CA ILE A 896 29.08 -67.50 -17.61
C ILE A 896 28.94 -67.82 -16.13
N PRO A 897 29.68 -68.82 -15.64
CA PRO A 897 29.48 -69.14 -14.22
C PRO A 897 29.99 -68.03 -13.33
N PHE A 898 29.50 -67.95 -12.09
CA PHE A 898 29.91 -66.89 -11.18
C PHE A 898 31.42 -66.90 -10.89
N PRO A 899 32.00 -68.09 -10.63
CA PRO A 899 33.42 -68.08 -10.26
C PRO A 899 34.30 -67.51 -11.37
N MET A 900 34.12 -68.01 -12.59
CA MET A 900 34.90 -67.50 -13.71
C MET A 900 34.70 -66.00 -13.83
N GLN A 901 33.52 -65.53 -13.41
CA GLN A 901 33.23 -64.10 -13.47
C GLN A 901 34.07 -63.32 -12.48
N MET A 902 34.33 -63.92 -11.30
CA MET A 902 35.16 -63.23 -10.31
C MET A 902 36.63 -63.20 -10.73
N ALA A 903 37.06 -64.16 -11.56
CA ALA A 903 38.46 -64.19 -11.99
C ALA A 903 38.77 -63.04 -12.94
N TYR A 904 37.79 -62.62 -13.74
CA TYR A 904 38.00 -61.50 -14.66
C TYR A 904 37.95 -60.15 -13.95
N ARG A 905 37.25 -60.06 -12.82
CA ARG A 905 37.24 -58.82 -12.04
C ARG A 905 38.54 -58.65 -11.26
N PHE A 906 39.21 -59.75 -10.93
CA PHE A 906 40.51 -59.65 -10.25
C PHE A 906 41.61 -59.24 -11.20
N ASN A 907 41.47 -59.54 -12.50
CA ASN A 907 42.49 -59.18 -13.46
C ASN A 907 42.52 -57.69 -13.77
N GLY A 908 41.43 -56.98 -13.47
CA GLY A 908 41.38 -55.54 -13.71
C GLY A 908 42.07 -54.69 -12.67
N ILE A 909 42.38 -55.27 -11.50
CA ILE A 909 43.06 -54.55 -10.42
C ILE A 909 44.51 -54.98 -10.26
N GLY A 910 44.98 -55.92 -11.07
CA GLY A 910 46.36 -56.38 -11.00
C GLY A 910 46.58 -57.72 -10.33
N VAL A 911 45.52 -58.51 -10.12
CA VAL A 911 45.62 -59.81 -9.46
C VAL A 911 45.41 -60.89 -10.51
N THR A 912 46.38 -61.79 -10.65
CA THR A 912 46.23 -62.91 -11.56
C THR A 912 45.21 -63.90 -11.02
N GLN A 913 44.59 -64.65 -11.94
CA GLN A 913 43.44 -65.48 -11.63
C GLN A 913 43.80 -66.89 -11.17
N ASN A 914 45.06 -67.13 -10.79
CA ASN A 914 45.44 -68.45 -10.31
C ASN A 914 45.18 -68.61 -8.81
N VAL A 915 45.12 -67.51 -8.05
CA VAL A 915 44.90 -67.59 -6.61
C VAL A 915 43.43 -67.68 -6.23
N LEU A 916 42.51 -67.43 -7.17
CA LEU A 916 41.09 -67.51 -6.85
C LEU A 916 40.66 -68.96 -6.67
N TYR A 917 41.19 -69.87 -7.48
CA TYR A 917 40.85 -71.28 -7.41
C TYR A 917 41.62 -72.04 -6.33
N GLU A 918 42.42 -71.34 -5.52
CA GLU A 918 43.19 -71.98 -4.46
C GLU A 918 42.52 -71.89 -3.09
N ASN A 919 41.73 -70.84 -2.85
CA ASN A 919 41.00 -70.67 -1.60
C ASN A 919 39.55 -70.28 -1.89
N GLN A 920 38.92 -71.02 -2.81
CA GLN A 920 37.55 -70.71 -3.19
C GLN A 920 36.58 -70.86 -2.01
N LYS A 921 36.83 -71.81 -1.12
CA LYS A 921 36.01 -71.95 0.07
C LYS A 921 36.29 -70.85 1.09
N LEU A 922 37.45 -70.20 1.01
CA LEU A 922 37.77 -69.11 1.92
C LEU A 922 37.09 -67.81 1.50
N ILE A 923 37.12 -67.50 0.20
CA ILE A 923 36.48 -66.27 -0.26
C ILE A 923 34.97 -66.41 -0.27
N ALA A 924 34.45 -67.62 -0.47
CA ALA A 924 33.01 -67.83 -0.40
C ALA A 924 32.50 -67.69 1.04
N ASN A 925 33.32 -68.06 2.01
CA ASN A 925 32.95 -67.84 3.41
C ASN A 925 33.12 -66.38 3.82
N GLN A 926 34.09 -65.69 3.22
CA GLN A 926 34.26 -64.26 3.49
C GLN A 926 33.18 -63.42 2.82
N PHE A 927 32.61 -63.91 1.72
CA PHE A 927 31.53 -63.18 1.06
C PHE A 927 30.22 -63.32 1.84
N ASN A 928 29.97 -64.50 2.40
CA ASN A 928 28.75 -64.70 3.18
C ASN A 928 28.82 -63.98 4.52
N SER A 929 30.01 -63.83 5.09
CA SER A 929 30.14 -63.07 6.32
C SER A 929 30.03 -61.57 6.09
N ALA A 930 30.39 -61.10 4.88
CA ALA A 930 30.23 -59.69 4.56
C ALA A 930 28.77 -59.30 4.35
N ILE A 931 27.97 -60.23 3.83
CA ILE A 931 26.54 -59.96 3.67
C ILE A 931 25.85 -59.94 5.03
N GLY A 932 26.24 -60.85 5.92
CA GLY A 932 25.65 -60.89 7.25
C GLY A 932 26.04 -59.71 8.11
N LYS A 933 27.20 -59.11 7.85
CA LYS A 933 27.61 -57.93 8.61
C LYS A 933 26.86 -56.68 8.14
N ILE A 934 26.52 -56.61 6.85
CA ILE A 934 25.73 -55.49 6.35
C ILE A 934 24.28 -55.63 6.80
N GLN A 935 23.75 -56.86 6.82
CA GLN A 935 22.37 -57.07 7.25
C GLN A 935 22.21 -56.81 8.74
N ASP A 936 23.24 -57.10 9.54
CA ASP A 936 23.17 -56.82 10.97
C ASP A 936 23.39 -55.35 11.28
N SER A 937 24.08 -54.61 10.41
CA SER A 937 24.29 -53.18 10.64
C SER A 937 23.09 -52.37 10.19
N LEU A 938 22.45 -52.77 9.09
CA LEU A 938 21.27 -52.06 8.60
C LEU A 938 20.03 -52.33 9.44
N SER A 939 20.02 -53.42 10.21
CA SER A 939 18.87 -53.73 11.05
C SER A 939 18.83 -52.90 12.32
N SER A 940 19.94 -52.27 12.70
CA SER A 940 19.99 -51.47 13.92
C SER A 940 19.36 -50.10 13.71
N ALA A 944 19.11 -44.95 11.53
CA ALA A 944 18.48 -44.77 10.23
C ALA A 944 19.46 -44.17 9.23
N LEU A 945 19.10 -44.22 7.95
CA LEU A 945 19.94 -43.67 6.90
C LEU A 945 19.87 -42.14 6.90
N GLY A 946 20.89 -41.53 6.32
CA GLY A 946 20.98 -40.08 6.29
C GLY A 946 20.61 -39.46 4.95
N LYS A 947 21.08 -40.08 3.86
CA LYS A 947 20.81 -39.53 2.53
C LYS A 947 19.38 -39.78 2.08
N LEU A 948 18.71 -40.79 2.62
CA LEU A 948 17.33 -41.09 2.29
C LEU A 948 16.34 -40.48 3.26
N GLN A 949 16.82 -39.72 4.25
CA GLN A 949 15.96 -39.07 5.23
C GLN A 949 15.96 -37.56 5.14
N ASP A 950 17.07 -36.95 4.71
CA ASP A 950 17.11 -35.49 4.59
C ASP A 950 16.29 -35.02 3.40
N VAL A 951 16.13 -35.86 2.38
CA VAL A 951 15.30 -35.49 1.23
C VAL A 951 13.81 -35.56 1.57
N VAL A 952 13.44 -36.31 2.61
CA VAL A 952 12.05 -36.40 3.02
C VAL A 952 11.73 -35.38 4.12
N ASN A 953 12.68 -35.15 5.03
CA ASN A 953 12.46 -34.18 6.09
C ASN A 953 12.43 -32.75 5.56
N GLN A 954 13.20 -32.46 4.50
CA GLN A 954 13.16 -31.13 3.91
C GLN A 954 11.86 -30.89 3.16
N ASN A 955 11.30 -31.94 2.54
CA ASN A 955 10.01 -31.80 1.87
C ASN A 955 8.85 -31.78 2.86
N ALA A 956 9.00 -32.43 4.01
CA ALA A 956 7.95 -32.42 5.02
C ALA A 956 7.88 -31.08 5.74
N GLN A 957 9.03 -30.46 5.99
CA GLN A 957 9.04 -29.16 6.63
C GLN A 957 8.61 -28.05 5.67
N ALA A 958 8.86 -28.24 4.37
CA ALA A 958 8.41 -27.25 3.39
C ALA A 958 6.91 -27.33 3.16
N LEU A 959 6.33 -28.54 3.25
CA LEU A 959 4.88 -28.66 3.09
C LEU A 959 4.15 -28.17 4.33
N ASN A 960 4.76 -28.32 5.51
CA ASN A 960 4.16 -27.78 6.73
C ASN A 960 4.30 -26.27 6.83
N THR A 961 5.27 -25.69 6.13
CA THR A 961 5.44 -24.24 6.15
C THR A 961 4.39 -23.55 5.30
N LEU A 962 3.98 -24.16 4.19
CA LEU A 962 2.97 -23.56 3.33
C LEU A 962 1.61 -23.52 4.00
N VAL A 963 1.33 -24.47 4.91
CA VAL A 963 0.10 -24.41 5.68
C VAL A 963 0.20 -23.31 6.73
N LYS A 964 1.39 -23.08 7.28
CA LYS A 964 1.59 -22.00 8.23
C LYS A 964 1.55 -20.62 7.57
N GLN A 965 1.78 -20.56 6.26
CA GLN A 965 1.70 -19.28 5.56
C GLN A 965 0.26 -18.79 5.46
N LEU A 966 -0.71 -19.71 5.49
CA LEU A 966 -2.11 -19.32 5.45
C LEU A 966 -2.61 -18.80 6.80
N SER A 967 -1.87 -19.02 7.88
CA SER A 967 -2.25 -18.55 9.20
C SER A 967 -1.66 -17.17 9.53
N SER A 968 -0.94 -16.55 8.59
CA SER A 968 -0.37 -15.24 8.79
C SER A 968 -1.21 -14.18 8.09
N ASN A 969 -1.02 -12.92 8.51
CA ASN A 969 -1.77 -11.81 7.96
C ASN A 969 -1.00 -11.02 6.90
N PHE A 970 0.32 -11.16 6.84
CA PHE A 970 1.16 -10.41 5.90
C PHE A 970 0.97 -8.90 6.06
N GLY A 971 0.86 -8.45 7.31
CA GLY A 971 0.67 -7.05 7.57
C GLY A 971 -0.75 -6.55 7.40
N ALA A 972 -1.75 -7.39 7.70
CA ALA A 972 -3.14 -7.00 7.56
C ALA A 972 -3.90 -7.23 8.86
N ILE A 973 -5.23 -7.07 8.82
CA ILE A 973 -6.06 -7.24 10.00
C ILE A 973 -6.56 -8.67 10.16
N SER A 974 -6.44 -9.50 9.13
CA SER A 974 -6.90 -10.88 9.20
C SER A 974 -5.99 -11.75 8.35
N SER A 975 -6.14 -13.06 8.50
CA SER A 975 -5.35 -14.04 7.76
C SER A 975 -6.05 -14.53 6.50
N VAL A 976 -7.27 -15.03 6.63
CA VAL A 976 -8.03 -15.53 5.49
C VAL A 976 -8.81 -14.37 4.87
N LEU A 977 -9.03 -14.46 3.56
CA LEU A 977 -9.76 -13.42 2.84
C LEU A 977 -11.26 -13.50 3.05
N ASN A 978 -11.78 -14.60 3.60
CA ASN A 978 -13.20 -14.72 3.85
C ASN A 978 -13.65 -14.00 5.11
N ASP A 979 -12.71 -13.66 6.00
CA ASP A 979 -13.09 -12.97 7.24
C ASP A 979 -13.29 -11.47 7.00
N ILE A 980 -12.45 -10.86 6.16
CA ILE A 980 -12.57 -9.43 5.91
C ILE A 980 -13.76 -9.10 5.01
N LEU A 981 -14.23 -10.06 4.20
CA LEU A 981 -15.38 -9.81 3.35
C LEU A 981 -16.69 -9.87 4.12
N SER A 982 -16.72 -10.52 5.28
CA SER A 982 -17.95 -10.60 6.07
C SER A 982 -18.14 -9.38 6.96
N ARG A 983 -17.05 -8.71 7.34
CA ARG A 983 -17.13 -7.53 8.20
C ARG A 983 -16.97 -6.22 7.44
N LEU A 984 -16.30 -6.23 6.30
CA LEU A 984 -16.09 -5.03 5.50
C LEU A 984 -16.55 -5.27 4.07
N ASP A 985 -16.72 -4.17 3.33
CA ASP A 985 -17.12 -4.27 1.94
C ASP A 985 -15.90 -4.41 1.04
N PRO A 986 -16.04 -5.13 -0.07
CA PRO A 986 -14.90 -5.35 -0.98
C PRO A 986 -14.35 -4.06 -1.56
N PRO A 987 -15.18 -3.03 -1.80
CA PRO A 987 -14.58 -1.72 -2.16
C PRO A 987 -13.67 -1.15 -1.09
N GLU A 988 -13.89 -1.50 0.18
CA GLU A 988 -13.05 -1.01 1.26
C GLU A 988 -11.89 -1.94 1.56
N ALA A 989 -12.13 -3.25 1.57
CA ALA A 989 -11.10 -4.23 1.89
C ALA A 989 -10.34 -4.72 0.66
N GLU A 990 -10.28 -3.91 -0.40
CA GLU A 990 -9.54 -4.33 -1.59
C GLU A 990 -8.04 -4.28 -1.37
N VAL A 991 -7.58 -3.39 -0.49
CA VAL A 991 -6.14 -3.31 -0.19
C VAL A 991 -5.70 -4.50 0.66
N GLN A 992 -6.59 -4.99 1.54
CA GLN A 992 -6.23 -6.13 2.37
C GLN A 992 -6.21 -7.43 1.59
N ILE A 993 -7.01 -7.52 0.51
CA ILE A 993 -6.98 -8.72 -0.32
C ILE A 993 -5.71 -8.74 -1.18
N ASP A 994 -5.31 -7.58 -1.71
CA ASP A 994 -4.10 -7.52 -2.52
C ASP A 994 -2.85 -7.77 -1.69
N ARG A 995 -2.86 -7.41 -0.41
CA ARG A 995 -1.73 -7.69 0.45
C ARG A 995 -1.63 -9.18 0.78
N LEU A 996 -2.76 -9.88 0.82
CA LEU A 996 -2.73 -11.32 1.03
C LEU A 996 -2.35 -12.08 -0.24
N ILE A 997 -2.58 -11.48 -1.41
CA ILE A 997 -2.23 -12.14 -2.66
C ILE A 997 -0.73 -12.05 -2.90
N THR A 998 -0.16 -10.84 -2.77
CA THR A 998 1.27 -10.67 -2.96
C THR A 998 2.08 -11.25 -1.80
N GLY A 999 1.43 -11.49 -0.66
CA GLY A 999 2.10 -12.17 0.44
C GLY A 999 2.17 -13.65 0.21
N ARG A 1000 1.14 -14.21 -0.42
CA ARG A 1000 1.15 -15.62 -0.79
C ARG A 1000 1.94 -15.86 -2.08
N LEU A 1001 2.03 -14.85 -2.95
CA LEU A 1001 2.82 -14.99 -4.16
C LEU A 1001 4.31 -15.02 -3.85
N GLN A 1002 4.74 -14.32 -2.79
CA GLN A 1002 6.14 -14.37 -2.40
C GLN A 1002 6.50 -15.73 -1.79
N SER A 1003 5.57 -16.33 -1.04
CA SER A 1003 5.82 -17.67 -0.51
C SER A 1003 5.73 -18.73 -1.60
N LEU A 1004 4.87 -18.52 -2.60
CA LEU A 1004 4.78 -19.45 -3.71
C LEU A 1004 6.01 -19.35 -4.61
N GLN A 1005 6.56 -18.15 -4.78
CA GLN A 1005 7.80 -17.98 -5.53
C GLN A 1005 9.00 -18.53 -4.77
N THR A 1006 8.93 -18.58 -3.43
CA THR A 1006 10.01 -19.14 -2.63
C THR A 1006 9.96 -20.66 -2.61
N TYR A 1007 8.75 -21.23 -2.58
CA TYR A 1007 8.62 -22.68 -2.52
C TYR A 1007 9.05 -23.34 -3.83
N VAL A 1008 8.77 -22.71 -4.97
CA VAL A 1008 9.17 -23.27 -6.25
C VAL A 1008 10.67 -23.13 -6.45
N THR A 1009 11.25 -22.03 -5.98
CA THR A 1009 12.69 -21.85 -6.10
C THR A 1009 13.45 -22.80 -5.18
N GLN A 1010 12.92 -23.04 -3.98
CA GLN A 1010 13.54 -24.00 -3.08
C GLN A 1010 13.40 -25.43 -3.60
N GLN A 1011 12.32 -25.71 -4.33
CA GLN A 1011 12.12 -27.04 -4.90
C GLN A 1011 12.97 -27.24 -6.16
N LEU A 1012 13.30 -26.16 -6.87
CA LEU A 1012 14.13 -26.29 -8.06
C LEU A 1012 15.58 -26.56 -7.70
N ILE A 1013 16.05 -26.02 -6.57
CA ILE A 1013 17.40 -26.34 -6.11
C ILE A 1013 17.46 -27.78 -5.62
N ARG A 1014 16.40 -28.25 -4.96
CA ARG A 1014 16.34 -29.64 -4.55
C ARG A 1014 16.19 -30.56 -5.75
N ALA A 1015 15.53 -30.10 -6.82
CA ALA A 1015 15.45 -30.89 -8.03
C ALA A 1015 16.78 -30.93 -8.76
N ALA A 1016 17.57 -29.85 -8.67
CA ALA A 1016 18.91 -29.87 -9.24
C ALA A 1016 19.86 -30.75 -8.43
N GLU A 1017 19.64 -30.83 -7.11
CA GLU A 1017 20.43 -31.73 -6.29
C GLU A 1017 20.04 -33.19 -6.54
N ILE A 1018 18.76 -33.44 -6.84
CA ILE A 1018 18.34 -34.79 -7.19
C ILE A 1018 18.88 -35.18 -8.56
N ARG A 1019 18.85 -34.23 -9.51
CA ARG A 1019 19.39 -34.51 -10.84
C ARG A 1019 20.90 -34.72 -10.78
N ALA A 1020 21.59 -34.00 -9.91
CA ALA A 1020 23.03 -34.18 -9.76
C ALA A 1020 23.37 -35.51 -9.11
N SER A 1021 22.49 -36.01 -8.24
CA SER A 1021 22.72 -37.31 -7.61
C SER A 1021 22.23 -38.45 -8.51
N ALA A 1022 21.21 -38.21 -9.32
CA ALA A 1022 20.75 -39.25 -10.24
C ALA A 1022 21.74 -39.45 -11.39
N ASN A 1023 22.38 -38.38 -11.86
CA ASN A 1023 23.41 -38.53 -12.88
C ASN A 1023 24.67 -39.15 -12.30
N LEU A 1024 24.93 -38.92 -11.01
CA LEU A 1024 26.06 -39.58 -10.36
C LEU A 1024 25.77 -41.06 -10.12
N ALA A 1025 24.52 -41.39 -9.81
CA ALA A 1025 24.15 -42.78 -9.63
C ALA A 1025 24.05 -43.51 -10.96
N ALA A 1026 23.73 -42.80 -12.03
CA ALA A 1026 23.69 -43.42 -13.35
C ALA A 1026 25.09 -43.74 -13.86
N THR A 1027 26.07 -42.91 -13.52
CA THR A 1027 27.45 -43.21 -13.90
C THR A 1027 28.02 -44.36 -13.08
N LYS A 1028 27.61 -44.47 -11.81
CA LYS A 1028 28.02 -45.58 -10.98
C LYS A 1028 27.30 -46.88 -11.35
N MET A 1029 26.11 -46.78 -11.93
CA MET A 1029 25.40 -47.98 -12.38
C MET A 1029 26.04 -48.55 -13.63
N SER A 1030 26.50 -47.69 -14.54
CA SER A 1030 27.12 -48.14 -15.78
C SER A 1030 28.58 -48.54 -15.62
N GLU A 1031 29.19 -48.27 -14.47
CA GLU A 1031 30.59 -48.58 -14.24
C GLU A 1031 30.79 -49.61 -13.14
N CYS A 1032 30.21 -49.38 -11.96
CA CYS A 1032 30.40 -50.31 -10.86
C CYS A 1032 29.50 -51.54 -11.00
N VAL A 1033 28.29 -51.35 -11.50
CA VAL A 1033 27.34 -52.45 -11.66
C VAL A 1033 27.51 -53.08 -13.03
N LEU A 1034 27.40 -52.27 -14.09
CA LEU A 1034 27.52 -52.75 -15.47
C LEU A 1034 29.00 -52.84 -15.82
N GLY A 1035 29.62 -53.90 -15.32
CA GLY A 1035 31.03 -54.15 -15.57
C GLY A 1035 31.92 -53.77 -14.41
N GLN A 1036 33.21 -53.65 -14.70
CA GLN A 1036 34.23 -53.30 -13.72
C GLN A 1036 34.74 -51.90 -14.02
N SER A 1037 34.68 -51.02 -13.02
CA SER A 1037 35.14 -49.65 -13.17
C SER A 1037 36.66 -49.60 -13.06
N LYS A 1038 37.31 -49.06 -14.09
CA LYS A 1038 38.77 -48.97 -14.08
C LYS A 1038 39.29 -47.88 -13.14
N ARG A 1039 38.45 -46.92 -12.77
CA ARG A 1039 38.84 -45.87 -11.86
C ARG A 1039 38.92 -46.43 -10.44
N VAL A 1040 40.11 -46.42 -9.86
CA VAL A 1040 40.32 -46.96 -8.52
C VAL A 1040 39.73 -46.00 -7.49
N ASP A 1041 39.24 -46.57 -6.39
CA ASP A 1041 38.67 -45.79 -5.29
C ASP A 1041 37.50 -44.94 -5.75
N PHE A 1042 36.71 -45.46 -6.68
CA PHE A 1042 35.54 -44.78 -7.19
C PHE A 1042 34.23 -45.36 -6.67
N CYS A 1043 34.11 -46.68 -6.63
CA CYS A 1043 32.92 -47.35 -6.11
C CYS A 1043 33.03 -47.66 -4.62
N GLY A 1044 33.96 -47.03 -3.92
CA GLY A 1044 34.15 -47.27 -2.50
C GLY A 1044 35.61 -47.36 -2.10
N LYS A 1045 35.87 -47.48 -0.80
CA LYS A 1045 37.23 -47.58 -0.29
C LYS A 1045 37.75 -49.00 -0.54
N GLY A 1046 38.71 -49.12 -1.44
CA GLY A 1046 39.29 -50.39 -1.79
C GLY A 1046 39.15 -50.70 -3.27
N TYR A 1047 39.76 -51.81 -3.67
CA TYR A 1047 39.73 -52.26 -5.05
C TYR A 1047 38.35 -52.82 -5.38
N HIS A 1048 37.64 -52.18 -6.29
CA HIS A 1048 36.29 -52.61 -6.64
C HIS A 1048 36.33 -53.78 -7.61
N LEU A 1049 35.50 -54.79 -7.33
CA LEU A 1049 35.36 -55.95 -8.20
C LEU A 1049 33.97 -55.98 -8.85
N MET A 1050 32.92 -55.91 -8.05
CA MET A 1050 31.55 -55.89 -8.55
C MET A 1050 30.66 -55.29 -7.47
N SER A 1051 29.39 -55.09 -7.82
CA SER A 1051 28.42 -54.53 -6.89
C SER A 1051 27.09 -55.24 -7.07
N PHE A 1052 26.19 -55.01 -6.10
CA PHE A 1052 24.87 -55.63 -6.12
C PHE A 1052 23.84 -54.57 -5.75
N PRO A 1053 23.25 -53.91 -6.74
CA PRO A 1053 22.27 -52.84 -6.46
C PRO A 1053 20.94 -53.42 -6.00
N GLN A 1054 20.34 -52.76 -5.01
CA GLN A 1054 19.05 -53.14 -4.47
C GLN A 1054 18.07 -51.96 -4.60
N SER A 1055 16.83 -52.22 -4.25
CA SER A 1055 15.78 -51.21 -4.33
C SER A 1055 15.68 -50.44 -3.02
N ALA A 1056 15.35 -49.15 -3.13
CA ALA A 1056 15.22 -48.26 -2.00
C ALA A 1056 14.09 -47.28 -2.25
N PRO A 1057 13.34 -46.91 -1.22
CA PRO A 1057 12.26 -45.92 -1.40
C PRO A 1057 12.84 -44.55 -1.67
N HIS A 1058 12.51 -43.99 -2.84
CA HIS A 1058 13.00 -42.68 -3.28
C HIS A 1058 14.52 -42.65 -3.31
N GLY A 1059 15.14 -43.71 -3.81
CA GLY A 1059 16.57 -43.77 -3.90
C GLY A 1059 17.02 -45.14 -4.40
N VAL A 1060 18.33 -45.37 -4.27
CA VAL A 1060 18.93 -46.63 -4.69
C VAL A 1060 20.17 -46.87 -3.84
N VAL A 1061 20.42 -48.15 -3.54
CA VAL A 1061 21.57 -48.54 -2.73
C VAL A 1061 22.47 -49.45 -3.57
N PHE A 1062 23.75 -49.48 -3.20
CA PHE A 1062 24.75 -50.28 -3.90
C PHE A 1062 25.57 -51.05 -2.89
N LEU A 1063 25.70 -52.35 -3.10
CA LEU A 1063 26.49 -53.24 -2.25
C LEU A 1063 27.69 -53.71 -3.05
N HIS A 1064 28.77 -52.92 -3.00
CA HIS A 1064 29.97 -53.23 -3.76
C HIS A 1064 30.76 -54.35 -3.09
N VAL A 1065 31.72 -54.90 -3.85
CA VAL A 1065 32.62 -55.94 -3.37
C VAL A 1065 34.02 -55.36 -3.42
N THR A 1066 34.55 -54.94 -2.28
CA THR A 1066 35.87 -54.34 -2.21
C THR A 1066 36.94 -55.39 -1.94
N TYR A 1067 38.19 -54.98 -2.17
CA TYR A 1067 39.35 -55.86 -2.00
C TYR A 1067 40.41 -55.08 -1.22
N VAL A 1068 40.45 -55.29 0.09
CA VAL A 1068 41.41 -54.59 0.94
C VAL A 1068 42.34 -55.60 1.61
N PRO A 1069 43.61 -55.29 1.78
CA PRO A 1069 44.53 -56.22 2.43
C PRO A 1069 44.44 -56.15 3.95
N ALA A 1070 44.75 -57.28 4.59
CA ALA A 1070 44.73 -57.37 6.05
C ALA A 1070 46.11 -57.62 6.62
N GLN A 1071 46.81 -58.66 6.17
CA GLN A 1071 48.13 -59.00 6.66
C GLN A 1071 49.18 -58.73 5.58
N GLU A 1072 50.36 -58.30 6.01
CA GLU A 1072 51.45 -58.01 5.09
C GLU A 1072 52.78 -58.19 5.81
N LYS A 1073 53.82 -58.43 5.01
CA LYS A 1073 55.17 -58.61 5.53
C LYS A 1073 56.15 -57.77 4.71
N ASN A 1074 57.29 -57.46 5.32
CA ASN A 1074 58.32 -56.66 4.68
C ASN A 1074 59.37 -57.58 4.05
N PHE A 1075 59.73 -57.28 2.81
CA PHE A 1075 60.72 -58.08 2.09
C PHE A 1075 61.69 -57.15 1.37
N THR A 1076 62.89 -57.64 1.14
CA THR A 1076 63.91 -56.88 0.42
C THR A 1076 63.67 -57.01 -1.08
N THR A 1077 63.55 -55.87 -1.76
CA THR A 1077 63.25 -55.83 -3.18
C THR A 1077 64.49 -55.41 -3.97
N ALA A 1078 64.43 -55.64 -5.28
CA ALA A 1078 65.50 -55.30 -6.20
C ALA A 1078 64.89 -54.82 -7.51
N PRO A 1079 65.44 -53.74 -8.09
CA PRO A 1079 64.84 -53.18 -9.31
C PRO A 1079 65.19 -53.97 -10.56
N ALA A 1080 66.38 -54.55 -10.60
CA ALA A 1080 66.86 -55.26 -11.78
C ALA A 1080 67.77 -56.40 -11.35
N ILE A 1081 68.13 -57.24 -12.32
CA ILE A 1081 69.02 -58.37 -12.10
C ILE A 1081 70.09 -58.37 -13.19
N CYS A 1082 71.35 -58.31 -12.78
CA CYS A 1082 72.48 -58.54 -13.68
C CYS A 1082 72.98 -59.96 -13.47
N HIS A 1083 72.86 -60.79 -14.51
CA HIS A 1083 73.27 -62.19 -14.46
C HIS A 1083 74.59 -62.43 -15.17
N ASP A 1084 74.73 -61.95 -16.41
CA ASP A 1084 75.96 -62.11 -17.18
C ASP A 1084 76.40 -60.80 -17.83
N GLY A 1085 75.73 -59.69 -17.53
CA GLY A 1085 76.07 -58.42 -18.12
C GLY A 1085 74.84 -57.66 -18.61
N LYS A 1086 73.68 -58.30 -18.57
CA LYS A 1086 72.43 -57.71 -19.00
C LYS A 1086 71.47 -57.59 -17.82
N ALA A 1087 70.64 -56.55 -17.86
CA ALA A 1087 69.68 -56.30 -16.79
C ALA A 1087 68.35 -56.97 -17.11
N HIS A 1088 67.77 -57.64 -16.12
CA HIS A 1088 66.49 -58.31 -16.25
C HIS A 1088 65.42 -57.49 -15.54
N PHE A 1089 64.37 -57.12 -16.27
CA PHE A 1089 63.29 -56.33 -15.71
C PHE A 1089 61.99 -57.12 -15.74
N PRO A 1090 61.18 -57.05 -14.68
CA PRO A 1090 59.91 -57.79 -14.65
C PRO A 1090 58.86 -57.11 -15.51
N ARG A 1091 57.77 -57.83 -15.72
CA ARG A 1091 56.65 -57.35 -16.52
C ARG A 1091 55.42 -56.99 -15.70
N GLU A 1092 55.03 -57.84 -14.74
CA GLU A 1092 53.83 -57.58 -13.95
C GLU A 1092 54.15 -57.60 -12.46
N GLY A 1093 55.14 -58.38 -12.06
CA GLY A 1093 55.51 -58.52 -10.67
C GLY A 1093 56.74 -57.73 -10.29
N VAL A 1094 57.30 -58.06 -9.14
CA VAL A 1094 58.52 -57.43 -8.63
C VAL A 1094 59.34 -58.48 -7.89
N PHE A 1095 60.66 -58.34 -7.96
CA PHE A 1095 61.55 -59.29 -7.31
C PHE A 1095 61.58 -59.04 -5.80
N VAL A 1096 61.31 -60.09 -5.02
CA VAL A 1096 61.31 -60.00 -3.57
C VAL A 1096 62.32 -61.00 -3.02
N SER A 1097 62.65 -60.82 -1.74
CA SER A 1097 63.61 -61.67 -1.06
C SER A 1097 63.36 -61.59 0.44
N ASN A 1098 63.39 -62.75 1.10
CA ASN A 1098 63.14 -62.82 2.54
C ASN A 1098 64.41 -63.06 3.35
N GLY A 1099 65.57 -62.95 2.72
CA GLY A 1099 66.83 -63.01 3.44
C GLY A 1099 67.91 -63.85 2.79
N THR A 1100 67.52 -64.95 2.13
CA THR A 1100 68.48 -65.78 1.42
C THR A 1100 68.01 -66.23 0.04
N HIS A 1101 66.71 -66.23 -0.25
CA HIS A 1101 66.17 -66.68 -1.52
C HIS A 1101 65.75 -65.48 -2.36
N TRP A 1102 65.24 -65.76 -3.56
CA TRP A 1102 64.80 -64.71 -4.46
C TRP A 1102 63.61 -65.22 -5.26
N PHE A 1103 62.46 -64.57 -5.10
CA PHE A 1103 61.24 -64.90 -5.81
C PHE A 1103 60.67 -63.64 -6.46
N VAL A 1104 59.57 -63.81 -7.17
CA VAL A 1104 58.88 -62.70 -7.83
C VAL A 1104 57.39 -62.81 -7.53
N THR A 1105 56.78 -61.69 -7.15
CA THR A 1105 55.36 -61.64 -6.85
C THR A 1105 54.82 -60.27 -7.25
N GLN A 1106 53.50 -60.20 -7.38
CA GLN A 1106 52.85 -58.95 -7.74
C GLN A 1106 52.70 -58.05 -6.52
N ARG A 1107 52.29 -56.81 -6.77
CA ARG A 1107 52.13 -55.81 -5.73
C ARG A 1107 50.77 -55.88 -5.04
N ASN A 1108 49.97 -56.89 -5.33
CA ASN A 1108 48.65 -57.03 -4.73
C ASN A 1108 48.47 -58.31 -3.93
N PHE A 1109 49.27 -59.35 -4.19
CA PHE A 1109 49.16 -60.61 -3.45
C PHE A 1109 50.51 -61.29 -3.45
N TYR A 1110 50.79 -62.01 -2.36
CA TYR A 1110 52.06 -62.71 -2.20
C TYR A 1110 51.97 -64.07 -2.87
N GLU A 1111 52.61 -64.21 -4.01
CA GLU A 1111 52.67 -65.49 -4.75
C GLU A 1111 54.13 -65.75 -5.13
N PRO A 1112 54.84 -66.57 -4.35
CA PRO A 1112 56.26 -66.81 -4.67
C PRO A 1112 56.41 -67.70 -5.91
N GLN A 1113 57.23 -67.24 -6.84
CA GLN A 1113 57.50 -67.98 -8.06
C GLN A 1113 58.99 -67.96 -8.35
N ILE A 1114 59.45 -68.94 -9.11
CA ILE A 1114 60.85 -69.05 -9.48
C ILE A 1114 61.16 -68.07 -10.61
N ILE A 1115 62.32 -67.43 -10.53
CA ILE A 1115 62.74 -66.47 -11.56
C ILE A 1115 62.98 -67.24 -12.85
N THR A 1116 62.12 -67.04 -13.83
CA THR A 1116 62.18 -67.74 -15.11
C THR A 1116 62.38 -66.72 -16.24
N THR A 1117 62.31 -67.21 -17.48
CA THR A 1117 62.48 -66.36 -18.65
C THR A 1117 61.17 -65.80 -19.17
N ASP A 1118 60.06 -66.52 -18.96
CA ASP A 1118 58.78 -66.10 -19.52
C ASP A 1118 58.22 -64.84 -18.86
N ASN A 1119 58.68 -64.51 -17.65
CA ASN A 1119 58.19 -63.34 -16.93
C ASN A 1119 59.16 -62.17 -16.94
N THR A 1120 60.36 -62.34 -17.48
CA THR A 1120 61.37 -61.30 -17.52
C THR A 1120 61.83 -61.05 -18.95
N PHE A 1121 62.56 -59.95 -19.12
CA PHE A 1121 63.12 -59.60 -20.42
C PHE A 1121 64.39 -58.78 -20.20
N VAL A 1122 65.19 -58.68 -21.26
CA VAL A 1122 66.48 -58.00 -21.20
C VAL A 1122 66.44 -56.76 -22.08
N SER A 1123 67.27 -55.77 -21.72
CA SER A 1123 67.37 -54.54 -22.50
C SER A 1123 68.69 -53.86 -22.14
N GLY A 1124 69.60 -53.79 -23.10
CA GLY A 1124 70.87 -53.13 -22.85
C GLY A 1124 71.74 -53.91 -21.89
N ASN A 1125 72.46 -53.18 -21.04
CA ASN A 1125 73.32 -53.79 -20.04
C ASN A 1125 72.79 -53.48 -18.64
N CYS A 1126 73.39 -54.13 -17.64
CA CYS A 1126 72.96 -53.93 -16.26
C CYS A 1126 73.58 -52.68 -15.64
N ASP A 1127 74.70 -52.20 -16.19
CA ASP A 1127 75.34 -50.97 -15.70
C ASP A 1127 74.53 -49.75 -16.13
N VAL A 1128 73.26 -49.77 -15.76
CA VAL A 1128 72.36 -48.64 -15.98
C VAL A 1128 71.66 -48.20 -14.71
N VAL A 1129 71.54 -49.07 -13.70
CA VAL A 1129 70.85 -48.75 -12.46
C VAL A 1129 71.89 -48.38 -11.40
N ILE A 1130 71.57 -47.36 -10.60
CA ILE A 1130 72.51 -46.93 -9.56
C ILE A 1130 72.64 -47.98 -8.48
N GLY A 1131 71.60 -48.76 -8.23
CA GLY A 1131 71.66 -49.83 -7.26
C GLY A 1131 71.17 -51.15 -7.80
N ILE A 1132 72.06 -52.14 -7.87
CA ILE A 1132 71.75 -53.45 -8.42
C ILE A 1132 72.47 -54.53 -7.61
N VAL A 1133 71.96 -55.74 -7.71
CA VAL A 1133 72.55 -56.91 -7.04
C VAL A 1133 72.74 -58.01 -8.08
N ASN A 1134 73.43 -59.07 -7.66
CA ASN A 1134 73.71 -60.21 -8.52
C ASN A 1134 72.74 -61.34 -8.18
N ASN A 1135 72.09 -61.89 -9.21
CA ASN A 1135 71.13 -62.97 -9.02
C ASN A 1135 71.15 -63.87 -10.25
N THR A 1136 70.95 -65.16 -10.02
CA THR A 1136 70.98 -66.15 -11.08
C THR A 1136 69.58 -66.40 -11.64
N VAL A 1137 69.55 -66.98 -12.84
CA VAL A 1137 68.31 -67.30 -13.54
C VAL A 1137 68.15 -68.81 -13.59
N TYR A 1138 66.93 -69.28 -13.35
CA TYR A 1138 66.68 -70.72 -13.36
C TYR A 1138 66.82 -71.30 -14.76
N ASP A 1139 66.56 -70.50 -15.81
CA ASP A 1139 66.69 -70.90 -17.20
C ASP A 1139 65.91 -72.18 -17.49
N PRO A 1140 64.59 -72.11 -17.55
CA PRO A 1140 63.78 -73.32 -17.76
C PRO A 1140 63.82 -73.87 -19.18
N LEU A 1141 64.74 -73.39 -20.02
CA LEU A 1141 64.91 -73.92 -21.37
C LEU A 1141 66.18 -74.74 -21.54
N GLN A 1142 67.19 -74.55 -20.67
CA GLN A 1142 68.46 -75.26 -20.85
C GLN A 1142 68.34 -76.76 -20.55
N PRO A 1143 67.76 -77.20 -19.44
CA PRO A 1143 67.72 -78.65 -19.17
C PRO A 1143 66.77 -79.43 -20.05
N GLU A 1144 66.01 -78.78 -20.94
CA GLU A 1144 65.08 -79.47 -21.81
C GLU A 1144 65.70 -79.88 -23.14
N LEU A 1145 66.76 -79.20 -23.57
CA LEU A 1145 67.43 -79.53 -24.83
C LEU A 1145 68.47 -80.62 -24.69
N ASP A 1146 68.76 -81.07 -23.48
CA ASP A 1146 69.74 -82.12 -23.26
C ASP A 1146 69.17 -83.48 -23.64
N GLN B 14 30.29 55.56 -0.48
CA GLN B 14 30.17 56.30 -1.73
C GLN B 14 31.13 55.74 -2.79
N CYS B 15 30.77 55.96 -4.06
CA CYS B 15 31.58 55.48 -5.17
C CYS B 15 31.62 56.53 -6.26
N VAL B 16 32.65 56.43 -7.11
CA VAL B 16 32.81 57.32 -8.25
C VAL B 16 32.80 56.50 -9.53
N ASN B 17 32.67 57.19 -10.65
CA ASN B 17 32.65 56.57 -11.96
C ASN B 17 34.04 56.58 -12.58
N LEU B 18 34.25 55.68 -13.53
CA LEU B 18 35.52 55.54 -14.22
C LEU B 18 35.46 56.23 -15.58
N THR B 19 36.62 56.25 -16.25
CA THR B 19 36.74 56.83 -17.58
C THR B 19 37.03 55.71 -18.59
N THR B 20 36.44 55.84 -19.78
CA THR B 20 36.63 54.83 -20.81
C THR B 20 38.07 54.83 -21.29
N ARG B 21 38.66 53.64 -21.37
CA ARG B 21 40.06 53.50 -21.76
C ARG B 21 40.23 52.18 -22.51
N THR B 22 41.44 51.94 -22.99
CA THR B 22 41.75 50.71 -23.70
C THR B 22 42.00 49.58 -22.70
N GLN B 23 41.23 48.50 -22.83
CA GLN B 23 41.34 47.34 -21.96
C GLN B 23 41.82 46.13 -22.75
N LEU B 24 41.90 45.00 -22.08
CA LEU B 24 42.33 43.76 -22.69
C LEU B 24 41.21 42.71 -22.61
N PRO B 25 40.95 41.98 -23.68
CA PRO B 25 39.88 40.98 -23.66
C PRO B 25 40.32 39.75 -22.88
N PRO B 26 39.38 39.06 -22.23
CA PRO B 26 39.74 37.86 -21.47
C PRO B 26 40.04 36.68 -22.40
N ALA B 27 40.94 35.82 -21.94
CA ALA B 27 41.37 34.65 -22.68
C ALA B 27 40.76 33.39 -22.08
N TYR B 28 40.91 32.28 -22.80
CA TYR B 28 40.41 30.98 -22.38
C TYR B 28 41.57 30.02 -22.23
N THR B 29 41.73 29.45 -21.04
CA THR B 29 42.78 28.50 -20.73
C THR B 29 42.17 27.16 -20.35
N ASN B 30 43.03 26.21 -19.99
CA ASN B 30 42.61 24.87 -19.63
C ASN B 30 43.02 24.56 -18.20
N SER B 31 42.17 23.83 -17.49
CA SER B 31 42.46 23.42 -16.12
C SER B 31 43.11 22.03 -16.12
N PHE B 32 43.85 21.76 -15.05
CA PHE B 32 44.59 20.49 -14.91
C PHE B 32 44.40 19.99 -13.47
N THR B 33 43.39 19.15 -13.27
CA THR B 33 43.09 18.51 -11.99
C THR B 33 42.92 19.56 -10.88
N ARG B 34 41.91 20.42 -11.07
CA ARG B 34 41.59 21.47 -10.12
C ARG B 34 40.10 21.43 -9.79
N GLY B 35 39.77 21.85 -8.58
CA GLY B 35 38.39 21.90 -8.15
C GLY B 35 37.93 20.68 -7.39
N VAL B 36 38.76 20.18 -6.48
CA VAL B 36 38.44 19.02 -5.66
C VAL B 36 38.44 19.44 -4.20
N TYR B 37 37.35 19.12 -3.49
CA TYR B 37 37.19 19.46 -2.09
C TYR B 37 36.59 18.27 -1.36
N TYR B 38 36.40 18.43 -0.06
CA TYR B 38 35.80 17.37 0.74
C TYR B 38 34.28 17.39 0.58
N PRO B 39 33.67 16.31 0.08
CA PRO B 39 32.23 16.32 -0.16
C PRO B 39 31.38 16.07 1.07
N ASP B 40 31.99 15.78 2.22
CA ASP B 40 31.25 15.49 3.44
C ASP B 40 32.11 15.84 4.64
N LYS B 41 31.54 15.66 5.84
CA LYS B 41 32.23 15.96 7.08
C LYS B 41 32.49 14.71 7.90
N VAL B 42 32.72 13.58 7.22
CA VAL B 42 33.03 12.31 7.89
C VAL B 42 34.41 11.85 7.42
N PHE B 43 34.94 10.86 8.14
CA PHE B 43 36.27 10.35 7.89
C PHE B 43 36.22 9.08 7.06
N ARG B 44 37.10 8.98 6.07
CA ARG B 44 37.20 7.83 5.19
C ARG B 44 38.66 7.46 4.99
N SER B 45 38.94 6.16 5.00
CA SER B 45 40.31 5.67 4.82
C SER B 45 40.29 4.32 4.12
N SER B 46 41.16 4.16 3.13
CA SER B 46 41.32 2.91 2.37
C SER B 46 39.99 2.44 1.79
N VAL B 47 39.19 3.39 1.29
CA VAL B 47 37.91 3.07 0.66
C VAL B 47 37.76 3.94 -0.57
N LEU B 48 37.14 3.37 -1.61
CA LEU B 48 36.91 4.06 -2.88
C LEU B 48 35.40 4.28 -3.00
N HIS B 49 34.93 5.41 -2.50
CA HIS B 49 33.52 5.75 -2.48
C HIS B 49 33.23 6.92 -3.41
N SER B 50 32.08 6.86 -4.08
CA SER B 50 31.65 7.91 -5.01
C SER B 50 30.41 8.60 -4.48
N THR B 51 30.31 9.90 -4.77
CA THR B 51 29.17 10.70 -4.35
C THR B 51 28.77 11.61 -5.50
N GLN B 52 27.58 12.21 -5.38
CA GLN B 52 27.02 13.10 -6.39
C GLN B 52 26.95 14.51 -5.81
N ASP B 53 27.97 15.31 -6.10
CA ASP B 53 28.04 16.69 -5.64
C ASP B 53 28.52 17.58 -6.78
N LEU B 54 28.58 18.88 -6.51
CA LEU B 54 28.96 19.87 -7.53
C LEU B 54 30.48 19.98 -7.54
N PHE B 55 31.09 19.43 -8.58
CA PHE B 55 32.54 19.46 -8.76
C PHE B 55 32.87 20.07 -10.13
N LEU B 56 34.17 20.21 -10.40
CA LEU B 56 34.63 20.78 -11.66
C LEU B 56 35.14 19.69 -12.58
N PRO B 57 34.64 19.60 -13.81
CA PRO B 57 35.16 18.59 -14.74
C PRO B 57 36.57 18.92 -15.19
N PHE B 58 37.40 17.88 -15.27
CA PHE B 58 38.79 18.05 -15.66
C PHE B 58 38.91 18.29 -17.16
N PHE B 59 39.98 19.00 -17.54
CA PHE B 59 40.27 19.30 -18.94
C PHE B 59 39.11 20.04 -19.61
N SER B 60 38.50 20.97 -18.87
CA SER B 60 37.38 21.75 -19.36
C SER B 60 37.83 23.18 -19.68
N ASN B 61 37.00 23.87 -20.45
CA ASN B 61 37.29 25.25 -20.83
C ASN B 61 36.91 26.19 -19.69
N VAL B 62 37.89 26.92 -19.18
CA VAL B 62 37.67 27.85 -18.08
C VAL B 62 38.10 29.24 -18.53
N THR B 63 37.49 30.26 -17.94
CA THR B 63 37.80 31.63 -18.29
C THR B 63 39.05 32.10 -17.54
N TRP B 64 39.67 33.15 -18.08
CA TRP B 64 40.89 33.72 -17.50
C TRP B 64 40.81 35.24 -17.57
N PHE B 65 40.96 35.88 -16.41
CA PHE B 65 40.95 37.33 -16.30
C PHE B 65 42.25 37.82 -15.70
N HIS B 66 42.80 38.89 -16.26
CA HIS B 66 44.06 39.44 -15.82
C HIS B 66 43.85 40.63 -14.89
N ALA B 67 44.88 40.90 -14.08
CA ALA B 67 44.85 42.04 -13.16
C ALA B 67 46.16 42.80 -13.12
N ILE B 68 47.08 42.54 -14.06
CA ILE B 68 48.36 43.23 -14.06
C ILE B 68 48.20 44.63 -14.65
N HIS B 69 49.14 45.51 -14.31
CA HIS B 69 49.12 46.88 -14.80
C HIS B 69 49.85 47.00 -16.14
N VAL B 70 51.11 46.60 -16.19
CA VAL B 70 51.89 46.67 -17.42
C VAL B 70 51.84 45.34 -18.15
N THR B 76 47.83 47.85 -21.59
CA THR B 76 48.10 48.22 -20.20
C THR B 76 46.83 48.67 -19.50
N LYS B 77 46.93 48.87 -18.18
CA LYS B 77 45.81 49.31 -17.35
C LYS B 77 44.63 48.33 -17.46
N ARG B 78 44.88 47.09 -17.05
CA ARG B 78 43.88 46.03 -17.10
C ARG B 78 43.08 46.04 -15.81
N PHE B 79 41.79 46.35 -15.91
CA PHE B 79 40.90 46.37 -14.74
C PHE B 79 39.51 45.98 -15.22
N ASP B 80 39.17 44.69 -15.09
CA ASP B 80 37.87 44.17 -15.51
C ASP B 80 37.24 43.43 -14.33
N ASN B 81 36.06 43.88 -13.92
CA ASN B 81 35.30 43.25 -12.84
C ASN B 81 33.84 43.21 -13.24
N PRO B 82 33.44 42.24 -14.07
CA PRO B 82 32.06 42.17 -14.54
C PRO B 82 31.16 41.49 -13.51
N VAL B 83 29.86 41.62 -13.74
CA VAL B 83 28.84 41.02 -12.87
C VAL B 83 28.50 39.66 -13.49
N LEU B 84 29.17 38.62 -13.00
CA LEU B 84 28.97 37.27 -13.52
C LEU B 84 27.82 36.59 -12.77
N PRO B 85 27.02 35.78 -13.46
CA PRO B 85 25.92 35.08 -12.79
C PRO B 85 26.43 33.97 -11.90
N PHE B 86 25.91 33.92 -10.68
CA PHE B 86 26.30 32.90 -9.71
C PHE B 86 25.44 31.66 -9.91
N ASN B 87 26.09 30.54 -10.24
CA ASN B 87 25.42 29.27 -10.45
C ASN B 87 25.52 28.41 -9.20
N ASP B 88 25.06 27.17 -9.29
CA ASP B 88 25.11 26.23 -8.17
C ASP B 88 26.54 25.73 -8.03
N GLY B 89 27.32 26.45 -7.23
CA GLY B 89 28.71 26.08 -7.01
C GLY B 89 29.66 26.71 -8.01
N VAL B 90 30.65 27.46 -7.52
CA VAL B 90 31.65 28.10 -8.36
C VAL B 90 33.03 27.66 -7.88
N TYR B 91 34.03 27.94 -8.72
CA TYR B 91 35.42 27.63 -8.41
C TYR B 91 36.26 28.87 -8.68
N PHE B 92 36.76 29.50 -7.62
CA PHE B 92 37.54 30.73 -7.71
C PHE B 92 38.96 30.43 -7.23
N ALA B 93 39.87 30.21 -8.18
CA ALA B 93 41.26 29.93 -7.89
C ALA B 93 42.10 31.16 -8.24
N SER B 94 42.98 31.55 -7.33
CA SER B 94 43.81 32.73 -7.52
C SER B 94 45.23 32.43 -7.04
N THR B 95 46.21 32.64 -7.92
CA THR B 95 47.62 32.51 -7.56
C THR B 95 48.11 33.81 -6.92
N GLU B 96 47.61 34.05 -5.72
CA GLU B 96 47.85 35.32 -5.03
C GLU B 96 49.30 35.40 -4.54
N LYS B 97 49.89 36.58 -4.72
CA LYS B 97 51.26 36.85 -4.27
C LYS B 97 51.32 37.94 -3.22
N SER B 98 50.72 39.11 -3.49
CA SER B 98 50.81 40.25 -2.59
C SER B 98 49.46 40.66 -2.02
N ASN B 99 48.46 39.77 -2.09
CA ASN B 99 47.14 40.00 -1.49
C ASN B 99 46.47 41.24 -2.08
N ILE B 100 46.15 41.16 -3.36
CA ILE B 100 45.46 42.25 -4.06
C ILE B 100 43.95 42.15 -3.90
N ILE B 101 43.38 40.97 -4.17
CA ILE B 101 41.95 40.78 -4.05
C ILE B 101 41.57 40.73 -2.58
N ARG B 102 40.67 41.62 -2.16
CA ARG B 102 40.30 41.74 -0.75
C ARG B 102 39.10 40.85 -0.40
N GLY B 103 37.97 41.06 -1.06
CA GLY B 103 36.77 40.32 -0.75
C GLY B 103 35.84 40.10 -1.92
N TRP B 104 34.65 39.57 -1.64
CA TRP B 104 33.66 39.27 -2.66
C TRP B 104 32.29 39.73 -2.20
N ILE B 105 31.44 40.07 -3.16
CA ILE B 105 30.07 40.50 -2.88
C ILE B 105 29.11 39.54 -3.58
N PHE B 106 27.87 39.52 -3.08
CA PHE B 106 26.83 38.67 -3.65
C PHE B 106 25.52 39.43 -3.66
N GLY B 107 24.59 38.97 -4.48
CA GLY B 107 23.30 39.60 -4.59
C GLY B 107 22.61 39.18 -5.88
N THR B 108 21.43 39.77 -6.07
CA THR B 108 20.61 39.50 -7.25
C THR B 108 20.53 40.72 -8.18
N THR B 109 20.12 41.88 -7.66
CA THR B 109 20.02 43.10 -8.44
C THR B 109 20.93 44.21 -7.96
N LEU B 110 21.41 44.17 -6.72
CA LEU B 110 22.35 45.15 -6.17
C LEU B 110 21.77 46.57 -6.22
N ASP B 111 20.59 46.72 -5.63
CA ASP B 111 19.94 48.03 -5.53
C ASP B 111 19.30 48.22 -4.16
N SER B 112 19.86 47.59 -3.13
CA SER B 112 19.31 47.62 -1.77
C SER B 112 17.87 47.12 -1.76
N LYS B 113 17.65 45.97 -2.39
CA LYS B 113 16.34 45.33 -2.44
C LYS B 113 16.35 43.90 -1.90
N THR B 114 17.44 43.17 -2.04
CA THR B 114 17.58 41.82 -1.52
C THR B 114 18.60 41.81 -0.38
N GLN B 115 18.90 40.60 0.11
CA GLN B 115 19.86 40.42 1.20
C GLN B 115 21.22 40.16 0.57
N SER B 116 21.97 41.24 0.32
CA SER B 116 23.29 41.12 -0.27
C SER B 116 24.29 40.61 0.76
N LEU B 117 25.40 40.07 0.26
CA LEU B 117 26.47 39.55 1.10
C LEU B 117 27.72 40.39 0.93
N LEU B 118 28.53 40.44 1.99
CA LEU B 118 29.79 41.19 1.99
C LEU B 118 30.80 40.42 2.81
N ILE B 119 31.62 39.60 2.14
CA ILE B 119 32.69 38.86 2.79
C ILE B 119 34.02 39.47 2.38
N VAL B 120 34.53 40.39 3.18
CA VAL B 120 35.76 41.11 2.87
C VAL B 120 36.83 40.68 3.86
N ASN B 121 38.09 40.76 3.42
CA ASN B 121 39.26 40.42 4.24
C ASN B 121 40.12 41.66 4.34
N ASN B 122 39.91 42.45 5.40
CA ASN B 122 40.66 43.67 5.61
C ASN B 122 41.97 43.36 6.34
N ALA B 123 42.70 44.41 6.72
CA ALA B 123 43.96 44.25 7.42
C ALA B 123 43.81 44.04 8.92
N THR B 124 42.58 44.10 9.44
CA THR B 124 42.32 43.92 10.86
C THR B 124 41.58 42.62 11.16
N ASN B 125 40.44 42.40 10.51
CA ASN B 125 39.66 41.19 10.74
C ASN B 125 38.77 40.93 9.53
N VAL B 126 38.28 39.71 9.44
CA VAL B 126 37.39 39.31 8.36
C VAL B 126 35.96 39.68 8.75
N VAL B 127 35.27 40.39 7.87
CA VAL B 127 33.92 40.88 8.12
C VAL B 127 32.97 40.16 7.18
N ILE B 128 32.08 39.36 7.74
CA ILE B 128 31.04 38.66 6.98
C ILE B 128 29.71 39.26 7.42
N LYS B 129 29.21 40.22 6.64
CA LYS B 129 28.01 40.97 6.99
C LYS B 129 26.99 40.83 5.86
N VAL B 130 25.93 40.07 6.13
CA VAL B 130 24.85 39.87 5.17
C VAL B 130 23.77 40.89 5.51
N CYS B 131 23.71 41.97 4.73
CA CYS B 131 22.82 43.09 5.00
C CYS B 131 22.37 43.68 3.66
N GLU B 132 21.87 44.91 3.70
CA GLU B 132 21.27 45.52 2.51
C GLU B 132 22.06 46.74 2.08
N PHE B 133 23.38 46.61 2.02
CA PHE B 133 24.25 47.72 1.64
C PHE B 133 23.93 48.21 0.23
N GLN B 134 24.27 49.47 -0.03
CA GLN B 134 24.04 50.10 -1.34
C GLN B 134 25.28 49.86 -2.20
N PHE B 135 25.24 48.78 -2.98
CA PHE B 135 26.36 48.44 -3.85
C PHE B 135 26.33 49.31 -5.10
N CYS B 136 27.47 49.91 -5.42
CA CYS B 136 27.58 50.81 -6.55
C CYS B 136 27.91 50.02 -7.82
N ASN B 137 28.24 50.73 -8.89
CA ASN B 137 28.55 50.06 -10.16
C ASN B 137 29.87 49.30 -10.09
N ASP B 138 30.85 49.81 -9.34
CA ASP B 138 32.15 49.17 -9.24
C ASP B 138 32.81 49.54 -7.91
N PRO B 139 32.55 48.75 -6.86
CA PRO B 139 33.21 49.00 -5.56
C PRO B 139 34.62 48.43 -5.57
N PHE B 140 35.58 49.25 -5.15
CA PHE B 140 36.98 48.85 -5.13
C PHE B 140 37.67 49.45 -3.92
N LEU B 141 38.69 48.76 -3.44
CA LEU B 141 39.47 49.23 -2.29
C LEU B 141 40.60 50.14 -2.76
N GLY B 142 40.99 51.07 -1.89
CA GLY B 142 42.04 52.01 -2.21
C GLY B 142 43.16 52.04 -1.20
N VAL B 143 44.39 51.86 -1.67
CA VAL B 143 45.58 51.87 -0.82
C VAL B 143 46.41 53.09 -1.18
N TYR B 144 46.57 54.00 -0.23
CA TYR B 144 47.35 55.21 -0.42
C TYR B 144 48.72 55.07 0.25
N TYR B 145 49.73 55.61 -0.40
CA TYR B 145 51.11 55.55 0.09
C TYR B 145 51.45 56.86 0.78
N HIS B 146 51.81 56.78 2.06
CA HIS B 146 52.15 57.97 2.82
C HIS B 146 53.58 58.42 2.53
N LYS B 147 53.82 59.72 2.71
CA LYS B 147 55.14 60.27 2.42
C LYS B 147 56.10 60.10 3.59
N ASN B 148 55.66 60.46 4.80
CA ASN B 148 56.51 60.33 5.98
C ASN B 148 56.58 58.89 6.48
N ASN B 149 55.56 58.10 6.23
CA ASN B 149 55.51 56.70 6.66
C ASN B 149 55.71 55.82 5.43
N LYS B 150 56.75 54.99 5.47
CA LYS B 150 57.11 54.14 4.34
C LYS B 150 56.37 52.80 4.45
N SER B 151 55.06 52.88 4.33
CA SER B 151 54.22 51.69 4.42
C SER B 151 52.92 51.96 3.68
N TRP B 152 52.37 50.90 3.09
CA TRP B 152 51.13 50.99 2.32
C TRP B 152 49.94 50.80 3.27
N MET B 153 49.12 51.84 3.39
CA MET B 153 47.96 51.82 4.27
C MET B 153 46.70 52.03 3.45
N GLU B 154 45.62 51.35 3.84
CA GLU B 154 44.34 51.49 3.16
C GLU B 154 43.58 52.67 3.74
N SER B 155 43.17 53.59 2.87
CA SER B 155 42.44 54.79 3.30
C SER B 155 41.12 54.96 2.56
N GLU B 156 41.06 54.60 1.27
CA GLU B 156 39.84 54.75 0.47
C GLU B 156 38.99 53.51 0.68
N PHE B 157 38.03 53.60 1.61
CA PHE B 157 37.13 52.49 1.90
C PHE B 157 35.80 52.77 1.18
N ARG B 158 35.78 52.42 -0.11
CA ARG B 158 34.63 52.65 -0.97
C ARG B 158 34.07 51.29 -1.40
N VAL B 159 33.21 50.73 -0.56
CA VAL B 159 32.53 49.47 -0.85
C VAL B 159 31.02 49.64 -0.93
N TYR B 160 30.44 50.47 -0.07
CA TYR B 160 29.01 50.72 -0.07
C TYR B 160 28.75 52.13 0.44
N SER B 161 27.49 52.56 0.31
CA SER B 161 27.08 53.90 0.72
C SER B 161 26.52 53.91 2.14
N SER B 162 25.46 53.15 2.39
CA SER B 162 24.82 53.13 3.71
C SER B 162 24.02 51.84 3.83
N ALA B 163 23.42 51.65 5.00
CA ALA B 163 22.58 50.50 5.28
C ALA B 163 21.57 50.89 6.35
N ASN B 164 20.34 50.38 6.23
CA ASN B 164 19.25 50.77 7.11
C ASN B 164 19.02 49.77 8.24
N ASN B 165 18.75 48.52 7.91
CA ASN B 165 18.43 47.52 8.92
C ASN B 165 18.71 46.13 8.37
N CYS B 166 19.35 45.30 9.19
CA CYS B 166 19.60 43.91 8.84
C CYS B 166 19.70 43.11 10.14
N THR B 167 19.78 41.79 9.99
CA THR B 167 19.76 40.88 11.12
C THR B 167 21.06 40.13 11.33
N PHE B 168 21.62 39.55 10.27
CA PHE B 168 22.80 38.71 10.40
C PHE B 168 24.07 39.57 10.47
N GLU B 169 24.94 39.21 11.40
CA GLU B 169 26.24 39.88 11.55
C GLU B 169 27.19 38.91 12.23
N TYR B 170 28.29 38.57 11.55
CA TYR B 170 29.24 37.59 12.07
C TYR B 170 30.65 38.08 11.82
N VAL B 171 31.53 37.81 12.78
CA VAL B 171 32.95 38.17 12.69
C VAL B 171 33.77 36.89 12.71
N SER B 172 34.63 36.73 11.72
CA SER B 172 35.45 35.54 11.59
C SER B 172 36.77 35.75 12.33
N GLN B 173 37.72 34.82 12.14
CA GLN B 173 39.00 34.92 12.81
C GLN B 173 39.86 36.00 12.14
N PRO B 174 40.72 36.67 12.92
CA PRO B 174 41.59 37.69 12.33
C PRO B 174 42.64 37.07 11.43
N PHE B 175 42.96 37.77 10.34
CA PHE B 175 43.95 37.31 9.39
C PHE B 175 44.80 38.49 8.94
N LEU B 176 46.12 38.31 8.98
CA LEU B 176 47.05 39.36 8.59
C LEU B 176 47.29 39.31 7.09
N MET B 177 47.31 40.49 6.47
CA MET B 177 47.51 40.62 5.04
C MET B 177 48.61 41.63 4.76
N ASP B 178 49.25 41.48 3.60
CA ASP B 178 50.28 42.40 3.14
C ASP B 178 49.67 43.38 2.15
N LEU B 179 49.91 44.68 2.36
CA LEU B 179 49.35 45.72 1.52
C LEU B 179 50.32 46.20 0.45
N GLU B 180 51.56 45.72 0.44
CA GLU B 180 52.56 46.16 -0.51
C GLU B 180 52.47 45.30 -1.78
N GLY B 181 52.33 45.96 -2.92
CA GLY B 181 52.17 45.27 -4.20
C GLY B 181 53.41 45.41 -5.05
N LYS B 182 53.83 44.29 -5.64
CA LYS B 182 55.01 44.21 -6.49
C LYS B 182 54.61 43.78 -7.90
N GLN B 183 55.62 43.62 -8.76
CA GLN B 183 55.43 43.16 -10.13
C GLN B 183 56.21 41.88 -10.41
N GLY B 184 56.59 41.14 -9.37
CA GLY B 184 57.34 39.92 -9.52
C GLY B 184 56.44 38.71 -9.74
N ASN B 185 57.06 37.53 -9.65
CA ASN B 185 56.34 36.28 -9.85
C ASN B 185 55.57 35.91 -8.58
N PHE B 186 54.52 35.13 -8.78
CA PHE B 186 53.67 34.70 -7.68
C PHE B 186 54.34 33.58 -6.88
N LYS B 187 54.02 33.52 -5.59
CA LYS B 187 54.61 32.53 -4.70
C LYS B 187 53.58 31.66 -3.99
N ASN B 188 52.30 32.03 -4.01
CA ASN B 188 51.26 31.26 -3.34
C ASN B 188 50.07 31.08 -4.28
N LEU B 189 49.16 30.18 -3.89
CA LEU B 189 47.97 29.89 -4.66
C LEU B 189 46.81 29.68 -3.70
N ARG B 190 45.71 30.41 -3.93
CA ARG B 190 44.53 30.35 -3.08
C ARG B 190 43.32 29.96 -3.91
N GLU B 191 42.57 28.98 -3.42
CA GLU B 191 41.36 28.50 -4.09
C GLU B 191 40.16 28.73 -3.20
N PHE B 192 39.06 29.18 -3.79
CA PHE B 192 37.83 29.47 -3.05
C PHE B 192 36.66 28.82 -3.77
N VAL B 193 35.82 28.12 -3.01
CA VAL B 193 34.63 27.45 -3.52
C VAL B 193 33.43 27.95 -2.74
N PHE B 194 32.47 28.54 -3.45
CA PHE B 194 31.24 29.04 -2.85
C PHE B 194 30.06 28.23 -3.38
N LYS B 195 29.36 27.56 -2.48
CA LYS B 195 28.20 26.74 -2.84
C LYS B 195 26.98 27.22 -2.07
N ASN B 196 25.80 26.84 -2.57
CA ASN B 196 24.54 27.24 -1.95
C ASN B 196 23.55 26.09 -2.13
N ILE B 197 23.39 25.28 -1.09
CA ILE B 197 22.45 24.16 -1.09
C ILE B 197 21.52 24.33 0.11
N ASP B 198 20.21 24.32 -0.15
CA ASP B 198 19.19 24.46 0.88
C ASP B 198 19.36 25.76 1.67
N GLY B 199 19.89 26.80 1.03
CA GLY B 199 20.11 28.07 1.68
C GLY B 199 21.37 28.18 2.49
N TYR B 200 22.14 27.10 2.61
CA TYR B 200 23.37 27.12 3.40
C TYR B 200 24.55 27.49 2.52
N PHE B 201 25.40 28.36 3.04
CA PHE B 201 26.58 28.83 2.33
C PHE B 201 27.81 28.04 2.78
N LYS B 202 28.62 27.62 1.81
CA LYS B 202 29.82 26.84 2.05
C LYS B 202 31.03 27.58 1.52
N ILE B 203 32.12 27.57 2.29
CA ILE B 203 33.37 28.21 1.92
C ILE B 203 34.49 27.19 2.07
N TYR B 204 35.17 26.90 0.95
CA TYR B 204 36.28 25.95 0.93
C TYR B 204 37.53 26.71 0.53
N SER B 205 38.49 26.81 1.45
CA SER B 205 39.70 27.57 1.22
C SER B 205 40.91 26.83 1.80
N LYS B 206 42.01 26.85 1.05
CA LYS B 206 43.28 26.30 1.52
C LYS B 206 44.40 26.93 0.72
N HIS B 207 45.44 27.39 1.42
CA HIS B 207 46.58 28.02 0.77
C HIS B 207 47.62 26.97 0.40
N THR B 208 48.17 27.11 -0.81
CA THR B 208 49.16 26.17 -1.31
C THR B 208 50.29 26.92 -2.01
N PRO B 209 51.53 26.75 -1.58
CA PRO B 209 52.65 27.45 -2.23
C PRO B 209 52.99 26.83 -3.57
N ILE B 210 53.24 27.69 -4.55
CA ILE B 210 53.62 27.27 -5.90
C ILE B 210 54.44 28.38 -6.54
N ASN B 211 55.26 28.01 -7.51
CA ASN B 211 56.12 28.95 -8.23
C ASN B 211 55.76 28.87 -9.71
N LEU B 212 54.76 29.65 -10.13
CA LEU B 212 54.32 29.67 -11.51
C LEU B 212 53.54 30.94 -11.76
N VAL B 213 53.46 31.32 -13.04
CA VAL B 213 52.73 32.51 -13.45
C VAL B 213 51.37 32.10 -14.02
N ARG B 214 51.41 31.27 -15.06
CA ARG B 214 50.20 30.79 -15.72
C ARG B 214 50.34 29.30 -16.00
N ASP B 215 49.30 28.72 -16.60
CA ASP B 215 49.28 27.31 -16.98
C ASP B 215 49.51 26.42 -15.74
N LEU B 216 48.53 26.49 -14.83
CA LEU B 216 48.54 25.80 -13.54
C LEU B 216 49.01 24.35 -13.67
N PRO B 217 49.79 23.86 -12.71
CA PRO B 217 50.36 22.52 -12.82
C PRO B 217 49.30 21.45 -12.61
N GLN B 218 49.72 20.19 -12.76
CA GLN B 218 48.85 19.03 -12.60
C GLN B 218 48.87 18.48 -11.18
N GLY B 219 49.24 19.28 -10.20
CA GLY B 219 49.29 18.82 -8.83
C GLY B 219 47.90 18.60 -8.25
N PHE B 220 47.89 17.95 -7.08
CA PHE B 220 46.65 17.65 -6.37
C PHE B 220 46.68 18.29 -4.99
N SER B 221 45.57 18.90 -4.61
CA SER B 221 45.45 19.53 -3.30
C SER B 221 43.98 19.62 -2.92
N ALA B 222 43.65 19.11 -1.73
CA ALA B 222 42.27 19.14 -1.27
C ALA B 222 41.91 20.53 -0.73
N LEU B 223 40.63 20.70 -0.43
CA LEU B 223 40.11 21.97 0.09
C LEU B 223 39.26 21.68 1.30
N GLU B 224 39.61 22.28 2.44
CA GLU B 224 38.87 22.04 3.67
C GLU B 224 37.99 23.23 4.01
N PRO B 225 36.76 22.98 4.46
CA PRO B 225 35.88 24.08 4.86
C PRO B 225 36.22 24.59 6.26
N LEU B 226 35.80 25.82 6.53
CA LEU B 226 36.06 26.49 7.79
C LEU B 226 34.81 26.71 8.63
N VAL B 227 33.79 27.35 8.06
CA VAL B 227 32.57 27.65 8.79
C VAL B 227 31.39 27.64 7.82
N ASP B 228 30.29 27.02 8.24
CA ASP B 228 29.07 26.99 7.45
C ASP B 228 28.18 28.16 7.86
N LEU B 229 27.63 28.86 6.87
CA LEU B 229 26.82 30.04 7.12
C LEU B 229 25.36 29.76 6.76
N PRO B 230 24.48 29.54 7.74
CA PRO B 230 23.05 29.31 7.44
C PRO B 230 22.29 30.61 7.20
N ILE B 231 22.42 31.13 6.00
CA ILE B 231 21.78 32.39 5.64
C ILE B 231 20.35 32.17 5.12
N GLY B 232 20.13 31.09 4.39
CA GLY B 232 18.79 30.74 3.94
C GLY B 232 18.22 31.67 2.89
N ILE B 233 19.03 32.12 1.94
CA ILE B 233 18.58 32.98 0.85
C ILE B 233 19.13 32.43 -0.46
N ASN B 234 18.64 33.00 -1.56
CA ASN B 234 19.04 32.59 -2.90
C ASN B 234 20.02 33.59 -3.48
N ILE B 235 21.09 33.10 -4.10
CA ILE B 235 22.10 33.92 -4.74
C ILE B 235 22.18 33.53 -6.21
N THR B 236 22.06 34.52 -7.09
CA THR B 236 22.11 34.29 -8.52
C THR B 236 23.21 35.06 -9.24
N ARG B 237 23.79 36.08 -8.60
CA ARG B 237 24.88 36.85 -9.20
C ARG B 237 25.98 37.05 -8.16
N PHE B 238 27.20 37.25 -8.66
CA PHE B 238 28.35 37.47 -7.79
C PHE B 238 29.38 38.31 -8.54
N GLN B 239 30.23 38.97 -7.76
CA GLN B 239 31.24 39.86 -8.32
C GLN B 239 32.39 39.98 -7.33
N THR B 240 33.61 39.98 -7.85
CA THR B 240 34.81 40.09 -7.04
C THR B 240 35.24 41.54 -6.91
N LEU B 241 36.03 41.81 -5.87
CA LEU B 241 36.54 43.14 -5.58
C LEU B 241 38.04 43.18 -5.77
N LEU B 242 38.52 44.26 -6.40
CA LEU B 242 39.93 44.46 -6.64
C LEU B 242 40.40 45.74 -5.95
N ALA B 243 41.67 45.76 -5.57
CA ALA B 243 42.27 46.89 -4.87
C ALA B 243 43.40 47.47 -5.70
N LEU B 244 43.51 48.79 -5.68
CA LEU B 244 44.55 49.51 -6.41
C LEU B 244 45.44 50.26 -5.43
N HIS B 245 46.63 50.63 -5.91
CA HIS B 245 47.60 51.37 -5.12
C HIS B 245 47.75 52.79 -5.64
N ARG B 246 48.07 53.71 -4.74
CA ARG B 246 48.24 55.13 -5.06
C ARG B 246 49.62 55.55 -4.59
N SER B 247 50.60 55.49 -5.50
CA SER B 247 51.97 55.86 -5.21
C SER B 247 52.23 57.28 -5.72
N TYR B 248 53.49 57.71 -5.65
CA TYR B 248 53.87 59.04 -6.10
C TYR B 248 54.00 59.12 -7.62
N LEU B 249 54.02 58.00 -8.32
CA LEU B 249 54.11 58.02 -9.78
C LEU B 249 52.78 58.40 -10.42
N THR B 250 51.65 58.09 -9.78
CA THR B 250 50.33 58.44 -10.24
C THR B 250 49.84 59.72 -9.55
N PRO B 251 49.04 60.53 -10.24
CA PRO B 251 48.53 61.76 -9.61
C PRO B 251 47.58 61.51 -8.45
N GLY B 252 47.01 60.31 -8.34
CA GLY B 252 46.13 59.98 -7.25
C GLY B 252 44.66 60.03 -7.55
N ASP B 253 44.27 60.17 -8.81
CA ASP B 253 42.86 60.19 -9.21
C ASP B 253 42.48 58.87 -9.85
N SER B 254 41.27 58.41 -9.56
CA SER B 254 40.77 57.14 -10.08
C SER B 254 40.02 57.33 -11.39
N SER B 255 40.66 58.00 -12.35
CA SER B 255 40.08 58.20 -13.68
C SER B 255 40.89 57.50 -14.76
N SER B 256 42.19 57.79 -14.87
CA SER B 256 43.03 57.15 -15.87
C SER B 256 44.40 56.71 -15.35
N GLY B 257 44.84 57.19 -14.19
CA GLY B 257 46.15 56.83 -13.68
C GLY B 257 46.08 56.06 -12.38
N TRP B 258 46.48 54.79 -12.42
CA TRP B 258 46.45 53.94 -11.23
C TRP B 258 47.40 52.76 -11.47
N THR B 259 47.52 51.91 -10.45
CA THR B 259 48.30 50.69 -10.55
C THR B 259 47.63 49.62 -9.71
N ALA B 260 47.79 48.36 -10.12
CA ALA B 260 47.15 47.24 -9.45
C ALA B 260 48.09 46.10 -9.11
N GLY B 261 49.38 46.21 -9.43
CA GLY B 261 50.32 45.14 -9.11
C GLY B 261 50.24 44.05 -10.15
N ALA B 262 50.11 42.80 -9.67
CA ALA B 262 50.04 41.65 -10.56
C ALA B 262 49.21 40.57 -9.89
N ALA B 263 48.14 40.14 -10.54
CA ALA B 263 47.27 39.10 -10.01
C ALA B 263 46.59 38.39 -11.17
N ALA B 264 46.11 37.18 -10.90
CA ALA B 264 45.41 36.37 -11.89
C ALA B 264 44.46 35.43 -11.19
N TYR B 265 43.17 35.60 -11.43
CA TYR B 265 42.13 34.79 -10.81
C TYR B 265 41.35 34.04 -11.88
N TYR B 266 40.96 32.81 -11.57
CA TYR B 266 40.20 31.96 -12.48
C TYR B 266 38.78 31.79 -11.96
N VAL B 267 37.81 31.89 -12.87
CA VAL B 267 36.39 31.76 -12.54
C VAL B 267 35.85 30.54 -13.26
N GLY B 268 35.43 29.53 -12.50
CA GLY B 268 34.89 28.32 -13.07
C GLY B 268 33.56 27.96 -12.43
N TYR B 269 32.72 27.32 -13.23
CA TYR B 269 31.39 26.89 -12.79
C TYR B 269 31.39 25.40 -12.52
N LEU B 270 30.97 25.01 -11.32
CA LEU B 270 30.93 23.62 -10.93
C LEU B 270 29.71 22.93 -11.57
N GLN B 271 29.94 21.75 -12.14
CA GLN B 271 28.88 20.98 -12.78
C GLN B 271 28.49 19.79 -11.91
N PRO B 272 27.20 19.43 -11.89
CA PRO B 272 26.77 18.28 -11.09
C PRO B 272 27.23 16.95 -11.67
N ARG B 273 28.50 16.60 -11.44
CA ARG B 273 29.09 15.38 -11.93
C ARG B 273 29.61 14.55 -10.77
N THR B 274 29.41 13.23 -10.85
CA THR B 274 29.89 12.33 -9.81
C THR B 274 31.39 12.11 -9.94
N PHE B 275 32.07 12.04 -8.81
CA PHE B 275 33.51 11.90 -8.77
C PHE B 275 33.90 10.79 -7.80
N LEU B 276 34.87 9.97 -8.20
CA LEU B 276 35.42 8.93 -7.34
C LEU B 276 36.63 9.48 -6.61
N LEU B 277 36.59 9.43 -5.28
CA LEU B 277 37.66 9.96 -4.45
C LEU B 277 38.52 8.82 -3.91
N LYS B 278 39.78 9.15 -3.62
CA LYS B 278 40.74 8.21 -3.05
C LYS B 278 41.11 8.64 -1.63
N TYR B 279 41.15 7.68 -0.71
CA TYR B 279 41.45 7.95 0.68
C TYR B 279 42.58 7.04 1.14
N ASN B 280 43.63 7.64 1.68
CA ASN B 280 44.79 6.90 2.17
C ASN B 280 44.60 6.59 3.65
N GLU B 281 45.66 6.12 4.31
CA GLU B 281 45.59 5.83 5.74
C GLU B 281 45.49 7.11 6.55
N ASN B 282 46.03 8.22 6.04
CA ASN B 282 45.93 9.48 6.75
C ASN B 282 44.53 10.08 6.68
N GLY B 283 43.81 9.81 5.59
CA GLY B 283 42.45 10.28 5.43
C GLY B 283 42.27 11.48 4.54
N THR B 284 43.29 11.87 3.78
CA THR B 284 43.21 13.00 2.87
C THR B 284 42.93 12.53 1.45
N ILE B 285 42.43 13.46 0.63
CA ILE B 285 42.12 13.16 -0.77
C ILE B 285 43.40 13.12 -1.57
N THR B 286 43.59 12.04 -2.32
CA THR B 286 44.78 11.84 -3.15
C THR B 286 44.52 11.95 -4.64
N ASP B 287 43.44 11.33 -5.13
CA ASP B 287 43.12 11.37 -6.54
C ASP B 287 41.61 11.52 -6.71
N ALA B 288 41.21 11.97 -7.91
CA ALA B 288 39.81 12.16 -8.25
C ALA B 288 39.55 11.62 -9.65
N VAL B 289 38.51 10.81 -9.79
CA VAL B 289 38.18 10.16 -11.05
C VAL B 289 36.74 10.51 -11.41
N ASP B 290 36.56 11.09 -12.59
CA ASP B 290 35.22 11.45 -13.07
C ASP B 290 34.53 10.24 -13.70
N CYS B 291 33.23 10.39 -13.95
CA CYS B 291 32.44 9.37 -14.64
C CYS B 291 31.66 9.91 -15.83
N ALA B 292 31.83 11.18 -16.20
CA ALA B 292 31.14 11.73 -17.35
C ALA B 292 32.08 12.54 -18.26
N LEU B 293 33.39 12.28 -18.19
CA LEU B 293 34.37 12.99 -19.00
C LEU B 293 35.12 12.07 -19.95
N ASP B 294 35.71 11.00 -19.44
CA ASP B 294 36.49 10.07 -20.25
C ASP B 294 36.01 8.65 -20.03
N PRO B 295 35.95 7.83 -21.09
CA PRO B 295 35.56 6.42 -20.93
C PRO B 295 36.57 5.63 -20.11
N LEU B 296 37.84 6.04 -20.07
CA LEU B 296 38.80 5.37 -19.20
C LEU B 296 38.50 5.66 -17.74
N SER B 297 38.16 6.91 -17.42
CA SER B 297 37.75 7.25 -16.06
C SER B 297 36.36 6.71 -15.73
N GLU B 298 35.51 6.51 -16.73
CA GLU B 298 34.20 5.94 -16.48
C GLU B 298 34.31 4.46 -16.11
N THR B 299 35.36 3.78 -16.58
CA THR B 299 35.53 2.38 -16.23
C THR B 299 35.99 2.21 -14.79
N LYS B 300 36.80 3.15 -14.30
CA LYS B 300 37.39 3.00 -12.97
C LYS B 300 36.39 3.28 -11.85
N CYS B 301 35.50 4.26 -12.03
CA CYS B 301 34.57 4.59 -10.95
C CYS B 301 33.39 3.64 -10.95
N THR B 302 32.98 3.14 -12.11
CA THR B 302 31.88 2.17 -12.15
C THR B 302 32.30 0.83 -11.55
N LEU B 303 33.55 0.43 -11.77
CA LEU B 303 34.08 -0.79 -11.15
C LEU B 303 34.58 -0.54 -9.73
N LYS B 304 34.66 0.72 -9.30
CA LYS B 304 35.14 1.09 -7.96
C LYS B 304 36.56 0.56 -7.72
N SER B 305 37.41 0.70 -8.74
CA SER B 305 38.80 0.28 -8.64
C SER B 305 39.67 1.26 -9.42
N PHE B 306 40.81 1.62 -8.85
CA PHE B 306 41.71 2.57 -9.48
C PHE B 306 42.65 1.91 -10.49
N THR B 307 42.60 0.58 -10.63
CA THR B 307 43.38 -0.14 -11.61
C THR B 307 42.46 -1.04 -12.41
N VAL B 308 42.71 -1.12 -13.72
CA VAL B 308 41.88 -1.88 -14.64
C VAL B 308 42.74 -2.93 -15.33
N GLU B 309 42.27 -4.18 -15.31
CA GLU B 309 42.95 -5.26 -16.00
C GLU B 309 42.37 -5.40 -17.42
N LYS B 310 42.75 -6.45 -18.13
CA LYS B 310 42.26 -6.66 -19.48
C LYS B 310 40.87 -7.30 -19.43
N GLY B 311 39.98 -6.78 -20.28
CA GLY B 311 38.63 -7.29 -20.34
C GLY B 311 37.69 -6.20 -20.82
N ILE B 312 36.43 -6.61 -21.01
CA ILE B 312 35.37 -5.72 -21.48
C ILE B 312 34.38 -5.51 -20.34
N TYR B 313 33.98 -4.26 -20.13
CA TYR B 313 33.04 -3.89 -19.08
C TYR B 313 31.92 -3.03 -19.65
N GLN B 314 30.86 -2.88 -18.87
CA GLN B 314 29.70 -2.10 -19.25
C GLN B 314 29.56 -0.93 -18.29
N THR B 315 29.62 0.29 -18.83
CA THR B 315 29.54 1.49 -18.01
C THR B 315 28.10 2.02 -17.92
N SER B 316 27.51 2.33 -19.07
CA SER B 316 26.16 2.88 -19.12
C SER B 316 25.49 2.40 -20.40
N ASN B 317 24.37 3.04 -20.74
CA ASN B 317 23.59 2.70 -21.93
C ASN B 317 23.56 3.89 -22.89
N PHE B 318 23.14 3.61 -24.12
CA PHE B 318 23.06 4.62 -25.17
C PHE B 318 21.60 4.73 -25.62
N ARG B 319 20.95 5.82 -25.23
CA ARG B 319 19.56 6.08 -25.59
C ARG B 319 19.51 7.34 -26.46
N VAL B 320 18.90 7.22 -27.63
CA VAL B 320 18.78 8.33 -28.56
C VAL B 320 17.48 9.06 -28.28
N GLN B 321 17.59 10.33 -27.91
CA GLN B 321 16.40 11.13 -27.59
C GLN B 321 15.77 11.65 -28.88
N PRO B 322 14.44 11.59 -28.98
CA PRO B 322 13.78 12.11 -30.18
C PRO B 322 13.76 13.63 -30.19
N THR B 323 14.12 14.22 -31.34
CA THR B 323 14.16 15.66 -31.50
C THR B 323 12.91 16.24 -32.15
N GLU B 324 12.06 15.40 -32.74
CA GLU B 324 10.82 15.86 -33.35
C GLU B 324 9.64 15.14 -32.74
N SER B 325 8.47 15.79 -32.80
CA SER B 325 7.24 15.22 -32.27
C SER B 325 6.09 15.68 -33.16
N ILE B 326 5.49 14.74 -33.91
CA ILE B 326 4.44 15.04 -34.85
C ILE B 326 3.14 14.42 -34.37
N VAL B 327 2.05 15.18 -34.47
CA VAL B 327 0.71 14.73 -34.10
C VAL B 327 -0.23 15.13 -35.23
N ARG B 328 -0.73 14.15 -35.98
CA ARG B 328 -1.60 14.39 -37.13
C ARG B 328 -2.81 13.47 -37.01
N PHE B 329 -3.89 13.96 -36.39
CA PHE B 329 -5.08 13.13 -36.25
C PHE B 329 -5.83 12.96 -37.57
N PRO B 330 -6.29 14.04 -38.25
CA PRO B 330 -6.95 13.83 -39.54
C PRO B 330 -5.98 13.95 -40.72
N ASN B 331 -6.44 13.60 -41.92
CA ASN B 331 -5.67 13.91 -43.12
C ASN B 331 -5.86 15.36 -43.51
N ILE B 332 -7.10 15.73 -43.83
CA ILE B 332 -7.49 17.11 -44.15
C ILE B 332 -8.83 17.37 -43.48
N THR B 333 -8.90 18.47 -42.72
CA THR B 333 -10.14 18.84 -42.06
C THR B 333 -11.16 19.31 -43.10
N ASN B 334 -12.19 18.50 -43.34
CA ASN B 334 -13.23 18.88 -44.29
C ASN B 334 -14.08 20.02 -43.73
N LEU B 335 -14.12 21.13 -44.46
CA LEU B 335 -14.80 22.33 -43.99
C LEU B 335 -16.28 22.24 -44.30
N CYS B 336 -17.11 22.15 -43.27
CA CYS B 336 -18.54 22.25 -43.46
C CYS B 336 -18.90 23.68 -43.85
N PRO B 337 -20.03 23.88 -44.54
CA PRO B 337 -20.36 25.22 -45.02
C PRO B 337 -20.70 26.18 -43.90
N PHE B 338 -19.77 27.08 -43.59
CA PHE B 338 -19.98 28.12 -42.59
C PHE B 338 -19.50 29.49 -43.04
N GLY B 339 -18.69 29.56 -44.09
CA GLY B 339 -18.28 30.84 -44.66
C GLY B 339 -19.29 31.47 -45.57
N GLU B 340 -20.41 30.79 -45.83
CA GLU B 340 -21.47 31.38 -46.64
C GLU B 340 -22.15 32.55 -45.94
N VAL B 341 -22.10 32.59 -44.61
CA VAL B 341 -22.60 33.76 -43.89
C VAL B 341 -21.60 34.91 -43.95
N PHE B 342 -20.33 34.61 -44.27
CA PHE B 342 -19.34 35.67 -44.44
C PHE B 342 -19.44 36.30 -45.82
N ASN B 343 -19.50 35.47 -46.86
CA ASN B 343 -19.62 35.92 -48.24
C ASN B 343 -20.99 35.49 -48.76
N ALA B 344 -21.95 36.43 -48.73
CA ALA B 344 -23.31 36.18 -49.20
C ALA B 344 -23.75 37.34 -50.08
N THR B 345 -24.98 37.24 -50.59
CA THR B 345 -25.51 38.30 -51.44
C THR B 345 -25.93 39.53 -50.63
N ARG B 346 -26.56 39.32 -49.48
CA ARG B 346 -26.92 40.42 -48.60
C ARG B 346 -26.91 39.95 -47.16
N PHE B 347 -26.94 40.91 -46.25
CA PHE B 347 -26.91 40.67 -44.81
C PHE B 347 -28.24 41.07 -44.17
N ALA B 348 -28.29 40.97 -42.85
CA ALA B 348 -29.46 41.33 -42.07
C ALA B 348 -29.13 42.55 -41.20
N SER B 349 -30.14 43.00 -40.44
CA SER B 349 -30.01 44.14 -39.58
C SER B 349 -29.68 43.69 -38.15
N VAL B 350 -29.66 44.64 -37.21
CA VAL B 350 -29.36 44.32 -35.83
C VAL B 350 -30.60 43.98 -35.01
N TYR B 351 -31.78 44.44 -35.42
CA TYR B 351 -33.00 44.08 -34.72
C TYR B 351 -33.41 42.63 -35.00
N ALA B 352 -32.98 42.07 -36.12
CA ALA B 352 -33.17 40.66 -36.45
C ALA B 352 -31.91 40.19 -37.16
N TRP B 353 -30.97 39.65 -36.39
CA TRP B 353 -29.67 39.23 -36.90
C TRP B 353 -29.66 37.73 -37.16
N ASN B 354 -28.67 37.31 -37.96
CA ASN B 354 -28.54 35.90 -38.32
C ASN B 354 -27.92 35.12 -37.18
N ARG B 355 -28.53 33.98 -36.86
CA ARG B 355 -28.04 33.09 -35.80
C ARG B 355 -27.76 31.72 -36.41
N LYS B 356 -26.50 31.32 -36.39
CA LYS B 356 -26.06 30.05 -36.96
C LYS B 356 -25.48 29.17 -35.87
N ARG B 357 -25.77 27.87 -35.96
CA ARG B 357 -25.26 26.89 -35.02
C ARG B 357 -24.42 25.86 -35.77
N ILE B 358 -23.23 25.59 -35.26
CA ILE B 358 -22.31 24.64 -35.86
C ILE B 358 -22.31 23.38 -35.01
N SER B 359 -22.86 22.30 -35.57
CA SER B 359 -22.96 21.02 -34.87
C SER B 359 -22.55 19.90 -35.80
N ASN B 360 -21.88 18.88 -35.22
CA ASN B 360 -21.43 17.70 -35.96
C ASN B 360 -20.54 18.08 -37.14
N CYS B 361 -19.61 19.01 -36.89
CA CYS B 361 -18.68 19.45 -37.90
C CYS B 361 -17.30 19.61 -37.29
N VAL B 362 -16.30 19.76 -38.17
CA VAL B 362 -14.92 20.00 -37.76
C VAL B 362 -14.34 21.07 -38.69
N ALA B 363 -13.49 21.94 -38.15
CA ALA B 363 -12.96 23.05 -38.91
C ALA B 363 -11.62 23.47 -38.31
N ASP B 364 -11.02 24.50 -38.90
CA ASP B 364 -9.76 25.05 -38.44
C ASP B 364 -9.87 26.56 -38.44
N TYR B 365 -9.40 27.19 -37.35
CA TYR B 365 -9.45 28.63 -37.20
C TYR B 365 -8.17 29.32 -37.69
N SER B 366 -7.31 28.60 -38.40
CA SER B 366 -6.09 29.19 -38.92
C SER B 366 -6.31 29.96 -40.23
N VAL B 367 -7.37 29.64 -40.97
CA VAL B 367 -7.63 30.34 -42.22
C VAL B 367 -8.27 31.70 -41.96
N LEU B 368 -8.98 31.86 -40.84
CA LEU B 368 -9.58 33.13 -40.48
C LEU B 368 -8.61 34.06 -39.75
N TYR B 369 -7.35 33.66 -39.60
CA TYR B 369 -6.34 34.48 -38.93
C TYR B 369 -5.29 35.03 -39.87
N ASN B 370 -4.86 34.25 -40.87
CA ASN B 370 -3.85 34.68 -41.82
C ASN B 370 -4.46 35.20 -43.13
N SER B 371 -5.68 35.73 -43.07
CA SER B 371 -6.33 36.25 -44.27
C SER B 371 -5.83 37.64 -44.64
N ALA B 372 -5.41 38.43 -43.65
CA ALA B 372 -4.87 39.78 -43.86
C ALA B 372 -5.86 40.66 -44.61
N SER B 373 -7.15 40.54 -44.26
CA SER B 373 -8.20 41.33 -44.88
C SER B 373 -9.17 41.94 -43.89
N PHE B 374 -9.05 41.62 -42.61
CA PHE B 374 -9.95 42.16 -41.59
C PHE B 374 -9.41 43.48 -41.04
N SER B 375 -10.33 44.35 -40.65
CA SER B 375 -9.95 45.66 -40.11
C SER B 375 -9.56 45.57 -38.64
N THR B 376 -10.49 45.14 -37.80
CA THR B 376 -10.25 45.00 -36.37
C THR B 376 -10.48 43.55 -35.96
N PHE B 377 -9.81 43.15 -34.87
CA PHE B 377 -9.93 41.78 -34.37
C PHE B 377 -9.81 41.82 -32.86
N LYS B 378 -10.94 41.74 -32.18
CA LYS B 378 -11.00 41.65 -30.72
C LYS B 378 -11.55 40.27 -30.36
N CYS B 379 -10.78 39.51 -29.59
CA CYS B 379 -11.17 38.13 -29.26
C CYS B 379 -10.77 37.88 -27.81
N TYR B 380 -11.71 38.12 -26.90
CA TYR B 380 -11.47 38.03 -25.46
C TYR B 380 -11.83 36.65 -24.93
N GLY B 381 -11.40 36.38 -23.70
CA GLY B 381 -11.66 35.12 -23.04
C GLY B 381 -10.66 34.02 -23.34
N VAL B 382 -9.98 34.09 -24.49
CA VAL B 382 -9.00 33.09 -24.88
C VAL B 382 -7.99 33.78 -25.81
N SER B 383 -6.77 33.26 -25.83
CA SER B 383 -5.75 33.82 -26.68
C SER B 383 -6.05 33.52 -28.14
N PRO B 384 -5.73 34.43 -29.06
CA PRO B 384 -6.13 34.24 -30.46
C PRO B 384 -5.39 33.10 -31.17
N THR B 385 -4.24 32.68 -30.66
CA THR B 385 -3.45 31.64 -31.32
C THR B 385 -3.48 30.31 -30.60
N LYS B 386 -4.13 30.22 -29.44
CA LYS B 386 -4.21 28.98 -28.67
C LYS B 386 -5.66 28.64 -28.34
N LEU B 387 -6.56 28.86 -29.31
CA LEU B 387 -7.96 28.52 -29.15
C LEU B 387 -8.37 27.27 -29.92
N ASN B 388 -7.46 26.71 -30.73
CA ASN B 388 -7.79 25.51 -31.51
C ASN B 388 -7.60 24.24 -30.70
N ASP B 389 -6.63 24.22 -29.78
CA ASP B 389 -6.38 23.00 -29.02
C ASP B 389 -7.40 22.81 -27.90
N LEU B 390 -7.75 23.87 -27.18
CA LEU B 390 -8.85 23.81 -26.23
C LEU B 390 -10.16 23.95 -26.98
N CYS B 391 -11.00 22.92 -26.89
CA CYS B 391 -12.18 22.84 -27.75
C CYS B 391 -13.45 22.60 -26.93
N PHE B 392 -14.57 23.06 -27.47
CA PHE B 392 -15.80 23.29 -26.71
C PHE B 392 -16.95 22.47 -27.30
N THR B 393 -18.17 22.82 -26.87
CA THR B 393 -19.38 22.08 -27.22
C THR B 393 -20.01 22.62 -28.51
N ASN B 394 -20.40 23.89 -28.52
CA ASN B 394 -21.08 24.46 -29.67
C ASN B 394 -20.54 25.85 -29.95
N VAL B 395 -20.73 26.31 -31.19
CA VAL B 395 -20.29 27.61 -31.65
C VAL B 395 -21.51 28.35 -32.20
N TYR B 396 -21.79 29.52 -31.63
CA TYR B 396 -22.91 30.35 -32.06
C TYR B 396 -22.37 31.51 -32.89
N ALA B 397 -22.86 31.63 -34.13
CA ALA B 397 -22.43 32.67 -35.04
C ALA B 397 -23.51 33.75 -35.13
N ASP B 398 -23.17 34.95 -34.67
CA ASP B 398 -24.10 36.09 -34.65
C ASP B 398 -23.53 37.16 -35.58
N SER B 399 -24.13 37.29 -36.76
CA SER B 399 -23.65 38.20 -37.79
C SER B 399 -24.63 39.35 -37.97
N PHE B 400 -24.10 40.57 -38.03
CA PHE B 400 -24.90 41.76 -38.27
C PHE B 400 -24.00 42.85 -38.86
N VAL B 401 -24.61 43.98 -39.20
CA VAL B 401 -23.87 45.11 -39.75
C VAL B 401 -23.94 46.27 -38.76
N ILE B 402 -22.93 47.13 -38.83
CA ILE B 402 -22.83 48.28 -37.94
C ILE B 402 -21.93 49.31 -38.60
N ARG B 403 -22.03 50.56 -38.15
CA ARG B 403 -21.20 51.63 -38.68
C ARG B 403 -19.78 51.54 -38.12
N GLY B 404 -18.88 52.35 -38.69
CA GLY B 404 -17.49 52.34 -38.28
C GLY B 404 -17.21 53.00 -36.95
N ASP B 405 -18.17 53.76 -36.41
CA ASP B 405 -17.98 54.45 -35.14
C ASP B 405 -18.56 53.70 -33.95
N GLU B 406 -19.33 52.64 -34.19
CA GLU B 406 -19.94 51.85 -33.11
C GLU B 406 -19.23 50.52 -32.88
N VAL B 407 -18.09 50.30 -33.53
CA VAL B 407 -17.36 49.05 -33.31
C VAL B 407 -16.63 49.05 -31.98
N ARG B 408 -16.36 50.22 -31.41
CA ARG B 408 -15.72 50.30 -30.09
C ARG B 408 -16.69 49.99 -28.97
N GLN B 409 -17.99 50.17 -29.18
CA GLN B 409 -18.98 49.87 -28.16
C GLN B 409 -19.31 48.39 -28.05
N ILE B 410 -18.84 47.57 -28.99
CA ILE B 410 -19.08 46.12 -28.94
C ILE B 410 -17.95 45.54 -28.09
N ALA B 411 -18.14 45.57 -26.78
CA ALA B 411 -17.17 45.07 -25.83
C ALA B 411 -17.87 44.85 -24.50
N PRO B 412 -17.43 43.87 -23.71
CA PRO B 412 -18.10 43.62 -22.42
C PRO B 412 -17.89 44.74 -21.41
N GLY B 413 -18.97 45.45 -21.08
CA GLY B 413 -18.91 46.48 -20.07
C GLY B 413 -18.88 47.90 -20.61
N GLN B 414 -19.62 48.14 -21.69
CA GLN B 414 -19.69 49.46 -22.30
C GLN B 414 -21.14 49.93 -22.38
N THR B 415 -21.30 51.24 -22.50
CA THR B 415 -22.60 51.89 -22.58
C THR B 415 -22.77 52.50 -23.96
N GLY B 416 -23.95 53.09 -24.20
CA GLY B 416 -24.22 53.72 -25.47
C GLY B 416 -25.66 53.57 -25.93
N LYS B 417 -25.87 53.48 -27.24
CA LYS B 417 -27.21 53.35 -27.81
C LYS B 417 -27.44 52.05 -28.55
N ILE B 418 -26.40 51.45 -29.12
CA ILE B 418 -26.55 50.19 -29.85
C ILE B 418 -26.26 48.99 -28.96
N ALA B 419 -25.22 49.07 -28.13
CA ALA B 419 -24.84 47.96 -27.27
C ALA B 419 -25.81 47.75 -26.11
N ASP B 420 -26.72 48.70 -25.86
CA ASP B 420 -27.67 48.59 -24.77
C ASP B 420 -29.11 48.36 -25.23
N TYR B 421 -29.42 48.63 -26.50
CA TYR B 421 -30.77 48.48 -27.00
C TYR B 421 -30.92 47.39 -28.07
N ASN B 422 -29.81 46.89 -28.62
CA ASN B 422 -29.86 45.88 -29.67
C ASN B 422 -29.20 44.58 -29.26
N TYR B 423 -27.99 44.63 -28.70
CA TYR B 423 -27.28 43.43 -28.31
C TYR B 423 -26.42 43.75 -27.09
N LYS B 424 -26.82 43.27 -25.93
CA LYS B 424 -26.10 43.51 -24.68
C LYS B 424 -25.05 42.42 -24.47
N LEU B 425 -23.82 42.84 -24.20
CA LEU B 425 -22.74 41.90 -23.95
C LEU B 425 -22.58 41.66 -22.46
N PRO B 426 -22.55 40.40 -22.01
CA PRO B 426 -22.39 40.13 -20.58
C PRO B 426 -20.95 40.31 -20.13
N ASP B 427 -20.76 40.19 -18.81
CA ASP B 427 -19.41 40.34 -18.26
C ASP B 427 -18.56 39.11 -18.53
N ASP B 428 -19.16 37.92 -18.48
CA ASP B 428 -18.44 36.68 -18.76
C ASP B 428 -18.59 36.31 -20.24
N PHE B 429 -18.20 37.26 -21.09
CA PHE B 429 -18.29 37.10 -22.54
C PHE B 429 -16.94 36.63 -23.07
N THR B 430 -16.87 35.35 -23.45
CA THR B 430 -15.68 34.76 -24.00
C THR B 430 -15.72 34.68 -25.53
N GLY B 431 -16.47 35.58 -26.17
CA GLY B 431 -16.64 35.54 -27.60
C GLY B 431 -15.39 35.96 -28.35
N CYS B 432 -15.52 35.93 -29.68
CA CYS B 432 -14.41 36.23 -30.58
C CYS B 432 -14.97 37.08 -31.73
N VAL B 433 -14.68 38.37 -31.72
CA VAL B 433 -15.30 39.33 -32.64
C VAL B 433 -14.37 39.56 -33.83
N ILE B 434 -14.92 39.47 -35.03
CA ILE B 434 -14.20 39.69 -36.27
C ILE B 434 -14.96 40.72 -37.09
N ALA B 435 -14.30 41.80 -37.46
CA ALA B 435 -14.92 42.89 -38.22
C ALA B 435 -14.05 43.23 -39.43
N TRP B 436 -14.71 43.60 -40.52
CA TRP B 436 -14.02 43.99 -41.74
C TRP B 436 -14.95 44.87 -42.57
N ASN B 437 -14.36 45.56 -43.55
CA ASN B 437 -15.09 46.50 -44.39
C ASN B 437 -15.35 45.89 -45.76
N SER B 438 -16.61 45.97 -46.21
CA SER B 438 -17.03 45.50 -47.53
C SER B 438 -17.94 46.52 -48.18
N ASN B 439 -17.49 47.79 -48.18
CA ASN B 439 -18.33 48.90 -48.63
C ASN B 439 -18.68 48.84 -50.11
N ASN B 440 -18.03 47.97 -50.89
CA ASN B 440 -18.30 47.86 -52.31
C ASN B 440 -19.43 46.91 -52.64
N LEU B 441 -20.10 46.32 -51.64
CA LEU B 441 -21.17 45.38 -51.89
C LEU B 441 -22.49 45.76 -51.23
N ASP B 442 -22.46 46.29 -50.01
CA ASP B 442 -23.68 46.61 -49.27
C ASP B 442 -24.00 48.10 -49.30
N SER B 443 -23.56 48.80 -50.33
CA SER B 443 -23.85 50.22 -50.48
C SER B 443 -23.95 50.56 -51.96
N LYS B 444 -24.79 51.55 -52.27
CA LYS B 444 -25.00 51.97 -53.64
C LYS B 444 -25.30 53.46 -53.66
N VAL B 445 -25.20 54.06 -54.85
CA VAL B 445 -25.44 55.48 -54.99
C VAL B 445 -26.93 55.79 -54.89
N GLY B 446 -27.24 56.98 -54.40
CA GLY B 446 -28.60 57.41 -54.19
C GLY B 446 -29.12 57.21 -52.78
N GLY B 447 -28.45 56.40 -51.97
CA GLY B 447 -28.88 56.18 -50.59
C GLY B 447 -29.35 54.78 -50.32
N ASN B 448 -28.49 53.97 -49.67
CA ASN B 448 -28.83 52.59 -49.33
C ASN B 448 -29.40 52.59 -47.92
N TYR B 449 -30.72 52.41 -47.82
CA TYR B 449 -31.43 52.40 -46.54
C TYR B 449 -32.06 51.04 -46.26
N ASN B 450 -31.45 49.97 -46.77
CA ASN B 450 -32.01 48.63 -46.60
C ASN B 450 -31.76 48.06 -45.21
N TYR B 451 -30.78 48.59 -44.47
CA TYR B 451 -30.46 48.11 -43.13
C TYR B 451 -31.14 48.98 -42.08
N LEU B 452 -31.57 48.36 -40.99
CA LEU B 452 -32.31 49.04 -39.94
C LEU B 452 -31.60 48.88 -38.60
N TYR B 453 -31.96 49.76 -37.66
CA TYR B 453 -31.44 49.69 -36.30
C TYR B 453 -32.43 50.37 -35.37
N ARG B 454 -32.46 49.89 -34.12
CA ARG B 454 -33.39 50.42 -33.13
C ARG B 454 -32.74 51.53 -32.33
N LEU B 455 -33.54 52.54 -32.00
CA LEU B 455 -33.06 53.72 -31.27
C LEU B 455 -33.64 53.86 -29.87
N PHE B 456 -34.91 53.51 -29.68
CA PHE B 456 -35.59 53.72 -28.41
C PHE B 456 -35.99 52.39 -27.79
N ARG B 457 -36.01 52.37 -26.46
CA ARG B 457 -36.42 51.20 -25.70
C ARG B 457 -36.92 51.64 -24.34
N LYS B 458 -37.84 50.86 -23.77
CA LYS B 458 -38.45 51.23 -22.50
C LYS B 458 -37.49 51.01 -21.33
N SER B 459 -36.79 49.87 -21.32
CA SER B 459 -35.88 49.55 -20.23
C SER B 459 -34.75 48.69 -20.78
N ASN B 460 -33.96 48.11 -19.87
CA ASN B 460 -32.85 47.27 -20.26
C ASN B 460 -33.34 45.90 -20.73
N LEU B 461 -32.43 45.15 -21.35
CA LEU B 461 -32.74 43.85 -21.91
C LEU B 461 -31.69 42.83 -21.48
N LYS B 462 -32.11 41.57 -21.39
CA LYS B 462 -31.20 40.51 -21.01
C LYS B 462 -30.21 40.23 -22.14
N PRO B 463 -28.97 39.90 -21.83
CA PRO B 463 -28.01 39.56 -22.89
C PRO B 463 -28.43 38.31 -23.64
N PHE B 464 -27.96 38.23 -24.89
CA PHE B 464 -28.31 37.13 -25.80
C PHE B 464 -29.83 37.03 -25.98
N GLU B 465 -30.45 38.16 -26.30
CA GLU B 465 -31.88 38.24 -26.52
C GLU B 465 -32.15 39.16 -27.70
N ARG B 466 -33.01 38.71 -28.61
CA ARG B 466 -33.37 39.47 -29.79
C ARG B 466 -34.72 40.16 -29.59
N ASP B 467 -34.83 41.38 -30.09
CA ASP B 467 -36.04 42.18 -29.95
C ASP B 467 -36.49 42.62 -31.34
N ILE B 468 -37.70 42.21 -31.73
CA ILE B 468 -38.29 42.59 -33.00
C ILE B 468 -39.57 43.40 -32.81
N SER B 469 -39.73 44.04 -31.65
CA SER B 469 -40.93 44.80 -31.36
C SER B 469 -40.96 46.09 -32.17
N THR B 470 -41.95 46.23 -33.05
CA THR B 470 -42.15 47.44 -33.83
C THR B 470 -43.16 48.38 -33.19
N GLU B 471 -43.34 48.28 -31.87
CA GLU B 471 -44.31 49.11 -31.17
C GLU B 471 -43.74 50.52 -30.94
N ILE B 472 -44.62 51.52 -31.06
CA ILE B 472 -44.20 52.90 -30.92
C ILE B 472 -43.89 53.19 -29.46
N TYR B 473 -42.64 53.57 -29.18
CA TYR B 473 -42.21 53.80 -27.81
C TYR B 473 -42.87 55.06 -27.25
N GLN B 474 -43.58 54.91 -26.14
CA GLN B 474 -44.25 56.03 -25.49
C GLN B 474 -43.33 56.64 -24.45
N ALA B 475 -43.13 57.96 -24.55
CA ALA B 475 -42.26 58.69 -23.65
C ALA B 475 -43.01 59.39 -22.52
N GLY B 476 -44.24 59.84 -22.77
CA GLY B 476 -45.03 60.55 -21.78
C GLY B 476 -46.11 59.68 -21.16
N SER B 477 -47.27 60.28 -20.90
CA SER B 477 -48.37 59.59 -20.27
C SER B 477 -49.62 59.50 -21.13
N THR B 478 -49.67 60.19 -22.27
CA THR B 478 -50.89 60.12 -23.06
C THR B 478 -50.70 59.21 -24.27
N PRO B 479 -51.70 58.37 -24.57
CA PRO B 479 -51.60 57.51 -25.75
C PRO B 479 -51.89 58.26 -27.04
N CYS B 480 -51.12 57.95 -28.08
CA CYS B 480 -51.33 58.50 -29.41
C CYS B 480 -51.90 57.47 -30.40
N ASN B 481 -52.10 56.23 -29.96
CA ASN B 481 -52.82 55.22 -30.75
C ASN B 481 -52.09 54.89 -32.05
N GLY B 482 -50.76 54.88 -32.00
CA GLY B 482 -49.98 54.45 -33.14
C GLY B 482 -50.02 55.39 -34.33
N VAL B 483 -49.97 56.69 -34.09
CA VAL B 483 -49.93 57.67 -35.18
C VAL B 483 -48.64 58.44 -35.05
N GLU B 484 -48.31 59.27 -36.05
CA GLU B 484 -47.13 60.12 -36.01
C GLU B 484 -47.46 61.47 -35.38
N GLY B 485 -48.04 61.43 -34.20
CA GLY B 485 -48.52 62.61 -33.50
C GLY B 485 -47.51 63.15 -32.51
N PHE B 486 -47.99 63.51 -31.33
CA PHE B 486 -47.17 64.16 -30.31
C PHE B 486 -46.79 63.19 -29.21
N ASN B 487 -45.61 63.40 -28.63
CA ASN B 487 -45.16 62.69 -27.42
C ASN B 487 -45.06 61.18 -27.64
N CYS B 488 -44.76 60.78 -28.88
CA CYS B 488 -44.48 59.39 -29.18
C CYS B 488 -43.68 59.33 -30.47
N TYR B 489 -42.73 58.39 -30.53
CA TYR B 489 -41.81 58.30 -31.66
C TYR B 489 -41.57 56.84 -31.99
N PHE B 490 -41.25 56.60 -33.26
CA PHE B 490 -40.96 55.24 -33.72
C PHE B 490 -39.53 54.86 -33.34
N PRO B 491 -39.31 53.71 -32.71
CA PRO B 491 -37.95 53.35 -32.30
C PRO B 491 -37.07 52.84 -33.42
N LEU B 492 -37.64 52.40 -34.54
CA LEU B 492 -36.85 51.85 -35.64
C LEU B 492 -36.52 52.96 -36.64
N GLN B 493 -35.23 53.08 -36.97
CA GLN B 493 -34.75 54.11 -37.88
C GLN B 493 -33.81 53.49 -38.90
N SER B 494 -33.81 54.05 -40.10
CA SER B 494 -32.96 53.57 -41.17
C SER B 494 -31.54 54.11 -41.02
N TYR B 495 -30.60 53.45 -41.68
CA TYR B 495 -29.19 53.82 -41.61
C TYR B 495 -28.90 54.96 -42.59
N GLY B 496 -27.63 55.32 -42.71
CA GLY B 496 -27.20 56.35 -43.64
C GLY B 496 -26.02 55.89 -44.48
N PHE B 497 -26.03 54.62 -44.87
CA PHE B 497 -24.89 54.03 -45.58
C PHE B 497 -24.73 54.65 -46.95
N GLN B 498 -23.48 54.96 -47.31
CA GLN B 498 -23.14 55.55 -48.59
C GLN B 498 -21.74 55.05 -48.97
N PRO B 499 -21.54 54.65 -50.22
CA PRO B 499 -20.20 54.16 -50.62
C PRO B 499 -19.14 55.24 -50.66
N THR B 500 -19.51 56.52 -50.60
CA THR B 500 -18.55 57.62 -50.60
C THR B 500 -18.26 58.12 -49.20
N ASN B 501 -18.36 57.26 -48.19
CA ASN B 501 -18.12 57.65 -46.82
C ASN B 501 -16.63 57.61 -46.51
N GLY B 502 -16.28 57.99 -45.29
CA GLY B 502 -14.89 58.00 -44.86
C GLY B 502 -14.45 56.67 -44.28
N VAL B 503 -13.90 56.70 -43.06
CA VAL B 503 -13.44 55.48 -42.40
C VAL B 503 -14.17 55.19 -41.10
N GLY B 504 -14.98 56.12 -40.61
CA GLY B 504 -15.65 55.93 -39.33
C GLY B 504 -17.16 55.76 -39.42
N TYR B 505 -17.70 55.71 -40.64
CA TYR B 505 -19.14 55.56 -40.81
C TYR B 505 -19.51 54.57 -41.91
N GLN B 506 -18.57 53.77 -42.39
CA GLN B 506 -18.90 52.78 -43.40
C GLN B 506 -19.61 51.57 -42.76
N PRO B 507 -20.45 50.88 -43.52
CA PRO B 507 -21.10 49.67 -42.98
C PRO B 507 -20.11 48.54 -42.78
N TYR B 508 -19.81 48.23 -41.52
CA TYR B 508 -18.84 47.20 -41.19
C TYR B 508 -19.56 45.91 -40.82
N ARG B 509 -19.15 44.81 -41.44
CA ARG B 509 -19.72 43.50 -41.14
C ARG B 509 -19.06 42.93 -39.89
N VAL B 510 -19.83 42.74 -38.84
CA VAL B 510 -19.34 42.28 -37.55
C VAL B 510 -20.00 40.95 -37.24
N VAL B 511 -19.19 39.91 -37.04
CA VAL B 511 -19.67 38.59 -36.65
C VAL B 511 -19.24 38.33 -35.21
N VAL B 512 -20.00 37.48 -34.53
CA VAL B 512 -19.75 37.14 -33.14
C VAL B 512 -19.72 35.62 -33.02
N LEU B 513 -18.59 35.08 -32.56
CA LEU B 513 -18.41 33.64 -32.39
C LEU B 513 -18.29 33.34 -30.90
N SER B 514 -19.39 32.87 -30.31
CA SER B 514 -19.43 32.51 -28.91
C SER B 514 -19.38 30.99 -28.75
N PHE B 515 -18.87 30.55 -27.61
CA PHE B 515 -18.69 29.14 -27.33
C PHE B 515 -19.63 28.71 -26.19
N GLU B 516 -19.97 27.42 -26.19
CA GLU B 516 -20.85 26.85 -25.18
C GLU B 516 -20.05 25.91 -24.28
N LEU B 517 -20.29 25.99 -22.98
CA LEU B 517 -19.59 25.12 -22.05
C LEU B 517 -20.59 24.21 -21.36
N LEU B 518 -21.73 24.00 -22.00
CA LEU B 518 -22.75 23.13 -21.42
C LEU B 518 -22.29 21.68 -21.43
N HIS B 519 -22.89 20.86 -20.59
CA HIS B 519 -22.52 19.45 -20.52
C HIS B 519 -23.11 18.70 -21.71
N ALA B 520 -22.63 19.03 -22.91
CA ALA B 520 -23.13 18.38 -24.11
C ALA B 520 -21.97 17.93 -24.98
N PRO B 521 -22.13 16.82 -25.72
CA PRO B 521 -20.98 16.36 -26.49
C PRO B 521 -20.48 17.46 -27.42
N ALA B 522 -19.16 17.58 -27.56
CA ALA B 522 -18.58 18.61 -28.41
C ALA B 522 -18.92 18.40 -29.88
N THR B 523 -19.87 19.18 -30.39
CA THR B 523 -20.25 19.07 -31.79
C THR B 523 -19.18 19.61 -32.73
N VAL B 524 -18.51 20.69 -32.33
CA VAL B 524 -17.49 21.30 -33.19
C VAL B 524 -16.18 21.54 -32.44
N CYS B 525 -15.07 21.15 -33.05
CA CYS B 525 -13.76 21.34 -32.43
C CYS B 525 -12.66 21.54 -33.47
N GLY B 526 -11.51 22.07 -33.05
CA GLY B 526 -10.41 22.25 -33.98
C GLY B 526 -9.28 21.27 -33.70
N PRO B 527 -8.99 20.39 -34.66
CA PRO B 527 -7.96 19.36 -34.46
C PRO B 527 -6.58 19.84 -34.88
N LYS B 528 -5.58 18.96 -34.80
CA LYS B 528 -4.22 19.32 -35.15
C LYS B 528 -4.12 19.80 -36.59
N LYS B 529 -3.19 20.71 -36.85
CA LYS B 529 -3.01 21.21 -38.22
C LYS B 529 -2.05 20.33 -39.00
N SER B 530 -1.82 19.11 -38.51
CA SER B 530 -0.96 18.16 -39.21
C SER B 530 0.49 18.64 -39.23
N THR B 531 1.39 17.84 -39.81
CA THR B 531 2.79 18.19 -39.86
C THR B 531 3.49 17.52 -41.03
N ASN B 532 4.63 18.04 -41.44
CA ASN B 532 5.38 17.42 -42.52
C ASN B 532 5.64 15.96 -42.21
N LEU B 533 5.47 15.09 -43.20
CA LEU B 533 5.75 13.68 -42.98
C LEU B 533 7.25 13.42 -43.11
N VAL B 534 7.84 12.82 -42.07
CA VAL B 534 9.25 12.48 -42.05
C VAL B 534 9.37 10.97 -41.94
N LYS B 535 10.44 10.43 -42.54
CA LYS B 535 10.67 9.00 -42.56
C LYS B 535 12.15 8.72 -42.39
N ASN B 536 12.45 7.47 -42.00
CA ASN B 536 13.82 6.97 -41.85
C ASN B 536 14.64 7.75 -40.82
N LYS B 537 13.97 8.39 -39.86
CA LYS B 537 14.65 9.12 -38.81
C LYS B 537 14.04 8.79 -37.46
N CYS B 538 14.80 9.03 -36.41
CA CYS B 538 14.38 8.77 -35.04
C CYS B 538 13.42 9.87 -34.62
N VAL B 539 12.12 9.59 -34.69
CA VAL B 539 11.08 10.58 -34.46
C VAL B 539 9.94 9.96 -33.66
N ASN B 540 9.40 10.71 -32.71
CA ASN B 540 8.25 10.28 -31.92
C ASN B 540 6.96 10.74 -32.58
N PHE B 541 5.97 9.86 -32.60
CA PHE B 541 4.67 10.15 -33.22
C PHE B 541 3.55 9.69 -32.29
N ASN B 542 2.36 10.24 -32.54
CA ASN B 542 1.15 9.91 -31.78
C ASN B 542 0.00 9.70 -32.76
N PHE B 543 -0.18 8.47 -33.21
CA PHE B 543 -1.23 8.14 -34.17
C PHE B 543 -2.46 7.59 -33.48
N ASN B 544 -3.03 8.42 -32.60
CA ASN B 544 -4.37 8.24 -32.05
C ASN B 544 -4.47 7.07 -31.07
N GLY B 545 -3.42 6.27 -30.94
CA GLY B 545 -3.49 5.13 -30.04
C GLY B 545 -2.24 4.84 -29.23
N LEU B 546 -1.15 5.55 -29.51
CA LEU B 546 0.12 5.27 -28.85
C LEU B 546 1.08 6.41 -29.11
N THR B 547 2.07 6.53 -28.22
CA THR B 547 3.14 7.52 -28.34
C THR B 547 4.47 6.77 -28.28
N GLY B 548 4.94 6.32 -29.45
CA GLY B 548 6.17 5.55 -29.55
C GLY B 548 7.26 6.35 -30.26
N THR B 549 8.50 6.09 -29.88
CA THR B 549 9.67 6.74 -30.47
C THR B 549 10.44 5.73 -31.30
N GLY B 550 10.63 6.04 -32.57
CA GLY B 550 11.36 5.15 -33.45
C GLY B 550 11.44 5.71 -34.84
N VAL B 551 11.65 4.82 -35.81
CA VAL B 551 11.75 5.20 -37.21
C VAL B 551 10.53 4.66 -37.95
N LEU B 552 10.33 5.15 -39.18
CA LEU B 552 9.21 4.75 -40.02
C LEU B 552 9.76 4.29 -41.37
N THR B 553 9.97 2.99 -41.49
CA THR B 553 10.48 2.41 -42.74
C THR B 553 9.33 1.94 -43.62
N GLU B 554 9.57 1.92 -44.93
CA GLU B 554 8.56 1.53 -45.89
C GLU B 554 8.40 0.01 -45.87
N SER B 555 7.19 -0.44 -45.55
CA SER B 555 6.89 -1.86 -45.51
C SER B 555 6.48 -2.37 -46.90
N ASN B 556 6.41 -3.69 -47.03
CA ASN B 556 6.04 -4.33 -48.28
C ASN B 556 4.73 -5.10 -48.19
N LYS B 557 4.02 -5.00 -47.08
CA LYS B 557 2.75 -5.70 -46.89
C LYS B 557 1.62 -4.70 -46.79
N LYS B 558 0.51 -4.98 -47.47
CA LYS B 558 -0.67 -4.14 -47.46
C LYS B 558 -1.69 -4.69 -46.48
N PHE B 559 -2.26 -3.81 -45.67
CA PHE B 559 -3.22 -4.21 -44.66
C PHE B 559 -4.65 -4.15 -45.21
N LEU B 560 -5.57 -4.79 -44.49
CA LEU B 560 -6.97 -4.71 -44.84
C LEU B 560 -7.52 -3.33 -44.49
N PRO B 561 -8.47 -2.80 -45.30
CA PRO B 561 -8.96 -1.44 -45.11
C PRO B 561 -10.00 -1.29 -43.98
N PHE B 562 -9.74 -1.98 -42.86
CA PHE B 562 -10.57 -1.82 -41.68
C PHE B 562 -9.78 -1.76 -40.38
N GLN B 563 -8.46 -1.88 -40.43
CA GLN B 563 -7.60 -1.84 -39.25
C GLN B 563 -6.79 -0.56 -39.22
N GLN B 564 -6.21 -0.28 -38.07
CA GLN B 564 -5.38 0.90 -37.87
C GLN B 564 -4.00 0.57 -37.33
N PHE B 565 -3.87 -0.42 -36.46
CA PHE B 565 -2.60 -0.82 -35.87
C PHE B 565 -2.24 -2.23 -36.32
N GLY B 566 -1.10 -2.71 -35.84
CA GLY B 566 -0.65 -4.05 -36.16
C GLY B 566 0.34 -4.60 -35.16
N ARG B 567 0.06 -5.81 -34.65
CA ARG B 567 0.93 -6.49 -33.70
C ARG B 567 1.84 -7.47 -34.45
N ASP B 568 2.55 -8.30 -33.69
CA ASP B 568 3.48 -9.26 -34.28
C ASP B 568 3.48 -10.51 -33.39
N ILE B 569 4.47 -11.37 -33.59
CA ILE B 569 4.56 -12.61 -32.83
C ILE B 569 4.89 -12.31 -31.37
N ALA B 570 5.80 -11.37 -31.14
CA ALA B 570 6.24 -11.02 -29.80
C ALA B 570 5.30 -10.06 -29.08
N ASP B 571 4.09 -9.85 -29.62
CA ASP B 571 3.07 -9.00 -29.01
C ASP B 571 3.60 -7.57 -28.80
N THR B 572 3.91 -6.92 -29.92
CA THR B 572 4.40 -5.55 -29.92
C THR B 572 3.80 -4.81 -31.10
N THR B 573 3.13 -3.69 -30.83
CA THR B 573 2.54 -2.87 -31.87
C THR B 573 3.66 -2.14 -32.62
N ASP B 574 4.03 -2.67 -33.80
CA ASP B 574 5.13 -2.11 -34.58
C ASP B 574 4.71 -1.78 -36.01
N ALA B 575 3.40 -1.70 -36.27
CA ALA B 575 2.91 -1.40 -37.61
C ALA B 575 1.64 -0.57 -37.46
N VAL B 576 1.75 0.73 -37.72
CA VAL B 576 0.63 1.66 -37.62
C VAL B 576 0.37 2.26 -38.99
N ARG B 577 -0.87 2.18 -39.45
CA ARG B 577 -1.25 2.74 -40.73
C ARG B 577 -1.36 4.26 -40.64
N ASP B 578 -0.66 4.95 -41.53
CA ASP B 578 -0.71 6.41 -41.55
C ASP B 578 -2.03 6.87 -42.17
N PRO B 579 -2.86 7.63 -41.45
CA PRO B 579 -4.14 8.08 -42.00
C PRO B 579 -4.04 9.22 -42.99
N GLN B 580 -2.84 9.61 -43.42
CA GLN B 580 -2.70 10.69 -44.39
C GLN B 580 -3.01 10.20 -45.80
N THR B 581 -2.33 9.14 -46.24
CA THR B 581 -2.55 8.59 -47.58
C THR B 581 -2.65 7.07 -47.56
N LEU B 582 -2.92 6.47 -46.39
CA LEU B 582 -2.99 5.02 -46.23
C LEU B 582 -1.68 4.36 -46.62
N GLU B 583 -0.61 4.81 -45.98
CA GLU B 583 0.74 4.29 -46.20
C GLU B 583 1.16 3.48 -44.99
N ILE B 584 1.39 2.19 -45.19
CA ILE B 584 1.77 1.30 -44.09
C ILE B 584 3.23 1.51 -43.76
N LEU B 585 3.52 1.78 -42.49
CA LEU B 585 4.88 2.01 -42.03
C LEU B 585 5.15 1.15 -40.80
N ASP B 586 6.39 0.66 -40.70
CA ASP B 586 6.82 -0.16 -39.58
C ASP B 586 7.51 0.69 -38.52
N ILE B 587 7.57 0.17 -37.31
CA ILE B 587 8.17 0.84 -36.17
C ILE B 587 9.36 0.03 -35.71
N THR B 588 10.53 0.69 -35.64
CA THR B 588 11.76 0.07 -35.16
C THR B 588 12.33 0.97 -34.07
N PRO B 589 12.60 0.45 -32.87
CA PRO B 589 13.06 1.30 -31.77
C PRO B 589 14.43 1.90 -32.07
N CYS B 590 14.79 2.88 -31.26
CA CYS B 590 15.94 3.74 -31.53
C CYS B 590 17.14 3.43 -30.65
N SER B 591 16.93 2.93 -29.43
CA SER B 591 18.01 2.58 -28.52
C SER B 591 18.05 1.06 -28.38
N PHE B 592 19.18 0.45 -28.77
CA PHE B 592 19.37 -0.98 -28.69
C PHE B 592 20.67 -1.27 -27.94
N GLY B 593 20.56 -1.84 -26.74
CA GLY B 593 21.73 -2.19 -25.97
C GLY B 593 22.34 -0.99 -25.25
N GLY B 594 23.65 -1.06 -25.04
CA GLY B 594 24.37 -0.01 -24.37
C GLY B 594 25.76 0.21 -24.94
N VAL B 595 26.66 0.77 -24.11
CA VAL B 595 28.03 1.02 -24.53
C VAL B 595 28.97 0.18 -23.67
N SER B 596 30.14 -0.09 -24.23
CA SER B 596 31.18 -0.85 -23.54
C SER B 596 32.53 -0.24 -23.84
N VAL B 597 33.37 -0.14 -22.80
CA VAL B 597 34.70 0.45 -22.90
C VAL B 597 35.74 -0.66 -22.83
N ILE B 598 36.70 -0.63 -23.75
CA ILE B 598 37.75 -1.64 -23.83
C ILE B 598 39.04 -1.03 -23.28
N THR B 599 39.58 -1.65 -22.23
CA THR B 599 40.83 -1.23 -21.62
C THR B 599 41.89 -2.29 -21.80
N PRO B 600 43.07 -1.95 -22.35
CA PRO B 600 44.09 -2.98 -22.55
C PRO B 600 44.73 -3.48 -21.27
N GLY B 601 44.60 -2.76 -20.17
CA GLY B 601 45.17 -3.17 -18.90
C GLY B 601 46.09 -2.10 -18.32
N THR B 602 46.49 -2.36 -17.07
CA THR B 602 47.35 -1.43 -16.35
C THR B 602 48.80 -1.54 -16.84
N ASN B 603 49.51 -0.41 -16.76
CA ASN B 603 50.91 -0.30 -17.16
C ASN B 603 51.14 -0.73 -18.62
N THR B 604 50.12 -0.67 -19.46
CA THR B 604 50.23 -1.04 -20.86
C THR B 604 49.92 0.11 -21.80
N SER B 605 48.79 0.79 -21.61
CA SER B 605 48.38 1.85 -22.52
C SER B 605 47.60 2.90 -21.72
N ASN B 606 47.09 3.90 -22.44
CA ASN B 606 46.31 4.98 -21.84
C ASN B 606 45.00 5.28 -22.55
N GLN B 607 44.83 4.88 -23.81
CA GLN B 607 43.62 5.14 -24.56
C GLN B 607 42.68 3.94 -24.48
N VAL B 608 41.41 4.19 -24.79
CA VAL B 608 40.36 3.18 -24.75
C VAL B 608 39.61 3.20 -26.08
N ALA B 609 38.58 2.36 -26.18
CA ALA B 609 37.78 2.25 -27.38
C ALA B 609 36.30 2.16 -26.99
N VAL B 610 35.45 2.82 -27.77
CA VAL B 610 34.01 2.83 -27.53
C VAL B 610 33.37 1.80 -28.45
N LEU B 611 32.66 0.85 -27.87
CA LEU B 611 32.01 -0.23 -28.62
C LEU B 611 30.51 -0.18 -28.37
N TYR B 612 29.74 -0.20 -29.44
CA TYR B 612 28.28 -0.24 -29.36
C TYR B 612 27.79 -1.68 -29.47
N GLN B 613 26.74 -1.99 -28.70
CA GLN B 613 26.23 -3.36 -28.68
C GLN B 613 25.40 -3.68 -29.93
N ASP B 614 24.31 -2.94 -30.12
CA ASP B 614 23.41 -3.17 -31.25
C ASP B 614 22.98 -1.85 -31.86
N VAL B 615 23.90 -0.89 -31.95
CA VAL B 615 23.63 0.43 -32.52
C VAL B 615 24.42 0.54 -33.82
N ASN B 616 23.71 0.75 -34.93
CA ASN B 616 24.35 0.89 -36.23
C ASN B 616 24.97 2.28 -36.38
N CYS B 617 26.05 2.35 -37.13
CA CYS B 617 26.78 3.61 -37.30
C CYS B 617 26.53 4.24 -38.67
N ASN B 641 40.13 3.73 -37.37
CA ASN B 641 39.22 4.68 -36.74
C ASN B 641 37.87 4.03 -36.48
N VAL B 642 36.96 4.13 -37.46
CA VAL B 642 35.62 3.58 -37.35
C VAL B 642 35.57 2.30 -38.17
N PHE B 643 35.21 1.19 -37.52
CA PHE B 643 35.11 -0.10 -38.17
C PHE B 643 33.77 -0.73 -37.81
N GLN B 644 32.93 -0.99 -38.82
CA GLN B 644 31.62 -1.58 -38.61
C GLN B 644 31.80 -3.08 -38.43
N THR B 645 31.93 -3.50 -37.18
CA THR B 645 32.09 -4.91 -36.86
C THR B 645 30.74 -5.63 -36.92
N ARG B 646 30.79 -6.95 -36.88
CA ARG B 646 29.58 -7.76 -36.91
C ARG B 646 28.83 -7.73 -35.58
N ALA B 647 29.48 -7.30 -34.51
CA ALA B 647 28.86 -7.22 -33.19
C ALA B 647 28.47 -5.80 -32.80
N GLY B 648 28.32 -4.91 -33.77
CA GLY B 648 27.91 -3.54 -33.50
C GLY B 648 28.80 -2.48 -34.13
N CYS B 649 29.38 -1.62 -33.28
CA CYS B 649 30.27 -0.56 -33.74
C CYS B 649 31.45 -0.46 -32.78
N LEU B 650 32.66 -0.69 -33.30
CA LEU B 650 33.88 -0.40 -32.57
C LEU B 650 34.56 0.79 -33.23
N ILE B 651 34.65 1.90 -32.50
CA ILE B 651 35.27 3.11 -33.01
C ILE B 651 36.53 3.38 -32.20
N GLY B 652 37.41 4.20 -32.77
CA GLY B 652 38.68 4.51 -32.13
C GLY B 652 39.74 3.45 -32.26
N ALA B 653 39.55 2.47 -33.12
CA ALA B 653 40.53 1.40 -33.33
C ALA B 653 40.54 1.01 -34.79
N GLU B 654 41.72 1.06 -35.40
CA GLU B 654 41.86 0.70 -36.80
C GLU B 654 41.80 -0.81 -36.98
N HIS B 655 41.50 -1.23 -38.20
CA HIS B 655 41.36 -2.64 -38.55
C HIS B 655 42.56 -3.09 -39.38
N VAL B 656 43.04 -4.30 -39.09
CA VAL B 656 44.16 -4.90 -39.80
C VAL B 656 43.76 -6.29 -40.24
N ASN B 657 44.18 -6.68 -41.45
CA ASN B 657 43.81 -7.98 -42.01
C ASN B 657 44.63 -9.12 -41.43
N ASN B 658 45.69 -8.84 -40.69
CA ASN B 658 46.48 -9.90 -40.07
C ASN B 658 45.75 -10.46 -38.86
N SER B 659 46.08 -11.72 -38.53
CA SER B 659 45.44 -12.43 -37.44
C SER B 659 46.50 -12.88 -36.43
N TYR B 660 46.24 -12.61 -35.16
CA TYR B 660 47.11 -13.04 -34.07
C TYR B 660 46.24 -13.57 -32.94
N GLU B 661 46.89 -13.99 -31.85
CA GLU B 661 46.19 -14.47 -30.67
C GLU B 661 45.64 -13.28 -29.89
N CYS B 662 44.32 -13.21 -29.76
CA CYS B 662 43.68 -12.09 -29.08
C CYS B 662 43.54 -12.39 -27.59
N ASP B 663 43.46 -11.32 -26.81
CA ASP B 663 43.37 -11.40 -25.35
C ASP B 663 42.02 -10.92 -24.82
N ILE B 664 41.59 -9.73 -25.22
CA ILE B 664 40.33 -9.16 -24.74
C ILE B 664 39.21 -9.66 -25.64
N PRO B 665 38.25 -10.43 -25.13
CA PRO B 665 37.15 -10.90 -25.98
C PRO B 665 36.13 -9.80 -26.23
N ILE B 666 35.59 -9.77 -27.44
CA ILE B 666 34.59 -8.78 -27.82
C ILE B 666 33.30 -9.50 -28.22
N GLY B 667 33.40 -10.37 -29.21
CA GLY B 667 32.25 -11.12 -29.68
C GLY B 667 32.27 -11.24 -31.20
N ALA B 668 31.45 -12.17 -31.71
CA ALA B 668 31.29 -12.40 -33.14
C ALA B 668 32.62 -12.77 -33.82
N GLY B 669 33.49 -13.46 -33.10
CA GLY B 669 34.72 -13.96 -33.68
C GLY B 669 35.81 -12.94 -33.91
N ILE B 670 35.65 -11.72 -33.41
CA ILE B 670 36.64 -10.66 -33.58
C ILE B 670 36.98 -10.09 -32.21
N CYS B 671 38.26 -9.94 -31.93
CA CYS B 671 38.75 -9.42 -30.66
C CYS B 671 39.32 -8.01 -30.85
N ALA B 672 39.89 -7.47 -29.78
CA ALA B 672 40.56 -6.18 -29.82
C ALA B 672 41.82 -6.28 -28.96
N SER B 673 42.96 -5.92 -29.53
CA SER B 673 44.25 -6.04 -28.86
C SER B 673 45.04 -4.74 -29.05
N TYR B 674 46.24 -4.72 -28.47
CA TYR B 674 47.13 -3.56 -28.53
C TYR B 674 48.49 -4.04 -29.02
N GLN B 675 48.76 -3.86 -30.32
CA GLN B 675 50.02 -4.25 -30.93
C GLN B 675 50.55 -3.09 -31.76
N THR B 676 51.72 -3.31 -32.37
CA THR B 676 52.35 -2.28 -33.19
C THR B 676 51.65 -2.18 -34.55
N SER B 689 53.73 4.50 -33.64
CA SER B 689 54.02 3.63 -32.50
C SER B 689 53.05 2.46 -32.44
N GLN B 690 52.51 2.21 -31.25
CA GLN B 690 51.56 1.13 -31.03
C GLN B 690 50.18 1.71 -30.73
N SER B 691 49.15 1.12 -31.33
CA SER B 691 47.78 1.57 -31.15
C SER B 691 46.88 0.36 -31.00
N ILE B 692 45.65 0.62 -30.52
CA ILE B 692 44.67 -0.44 -30.34
C ILE B 692 44.12 -0.83 -31.71
N ILE B 693 44.26 -2.11 -32.05
CA ILE B 693 43.81 -2.63 -33.34
C ILE B 693 42.77 -3.70 -33.11
N ALA B 694 41.87 -3.85 -34.07
CA ALA B 694 40.82 -4.86 -34.04
C ALA B 694 40.96 -5.75 -35.27
N TYR B 695 41.06 -7.07 -35.03
CA TYR B 695 41.26 -8.02 -36.10
C TYR B 695 40.61 -9.34 -35.73
N THR B 696 40.42 -10.20 -36.73
CA THR B 696 39.84 -11.51 -36.50
C THR B 696 40.83 -12.39 -35.75
N MET B 697 40.32 -13.09 -34.73
CA MET B 697 41.19 -13.93 -33.91
C MET B 697 41.61 -15.19 -34.67
N SER B 698 42.77 -15.70 -34.31
CA SER B 698 43.30 -16.94 -34.89
C SER B 698 42.78 -18.14 -34.11
N LEU B 699 42.29 -19.14 -34.82
CA LEU B 699 41.74 -20.33 -34.20
C LEU B 699 42.81 -21.37 -33.85
N GLY B 700 44.07 -21.11 -34.18
CA GLY B 700 45.13 -22.04 -33.88
C GLY B 700 46.26 -21.91 -34.89
N ALA B 701 47.27 -22.75 -34.71
CA ALA B 701 48.43 -22.76 -35.59
C ALA B 701 48.05 -23.45 -36.90
N GLU B 702 48.02 -22.69 -37.98
CA GLU B 702 47.66 -23.21 -39.31
C GLU B 702 48.82 -24.04 -39.83
N ASN B 703 48.76 -25.36 -39.61
CA ASN B 703 49.79 -26.27 -40.07
C ASN B 703 49.13 -27.48 -40.73
N SER B 704 49.92 -28.17 -41.56
CA SER B 704 49.46 -29.34 -42.29
C SER B 704 50.07 -30.60 -41.68
N VAL B 705 49.24 -31.62 -41.53
CA VAL B 705 49.65 -32.91 -40.98
C VAL B 705 49.74 -33.91 -42.12
N ALA B 706 50.93 -34.45 -42.35
CA ALA B 706 51.15 -35.41 -43.43
C ALA B 706 50.58 -36.77 -43.03
N TYR B 707 49.59 -37.23 -43.79
CA TYR B 707 48.95 -38.52 -43.55
C TYR B 707 49.32 -39.49 -44.67
N SER B 708 49.72 -40.70 -44.29
CA SER B 708 50.03 -41.74 -45.25
C SER B 708 49.74 -43.10 -44.62
N ASN B 709 49.57 -44.11 -45.47
CA ASN B 709 49.21 -45.44 -45.03
C ASN B 709 50.41 -46.31 -44.64
N ASN B 710 51.63 -45.83 -44.85
CA ASN B 710 52.82 -46.61 -44.55
C ASN B 710 53.87 -45.77 -43.85
N SER B 711 53.44 -44.89 -42.95
CA SER B 711 54.34 -44.06 -42.18
C SER B 711 53.80 -43.87 -40.77
N ILE B 712 54.64 -44.08 -39.77
CA ILE B 712 54.27 -43.92 -38.37
C ILE B 712 55.29 -42.97 -37.72
N ALA B 713 54.85 -42.33 -36.64
CA ALA B 713 55.68 -41.39 -35.91
C ALA B 713 55.79 -41.86 -34.47
N ILE B 714 57.00 -42.24 -34.06
CA ILE B 714 57.28 -42.73 -32.72
C ILE B 714 58.15 -41.70 -32.02
N PRO B 715 57.74 -41.18 -30.86
CA PRO B 715 58.56 -40.18 -30.17
C PRO B 715 59.79 -40.81 -29.53
N THR B 716 60.91 -40.10 -29.61
CA THR B 716 62.17 -40.57 -29.04
C THR B 716 62.56 -39.85 -27.75
N ASN B 717 61.90 -38.73 -27.43
CA ASN B 717 62.20 -37.99 -26.21
C ASN B 717 60.89 -37.49 -25.61
N PHE B 718 60.98 -36.97 -24.39
CA PHE B 718 59.80 -36.50 -23.68
C PHE B 718 60.22 -35.40 -22.71
N THR B 719 59.22 -34.65 -22.24
CA THR B 719 59.42 -33.58 -21.27
C THR B 719 58.42 -33.75 -20.14
N ILE B 720 58.91 -33.70 -18.90
CA ILE B 720 58.07 -33.86 -17.72
C ILE B 720 57.60 -32.48 -17.28
N SER B 721 56.31 -32.22 -17.45
CA SER B 721 55.71 -30.94 -17.08
C SER B 721 54.71 -31.14 -15.95
N VAL B 722 54.32 -30.04 -15.32
CA VAL B 722 53.38 -30.04 -14.21
C VAL B 722 52.22 -29.13 -14.59
N THR B 723 51.00 -29.69 -14.61
CA THR B 723 49.80 -28.94 -14.92
C THR B 723 49.13 -28.52 -13.62
N THR B 724 49.05 -27.22 -13.38
CA THR B 724 48.46 -26.69 -12.15
C THR B 724 46.98 -26.39 -12.40
N GLU B 725 46.11 -27.15 -11.74
CA GLU B 725 44.67 -26.96 -11.84
C GLU B 725 44.15 -26.38 -10.53
N ILE B 726 43.30 -25.36 -10.64
CA ILE B 726 42.77 -24.64 -9.50
C ILE B 726 41.31 -25.03 -9.34
N LEU B 727 40.97 -25.65 -8.20
CA LEU B 727 39.60 -26.07 -7.94
C LEU B 727 39.20 -25.77 -6.51
N PRO B 728 38.21 -24.91 -6.29
CA PRO B 728 37.79 -24.59 -4.93
C PRO B 728 36.90 -25.68 -4.34
N VAL B 729 36.94 -25.79 -3.01
CA VAL B 729 36.14 -26.78 -2.30
C VAL B 729 35.23 -26.16 -1.24
N SER B 730 35.52 -24.95 -0.77
CA SER B 730 34.70 -24.31 0.25
C SER B 730 34.83 -22.81 0.12
N MET B 731 34.03 -22.09 0.91
CA MET B 731 34.03 -20.64 0.91
C MET B 731 33.71 -20.16 2.32
N THR B 732 33.43 -18.86 2.45
CA THR B 732 33.12 -18.28 3.75
C THR B 732 31.71 -18.68 4.20
N LYS B 733 31.50 -18.62 5.51
CA LYS B 733 30.23 -18.96 6.12
C LYS B 733 29.62 -17.69 6.72
N THR B 734 28.48 -17.26 6.18
CA THR B 734 27.79 -16.06 6.63
C THR B 734 26.41 -16.46 7.15
N SER B 735 26.11 -16.10 8.39
CA SER B 735 24.84 -16.39 9.04
C SER B 735 24.10 -15.08 9.28
N VAL B 736 23.08 -14.81 8.47
CA VAL B 736 22.27 -13.60 8.58
C VAL B 736 21.03 -13.92 9.40
N ASP B 737 20.77 -13.10 10.41
CA ASP B 737 19.66 -13.32 11.33
C ASP B 737 18.39 -12.68 10.78
N CYS B 738 17.23 -13.19 11.21
CA CYS B 738 15.97 -12.61 10.81
C CYS B 738 15.73 -11.22 11.37
N THR B 739 16.08 -11.01 12.65
CA THR B 739 15.63 -9.86 13.41
C THR B 739 16.67 -8.76 13.51
N MET B 740 17.96 -9.12 13.54
CA MET B 740 19.00 -8.12 13.69
C MET B 740 19.18 -7.30 12.42
N TYR B 741 18.96 -7.91 11.26
CA TYR B 741 19.15 -7.18 10.00
C TYR B 741 17.94 -6.32 9.67
N ILE B 742 16.74 -6.80 9.95
CA ILE B 742 15.53 -6.05 9.62
C ILE B 742 15.20 -5.05 10.73
N CYS B 743 14.99 -5.55 11.94
CA CYS B 743 14.63 -4.71 13.07
C CYS B 743 15.87 -4.14 13.73
N GLY B 744 15.74 -2.95 14.30
CA GLY B 744 16.85 -2.28 14.95
C GLY B 744 16.83 -2.40 16.46
N ASP B 745 16.46 -1.33 17.14
CA ASP B 745 16.41 -1.28 18.60
C ASP B 745 15.07 -0.75 19.08
N SER B 746 14.00 -1.30 18.51
CA SER B 746 12.64 -0.89 18.87
C SER B 746 11.78 -2.14 19.02
N THR B 747 10.61 -1.96 19.64
CA THR B 747 9.66 -3.04 19.85
C THR B 747 8.53 -3.05 18.84
N GLU B 748 8.38 -1.97 18.06
CA GLU B 748 7.31 -1.92 17.06
C GLU B 748 7.63 -2.79 15.85
N CYS B 749 8.91 -3.02 15.57
CA CYS B 749 9.29 -3.88 14.46
C CYS B 749 9.08 -5.36 14.78
N SER B 750 9.16 -5.73 16.06
CA SER B 750 8.96 -7.13 16.44
C SER B 750 7.51 -7.55 16.35
N ASN B 751 6.57 -6.61 16.38
CA ASN B 751 5.16 -6.96 16.26
C ASN B 751 4.79 -7.32 14.82
N LEU B 752 5.37 -6.62 13.85
CA LEU B 752 5.12 -6.93 12.45
C LEU B 752 5.94 -8.10 11.95
N LEU B 753 7.01 -8.47 12.66
CA LEU B 753 7.84 -9.59 12.25
C LEU B 753 7.19 -10.94 12.56
N LEU B 754 6.17 -10.98 13.42
CA LEU B 754 5.49 -12.23 13.71
C LEU B 754 4.61 -12.67 12.54
N GLN B 755 4.16 -11.72 11.71
CA GLN B 755 3.40 -12.08 10.52
C GLN B 755 4.31 -12.65 9.43
N TYR B 756 5.59 -12.30 9.44
CA TYR B 756 6.57 -12.85 8.50
C TYR B 756 7.52 -13.82 9.19
N GLY B 757 7.06 -14.47 10.27
CA GLY B 757 7.89 -15.45 10.95
C GLY B 757 8.08 -16.73 10.17
N SER B 758 7.14 -17.07 9.29
CA SER B 758 7.32 -18.23 8.44
C SER B 758 8.36 -17.99 7.35
N PHE B 759 8.57 -16.74 6.96
CA PHE B 759 9.52 -16.43 5.89
C PHE B 759 10.97 -16.51 6.36
N CYS B 760 11.28 -16.04 7.56
CA CYS B 760 12.67 -16.06 7.99
C CYS B 760 13.07 -17.44 8.47
N THR B 761 12.10 -18.24 8.91
CA THR B 761 12.39 -19.63 9.28
C THR B 761 12.84 -20.43 8.08
N GLN B 762 12.32 -20.09 6.89
CA GLN B 762 12.85 -20.67 5.67
C GLN B 762 14.24 -20.14 5.36
N LEU B 763 14.52 -18.88 5.72
CA LEU B 763 15.84 -18.31 5.50
C LEU B 763 16.83 -18.77 6.56
N ASN B 764 16.38 -19.06 7.78
CA ASN B 764 17.26 -19.57 8.81
C ASN B 764 17.61 -21.03 8.56
N ARG B 765 16.66 -21.81 8.06
CA ARG B 765 16.95 -23.21 7.74
C ARG B 765 17.78 -23.34 6.48
N ALA B 766 17.68 -22.37 5.57
CA ALA B 766 18.50 -22.41 4.37
C ALA B 766 19.95 -22.05 4.68
N LEU B 767 20.17 -21.06 5.54
CA LEU B 767 21.52 -20.71 5.94
C LEU B 767 22.13 -21.74 6.86
N THR B 768 21.30 -22.52 7.57
CA THR B 768 21.83 -23.60 8.40
C THR B 768 22.35 -24.75 7.54
N GLY B 769 21.58 -25.13 6.52
CA GLY B 769 22.03 -26.17 5.60
C GLY B 769 23.22 -25.77 4.75
N ILE B 770 23.43 -24.47 4.55
CA ILE B 770 24.60 -24.01 3.80
C ILE B 770 25.87 -24.21 4.63
N ALA B 771 25.81 -23.85 5.92
CA ALA B 771 26.97 -24.05 6.79
C ALA B 771 27.26 -25.52 7.01
N VAL B 772 26.24 -26.37 6.95
CA VAL B 772 26.46 -27.81 7.06
C VAL B 772 27.09 -28.34 5.77
N GLU B 773 26.61 -27.89 4.61
CA GLU B 773 27.18 -28.33 3.35
C GLU B 773 28.57 -27.74 3.13
N GLN B 774 28.84 -26.55 3.68
CA GLN B 774 30.17 -25.97 3.56
C GLN B 774 31.19 -26.73 4.42
N ASP B 775 30.73 -27.35 5.51
CA ASP B 775 31.61 -28.14 6.36
C ASP B 775 31.73 -29.58 5.89
N LYS B 776 30.72 -30.10 5.20
CA LYS B 776 30.75 -31.48 4.72
C LYS B 776 31.61 -31.64 3.47
N ASN B 777 31.82 -30.56 2.71
CA ASN B 777 32.64 -30.65 1.51
C ASN B 777 34.12 -30.81 1.86
N THR B 778 34.54 -30.33 3.03
CA THR B 778 35.93 -30.50 3.44
C THR B 778 36.24 -31.93 3.85
N GLN B 779 35.27 -32.62 4.46
CA GLN B 779 35.46 -34.00 4.89
C GLN B 779 35.39 -34.98 3.73
N GLU B 780 34.98 -34.56 2.54
CA GLU B 780 34.89 -35.44 1.39
C GLU B 780 36.10 -35.36 0.47
N VAL B 781 36.89 -34.31 0.56
CA VAL B 781 38.06 -34.11 -0.29
C VAL B 781 39.36 -34.37 0.48
N PHE B 782 39.53 -33.69 1.62
CA PHE B 782 40.76 -33.83 2.40
C PHE B 782 40.73 -35.01 3.36
N ALA B 783 39.56 -35.36 3.88
CA ALA B 783 39.44 -36.46 4.84
C ALA B 783 39.12 -37.77 4.13
N GLN B 784 40.02 -38.16 3.22
CA GLN B 784 39.86 -39.43 2.52
C GLN B 784 40.35 -40.61 3.35
N VAL B 785 41.38 -40.41 4.17
CA VAL B 785 41.90 -41.45 5.04
C VAL B 785 41.72 -41.01 6.49
N LYS B 786 41.79 -42.00 7.39
CA LYS B 786 41.62 -41.76 8.82
C LYS B 786 42.91 -41.99 9.60
N GLN B 787 44.07 -41.91 8.93
CA GLN B 787 45.35 -42.11 9.57
C GLN B 787 46.31 -41.00 9.13
N ILE B 788 47.03 -40.44 10.09
CA ILE B 788 48.03 -39.40 9.81
C ILE B 788 49.36 -40.07 9.53
N TYR B 789 49.89 -39.86 8.33
CA TYR B 789 51.14 -40.48 7.91
C TYR B 789 52.29 -39.51 8.18
N LYS B 790 53.26 -39.95 8.98
CA LYS B 790 54.40 -39.11 9.32
C LYS B 790 55.41 -39.08 8.19
N THR B 791 56.10 -37.96 8.07
CA THR B 791 57.12 -37.81 7.03
C THR B 791 58.37 -38.60 7.40
N PRO B 792 58.91 -39.41 6.51
CA PRO B 792 60.11 -40.19 6.83
C PRO B 792 61.34 -39.30 6.85
N PRO B 793 62.32 -39.60 7.69
CA PRO B 793 63.53 -38.75 7.75
C PRO B 793 64.48 -38.95 6.57
N ILE B 794 64.35 -40.04 5.83
CA ILE B 794 65.22 -40.29 4.68
C ILE B 794 64.75 -39.42 3.53
N LYS B 795 65.54 -38.40 3.18
CA LYS B 795 65.22 -37.49 2.10
C LYS B 795 65.81 -37.92 0.76
N ASP B 796 66.52 -39.04 0.71
CA ASP B 796 67.12 -39.53 -0.52
C ASP B 796 66.08 -40.38 -1.25
N PHE B 797 65.43 -39.78 -2.25
CA PHE B 797 64.40 -40.45 -3.04
C PHE B 797 64.90 -40.86 -4.42
N GLY B 798 66.21 -40.90 -4.62
CA GLY B 798 66.76 -41.26 -5.91
C GLY B 798 67.05 -40.09 -6.82
N GLY B 799 67.38 -38.92 -6.27
CA GLY B 799 67.67 -37.75 -7.07
C GLY B 799 66.53 -36.76 -7.19
N PHE B 800 65.40 -37.03 -6.55
CA PHE B 800 64.24 -36.14 -6.61
C PHE B 800 64.25 -35.16 -5.45
N ASN B 801 63.83 -33.93 -5.71
CA ASN B 801 63.76 -32.87 -4.71
C ASN B 801 62.33 -32.78 -4.20
N PHE B 802 62.11 -33.18 -2.95
CA PHE B 802 60.80 -33.17 -2.33
C PHE B 802 60.71 -32.16 -1.19
N SER B 803 61.65 -31.23 -1.10
CA SER B 803 61.63 -30.22 -0.05
C SER B 803 60.59 -29.14 -0.29
N GLN B 804 60.09 -29.00 -1.52
CA GLN B 804 59.08 -28.00 -1.81
C GLN B 804 57.69 -28.44 -1.41
N ILE B 805 57.43 -29.75 -1.40
CA ILE B 805 56.13 -30.28 -1.01
C ILE B 805 56.08 -30.71 0.45
N LEU B 806 57.23 -30.88 1.11
CA LEU B 806 57.27 -31.28 2.50
C LEU B 806 57.46 -30.07 3.41
N PRO B 807 56.83 -30.08 4.59
CA PRO B 807 56.97 -28.95 5.52
C PRO B 807 58.38 -28.89 6.09
N ASP B 808 59.00 -27.71 6.02
CA ASP B 808 60.34 -27.53 6.55
C ASP B 808 60.28 -27.26 8.06
N PRO B 809 61.24 -27.78 8.82
CA PRO B 809 61.23 -27.56 10.27
C PRO B 809 61.77 -26.20 10.70
N SER B 810 62.15 -25.34 9.76
CA SER B 810 62.67 -24.03 10.13
C SER B 810 61.56 -23.09 10.58
N LYS B 811 60.34 -23.29 10.09
CA LYS B 811 59.21 -22.46 10.44
C LYS B 811 58.26 -23.22 11.37
N PRO B 812 57.60 -22.53 12.31
CA PRO B 812 56.66 -23.23 13.20
C PRO B 812 55.38 -23.66 12.50
N SER B 813 55.02 -23.04 11.38
CA SER B 813 53.82 -23.41 10.66
C SER B 813 54.04 -24.70 9.87
N LYS B 814 52.95 -25.41 9.60
CA LYS B 814 53.00 -26.67 8.86
C LYS B 814 52.97 -26.47 7.35
N ARG B 815 52.83 -25.24 6.87
CA ARG B 815 52.79 -24.98 5.45
C ARG B 815 54.19 -25.05 4.86
N SER B 816 54.29 -25.57 3.63
CA SER B 816 55.57 -25.66 2.96
C SER B 816 55.90 -24.33 2.28
N PRO B 817 57.08 -24.23 1.64
CA PRO B 817 57.38 -23.00 0.91
C PRO B 817 56.29 -22.66 -0.09
N ILE B 818 55.83 -23.67 -0.84
CA ILE B 818 54.79 -23.43 -1.82
C ILE B 818 53.49 -23.02 -1.15
N GLU B 819 53.02 -23.84 -0.22
CA GLU B 819 51.77 -23.54 0.47
C GLU B 819 51.80 -22.16 1.12
N ASP B 820 52.97 -21.72 1.60
CA ASP B 820 53.09 -20.38 2.16
C ASP B 820 53.09 -19.32 1.08
N LEU B 821 53.55 -19.66 -0.13
CA LEU B 821 53.51 -18.71 -1.23
C LEU B 821 52.10 -18.51 -1.75
N LEU B 822 51.23 -19.52 -1.61
CA LEU B 822 49.85 -19.40 -2.04
C LEU B 822 48.97 -18.72 -1.00
N PHE B 823 49.38 -18.72 0.26
CA PHE B 823 48.58 -18.07 1.30
C PHE B 823 48.64 -16.55 1.18
N ASN B 824 49.80 -16.01 0.80
CA ASN B 824 49.96 -14.57 0.63
C ASN B 824 49.63 -14.10 -0.78
N LYS B 825 49.41 -15.03 -1.72
CA LYS B 825 49.09 -14.64 -3.09
C LYS B 825 47.63 -14.21 -3.21
N VAL B 826 46.71 -15.02 -2.69
CA VAL B 826 45.29 -14.73 -2.75
C VAL B 826 44.88 -14.04 -1.44
N THR B 827 44.04 -13.02 -1.56
CA THR B 827 43.57 -12.28 -0.40
C THR B 827 42.33 -12.92 0.20
N ALA B 852 33.80 -2.65 9.54
CA ALA B 852 33.82 -4.11 9.44
C ALA B 852 32.51 -4.63 8.86
N GLN B 853 32.58 -5.82 8.23
CA GLN B 853 31.40 -6.41 7.63
C GLN B 853 30.45 -7.01 8.66
N LYS B 854 30.92 -7.26 9.88
CA LYS B 854 30.09 -7.83 10.94
C LYS B 854 29.40 -6.75 11.77
N PHE B 855 29.50 -5.48 11.39
CA PHE B 855 28.89 -4.41 12.16
C PHE B 855 27.39 -4.34 11.95
N ASN B 856 26.89 -4.81 10.80
CA ASN B 856 25.47 -4.77 10.48
C ASN B 856 24.80 -6.12 10.70
N GLY B 857 25.30 -6.92 11.65
CA GLY B 857 24.75 -8.22 11.92
C GLY B 857 25.17 -9.32 10.97
N LEU B 858 26.08 -9.04 10.05
CA LEU B 858 26.55 -10.04 9.10
C LEU B 858 27.84 -10.69 9.62
N THR B 859 27.68 -11.46 10.69
CA THR B 859 28.80 -12.13 11.31
C THR B 859 29.26 -13.32 10.47
N VAL B 860 30.57 -13.58 10.51
CA VAL B 860 31.18 -14.67 9.75
C VAL B 860 31.56 -15.76 10.74
N LEU B 861 30.97 -16.95 10.57
CA LEU B 861 31.26 -18.06 11.46
C LEU B 861 32.49 -18.83 10.98
N PRO B 862 33.36 -19.24 11.89
CA PRO B 862 34.55 -20.00 11.50
C PRO B 862 34.19 -21.43 11.15
N PRO B 863 34.93 -22.06 10.26
CA PRO B 863 34.65 -23.44 9.87
C PRO B 863 35.13 -24.41 10.95
N LEU B 864 34.85 -25.69 10.72
CA LEU B 864 35.25 -26.72 11.67
C LEU B 864 36.76 -26.96 11.62
N LEU B 865 37.33 -26.96 10.42
CA LEU B 865 38.76 -27.20 10.24
C LEU B 865 39.44 -25.91 9.80
N THR B 866 40.48 -25.51 10.52
CA THR B 866 41.22 -24.30 10.21
C THR B 866 42.26 -24.59 9.13
N ASP B 867 43.10 -23.59 8.83
CA ASP B 867 44.12 -23.77 7.80
C ASP B 867 45.25 -24.68 8.25
N GLU B 868 45.44 -24.84 9.56
CA GLU B 868 46.50 -25.72 10.05
C GLU B 868 46.13 -27.19 9.90
N MET B 869 44.85 -27.53 10.08
CA MET B 869 44.42 -28.92 9.94
C MET B 869 44.28 -29.32 8.47
N ILE B 870 43.96 -28.36 7.60
CA ILE B 870 43.97 -28.65 6.16
C ILE B 870 45.39 -28.84 5.67
N ALA B 871 46.34 -28.08 6.21
CA ALA B 871 47.74 -28.27 5.87
C ALA B 871 48.26 -29.61 6.42
N GLN B 872 47.70 -30.07 7.54
CA GLN B 872 48.09 -31.37 8.06
C GLN B 872 47.49 -32.50 7.24
N TYR B 873 46.32 -32.28 6.65
CA TYR B 873 45.70 -33.31 5.81
C TYR B 873 46.46 -33.49 4.51
N THR B 874 46.97 -32.40 3.93
CA THR B 874 47.72 -32.50 2.69
C THR B 874 49.11 -33.07 2.92
N SER B 875 49.71 -32.80 4.08
CA SER B 875 51.02 -33.39 4.38
C SER B 875 50.89 -34.87 4.71
N ALA B 876 49.75 -35.29 5.26
CA ALA B 876 49.51 -36.70 5.51
C ALA B 876 49.25 -37.46 4.22
N LEU B 877 48.60 -36.82 3.24
CA LEU B 877 48.41 -37.44 1.95
C LEU B 877 49.68 -37.44 1.12
N LEU B 878 50.53 -36.41 1.28
CA LEU B 878 51.79 -36.37 0.56
C LEU B 878 52.80 -37.34 1.14
N ALA B 879 52.67 -37.68 2.43
CA ALA B 879 53.55 -38.67 3.03
C ALA B 879 53.20 -40.08 2.55
N GLY B 880 51.91 -40.34 2.32
CA GLY B 880 51.48 -41.67 1.89
C GLY B 880 51.69 -41.96 0.43
N THR B 881 51.72 -40.94 -0.42
CA THR B 881 51.92 -41.18 -1.85
C THR B 881 53.38 -41.44 -2.17
N ILE B 882 54.31 -40.80 -1.45
CA ILE B 882 55.73 -41.02 -1.68
C ILE B 882 56.25 -42.27 -1.02
N THR B 883 55.45 -42.92 -0.18
CA THR B 883 55.87 -44.13 0.53
C THR B 883 55.07 -45.36 0.19
N SER B 884 53.80 -45.21 -0.19
CA SER B 884 52.97 -46.36 -0.55
C SER B 884 52.36 -46.17 -1.93
N GLY B 885 52.04 -44.92 -2.28
CA GLY B 885 51.50 -44.62 -3.59
C GLY B 885 49.99 -44.68 -3.68
N TRP B 886 49.43 -45.90 -3.67
CA TRP B 886 48.00 -46.09 -3.80
C TRP B 886 47.41 -47.07 -2.80
N THR B 887 48.23 -47.83 -2.07
CA THR B 887 47.69 -48.81 -1.11
C THR B 887 47.18 -48.16 0.16
N PHE B 888 47.62 -46.94 0.48
CA PHE B 888 47.16 -46.26 1.68
C PHE B 888 45.76 -45.69 1.54
N GLY B 889 45.29 -45.48 0.31
CA GLY B 889 43.96 -44.96 0.09
C GLY B 889 42.95 -46.04 -0.24
N ALA B 890 43.43 -47.27 -0.48
CA ALA B 890 42.57 -48.38 -0.83
C ALA B 890 42.81 -49.60 0.08
N GLY B 891 43.42 -49.35 1.23
CA GLY B 891 43.71 -50.42 2.18
C GLY B 891 44.85 -49.98 3.08
N PRO B 892 45.46 -50.94 3.79
CA PRO B 892 46.63 -50.58 4.61
C PRO B 892 47.77 -50.03 3.75
N ALA B 893 48.41 -48.96 4.22
CA ALA B 893 49.54 -48.40 3.50
C ALA B 893 50.72 -49.36 3.51
N LEU B 894 51.50 -49.36 2.45
CA LEU B 894 52.67 -50.22 2.38
C LEU B 894 53.93 -49.40 2.15
N GLN B 895 55.08 -50.06 2.05
CA GLN B 895 56.32 -49.34 1.78
C GLN B 895 56.82 -49.72 0.39
N ILE B 896 57.21 -48.71 -0.38
CA ILE B 896 57.73 -48.92 -1.73
C ILE B 896 58.58 -47.72 -2.11
N PRO B 897 59.77 -47.92 -2.70
CA PRO B 897 60.60 -46.78 -3.10
C PRO B 897 59.95 -46.00 -4.24
N PHE B 898 60.37 -44.74 -4.39
CA PHE B 898 59.78 -43.89 -5.41
C PHE B 898 60.01 -44.37 -6.84
N PRO B 899 61.26 -44.73 -7.19
CA PRO B 899 61.49 -45.12 -8.58
C PRO B 899 60.58 -46.27 -8.97
N MET B 900 60.50 -47.29 -8.13
CA MET B 900 59.61 -48.42 -8.40
C MET B 900 58.18 -47.93 -8.52
N GLN B 901 57.85 -46.88 -7.78
CA GLN B 901 56.49 -46.36 -7.81
C GLN B 901 56.22 -45.60 -9.11
N MET B 902 57.23 -44.88 -9.62
CA MET B 902 57.07 -44.16 -10.87
C MET B 902 57.00 -45.11 -12.06
N ALA B 903 57.71 -46.24 -11.98
CA ALA B 903 57.69 -47.21 -13.08
C ALA B 903 56.34 -47.90 -13.23
N TYR B 904 55.56 -47.99 -12.14
CA TYR B 904 54.23 -48.60 -12.24
C TYR B 904 53.22 -47.63 -12.83
N ARG B 905 53.43 -46.32 -12.67
CA ARG B 905 52.54 -45.36 -13.31
C ARG B 905 52.77 -45.27 -14.81
N PHE B 906 53.98 -45.60 -15.26
CA PHE B 906 54.27 -45.61 -16.69
C PHE B 906 53.63 -46.80 -17.39
N ASN B 907 53.41 -47.90 -16.66
CA ASN B 907 52.81 -49.09 -17.25
C ASN B 907 51.32 -48.93 -17.51
N GLY B 908 50.69 -47.94 -16.87
CA GLY B 908 49.27 -47.72 -17.10
C GLY B 908 48.94 -46.91 -18.33
N ILE B 909 49.93 -46.22 -18.90
CA ILE B 909 49.74 -45.42 -20.11
C ILE B 909 50.34 -46.08 -21.34
N GLY B 910 50.88 -47.28 -21.22
CA GLY B 910 51.44 -47.99 -22.35
C GLY B 910 52.95 -47.96 -22.48
N VAL B 911 53.66 -47.46 -21.47
CA VAL B 911 55.11 -47.35 -21.50
C VAL B 911 55.68 -48.48 -20.64
N THR B 912 56.54 -49.31 -21.24
CA THR B 912 57.23 -50.35 -20.50
C THR B 912 58.27 -49.74 -19.56
N GLN B 913 58.55 -50.46 -18.48
CA GLN B 913 59.31 -49.92 -17.35
C GLN B 913 60.81 -50.13 -17.46
N ASN B 914 61.32 -50.60 -18.60
CA ASN B 914 62.76 -50.81 -18.73
C ASN B 914 63.50 -49.52 -19.04
N VAL B 915 62.83 -48.52 -19.63
CA VAL B 915 63.49 -47.27 -20.00
C VAL B 915 63.69 -46.34 -18.82
N LEU B 916 62.93 -46.52 -17.73
CA LEU B 916 63.05 -45.62 -16.59
C LEU B 916 64.37 -45.79 -15.85
N TYR B 917 64.95 -46.99 -15.87
CA TYR B 917 66.20 -47.26 -15.20
C TYR B 917 67.41 -46.98 -16.07
N GLU B 918 67.23 -46.40 -17.26
CA GLU B 918 68.33 -46.06 -18.13
C GLU B 918 68.67 -44.58 -18.12
N ASN B 919 67.72 -43.72 -17.77
CA ASN B 919 67.91 -42.27 -17.71
C ASN B 919 67.35 -41.72 -16.41
N GLN B 920 67.71 -42.37 -15.29
CA GLN B 920 67.20 -41.95 -13.99
C GLN B 920 67.64 -40.53 -13.64
N LYS B 921 68.84 -40.13 -14.07
CA LYS B 921 69.28 -38.77 -13.84
C LYS B 921 68.59 -37.77 -14.75
N LEU B 922 68.00 -38.23 -15.86
CA LEU B 922 67.29 -37.34 -16.76
C LEU B 922 65.88 -37.04 -16.25
N ILE B 923 65.20 -38.04 -15.70
CA ILE B 923 63.86 -37.83 -15.17
C ILE B 923 63.93 -37.05 -13.85
N ALA B 924 64.98 -37.28 -13.06
CA ALA B 924 65.12 -36.54 -11.81
C ALA B 924 65.46 -35.07 -12.06
N ASN B 925 66.21 -34.78 -13.12
CA ASN B 925 66.51 -33.39 -13.45
C ASN B 925 65.32 -32.70 -14.11
N GLN B 926 64.52 -33.43 -14.88
CA GLN B 926 63.33 -32.85 -15.49
C GLN B 926 62.22 -32.62 -14.48
N PHE B 927 62.18 -33.41 -13.41
CA PHE B 927 61.18 -33.22 -12.37
C PHE B 927 61.51 -32.01 -11.50
N ASN B 928 62.80 -31.79 -11.21
CA ASN B 928 63.18 -30.64 -10.40
C ASN B 928 63.05 -29.34 -11.19
N SER B 929 63.25 -29.38 -12.50
CA SER B 929 63.05 -28.18 -13.31
C SER B 929 61.57 -27.86 -13.48
N ALA B 930 60.71 -28.87 -13.41
CA ALA B 930 59.27 -28.64 -13.50
C ALA B 930 58.72 -28.00 -12.23
N ILE B 931 59.29 -28.35 -11.06
CA ILE B 931 58.86 -27.73 -9.82
C ILE B 931 59.33 -26.28 -9.75
N GLY B 932 60.54 -26.01 -10.24
CA GLY B 932 61.05 -24.65 -10.22
C GLY B 932 60.34 -23.73 -11.20
N LYS B 933 59.78 -24.30 -12.27
CA LYS B 933 59.02 -23.50 -13.23
C LYS B 933 57.64 -23.15 -12.70
N ILE B 934 57.04 -24.04 -11.89
CA ILE B 934 55.76 -23.72 -11.27
C ILE B 934 55.94 -22.73 -10.14
N GLN B 935 57.02 -22.87 -9.38
CA GLN B 935 57.27 -21.93 -8.27
C GLN B 935 57.61 -20.53 -8.80
N ASP B 936 58.27 -20.44 -9.95
CA ASP B 936 58.58 -19.14 -10.53
C ASP B 936 57.37 -18.51 -11.21
N SER B 937 56.40 -19.32 -11.65
CA SER B 937 55.21 -18.78 -12.29
C SER B 937 54.19 -18.35 -11.24
N LEU B 938 54.06 -19.09 -10.15
CA LEU B 938 53.13 -18.74 -9.09
C LEU B 938 53.60 -17.56 -8.25
N SER B 939 54.90 -17.25 -8.28
CA SER B 939 55.43 -16.12 -7.52
C SER B 939 55.16 -14.79 -8.20
N SER B 940 54.82 -14.79 -9.48
CA SER B 940 54.59 -13.56 -10.22
C SER B 940 53.19 -13.01 -9.93
N ALA B 944 47.56 -13.10 -10.14
CA ALA B 944 46.85 -13.83 -9.10
C ALA B 944 45.97 -14.92 -9.71
N LEU B 945 45.50 -15.84 -8.87
CA LEU B 945 44.65 -16.92 -9.33
C LEU B 945 43.25 -16.42 -9.64
N GLY B 946 42.55 -17.15 -10.51
CA GLY B 946 41.21 -16.77 -10.92
C GLY B 946 40.11 -17.50 -10.19
N LYS B 947 40.26 -18.82 -10.05
CA LYS B 947 39.22 -19.63 -9.41
C LYS B 947 39.15 -19.41 -7.90
N LEU B 948 40.25 -18.98 -7.28
CA LEU B 948 40.28 -18.70 -5.86
C LEU B 948 40.01 -17.24 -5.52
N GLN B 949 39.75 -16.41 -6.53
CA GLN B 949 39.46 -15.00 -6.33
C GLN B 949 38.04 -14.61 -6.66
N ASP B 950 37.40 -15.28 -7.62
CA ASP B 950 36.03 -14.95 -7.97
C ASP B 950 35.06 -15.40 -6.89
N VAL B 951 35.40 -16.45 -6.15
CA VAL B 951 34.55 -16.89 -5.05
C VAL B 951 34.63 -15.95 -3.85
N VAL B 952 35.70 -15.16 -3.75
CA VAL B 952 35.84 -14.20 -2.66
C VAL B 952 35.31 -12.83 -3.06
N ASN B 953 35.50 -12.44 -4.32
CA ASN B 953 35.01 -11.14 -4.79
C ASN B 953 33.50 -11.13 -4.90
N GLN B 954 32.89 -12.27 -5.23
CA GLN B 954 31.43 -12.33 -5.29
C GLN B 954 30.81 -12.28 -3.90
N ASN B 955 31.49 -12.86 -2.91
CA ASN B 955 30.99 -12.79 -1.54
C ASN B 955 31.26 -11.43 -0.91
N ALA B 956 32.32 -10.73 -1.34
CA ALA B 956 32.60 -9.41 -0.81
C ALA B 956 31.64 -8.36 -1.37
N GLN B 957 31.26 -8.50 -2.65
CA GLN B 957 30.31 -7.56 -3.23
C GLN B 957 28.89 -7.83 -2.74
N ALA B 958 28.59 -9.08 -2.36
CA ALA B 958 27.27 -9.39 -1.83
C ALA B 958 27.10 -8.87 -0.40
N LEU B 959 28.18 -8.92 0.40
CA LEU B 959 28.11 -8.38 1.75
C LEU B 959 28.08 -6.86 1.76
N ASN B 960 28.75 -6.22 0.80
CA ASN B 960 28.70 -4.77 0.69
C ASN B 960 27.37 -4.29 0.14
N THR B 961 26.64 -5.14 -0.59
CA THR B 961 25.34 -4.74 -1.11
C THR B 961 24.29 -4.75 -0.01
N LEU B 962 24.39 -5.67 0.95
CA LEU B 962 23.42 -5.71 2.03
C LEU B 962 23.51 -4.49 2.94
N VAL B 963 24.72 -3.90 3.05
CA VAL B 963 24.85 -2.66 3.80
C VAL B 963 24.25 -1.49 3.01
N LYS B 964 24.39 -1.53 1.69
CA LYS B 964 23.78 -0.50 0.84
C LYS B 964 22.27 -0.62 0.80
N GLN B 965 21.72 -1.79 1.10
CA GLN B 965 20.27 -1.94 1.15
C GLN B 965 19.67 -1.20 2.33
N LEU B 966 20.44 -1.03 3.41
CA LEU B 966 19.98 -0.28 4.58
C LEU B 966 20.02 1.23 4.36
N SER B 967 20.67 1.70 3.30
CA SER B 967 20.74 3.11 2.99
C SER B 967 19.69 3.55 1.99
N SER B 968 18.74 2.66 1.65
CA SER B 968 17.66 2.97 0.74
C SER B 968 16.35 3.11 1.50
N ASN B 969 15.38 3.75 0.85
CA ASN B 969 14.07 3.98 1.46
C ASN B 969 12.99 3.02 0.99
N PHE B 970 13.22 2.33 -0.12
CA PHE B 970 12.23 1.40 -0.70
C PHE B 970 10.90 2.10 -0.96
N GLY B 971 10.97 3.33 -1.47
CA GLY B 971 9.78 4.09 -1.75
C GLY B 971 9.15 4.76 -0.56
N ALA B 972 9.95 5.20 0.41
CA ALA B 972 9.43 5.85 1.60
C ALA B 972 10.11 7.20 1.83
N ILE B 973 9.84 7.83 2.98
CA ILE B 973 10.42 9.13 3.28
C ILE B 973 11.74 9.02 4.02
N SER B 974 12.08 7.85 4.56
CA SER B 974 13.33 7.67 5.28
C SER B 974 13.84 6.26 5.04
N SER B 975 15.10 6.03 5.41
CA SER B 975 15.74 4.73 5.25
C SER B 975 15.66 3.87 6.52
N VAL B 976 16.09 4.41 7.65
CA VAL B 976 16.07 3.69 8.91
C VAL B 976 14.70 3.91 9.56
N LEU B 977 14.21 2.87 10.25
CA LEU B 977 12.91 2.95 10.91
C LEU B 977 12.93 3.81 12.17
N ASN B 978 14.11 4.12 12.70
CA ASN B 978 14.20 4.97 13.89
C ASN B 978 14.00 6.44 13.58
N ASP B 979 14.10 6.85 12.30
CA ASP B 979 13.91 8.24 11.95
C ASP B 979 12.44 8.61 11.86
N ILE B 980 11.62 7.72 11.30
CA ILE B 980 10.19 8.01 11.16
C ILE B 980 9.44 7.91 12.48
N LEU B 981 9.99 7.17 13.46
CA LEU B 981 9.35 7.06 14.76
C LEU B 981 9.59 8.28 15.64
N SER B 982 10.62 9.07 15.35
CA SER B 982 10.90 10.27 16.13
C SER B 982 10.13 11.49 15.64
N ARG B 983 9.73 11.51 14.37
CA ARG B 983 9.00 12.64 13.81
C ARG B 983 7.51 12.36 13.65
N LEU B 984 7.12 11.09 13.51
CA LEU B 984 5.73 10.72 13.34
C LEU B 984 5.35 9.67 14.38
N ASP B 985 4.04 9.49 14.56
CA ASP B 985 3.55 8.49 15.49
C ASP B 985 3.44 7.13 14.81
N PRO B 986 3.64 6.05 15.57
CA PRO B 986 3.60 4.70 14.98
C PRO B 986 2.24 4.35 14.39
N PRO B 987 1.13 4.86 14.93
CA PRO B 987 -0.15 4.67 14.22
C PRO B 987 -0.18 5.32 12.84
N GLU B 988 0.62 6.36 12.62
CA GLU B 988 0.68 7.02 11.32
C GLU B 988 1.75 6.43 10.41
N ALA B 989 2.93 6.14 10.96
CA ALA B 989 4.05 5.63 10.18
C ALA B 989 4.06 4.10 10.11
N GLU B 990 2.90 3.46 10.28
CA GLU B 990 2.84 2.01 10.19
C GLU B 990 2.99 1.53 8.75
N VAL B 991 2.59 2.35 7.78
CA VAL B 991 2.73 1.95 6.38
C VAL B 991 4.19 2.08 5.93
N GLN B 992 4.94 3.03 6.49
CA GLN B 992 6.33 3.19 6.11
C GLN B 992 7.22 2.11 6.72
N ILE B 993 6.81 1.56 7.87
CA ILE B 993 7.57 0.47 8.48
C ILE B 993 7.37 -0.82 7.71
N ASP B 994 6.14 -1.08 7.26
CA ASP B 994 5.87 -2.29 6.50
C ASP B 994 6.55 -2.26 5.13
N ARG B 995 6.73 -1.07 4.56
CA ARG B 995 7.44 -0.96 3.29
C ARG B 995 8.93 -1.21 3.47
N LEU B 996 9.47 -0.89 4.65
CA LEU B 996 10.87 -1.18 4.92
C LEU B 996 11.10 -2.64 5.29
N ILE B 997 10.09 -3.29 5.88
CA ILE B 997 10.22 -4.71 6.21
C ILE B 997 10.10 -5.56 4.96
N THR B 998 9.07 -5.28 4.14
CA THR B 998 8.92 -6.02 2.89
C THR B 998 10.02 -5.66 1.89
N GLY B 999 10.57 -4.45 1.99
CA GLY B 999 11.69 -4.09 1.14
C GLY B 999 12.97 -4.80 1.53
N ARG B 1000 13.17 -5.04 2.83
CA ARG B 1000 14.33 -5.80 3.29
C ARG B 1000 14.11 -7.30 3.18
N LEU B 1001 12.86 -7.76 3.18
CA LEU B 1001 12.59 -9.18 3.01
C LEU B 1001 12.88 -9.63 1.58
N GLN B 1002 12.69 -8.75 0.60
CA GLN B 1002 13.02 -9.09 -0.78
C GLN B 1002 14.53 -9.18 -0.99
N SER B 1003 15.29 -8.31 -0.31
CA SER B 1003 16.75 -8.38 -0.40
C SER B 1003 17.29 -9.57 0.38
N LEU B 1004 16.64 -9.95 1.47
CA LEU B 1004 17.07 -11.13 2.22
C LEU B 1004 16.72 -12.42 1.47
N GLN B 1005 15.61 -12.42 0.73
CA GLN B 1005 15.28 -13.57 -0.11
C GLN B 1005 16.19 -13.64 -1.33
N THR B 1006 16.74 -12.52 -1.78
CA THR B 1006 17.64 -12.53 -2.93
C THR B 1006 19.05 -12.96 -2.52
N TYR B 1007 19.51 -12.53 -1.34
CA TYR B 1007 20.84 -12.90 -0.89
C TYR B 1007 20.94 -14.39 -0.54
N VAL B 1008 19.86 -14.96 0.01
CA VAL B 1008 19.87 -16.39 0.32
C VAL B 1008 19.80 -17.21 -0.96
N THR B 1009 19.00 -16.77 -1.93
CA THR B 1009 18.90 -17.48 -3.19
C THR B 1009 20.20 -17.38 -3.98
N GLN B 1010 20.86 -16.22 -3.92
CA GLN B 1010 22.14 -16.07 -4.61
C GLN B 1010 23.23 -16.88 -3.93
N GLN B 1011 23.15 -17.07 -2.61
CA GLN B 1011 24.13 -17.88 -1.91
C GLN B 1011 23.90 -19.36 -2.11
N LEU B 1012 22.66 -19.77 -2.40
CA LEU B 1012 22.38 -21.18 -2.63
C LEU B 1012 22.90 -21.63 -3.99
N ILE B 1013 22.90 -20.75 -4.99
CA ILE B 1013 23.49 -21.08 -6.27
C ILE B 1013 25.00 -21.15 -6.16
N ARG B 1014 25.60 -20.27 -5.36
CA ARG B 1014 27.03 -20.33 -5.12
C ARG B 1014 27.39 -21.56 -4.28
N ALA B 1015 26.49 -21.99 -3.39
CA ALA B 1015 26.73 -23.22 -2.64
C ALA B 1015 26.59 -24.45 -3.53
N ALA B 1016 25.70 -24.39 -4.53
CA ALA B 1016 25.61 -25.50 -5.48
C ALA B 1016 26.80 -25.53 -6.42
N GLU B 1017 27.37 -24.36 -6.73
CA GLU B 1017 28.60 -24.33 -7.52
C GLU B 1017 29.80 -24.80 -6.72
N ILE B 1018 29.81 -24.55 -5.41
CA ILE B 1018 30.87 -25.06 -4.56
C ILE B 1018 30.73 -26.58 -4.39
N ARG B 1019 29.49 -27.05 -4.23
CA ARG B 1019 29.27 -28.49 -4.12
C ARG B 1019 29.60 -29.21 -5.41
N ALA B 1020 29.35 -28.56 -6.56
CA ALA B 1020 29.70 -29.17 -7.84
C ALA B 1020 31.20 -29.20 -8.07
N SER B 1021 31.93 -28.22 -7.51
CA SER B 1021 33.38 -28.23 -7.62
C SER B 1021 34.03 -29.10 -6.57
N ALA B 1022 33.41 -29.23 -5.39
CA ALA B 1022 33.96 -30.10 -4.36
C ALA B 1022 33.78 -31.57 -4.73
N ASN B 1023 32.67 -31.92 -5.37
CA ASN B 1023 32.49 -33.28 -5.84
C ASN B 1023 33.39 -33.59 -7.03
N LEU B 1024 33.72 -32.57 -7.84
CA LEU B 1024 34.66 -32.77 -8.92
C LEU B 1024 36.08 -32.88 -8.39
N ALA B 1025 36.40 -32.15 -7.32
CA ALA B 1025 37.71 -32.26 -6.70
C ALA B 1025 37.86 -33.55 -5.90
N ALA B 1026 36.75 -34.07 -5.36
CA ALA B 1026 36.82 -35.35 -4.65
C ALA B 1026 37.05 -36.51 -5.61
N THR B 1027 36.51 -36.42 -6.83
CA THR B 1027 36.78 -37.46 -7.82
C THR B 1027 38.20 -37.36 -8.36
N LYS B 1028 38.74 -36.15 -8.48
CA LYS B 1028 40.12 -35.99 -8.90
C LYS B 1028 41.10 -36.36 -7.79
N MET B 1029 40.70 -36.20 -6.53
CA MET B 1029 41.54 -36.65 -5.42
C MET B 1029 41.54 -38.17 -5.33
N SER B 1030 40.42 -38.80 -5.64
CA SER B 1030 40.29 -40.26 -5.56
C SER B 1030 40.87 -40.97 -6.78
N GLU B 1031 41.20 -40.25 -7.85
CA GLU B 1031 41.72 -40.86 -9.06
C GLU B 1031 43.13 -40.39 -9.40
N CYS B 1032 43.35 -39.08 -9.47
CA CYS B 1032 44.66 -38.57 -9.85
C CYS B 1032 45.65 -38.65 -8.69
N VAL B 1033 45.18 -38.43 -7.46
CA VAL B 1033 46.04 -38.47 -6.28
C VAL B 1033 46.09 -39.89 -5.75
N LEU B 1034 44.92 -40.45 -5.43
CA LEU B 1034 44.82 -41.79 -4.88
C LEU B 1034 44.90 -42.80 -6.03
N GLY B 1035 46.12 -43.04 -6.49
CA GLY B 1035 46.37 -43.98 -7.56
C GLY B 1035 46.56 -43.31 -8.90
N GLN B 1036 46.44 -44.11 -9.96
CA GLN B 1036 46.59 -43.65 -11.33
C GLN B 1036 45.23 -43.69 -12.02
N SER B 1037 44.82 -42.55 -12.57
CA SER B 1037 43.54 -42.47 -13.27
C SER B 1037 43.67 -43.05 -14.66
N LYS B 1038 42.83 -44.05 -14.98
CA LYS B 1038 42.88 -44.68 -16.29
C LYS B 1038 42.28 -43.81 -17.38
N ARG B 1039 41.49 -42.79 -17.02
CA ARG B 1039 40.91 -41.89 -18.00
C ARG B 1039 41.99 -40.93 -18.50
N VAL B 1040 42.30 -41.01 -19.79
CA VAL B 1040 43.33 -40.16 -20.38
C VAL B 1040 42.82 -38.73 -20.51
N ASP B 1041 43.73 -37.78 -20.38
CA ASP B 1041 43.42 -36.35 -20.49
C ASP B 1041 42.36 -35.92 -19.49
N PHE B 1042 42.39 -36.50 -18.29
CA PHE B 1042 41.46 -36.15 -17.23
C PHE B 1042 42.09 -35.28 -16.15
N CYS B 1043 43.30 -35.61 -15.71
CA CYS B 1043 44.02 -34.83 -14.71
C CYS B 1043 44.89 -33.74 -15.32
N GLY B 1044 44.67 -33.40 -16.59
CA GLY B 1044 45.46 -32.39 -17.25
C GLY B 1044 45.84 -32.75 -18.67
N LYS B 1045 46.46 -31.82 -19.39
CA LYS B 1045 46.88 -32.06 -20.76
C LYS B 1045 48.11 -32.95 -20.76
N GLY B 1046 47.96 -34.19 -21.22
CA GLY B 1046 49.04 -35.15 -21.28
C GLY B 1046 48.71 -36.40 -20.49
N TYR B 1047 49.62 -37.37 -20.60
CA TYR B 1047 49.47 -38.65 -19.91
C TYR B 1047 49.76 -38.46 -18.42
N HIS B 1048 48.75 -38.69 -17.59
CA HIS B 1048 48.88 -38.51 -16.15
C HIS B 1048 49.59 -39.69 -15.51
N LEU B 1049 50.53 -39.40 -14.62
CA LEU B 1049 51.25 -40.41 -13.85
C LEU B 1049 50.90 -40.33 -12.37
N MET B 1050 51.08 -39.16 -11.76
CA MET B 1050 50.73 -38.93 -10.36
C MET B 1050 50.55 -37.44 -10.17
N SER B 1051 50.12 -37.06 -8.96
CA SER B 1051 49.90 -35.67 -8.62
C SER B 1051 50.35 -35.42 -7.19
N PHE B 1052 50.48 -34.14 -6.85
CA PHE B 1052 50.92 -33.72 -5.52
C PHE B 1052 50.00 -32.61 -5.03
N PRO B 1053 48.97 -32.95 -4.26
CA PRO B 1053 48.03 -31.93 -3.79
C PRO B 1053 48.61 -31.12 -2.64
N GLN B 1054 48.36 -29.81 -2.67
CA GLN B 1054 48.80 -28.88 -1.65
C GLN B 1054 47.60 -28.17 -1.05
N SER B 1055 47.84 -27.40 0.00
CA SER B 1055 46.79 -26.64 0.67
C SER B 1055 46.60 -25.28 0.03
N ALA B 1056 45.36 -24.80 0.04
CA ALA B 1056 45.01 -23.51 -0.51
C ALA B 1056 43.91 -22.89 0.34
N PRO B 1057 43.91 -21.57 0.51
CA PRO B 1057 42.83 -20.93 1.29
C PRO B 1057 41.52 -20.99 0.54
N HIS B 1058 40.53 -21.65 1.17
CA HIS B 1058 39.20 -21.83 0.57
C HIS B 1058 39.29 -22.54 -0.77
N GLY B 1059 40.10 -23.58 -0.83
CA GLY B 1059 40.25 -24.33 -2.06
C GLY B 1059 41.33 -25.38 -1.91
N VAL B 1060 41.71 -25.96 -3.05
CA VAL B 1060 42.75 -26.98 -3.10
C VAL B 1060 43.42 -26.93 -4.47
N VAL B 1061 44.72 -27.18 -4.50
CA VAL B 1061 45.50 -27.17 -5.73
C VAL B 1061 46.06 -28.57 -5.96
N PHE B 1062 46.34 -28.85 -7.23
CA PHE B 1062 46.87 -30.15 -7.64
C PHE B 1062 48.05 -29.94 -8.57
N LEU B 1063 49.17 -30.59 -8.27
CA LEU B 1063 50.39 -30.52 -9.08
C LEU B 1063 50.59 -31.90 -9.71
N HIS B 1064 49.99 -32.10 -10.87
CA HIS B 1064 50.08 -33.38 -11.56
C HIS B 1064 51.43 -33.55 -12.24
N VAL B 1065 51.72 -34.77 -12.65
CA VAL B 1065 52.95 -35.10 -13.38
C VAL B 1065 52.52 -35.63 -14.75
N THR B 1066 52.60 -34.77 -15.75
CA THR B 1066 52.18 -35.13 -17.10
C THR B 1066 53.34 -35.75 -17.87
N TYR B 1067 52.98 -36.40 -18.98
CA TYR B 1067 53.95 -37.07 -19.86
C TYR B 1067 53.64 -36.68 -21.30
N VAL B 1068 54.32 -35.67 -21.80
CA VAL B 1068 54.10 -35.18 -23.17
C VAL B 1068 55.36 -35.40 -23.99
N PRO B 1069 55.25 -35.74 -25.26
CA PRO B 1069 56.44 -35.92 -26.10
C PRO B 1069 57.00 -34.60 -26.59
N ALA B 1070 58.31 -34.60 -26.82
CA ALA B 1070 59.02 -33.42 -27.30
C ALA B 1070 59.58 -33.61 -28.71
N GLN B 1071 60.36 -34.66 -28.94
CA GLN B 1071 60.95 -34.94 -30.23
C GLN B 1071 60.36 -36.22 -30.81
N GLU B 1072 60.25 -36.26 -32.14
CA GLU B 1072 59.69 -37.40 -32.82
C GLU B 1072 60.28 -37.49 -34.22
N LYS B 1073 60.25 -38.70 -34.78
CA LYS B 1073 60.74 -38.96 -36.13
C LYS B 1073 59.72 -39.81 -36.88
N ASN B 1074 59.84 -39.80 -38.20
CA ASN B 1074 58.95 -40.54 -39.08
C ASN B 1074 59.62 -41.84 -39.53
N PHE B 1075 58.90 -42.95 -39.41
CA PHE B 1075 59.41 -44.26 -39.78
C PHE B 1075 58.35 -45.01 -40.58
N THR B 1076 58.81 -45.92 -41.43
CA THR B 1076 57.92 -46.75 -42.23
C THR B 1076 57.41 -47.92 -41.39
N THR B 1077 56.09 -48.06 -41.32
CA THR B 1077 55.45 -49.10 -40.51
C THR B 1077 54.89 -50.20 -41.41
N ALA B 1078 54.57 -51.33 -40.79
CA ALA B 1078 53.99 -52.48 -41.46
C ALA B 1078 52.98 -53.13 -40.54
N PRO B 1079 51.81 -53.51 -41.07
CA PRO B 1079 50.76 -54.07 -40.20
C PRO B 1079 51.00 -55.53 -39.82
N ALA B 1080 51.62 -56.29 -40.71
CA ALA B 1080 51.84 -57.72 -40.50
C ALA B 1080 53.13 -58.14 -41.18
N ILE B 1081 53.55 -59.38 -40.89
CA ILE B 1081 54.75 -59.96 -41.46
C ILE B 1081 54.41 -61.35 -41.98
N CYS B 1082 54.62 -61.58 -43.28
CA CYS B 1082 54.56 -62.91 -43.87
C CYS B 1082 55.99 -63.42 -44.02
N HIS B 1083 56.32 -64.49 -43.31
CA HIS B 1083 57.65 -65.08 -43.33
C HIS B 1083 57.71 -66.35 -44.15
N ASP B 1084 56.80 -67.30 -43.90
CA ASP B 1084 56.76 -68.55 -44.64
C ASP B 1084 55.34 -68.91 -45.09
N GLY B 1085 54.38 -68.01 -44.89
CA GLY B 1085 53.01 -68.27 -45.27
C GLY B 1085 52.01 -67.85 -44.21
N LYS B 1086 52.51 -67.48 -43.03
CA LYS B 1086 51.68 -67.06 -41.91
C LYS B 1086 51.97 -65.61 -41.56
N ALA B 1087 50.95 -64.92 -41.07
CA ALA B 1087 51.07 -63.52 -40.69
C ALA B 1087 51.46 -63.38 -39.22
N HIS B 1088 52.39 -62.48 -38.95
CA HIS B 1088 52.85 -62.21 -37.60
C HIS B 1088 52.28 -60.87 -37.14
N PHE B 1089 51.59 -60.88 -36.00
CA PHE B 1089 50.99 -59.67 -35.46
C PHE B 1089 51.60 -59.34 -34.10
N PRO B 1090 51.88 -58.07 -33.83
CA PRO B 1090 52.46 -57.68 -32.54
C PRO B 1090 51.41 -57.69 -31.44
N ARG B 1091 51.90 -57.58 -30.21
CA ARG B 1091 51.06 -57.58 -29.02
C ARG B 1091 50.95 -56.22 -28.36
N GLU B 1092 52.07 -55.51 -28.18
CA GLU B 1092 52.05 -54.21 -27.51
C GLU B 1092 52.69 -53.13 -28.38
N GLY B 1093 53.65 -53.52 -29.22
CA GLY B 1093 54.37 -52.59 -30.06
C GLY B 1093 53.89 -52.59 -31.50
N VAL B 1094 54.71 -52.01 -32.37
CA VAL B 1094 54.42 -51.95 -33.80
C VAL B 1094 55.74 -52.05 -34.55
N PHE B 1095 55.69 -52.66 -35.73
CA PHE B 1095 56.89 -52.84 -36.54
C PHE B 1095 57.25 -51.53 -37.23
N VAL B 1096 58.49 -51.08 -37.03
CA VAL B 1096 58.98 -49.85 -37.62
C VAL B 1096 60.18 -50.16 -38.51
N SER B 1097 60.55 -49.19 -39.34
CA SER B 1097 61.66 -49.32 -40.26
C SER B 1097 62.16 -47.93 -40.63
N ASN B 1098 63.48 -47.76 -40.63
CA ASN B 1098 64.08 -46.46 -40.96
C ASN B 1098 64.73 -46.45 -42.34
N GLY B 1099 64.47 -47.47 -43.16
CA GLY B 1099 64.91 -47.46 -44.55
C GLY B 1099 65.51 -48.77 -45.03
N THR B 1100 66.23 -49.47 -44.15
CA THR B 1100 66.77 -50.78 -44.51
C THR B 1100 66.61 -51.84 -43.43
N HIS B 1101 66.40 -51.48 -42.18
CA HIS B 1101 66.27 -52.43 -41.08
C HIS B 1101 64.80 -52.56 -40.67
N TRP B 1102 64.56 -53.40 -39.67
CA TRP B 1102 63.20 -53.62 -39.17
C TRP B 1102 63.28 -53.88 -37.68
N PHE B 1103 62.62 -53.04 -36.89
CA PHE B 1103 62.55 -53.17 -35.44
C PHE B 1103 61.11 -53.07 -34.99
N VAL B 1104 60.91 -53.16 -33.68
CA VAL B 1104 59.58 -53.07 -33.08
C VAL B 1104 59.66 -52.17 -31.85
N THR B 1105 58.69 -51.27 -31.71
CA THR B 1105 58.64 -50.37 -30.57
C THR B 1105 57.19 -49.98 -30.32
N GLN B 1106 56.94 -49.47 -29.11
CA GLN B 1106 55.60 -49.05 -28.74
C GLN B 1106 55.27 -47.69 -29.34
N ARG B 1107 54.00 -47.29 -29.17
CA ARG B 1107 53.51 -46.03 -29.72
C ARG B 1107 53.74 -44.86 -28.76
N ASN B 1108 54.46 -45.06 -27.66
CA ASN B 1108 54.72 -44.01 -26.69
C ASN B 1108 56.19 -43.68 -26.52
N PHE B 1109 57.10 -44.59 -26.85
CA PHE B 1109 58.53 -44.33 -26.75
C PHE B 1109 59.26 -45.15 -27.80
N TYR B 1110 60.38 -44.62 -28.28
CA TYR B 1110 61.20 -45.28 -29.29
C TYR B 1110 62.19 -46.20 -28.60
N GLU B 1111 61.95 -47.51 -28.69
CA GLU B 1111 62.84 -48.52 -28.14
C GLU B 1111 63.05 -49.60 -29.19
N PRO B 1112 64.16 -49.56 -29.93
CA PRO B 1112 64.37 -50.55 -31.00
C PRO B 1112 64.69 -51.92 -30.42
N GLN B 1113 63.97 -52.93 -30.90
CA GLN B 1113 64.17 -54.30 -30.46
C GLN B 1113 64.13 -55.23 -31.67
N ILE B 1114 64.79 -56.37 -31.54
CA ILE B 1114 64.86 -57.35 -32.62
C ILE B 1114 63.54 -58.11 -32.69
N ILE B 1115 63.09 -58.39 -33.91
CA ILE B 1115 61.85 -59.13 -34.11
C ILE B 1115 62.06 -60.56 -33.62
N THR B 1116 61.43 -60.91 -32.51
CA THR B 1116 61.58 -62.22 -31.89
C THR B 1116 60.22 -62.93 -31.85
N THR B 1117 60.19 -64.07 -31.16
CA THR B 1117 58.97 -64.86 -31.05
C THR B 1117 58.15 -64.50 -29.81
N ASP B 1118 58.81 -64.02 -28.75
CA ASP B 1118 58.12 -63.75 -27.49
C ASP B 1118 57.17 -62.57 -27.58
N ASN B 1119 57.34 -61.69 -28.57
CA ASN B 1119 56.50 -60.51 -28.71
C ASN B 1119 55.51 -60.61 -29.87
N THR B 1120 55.57 -61.67 -30.67
CA THR B 1120 54.69 -61.84 -31.82
C THR B 1120 53.95 -63.17 -31.71
N PHE B 1121 52.92 -63.31 -32.55
CA PHE B 1121 52.15 -64.54 -32.63
C PHE B 1121 51.59 -64.67 -34.04
N VAL B 1122 51.14 -65.88 -34.37
CA VAL B 1122 50.65 -66.20 -35.70
C VAL B 1122 49.17 -66.53 -35.62
N SER B 1123 48.47 -66.31 -36.73
CA SER B 1123 47.04 -66.62 -36.83
C SER B 1123 46.66 -66.69 -38.30
N GLY B 1124 46.28 -67.87 -38.77
CA GLY B 1124 45.86 -67.99 -40.15
C GLY B 1124 47.04 -67.87 -41.10
N ASN B 1125 46.77 -67.30 -42.27
CA ASN B 1125 47.79 -67.06 -43.28
C ASN B 1125 48.01 -65.56 -43.44
N CYS B 1126 49.06 -65.22 -44.19
CA CYS B 1126 49.42 -63.81 -44.39
C CYS B 1126 48.57 -63.19 -45.48
N ASP B 1127 48.03 -64.00 -46.40
CA ASP B 1127 47.16 -63.49 -47.46
C ASP B 1127 45.79 -63.12 -46.89
N VAL B 1128 45.83 -62.23 -45.90
CA VAL B 1128 44.62 -61.65 -45.32
C VAL B 1128 44.66 -60.12 -45.29
N VAL B 1129 45.84 -59.51 -45.35
CA VAL B 1129 45.97 -58.06 -45.32
C VAL B 1129 46.10 -57.54 -46.75
N ILE B 1130 45.47 -56.41 -47.03
CA ILE B 1130 45.54 -55.83 -48.37
C ILE B 1130 46.95 -55.34 -48.68
N GLY B 1131 47.69 -54.90 -47.66
CA GLY B 1131 49.06 -54.47 -47.85
C GLY B 1131 50.01 -55.11 -46.87
N ILE B 1132 50.97 -55.90 -47.39
CA ILE B 1132 51.91 -56.63 -46.57
C ILE B 1132 53.27 -56.62 -47.24
N VAL B 1133 54.31 -56.86 -46.44
CA VAL B 1133 55.68 -56.94 -46.92
C VAL B 1133 56.31 -58.22 -46.40
N ASN B 1134 57.49 -58.54 -46.93
CA ASN B 1134 58.23 -59.73 -46.55
C ASN B 1134 59.31 -59.35 -45.55
N ASN B 1135 59.36 -60.08 -44.43
CA ASN B 1135 60.35 -59.82 -43.39
C ASN B 1135 60.69 -61.13 -42.70
N THR B 1136 61.94 -61.24 -42.26
CA THR B 1136 62.44 -62.44 -41.61
C THR B 1136 62.34 -62.33 -40.09
N VAL B 1137 62.39 -63.49 -39.44
CA VAL B 1137 62.31 -63.59 -37.99
C VAL B 1137 63.67 -64.01 -37.46
N TYR B 1138 64.09 -63.40 -36.34
CA TYR B 1138 65.38 -63.74 -35.75
C TYR B 1138 65.38 -65.16 -35.19
N ASP B 1139 64.22 -65.67 -34.77
CA ASP B 1139 64.08 -67.02 -34.23
C ASP B 1139 65.06 -67.30 -33.11
N PRO B 1140 64.85 -66.71 -31.92
CA PRO B 1140 65.81 -66.88 -30.82
C PRO B 1140 65.77 -68.25 -30.16
N LEU B 1141 65.09 -69.24 -30.76
CA LEU B 1141 65.07 -70.61 -30.25
C LEU B 1141 65.88 -71.58 -31.10
N GLN B 1142 66.09 -71.27 -32.38
CA GLN B 1142 66.81 -72.20 -33.26
C GLN B 1142 68.28 -72.35 -32.88
N PRO B 1143 69.06 -71.28 -32.65
CA PRO B 1143 70.49 -71.46 -32.37
C PRO B 1143 70.79 -72.05 -31.00
N GLU B 1144 69.79 -72.24 -30.15
CA GLU B 1144 70.02 -72.79 -28.82
C GLU B 1144 69.88 -74.32 -28.77
N LEU B 1145 69.15 -74.91 -29.70
CA LEU B 1145 68.97 -76.35 -29.72
C LEU B 1145 70.12 -77.09 -30.41
N ASP B 1146 71.04 -76.37 -31.04
CA ASP B 1146 72.18 -77.00 -31.70
C ASP B 1146 73.19 -77.49 -30.68
N GLN C 14 -48.39 3.07 -40.32
CA GLN C 14 -49.58 2.29 -39.94
C GLN C 14 -49.36 0.81 -40.23
N CYS C 15 -50.08 -0.04 -39.50
CA CYS C 15 -49.98 -1.48 -39.66
C CYS C 15 -51.38 -2.09 -39.56
N VAL C 16 -51.50 -3.32 -40.07
CA VAL C 16 -52.73 -4.07 -40.03
C VAL C 16 -52.49 -5.37 -39.26
N ASN C 17 -53.59 -6.05 -38.93
CA ASN C 17 -53.54 -7.30 -38.20
C ASN C 17 -53.68 -8.49 -39.16
N LEU C 18 -53.19 -9.63 -38.73
CA LEU C 18 -53.25 -10.86 -39.50
C LEU C 18 -54.40 -11.74 -39.03
N THR C 19 -54.65 -12.80 -39.80
CA THR C 19 -55.68 -13.77 -39.49
C THR C 19 -55.04 -15.07 -39.04
N THR C 20 -55.70 -15.77 -38.13
CA THR C 20 -55.18 -17.03 -37.62
C THR C 20 -55.20 -18.09 -38.73
N ARG C 21 -54.04 -18.66 -39.02
CA ARG C 21 -53.89 -19.64 -40.08
C ARG C 21 -52.96 -20.75 -39.60
N THR C 22 -52.82 -21.79 -40.43
CA THR C 22 -51.94 -22.90 -40.10
C THR C 22 -50.50 -22.55 -40.42
N GLN C 23 -49.62 -22.69 -39.44
CA GLN C 23 -48.20 -22.39 -39.58
C GLN C 23 -47.38 -23.66 -39.38
N LEU C 24 -46.07 -23.51 -39.43
CA LEU C 24 -45.14 -24.61 -39.23
C LEU C 24 -44.25 -24.34 -38.03
N PRO C 25 -44.02 -25.33 -37.18
CA PRO C 25 -43.18 -25.13 -36.00
C PRO C 25 -41.72 -25.07 -36.39
N PRO C 26 -40.89 -24.32 -35.65
CA PRO C 26 -39.47 -24.24 -35.96
C PRO C 26 -38.74 -25.51 -35.57
N ALA C 27 -37.69 -25.82 -36.33
CA ALA C 27 -36.87 -26.99 -36.12
C ALA C 27 -35.53 -26.60 -35.51
N TYR C 28 -34.78 -27.63 -35.08
CA TYR C 28 -33.47 -27.44 -34.47
C TYR C 28 -32.43 -28.16 -35.32
N THR C 29 -31.43 -27.41 -35.79
CA THR C 29 -30.35 -27.94 -36.60
C THR C 29 -29.03 -27.76 -35.88
N ASN C 30 -27.95 -28.15 -36.53
CA ASN C 30 -26.61 -28.07 -35.97
C ASN C 30 -25.73 -27.18 -36.84
N SER C 31 -24.85 -26.42 -36.18
CA SER C 31 -23.91 -25.55 -36.87
C SER C 31 -22.59 -26.28 -37.10
N PHE C 32 -21.85 -25.82 -38.12
CA PHE C 32 -20.57 -26.43 -38.49
C PHE C 32 -19.58 -25.29 -38.77
N THR C 33 -18.81 -24.93 -37.75
CA THR C 33 -17.76 -23.91 -37.84
C THR C 33 -18.31 -22.60 -38.39
N ARG C 34 -19.25 -22.02 -37.64
CA ARG C 34 -19.87 -20.76 -38.00
C ARG C 34 -19.85 -19.81 -36.82
N GLY C 35 -19.77 -18.52 -37.11
CA GLY C 35 -19.77 -17.50 -36.07
C GLY C 35 -18.38 -17.05 -35.66
N VAL C 36 -17.51 -16.81 -36.63
CA VAL C 36 -16.14 -16.37 -36.39
C VAL C 36 -15.94 -15.03 -37.08
N TYR C 37 -15.50 -14.03 -36.32
CA TYR C 37 -15.27 -12.68 -36.83
C TYR C 37 -13.93 -12.18 -36.29
N TYR C 38 -13.59 -10.95 -36.66
CA TYR C 38 -12.35 -10.33 -36.19
C TYR C 38 -12.55 -9.79 -34.78
N PRO C 39 -11.80 -10.27 -33.79
CA PRO C 39 -12.01 -9.80 -32.41
C PRO C 39 -11.28 -8.51 -32.08
N ASP C 40 -10.59 -7.89 -33.03
CA ASP C 40 -9.86 -6.67 -32.78
C ASP C 40 -9.76 -5.87 -34.08
N LYS C 41 -9.15 -4.69 -34.00
CA LYS C 41 -8.93 -3.83 -35.15
C LYS C 41 -7.44 -3.66 -35.44
N VAL C 42 -6.63 -4.65 -35.07
CA VAL C 42 -5.19 -4.63 -35.30
C VAL C 42 -4.82 -5.78 -36.23
N PHE C 43 -3.60 -5.74 -36.74
CA PHE C 43 -3.10 -6.74 -37.66
C PHE C 43 -2.27 -7.78 -36.93
N ARG C 44 -2.48 -9.04 -37.27
CA ARG C 44 -1.72 -10.15 -36.71
C ARG C 44 -1.32 -11.09 -37.84
N SER C 45 -0.09 -11.62 -37.76
CA SER C 45 0.43 -12.49 -38.79
C SER C 45 1.35 -13.54 -38.18
N SER C 46 1.07 -14.81 -38.48
CA SER C 46 1.90 -15.93 -38.03
C SER C 46 2.02 -15.98 -36.52
N VAL C 47 0.93 -15.69 -35.82
CA VAL C 47 0.90 -15.72 -34.37
C VAL C 47 -0.41 -16.38 -33.92
N LEU C 48 -0.31 -17.26 -32.93
CA LEU C 48 -1.47 -17.97 -32.37
C LEU C 48 -1.84 -17.30 -31.06
N HIS C 49 -2.73 -16.31 -31.13
CA HIS C 49 -3.15 -15.53 -29.98
C HIS C 49 -4.61 -15.81 -29.65
N SER C 50 -4.91 -15.85 -28.35
CA SER C 50 -6.25 -16.10 -27.86
C SER C 50 -6.78 -14.88 -27.13
N THR C 51 -8.10 -14.67 -27.23
CA THR C 51 -8.76 -13.57 -26.56
C THR C 51 -10.09 -14.05 -25.98
N GLN C 52 -10.71 -13.19 -25.19
CA GLN C 52 -11.98 -13.48 -24.53
C GLN C 52 -13.05 -12.55 -25.10
N ASP C 53 -13.81 -13.04 -26.07
CA ASP C 53 -14.86 -12.27 -26.72
C ASP C 53 -16.11 -13.13 -26.83
N LEU C 54 -17.18 -12.55 -27.34
CA LEU C 54 -18.46 -13.24 -27.51
C LEU C 54 -18.46 -13.93 -28.86
N PHE C 55 -18.30 -15.24 -28.84
CA PHE C 55 -18.27 -16.07 -30.04
C PHE C 55 -19.33 -17.17 -29.94
N LEU C 56 -19.48 -17.93 -31.02
CA LEU C 56 -20.45 -19.01 -31.08
C LEU C 56 -19.75 -20.35 -30.88
N PRO C 57 -20.20 -21.17 -29.93
CA PRO C 57 -19.59 -22.50 -29.76
C PRO C 57 -19.93 -23.42 -30.91
N PHE C 58 -18.94 -24.19 -31.35
CA PHE C 58 -19.12 -25.10 -32.47
C PHE C 58 -19.92 -26.33 -32.03
N PHE C 59 -20.63 -26.92 -33.00
CA PHE C 59 -21.43 -28.12 -32.78
C PHE C 59 -22.46 -27.91 -31.68
N SER C 60 -23.09 -26.74 -31.68
CA SER C 60 -24.09 -26.38 -30.69
C SER C 60 -25.48 -26.42 -31.32
N ASN C 61 -26.50 -26.46 -30.46
CA ASN C 61 -27.88 -26.48 -30.90
C ASN C 61 -28.33 -25.08 -31.25
N VAL C 62 -28.73 -24.87 -32.50
CA VAL C 62 -29.17 -23.57 -32.98
C VAL C 62 -30.58 -23.72 -33.54
N THR C 63 -31.34 -22.63 -33.49
CA THR C 63 -32.70 -22.64 -33.97
C THR C 63 -32.75 -22.45 -35.48
N TRP C 64 -33.87 -22.86 -36.08
CA TRP C 64 -34.05 -22.76 -37.52
C TRP C 64 -35.48 -22.30 -37.81
N PHE C 65 -35.60 -21.21 -38.57
CA PHE C 65 -36.89 -20.66 -38.95
C PHE C 65 -36.99 -20.60 -40.46
N HIS C 66 -38.13 -21.02 -41.00
CA HIS C 66 -38.36 -21.07 -42.44
C HIS C 66 -39.10 -19.83 -42.91
N ALA C 67 -38.96 -19.54 -44.21
CA ALA C 67 -39.64 -18.41 -44.81
C ALA C 67 -40.21 -18.75 -46.18
N ILE C 68 -40.27 -20.02 -46.56
CA ILE C 68 -40.79 -20.40 -47.86
C ILE C 68 -42.32 -20.37 -47.84
N HIS C 69 -42.91 -20.24 -49.03
CA HIS C 69 -44.36 -20.20 -49.17
C HIS C 69 -44.94 -21.61 -49.31
N VAL C 70 -44.48 -22.36 -50.30
CA VAL C 70 -44.97 -23.72 -50.51
C VAL C 70 -44.05 -24.73 -49.84
N THR C 76 -47.97 -24.99 -45.58
CA THR C 76 -47.77 -23.84 -46.46
C THR C 76 -48.02 -22.53 -45.71
N LYS C 77 -47.68 -21.41 -46.36
CA LYS C 77 -47.85 -20.08 -45.80
C LYS C 77 -47.11 -19.94 -44.47
N ARG C 78 -45.79 -20.09 -44.55
CA ARG C 78 -44.93 -20.01 -43.38
C ARG C 78 -44.50 -18.56 -43.18
N PHE C 79 -44.95 -17.95 -42.08
CA PHE C 79 -44.59 -16.57 -41.75
C PHE C 79 -44.55 -16.46 -40.23
N ASP C 80 -43.35 -16.57 -39.66
CA ASP C 80 -43.15 -16.48 -38.22
C ASP C 80 -42.13 -15.38 -37.94
N ASN C 81 -42.50 -14.43 -37.08
CA ASN C 81 -41.62 -13.33 -36.68
C ASN C 81 -41.81 -13.07 -35.20
N PRO C 82 -41.19 -13.87 -34.35
CA PRO C 82 -41.35 -13.68 -32.90
C PRO C 82 -40.43 -12.59 -32.37
N VAL C 83 -40.75 -12.14 -31.16
CA VAL C 83 -39.96 -11.11 -30.47
C VAL C 83 -38.97 -11.85 -29.59
N LEU C 84 -37.80 -12.15 -30.15
CA LEU C 84 -36.79 -12.89 -29.41
C LEU C 84 -35.97 -11.93 -28.54
N PRO C 85 -35.56 -12.38 -27.35
CA PRO C 85 -34.75 -11.51 -26.48
C PRO C 85 -33.34 -11.35 -27.01
N PHE C 86 -32.85 -10.11 -27.01
CA PHE C 86 -31.51 -9.80 -27.48
C PHE C 86 -30.52 -9.95 -26.35
N ASN C 87 -29.56 -10.86 -26.51
CA ASN C 87 -28.54 -11.11 -25.52
C ASN C 87 -27.25 -10.40 -25.90
N ASP C 88 -26.19 -10.63 -25.15
CA ASP C 88 -24.89 -10.01 -25.41
C ASP C 88 -24.25 -10.71 -26.60
N GLY C 89 -24.53 -10.20 -27.80
CA GLY C 89 -23.98 -10.77 -29.01
C GLY C 89 -24.86 -11.85 -29.61
N VAL C 90 -25.28 -11.67 -30.86
CA VAL C 90 -26.10 -12.63 -31.57
C VAL C 90 -25.40 -13.01 -32.87
N TYR C 91 -25.91 -14.06 -33.50
CA TYR C 91 -25.38 -14.54 -34.78
C TYR C 91 -26.54 -14.77 -35.73
N PHE C 92 -26.67 -13.92 -36.74
CA PHE C 92 -27.75 -13.96 -37.70
C PHE C 92 -27.16 -14.32 -39.07
N ALA C 93 -27.25 -15.60 -39.44
CA ALA C 93 -26.78 -16.08 -40.73
C ALA C 93 -27.97 -16.41 -41.62
N SER C 94 -27.93 -15.92 -42.86
CA SER C 94 -29.02 -16.13 -43.80
C SER C 94 -28.44 -16.44 -45.17
N THR C 95 -28.85 -17.59 -45.74
CA THR C 95 -28.47 -17.97 -47.10
C THR C 95 -29.38 -17.25 -48.10
N GLU C 96 -29.16 -15.95 -48.21
CA GLU C 96 -30.04 -15.10 -49.01
C GLU C 96 -29.82 -15.33 -50.50
N LYS C 97 -30.92 -15.38 -51.25
CA LYS C 97 -30.88 -15.56 -52.69
C LYS C 97 -31.45 -14.37 -53.44
N SER C 98 -32.67 -13.94 -53.10
CA SER C 98 -33.35 -12.87 -53.83
C SER C 98 -33.63 -11.65 -52.94
N ASN C 99 -32.93 -11.53 -51.81
CA ASN C 99 -33.03 -10.36 -50.93
C ASN C 99 -34.45 -10.17 -50.41
N ILE C 100 -34.90 -11.14 -49.60
CA ILE C 100 -36.23 -11.07 -49.01
C ILE C 100 -36.20 -10.26 -47.71
N ILE C 101 -35.28 -10.57 -46.82
CA ILE C 101 -35.18 -9.88 -45.54
C ILE C 101 -34.59 -8.49 -45.79
N ARG C 102 -35.33 -7.46 -45.38
CA ARG C 102 -34.93 -6.07 -45.64
C ARG C 102 -34.09 -5.50 -44.49
N GLY C 103 -34.64 -5.47 -43.28
CA GLY C 103 -33.94 -4.89 -42.16
C GLY C 103 -34.27 -5.51 -40.82
N TRP C 104 -33.79 -4.90 -39.75
CA TRP C 104 -34.02 -5.39 -38.39
C TRP C 104 -34.36 -4.23 -37.48
N ILE C 105 -35.12 -4.52 -36.42
CA ILE C 105 -35.49 -3.53 -35.44
C ILE C 105 -34.97 -3.97 -34.07
N PHE C 106 -34.85 -3.00 -33.17
CA PHE C 106 -34.38 -3.24 -31.81
C PHE C 106 -35.19 -2.42 -30.83
N GLY C 107 -35.14 -2.82 -29.57
CA GLY C 107 -35.86 -2.11 -28.53
C GLY C 107 -36.04 -2.99 -27.31
N THR C 108 -36.78 -2.45 -26.35
CA THR C 108 -37.07 -3.14 -25.10
C THR C 108 -38.55 -3.47 -24.95
N THR C 109 -39.42 -2.46 -25.08
CA THR C 109 -40.86 -2.66 -24.97
C THR C 109 -41.63 -2.35 -26.25
N LEU C 110 -41.07 -1.54 -27.15
CA LEU C 110 -41.67 -1.23 -28.44
C LEU C 110 -43.05 -0.58 -28.28
N ASP C 111 -43.07 0.51 -27.52
CA ASP C 111 -44.29 1.29 -27.32
C ASP C 111 -44.00 2.79 -27.35
N SER C 112 -42.97 3.19 -28.10
CA SER C 112 -42.52 4.58 -28.16
C SER C 112 -42.18 5.11 -26.77
N LYS C 113 -41.40 4.33 -26.03
CA LYS C 113 -40.95 4.71 -24.70
C LYS C 113 -39.44 4.73 -24.56
N THR C 114 -38.72 3.87 -25.27
CA THR C 114 -37.26 3.83 -25.25
C THR C 114 -36.73 4.26 -26.61
N GLN C 115 -35.40 4.18 -26.76
CA GLN C 115 -34.73 4.55 -28.00
C GLN C 115 -34.60 3.31 -28.87
N SER C 116 -35.61 3.10 -29.73
CA SER C 116 -35.61 1.96 -30.62
C SER C 116 -34.66 2.19 -31.80
N LEU C 117 -34.28 1.09 -32.44
CA LEU C 117 -33.38 1.12 -33.58
C LEU C 117 -34.11 0.69 -34.84
N LEU C 118 -33.71 1.26 -35.98
CA LEU C 118 -34.30 0.93 -37.27
C LEU C 118 -33.19 0.90 -38.31
N ILE C 119 -32.64 -0.29 -38.55
CA ILE C 119 -31.60 -0.47 -39.57
C ILE C 119 -32.22 -1.23 -40.74
N VAL C 120 -32.71 -0.50 -41.73
CA VAL C 120 -33.38 -1.09 -42.89
C VAL C 120 -32.49 -0.91 -44.12
N ASN C 121 -32.63 -1.84 -45.06
CA ASN C 121 -31.89 -1.82 -46.32
C ASN C 121 -32.92 -1.75 -47.45
N ASN C 122 -33.23 -0.54 -47.89
CA ASN C 122 -34.20 -0.32 -48.94
C ASN C 122 -33.52 -0.42 -50.30
N ALA C 123 -34.26 -0.11 -51.37
CA ALA C 123 -33.73 -0.18 -52.73
C ALA C 123 -32.96 1.08 -53.13
N THR C 124 -32.92 2.10 -52.27
CA THR C 124 -32.23 3.34 -52.56
C THR C 124 -30.99 3.53 -51.70
N ASN C 125 -31.12 3.44 -50.39
CA ASN C 125 -29.99 3.63 -49.49
C ASN C 125 -30.30 2.96 -48.15
N VAL C 126 -29.25 2.70 -47.39
CA VAL C 126 -29.39 2.11 -46.07
C VAL C 126 -29.70 3.21 -45.07
N VAL C 127 -30.77 3.02 -44.29
CA VAL C 127 -31.24 4.00 -43.33
C VAL C 127 -31.03 3.43 -41.93
N ILE C 128 -30.11 4.05 -41.17
CA ILE C 128 -29.89 3.68 -39.78
C ILE C 128 -30.37 4.81 -38.89
N LYS C 129 -31.60 4.69 -38.41
CA LYS C 129 -32.25 5.74 -37.63
C LYS C 129 -32.65 5.17 -36.27
N VAL C 130 -31.92 5.56 -35.23
CA VAL C 130 -32.18 5.13 -33.86
C VAL C 130 -33.08 6.19 -33.23
N CYS C 131 -34.38 5.94 -33.23
CA CYS C 131 -35.36 6.95 -32.84
C CYS C 131 -36.48 6.27 -32.07
N GLU C 132 -37.61 6.99 -31.94
CA GLU C 132 -38.72 6.55 -31.10
C GLU C 132 -39.95 6.22 -31.94
N PHE C 133 -39.74 5.51 -33.05
CA PHE C 133 -40.84 5.17 -33.95
C PHE C 133 -41.87 4.31 -33.23
N GLN C 134 -43.11 4.34 -33.74
CA GLN C 134 -44.21 3.56 -33.17
C GLN C 134 -44.22 2.19 -33.86
N PHE C 135 -43.56 1.22 -33.23
CA PHE C 135 -43.51 -0.12 -33.78
C PHE C 135 -44.79 -0.87 -33.48
N CYS C 136 -45.35 -1.50 -34.51
CA CYS C 136 -46.61 -2.22 -34.38
C CYS C 136 -46.36 -3.67 -33.97
N ASN C 137 -47.39 -4.50 -34.02
CA ASN C 137 -47.25 -5.90 -33.62
C ASN C 137 -46.42 -6.69 -34.62
N ASP C 138 -46.50 -6.36 -35.90
CA ASP C 138 -45.77 -7.08 -36.94
C ASP C 138 -45.50 -6.16 -38.12
N PRO C 139 -44.39 -5.42 -38.10
CA PRO C 139 -44.04 -4.57 -39.25
C PRO C 139 -43.41 -5.40 -40.35
N PHE C 140 -43.94 -5.26 -41.57
CA PHE C 140 -43.45 -6.01 -42.72
C PHE C 140 -43.47 -5.12 -43.95
N LEU C 141 -42.57 -5.42 -44.89
CA LEU C 141 -42.49 -4.68 -46.14
C LEU C 141 -43.41 -5.30 -47.17
N GLY C 142 -43.85 -4.47 -48.12
CA GLY C 142 -44.76 -4.93 -49.16
C GLY C 142 -44.30 -4.59 -50.56
N VAL C 143 -44.21 -5.59 -51.42
CA VAL C 143 -43.80 -5.42 -52.81
C VAL C 143 -45.00 -5.73 -53.70
N TYR C 144 -45.43 -4.73 -54.47
CA TYR C 144 -46.55 -4.87 -55.39
C TYR C 144 -46.05 -4.99 -56.82
N TYR C 145 -46.71 -5.83 -57.60
CA TYR C 145 -46.34 -6.07 -58.98
C TYR C 145 -47.25 -5.25 -59.90
N HIS C 146 -46.64 -4.37 -60.69
CA HIS C 146 -47.42 -3.52 -61.60
C HIS C 146 -47.82 -4.29 -62.85
N LYS C 147 -48.91 -3.85 -63.47
CA LYS C 147 -49.42 -4.52 -64.65
C LYS C 147 -48.73 -4.04 -65.92
N ASN C 148 -48.62 -2.72 -66.09
CA ASN C 148 -47.98 -2.17 -67.28
C ASN C 148 -46.47 -2.23 -67.19
N ASN C 149 -45.91 -2.22 -65.99
CA ASN C 149 -44.47 -2.28 -65.77
C ASN C 149 -44.13 -3.66 -65.23
N LYS C 150 -43.26 -4.38 -65.96
CA LYS C 150 -42.90 -5.75 -65.61
C LYS C 150 -41.69 -5.73 -64.67
N SER C 151 -41.92 -5.19 -63.47
CA SER C 151 -40.87 -5.11 -62.47
C SER C 151 -41.52 -5.03 -61.09
N TRP C 152 -40.82 -5.60 -60.10
CA TRP C 152 -41.30 -5.64 -58.73
C TRP C 152 -40.87 -4.37 -58.01
N MET C 153 -41.84 -3.56 -57.59
CA MET C 153 -41.59 -2.31 -56.91
C MET C 153 -42.20 -2.33 -55.52
N GLU C 154 -41.51 -1.72 -54.57
CA GLU C 154 -41.99 -1.65 -53.19
C GLU C 154 -42.92 -0.45 -53.04
N SER C 155 -44.13 -0.70 -52.58
CA SER C 155 -45.13 0.35 -52.37
C SER C 155 -45.69 0.39 -50.96
N GLU C 156 -45.86 -0.76 -50.32
CA GLU C 156 -46.42 -0.83 -48.97
C GLU C 156 -45.27 -0.67 -47.99
N PHE C 157 -45.04 0.57 -47.55
CA PHE C 157 -43.98 0.89 -46.59
C PHE C 157 -44.62 1.01 -45.21
N ARG C 158 -44.82 -0.15 -44.58
CA ARG C 158 -45.47 -0.24 -43.27
C ARG C 158 -44.43 -0.76 -42.27
N VAL C 159 -43.66 0.17 -41.70
CA VAL C 159 -42.69 -0.15 -40.66
C VAL C 159 -43.03 0.52 -39.34
N TYR C 160 -43.54 1.75 -39.38
CA TYR C 160 -43.89 2.48 -38.17
C TYR C 160 -45.01 3.46 -38.50
N SER C 161 -45.58 4.06 -37.45
CA SER C 161 -46.67 5.01 -37.60
C SER C 161 -46.17 6.45 -37.61
N SER C 162 -45.50 6.89 -36.55
CA SER C 162 -45.05 8.27 -36.45
C SER C 162 -43.84 8.33 -35.53
N ALA C 163 -43.27 9.54 -35.41
CA ALA C 163 -42.13 9.79 -34.55
C ALA C 163 -42.16 11.25 -34.13
N ASN C 164 -41.89 11.51 -32.84
CA ASN C 164 -42.06 12.85 -32.28
C ASN C 164 -40.76 13.66 -32.28
N ASN C 165 -39.72 13.15 -31.66
CA ASN C 165 -38.49 13.91 -31.49
C ASN C 165 -37.32 12.96 -31.34
N CYS C 166 -36.21 13.28 -32.00
CA CYS C 166 -35.06 12.39 -32.05
C CYS C 166 -33.78 13.23 -32.10
N THR C 167 -32.65 12.55 -32.05
CA THR C 167 -31.34 13.18 -32.17
C THR C 167 -30.38 12.46 -33.09
N PHE C 168 -30.43 11.12 -33.15
CA PHE C 168 -29.51 10.33 -33.95
C PHE C 168 -30.11 10.04 -35.31
N GLU C 169 -29.33 10.30 -36.36
CA GLU C 169 -29.75 10.00 -37.73
C GLU C 169 -28.49 9.87 -38.58
N TYR C 170 -28.29 8.69 -39.16
CA TYR C 170 -27.10 8.41 -39.95
C TYR C 170 -27.49 7.67 -41.21
N VAL C 171 -26.86 8.05 -42.33
CA VAL C 171 -27.09 7.42 -43.62
C VAL C 171 -25.83 6.66 -44.02
N SER C 172 -25.98 5.37 -44.29
CA SER C 172 -24.87 4.53 -44.67
C SER C 172 -24.65 4.60 -46.18
N GLN C 173 -23.79 3.72 -46.70
CA GLN C 173 -23.51 3.72 -48.12
C GLN C 173 -24.67 3.11 -48.90
N PRO C 174 -24.88 3.55 -50.14
CA PRO C 174 -25.98 2.97 -50.94
C PRO C 174 -25.67 1.54 -51.33
N PHE C 175 -26.71 0.72 -51.38
CA PHE C 175 -26.59 -0.69 -51.75
C PHE C 175 -27.77 -1.09 -52.62
N LEU C 176 -27.48 -1.71 -53.76
CA LEU C 176 -28.52 -2.13 -54.69
C LEU C 176 -29.06 -3.50 -54.28
N MET C 177 -30.37 -3.68 -54.43
CA MET C 177 -31.03 -4.91 -54.07
C MET C 177 -31.97 -5.34 -55.18
N ASP C 178 -32.25 -6.65 -55.22
CA ASP C 178 -33.19 -7.22 -56.17
C ASP C 178 -34.52 -7.47 -55.47
N LEU C 179 -35.61 -7.02 -56.11
CA LEU C 179 -36.94 -7.13 -55.54
C LEU C 179 -37.73 -8.31 -56.10
N GLU C 180 -37.17 -9.04 -57.06
CA GLU C 180 -37.86 -10.16 -57.68
C GLU C 180 -37.57 -11.43 -56.89
N GLY C 181 -38.63 -12.13 -56.48
CA GLY C 181 -38.52 -13.32 -55.65
C GLY C 181 -38.87 -14.57 -56.45
N LYS C 182 -38.04 -15.59 -56.30
CA LYS C 182 -38.19 -16.86 -56.98
C LYS C 182 -38.36 -17.99 -55.97
N GLN C 183 -38.48 -19.22 -56.48
CA GLN C 183 -38.60 -20.41 -55.65
C GLN C 183 -37.47 -21.40 -55.90
N GLY C 184 -36.36 -20.94 -56.45
CA GLY C 184 -35.23 -21.79 -56.75
C GLY C 184 -34.28 -21.93 -55.58
N ASN C 185 -33.12 -22.51 -55.87
CA ASN C 185 -32.11 -22.71 -54.84
C ASN C 185 -31.34 -21.42 -54.56
N PHE C 186 -30.78 -21.34 -53.35
CA PHE C 186 -30.03 -20.17 -52.95
C PHE C 186 -28.65 -20.16 -53.58
N LYS C 187 -28.11 -18.96 -53.78
CA LYS C 187 -26.81 -18.78 -54.41
C LYS C 187 -25.82 -17.98 -53.58
N ASN C 188 -26.27 -17.30 -52.52
CA ASN C 188 -25.39 -16.50 -51.68
C ASN C 188 -25.69 -16.79 -50.21
N LEU C 189 -24.79 -16.34 -49.36
CA LEU C 189 -24.91 -16.52 -47.91
C LEU C 189 -24.44 -15.25 -47.21
N ARG C 190 -25.29 -14.71 -46.34
CA ARG C 190 -25.00 -13.48 -45.62
C ARG C 190 -25.09 -13.72 -44.12
N GLU C 191 -24.05 -13.32 -43.40
CA GLU C 191 -23.99 -13.46 -41.96
C GLU C 191 -23.93 -12.09 -41.30
N PHE C 192 -24.69 -11.91 -40.22
CA PHE C 192 -24.75 -10.64 -39.51
C PHE C 192 -24.55 -10.89 -38.02
N VAL C 193 -23.64 -10.12 -37.42
CA VAL C 193 -23.33 -10.22 -35.99
C VAL C 193 -23.60 -8.86 -35.36
N PHE C 194 -24.50 -8.83 -34.37
CA PHE C 194 -24.85 -7.62 -33.65
C PHE C 194 -24.41 -7.77 -32.20
N LYS C 195 -23.51 -6.90 -31.76
CA LYS C 195 -23.00 -6.92 -30.41
C LYS C 195 -23.23 -5.57 -29.74
N ASN C 196 -23.15 -5.55 -28.42
CA ASN C 196 -23.37 -4.32 -27.65
C ASN C 196 -22.45 -4.37 -26.42
N ILE C 197 -21.33 -3.65 -26.50
CA ILE C 197 -20.38 -3.54 -25.40
C ILE C 197 -20.21 -2.05 -25.07
N ASP C 198 -20.41 -1.71 -23.80
CA ASP C 198 -20.28 -0.33 -23.32
C ASP C 198 -21.16 0.64 -24.10
N GLY C 199 -22.32 0.15 -24.58
CA GLY C 199 -23.22 0.97 -25.36
C GLY C 199 -22.89 1.08 -26.82
N TYR C 200 -21.75 0.57 -27.26
CA TYR C 200 -21.34 0.66 -28.66
C TYR C 200 -21.92 -0.50 -29.45
N PHE C 201 -22.45 -0.20 -30.64
CA PHE C 201 -23.05 -1.20 -31.51
C PHE C 201 -22.05 -1.63 -32.56
N LYS C 202 -21.95 -2.94 -32.79
CA LYS C 202 -21.03 -3.52 -33.75
C LYS C 202 -21.82 -4.31 -34.79
N ILE C 203 -21.46 -4.14 -36.06
CA ILE C 203 -22.11 -4.82 -37.17
C ILE C 203 -21.03 -5.54 -37.97
N TYR C 204 -21.12 -6.86 -38.04
CA TYR C 204 -20.18 -7.69 -38.79
C TYR C 204 -20.93 -8.35 -39.93
N SER C 205 -20.65 -7.90 -41.16
CA SER C 205 -21.33 -8.40 -42.35
C SER C 205 -20.30 -8.84 -43.39
N LYS C 206 -20.57 -9.95 -44.04
CA LYS C 206 -19.69 -10.48 -45.08
C LYS C 206 -20.51 -11.39 -45.98
N HIS C 207 -20.36 -11.19 -47.30
CA HIS C 207 -21.08 -11.99 -48.28
C HIS C 207 -20.19 -13.12 -48.80
N THR C 208 -20.77 -14.32 -48.88
CA THR C 208 -20.03 -15.48 -49.35
C THR C 208 -20.92 -16.34 -50.24
N PRO C 209 -20.51 -16.60 -51.48
CA PRO C 209 -21.34 -17.42 -52.38
C PRO C 209 -21.26 -18.89 -52.01
N ILE C 210 -22.42 -19.55 -52.07
CA ILE C 210 -22.52 -20.98 -51.78
C ILE C 210 -23.73 -21.52 -52.53
N ASN C 211 -23.71 -22.83 -52.78
CA ASN C 211 -24.79 -23.52 -53.48
C ASN C 211 -25.32 -24.63 -52.56
N LEU C 212 -26.27 -24.27 -51.72
CA LEU C 212 -26.85 -25.22 -50.78
C LEU C 212 -28.18 -24.67 -50.28
N VAL C 213 -29.03 -25.58 -49.80
CA VAL C 213 -30.34 -25.22 -49.27
C VAL C 213 -30.28 -25.22 -47.75
N ARG C 214 -29.93 -26.36 -47.16
CA ARG C 214 -29.82 -26.52 -45.72
C ARG C 214 -28.54 -27.29 -45.41
N ASP C 215 -28.32 -27.55 -44.12
CA ASP C 215 -27.16 -28.29 -43.63
C ASP C 215 -25.87 -27.59 -44.06
N LEU C 216 -25.68 -26.39 -43.53
CA LEU C 216 -24.57 -25.48 -43.83
C LEU C 216 -23.24 -26.22 -43.88
N PRO C 217 -22.37 -25.88 -44.83
CA PRO C 217 -21.11 -26.62 -44.99
C PRO C 217 -20.13 -26.30 -43.85
N GLN C 218 -19.03 -27.05 -43.87
CA GLN C 218 -17.97 -26.89 -42.87
C GLN C 218 -16.89 -25.90 -43.32
N GLY C 219 -17.19 -25.04 -44.28
CA GLY C 219 -16.22 -24.09 -44.75
C GLY C 219 -15.95 -22.99 -43.75
N PHE C 220 -14.88 -22.24 -44.00
CA PHE C 220 -14.45 -21.15 -43.14
C PHE C 220 -14.53 -19.84 -43.89
N SER C 221 -15.03 -18.80 -43.21
CA SER C 221 -15.14 -17.47 -43.81
C SER C 221 -15.16 -16.44 -42.70
N ALA C 222 -14.29 -15.45 -42.80
CA ALA C 222 -14.20 -14.41 -41.78
C ALA C 222 -15.29 -13.35 -41.99
N LEU C 223 -15.54 -12.58 -40.94
CA LEU C 223 -16.55 -11.53 -40.96
C LEU C 223 -15.87 -10.21 -40.61
N GLU C 224 -16.03 -9.21 -41.48
CA GLU C 224 -15.38 -7.92 -41.30
C GLU C 224 -16.40 -6.84 -40.92
N PRO C 225 -16.09 -5.99 -39.95
CA PRO C 225 -17.00 -4.90 -39.61
C PRO C 225 -16.86 -3.73 -40.58
N LEU C 226 -17.89 -2.90 -40.62
CA LEU C 226 -17.94 -1.76 -41.52
C LEU C 226 -17.91 -0.42 -40.78
N VAL C 227 -18.85 -0.19 -39.86
CA VAL C 227 -18.95 1.07 -39.13
C VAL C 227 -19.34 0.78 -37.69
N ASP C 228 -18.68 1.46 -36.75
CA ASP C 228 -19.07 1.40 -35.35
C ASP C 228 -20.07 2.51 -35.05
N LEU C 229 -21.15 2.17 -34.35
CA LEU C 229 -22.21 3.12 -34.06
C LEU C 229 -22.27 3.40 -32.55
N PRO C 230 -21.68 4.50 -32.09
CA PRO C 230 -21.69 4.83 -30.63
C PRO C 230 -22.92 5.60 -30.17
N ILE C 231 -24.01 4.86 -29.93
CA ILE C 231 -25.23 5.46 -29.40
C ILE C 231 -25.15 5.50 -27.88
N GLY C 232 -25.00 4.33 -27.26
CA GLY C 232 -24.87 4.26 -25.82
C GLY C 232 -26.17 4.00 -25.09
N ILE C 233 -26.90 2.97 -25.51
CA ILE C 233 -28.15 2.57 -24.88
C ILE C 233 -28.10 1.05 -24.63
N ASN C 234 -29.14 0.54 -23.98
CA ASN C 234 -29.26 -0.87 -23.66
C ASN C 234 -30.31 -1.51 -24.55
N ILE C 235 -29.98 -2.67 -25.12
CA ILE C 235 -30.88 -3.42 -25.98
C ILE C 235 -31.09 -4.79 -25.37
N THR C 236 -32.36 -5.17 -25.19
CA THR C 236 -32.70 -6.46 -24.61
C THR C 236 -33.62 -7.31 -25.48
N ARG C 237 -34.20 -6.75 -26.53
CA ARG C 237 -35.06 -7.48 -27.44
C ARG C 237 -34.75 -7.09 -28.88
N PHE C 238 -35.05 -7.99 -29.80
CA PHE C 238 -34.81 -7.74 -31.22
C PHE C 238 -35.81 -8.56 -32.03
N GLN C 239 -36.02 -8.12 -33.27
CA GLN C 239 -36.97 -8.77 -34.16
C GLN C 239 -36.59 -8.46 -35.60
N THR C 240 -36.69 -9.48 -36.45
CA THR C 240 -36.36 -9.34 -37.87
C THR C 240 -37.60 -8.98 -38.67
N LEU C 241 -37.35 -8.43 -39.86
CA LEU C 241 -38.42 -8.00 -40.76
C LEU C 241 -38.41 -8.85 -42.03
N LEU C 242 -39.59 -9.21 -42.50
CA LEU C 242 -39.75 -10.00 -43.71
C LEU C 242 -40.61 -9.24 -44.71
N ALA C 243 -40.34 -9.46 -45.99
CA ALA C 243 -41.06 -8.80 -47.08
C ALA C 243 -41.83 -9.84 -47.89
N LEU C 244 -43.03 -9.45 -48.32
CA LEU C 244 -43.88 -10.31 -49.12
C LEU C 244 -44.13 -9.68 -50.49
N HIS C 245 -44.56 -10.51 -51.44
CA HIS C 245 -44.84 -10.08 -52.80
C HIS C 245 -46.34 -10.15 -53.06
N ARG C 246 -46.81 -9.24 -53.91
CA ARG C 246 -48.22 -9.16 -54.29
C ARG C 246 -48.31 -9.28 -55.81
N SER C 247 -48.48 -10.50 -56.29
CA SER C 247 -48.59 -10.78 -57.71
C SER C 247 -50.07 -10.86 -58.10
N TYR C 248 -50.34 -11.27 -59.34
CA TYR C 248 -51.71 -11.41 -59.81
C TYR C 248 -52.37 -12.70 -59.36
N LEU C 249 -51.61 -13.66 -58.82
CA LEU C 249 -52.20 -14.89 -58.33
C LEU C 249 -52.93 -14.67 -57.00
N THR C 250 -52.47 -13.73 -56.18
CA THR C 250 -53.10 -13.39 -54.92
C THR C 250 -54.03 -12.18 -55.08
N PRO C 251 -55.12 -12.12 -54.30
CA PRO C 251 -56.03 -10.98 -54.42
C PRO C 251 -55.41 -9.66 -53.97
N GLY C 252 -54.35 -9.69 -53.17
CA GLY C 252 -53.68 -8.49 -52.73
C GLY C 252 -53.98 -8.05 -51.32
N ASP C 253 -54.64 -8.88 -50.52
CA ASP C 253 -54.96 -8.56 -49.13
C ASP C 253 -54.01 -9.30 -48.20
N SER C 254 -53.61 -8.63 -47.13
CA SER C 254 -52.67 -9.20 -46.16
C SER C 254 -53.41 -9.91 -45.03
N SER C 255 -54.33 -10.81 -45.39
CA SER C 255 -55.07 -11.59 -44.41
C SER C 255 -54.76 -13.08 -44.52
N SER C 256 -54.96 -13.68 -45.70
CA SER C 256 -54.68 -15.10 -45.89
C SER C 256 -53.96 -15.42 -47.20
N GLY C 257 -53.92 -14.49 -48.17
CA GLY C 257 -53.28 -14.78 -49.44
C GLY C 257 -52.07 -13.91 -49.70
N TRP C 258 -50.89 -14.53 -49.73
CA TRP C 258 -49.64 -13.81 -49.95
C TRP C 258 -48.58 -14.81 -50.41
N THR C 259 -47.39 -14.29 -50.70
CA THR C 259 -46.24 -15.12 -51.04
C THR C 259 -44.98 -14.44 -50.53
N ALA C 260 -43.98 -15.26 -50.22
CA ALA C 260 -42.73 -14.75 -49.65
C ALA C 260 -41.48 -15.28 -50.33
N GLY C 261 -41.62 -16.09 -51.38
CA GLY C 261 -40.44 -16.61 -52.05
C GLY C 261 -39.85 -17.77 -51.28
N ALA C 262 -38.54 -17.71 -51.05
CA ALA C 262 -37.84 -18.76 -50.32
C ALA C 262 -36.65 -18.14 -49.60
N ALA C 263 -36.60 -18.33 -48.28
CA ALA C 263 -35.51 -17.81 -47.47
C ALA C 263 -35.35 -18.67 -46.23
N ALA C 264 -34.18 -18.59 -45.61
CA ALA C 264 -33.88 -19.36 -44.41
C ALA C 264 -32.81 -18.61 -43.61
N TYR C 265 -33.18 -18.17 -42.41
CA TYR C 265 -32.27 -17.44 -41.53
C TYR C 265 -32.09 -18.22 -40.23
N TYR C 266 -30.88 -18.13 -39.69
CA TYR C 266 -30.52 -18.81 -38.45
C TYR C 266 -30.28 -17.78 -37.36
N VAL C 267 -30.82 -18.04 -36.17
CA VAL C 267 -30.69 -17.15 -35.03
C VAL C 267 -29.89 -17.87 -33.95
N GLY C 268 -28.69 -17.38 -33.67
CA GLY C 268 -27.84 -17.98 -32.66
C GLY C 268 -27.38 -16.95 -31.65
N TYR C 269 -27.18 -17.43 -30.43
CA TYR C 269 -26.74 -16.58 -29.32
C TYR C 269 -25.26 -16.81 -29.06
N LEU C 270 -24.48 -15.73 -29.06
CA LEU C 270 -23.05 -15.83 -28.81
C LEU C 270 -22.79 -16.00 -27.32
N GLN C 271 -21.92 -16.95 -26.98
CA GLN C 271 -21.56 -17.22 -25.59
C GLN C 271 -20.17 -16.68 -25.29
N PRO C 272 -19.94 -16.21 -24.06
CA PRO C 272 -18.61 -15.69 -23.70
C PRO C 272 -17.59 -16.81 -23.55
N ARG C 273 -17.06 -17.31 -24.67
CA ARG C 273 -16.09 -18.39 -24.66
C ARG C 273 -14.82 -17.92 -25.38
N THR C 274 -13.67 -18.31 -24.82
CA THR C 274 -12.39 -17.96 -25.41
C THR C 274 -12.10 -18.84 -26.62
N PHE C 275 -11.55 -18.22 -27.67
CA PHE C 275 -11.27 -18.91 -28.91
C PHE C 275 -9.83 -18.65 -29.34
N LEU C 276 -9.19 -19.66 -29.92
CA LEU C 276 -7.85 -19.53 -30.45
C LEU C 276 -7.93 -19.11 -31.91
N LEU C 277 -7.30 -17.98 -32.24
CA LEU C 277 -7.34 -17.43 -33.58
C LEU C 277 -6.07 -17.80 -34.35
N LYS C 278 -6.22 -17.96 -35.66
CA LYS C 278 -5.13 -18.29 -36.55
C LYS C 278 -4.94 -17.18 -37.56
N TYR C 279 -3.69 -16.85 -37.84
CA TYR C 279 -3.35 -15.77 -38.78
C TYR C 279 -2.24 -16.24 -39.70
N ASN C 280 -2.47 -16.11 -41.01
CA ASN C 280 -1.49 -16.49 -42.01
C ASN C 280 -0.62 -15.29 -42.36
N GLU C 281 0.18 -15.41 -43.42
CA GLU C 281 1.01 -14.29 -43.86
C GLU C 281 0.17 -13.16 -44.43
N ASN C 282 -1.00 -13.48 -45.00
CA ASN C 282 -1.87 -12.44 -45.53
C ASN C 282 -2.57 -11.67 -44.41
N GLY C 283 -2.83 -12.32 -43.28
CA GLY C 283 -3.47 -11.68 -42.15
C GLY C 283 -4.94 -11.97 -41.98
N THR C 284 -5.50 -12.90 -42.74
CA THR C 284 -6.91 -13.25 -42.62
C THR C 284 -7.08 -14.43 -41.67
N ILE C 285 -8.31 -14.58 -41.18
CA ILE C 285 -8.64 -15.66 -40.26
C ILE C 285 -8.77 -16.97 -41.04
N THR C 286 -8.09 -18.01 -40.58
CA THR C 286 -8.09 -19.31 -41.23
C THR C 286 -8.79 -20.38 -40.41
N ASP C 287 -8.49 -20.48 -39.13
CA ASP C 287 -9.10 -21.49 -38.26
C ASP C 287 -9.40 -20.89 -36.90
N ALA C 288 -10.30 -21.55 -36.18
CA ALA C 288 -10.71 -21.12 -34.83
C ALA C 288 -10.82 -22.35 -33.94
N VAL C 289 -10.20 -22.29 -32.77
CA VAL C 289 -10.15 -23.40 -31.83
C VAL C 289 -10.74 -22.95 -30.50
N ASP C 290 -11.77 -23.65 -30.04
CA ASP C 290 -12.40 -23.34 -28.76
C ASP C 290 -11.60 -23.94 -27.60
N CYS C 291 -11.94 -23.49 -26.39
CA CYS C 291 -11.32 -24.03 -25.17
C CYS C 291 -12.33 -24.49 -24.13
N ALA C 292 -13.63 -24.49 -24.45
CA ALA C 292 -14.64 -24.95 -23.50
C ALA C 292 -15.65 -25.86 -24.17
N LEU C 293 -15.26 -26.51 -25.27
CA LEU C 293 -16.15 -27.41 -26.00
C LEU C 293 -15.62 -28.84 -26.03
N ASP C 294 -14.39 -29.05 -26.49
CA ASP C 294 -13.81 -30.37 -26.60
C ASP C 294 -12.45 -30.41 -25.92
N PRO C 295 -12.12 -31.51 -25.24
CA PRO C 295 -10.78 -31.62 -24.64
C PRO C 295 -9.65 -31.65 -25.65
N LEU C 296 -9.92 -32.05 -26.90
CA LEU C 296 -8.89 -31.98 -27.94
C LEU C 296 -8.63 -30.54 -28.33
N SER C 297 -9.68 -29.72 -28.44
CA SER C 297 -9.50 -28.30 -28.71
C SER C 297 -8.98 -27.55 -27.49
N GLU C 298 -9.26 -28.05 -26.29
CA GLU C 298 -8.70 -27.43 -25.09
C GLU C 298 -7.20 -27.67 -24.98
N THR C 299 -6.71 -28.74 -25.60
CA THR C 299 -5.27 -29.01 -25.56
C THR C 299 -4.51 -28.05 -26.47
N LYS C 300 -5.09 -27.68 -27.61
CA LYS C 300 -4.37 -26.87 -28.59
C LYS C 300 -4.30 -25.39 -28.22
N CYS C 301 -5.35 -24.83 -27.62
CA CYS C 301 -5.30 -23.40 -27.29
C CYS C 301 -4.52 -23.15 -26.01
N THR C 302 -4.57 -24.07 -25.05
CA THR C 302 -3.78 -23.92 -23.83
C THR C 302 -2.29 -24.05 -24.09
N LEU C 303 -1.90 -24.91 -25.03
CA LEU C 303 -0.51 -25.02 -25.43
C LEU C 303 -0.13 -23.98 -26.48
N LYS C 304 -1.10 -23.27 -27.04
CA LYS C 304 -0.86 -22.27 -28.09
C LYS C 304 -0.16 -22.87 -29.29
N SER C 305 -0.61 -24.06 -29.69
CA SER C 305 -0.05 -24.75 -30.86
C SER C 305 -1.17 -25.52 -31.55
N PHE C 306 -1.20 -25.44 -32.87
CA PHE C 306 -2.24 -26.12 -33.64
C PHE C 306 -1.96 -27.59 -33.87
N THR C 307 -0.79 -28.08 -33.47
CA THR C 307 -0.44 -29.48 -33.57
C THR C 307 -0.02 -30.01 -32.20
N VAL C 308 -0.43 -31.23 -31.89
CA VAL C 308 -0.16 -31.85 -30.59
C VAL C 308 0.60 -33.15 -30.82
N GLU C 309 1.72 -33.30 -30.12
CA GLU C 309 2.50 -34.53 -30.18
C GLU C 309 2.07 -35.47 -29.06
N LYS C 310 2.78 -36.57 -28.89
CA LYS C 310 2.45 -37.54 -27.84
C LYS C 310 3.01 -37.07 -26.49
N GLY C 311 2.20 -37.23 -25.46
CA GLY C 311 2.60 -36.83 -24.12
C GLY C 311 1.37 -36.48 -23.30
N ILE C 312 1.63 -36.13 -22.04
CA ILE C 312 0.59 -35.75 -21.10
C ILE C 312 0.61 -34.24 -20.93
N TYR C 313 -0.57 -33.68 -20.67
CA TYR C 313 -0.72 -32.23 -20.50
C TYR C 313 -1.76 -31.97 -19.42
N GLN C 314 -1.81 -30.71 -18.98
CA GLN C 314 -2.77 -30.26 -17.97
C GLN C 314 -3.50 -29.04 -18.51
N THR C 315 -4.82 -29.15 -18.64
CA THR C 315 -5.63 -28.07 -19.20
C THR C 315 -6.19 -27.16 -18.12
N SER C 316 -6.97 -27.73 -17.20
CA SER C 316 -7.61 -26.95 -16.15
C SER C 316 -7.78 -27.84 -14.92
N ASN C 317 -8.57 -27.36 -13.96
CA ASN C 317 -8.82 -28.07 -12.71
C ASN C 317 -10.29 -28.49 -12.64
N PHE C 318 -10.58 -29.39 -11.70
CA PHE C 318 -11.92 -29.90 -11.48
C PHE C 318 -12.33 -29.59 -10.05
N ARG C 319 -13.20 -28.59 -9.89
CA ARG C 319 -13.70 -28.18 -8.58
C ARG C 319 -15.19 -28.50 -8.50
N VAL C 320 -15.59 -29.24 -7.48
CA VAL C 320 -16.97 -29.62 -7.28
C VAL C 320 -17.65 -28.56 -6.40
N GLN C 321 -18.69 -27.94 -6.93
CA GLN C 321 -19.40 -26.88 -6.23
C GLN C 321 -20.55 -27.47 -5.41
N PRO C 322 -20.63 -27.16 -4.11
CA PRO C 322 -21.77 -27.66 -3.32
C PRO C 322 -23.04 -26.91 -3.65
N THR C 323 -24.13 -27.66 -3.77
CA THR C 323 -25.43 -27.09 -4.14
C THR C 323 -26.35 -26.87 -2.94
N GLU C 324 -25.96 -27.33 -1.75
CA GLU C 324 -26.74 -27.12 -0.55
C GLU C 324 -25.84 -26.63 0.58
N SER C 325 -26.45 -25.94 1.55
CA SER C 325 -25.74 -25.40 2.69
C SER C 325 -26.62 -25.48 3.92
N ILE C 326 -26.06 -25.97 5.03
CA ILE C 326 -26.79 -26.15 6.27
C ILE C 326 -26.12 -25.32 7.35
N VAL C 327 -26.94 -24.72 8.23
CA VAL C 327 -26.47 -23.94 9.36
C VAL C 327 -27.27 -24.40 10.58
N ARG C 328 -26.60 -25.08 11.51
CA ARG C 328 -27.23 -25.61 12.72
C ARG C 328 -26.35 -25.27 13.92
N PHE C 329 -26.64 -24.13 14.56
CA PHE C 329 -25.88 -23.75 15.74
C PHE C 329 -26.34 -24.56 16.96
N PRO C 330 -27.63 -24.54 17.33
CA PRO C 330 -28.06 -25.36 18.48
C PRO C 330 -28.56 -26.74 18.08
N ASN C 331 -28.86 -27.57 19.07
CA ASN C 331 -29.55 -28.83 18.79
C ASN C 331 -31.06 -28.61 18.68
N ILE C 332 -31.68 -28.18 19.77
CA ILE C 332 -33.09 -27.80 19.80
C ILE C 332 -33.21 -26.54 20.66
N THR C 333 -33.79 -25.49 20.10
CA THR C 333 -33.92 -24.22 20.83
C THR C 333 -34.95 -24.40 21.93
N ASN C 334 -34.48 -24.46 23.17
CA ASN C 334 -35.35 -24.64 24.33
C ASN C 334 -36.12 -23.36 24.60
N LEU C 335 -37.39 -23.35 24.22
CA LEU C 335 -38.23 -22.18 24.47
C LEU C 335 -38.58 -22.08 25.95
N CYS C 336 -38.43 -20.88 26.50
CA CYS C 336 -38.84 -20.65 27.88
C CYS C 336 -40.35 -20.75 27.99
N PRO C 337 -40.87 -21.15 29.16
CA PRO C 337 -42.32 -21.29 29.30
C PRO C 337 -43.06 -19.97 29.11
N PHE C 338 -43.82 -19.88 28.02
CA PHE C 338 -44.57 -18.67 27.70
C PHE C 338 -46.01 -18.97 27.28
N GLY C 339 -46.49 -20.20 27.48
CA GLY C 339 -47.86 -20.52 27.14
C GLY C 339 -48.89 -19.92 28.07
N GLU C 340 -48.47 -19.37 29.21
CA GLU C 340 -49.42 -18.77 30.15
C GLU C 340 -49.93 -17.42 29.67
N VAL C 341 -49.20 -16.75 28.78
CA VAL C 341 -49.67 -15.47 28.23
C VAL C 341 -50.61 -15.68 27.06
N PHE C 342 -50.65 -16.88 26.48
CA PHE C 342 -51.59 -17.20 25.41
C PHE C 342 -52.75 -18.04 25.91
N ASN C 343 -52.47 -19.15 26.58
CA ASN C 343 -53.49 -20.05 27.12
C ASN C 343 -53.44 -19.99 28.63
N ALA C 344 -54.44 -19.34 29.23
CA ALA C 344 -54.55 -19.24 30.68
C ALA C 344 -56.00 -19.41 31.08
N THR C 345 -56.28 -19.36 32.39
CA THR C 345 -57.65 -19.48 32.86
C THR C 345 -58.43 -18.18 32.67
N ARG C 346 -57.78 -17.03 32.87
CA ARG C 346 -58.40 -15.75 32.61
C ARG C 346 -57.33 -14.72 32.31
N PHE C 347 -57.74 -13.63 31.67
CA PHE C 347 -56.86 -12.54 31.31
C PHE C 347 -57.26 -11.27 32.06
N ALA C 348 -56.59 -10.17 31.75
CA ALA C 348 -56.81 -8.89 32.40
C ALA C 348 -57.61 -7.95 31.48
N SER C 349 -57.83 -6.74 31.97
CA SER C 349 -58.59 -5.72 31.27
C SER C 349 -57.65 -4.79 30.51
N VAL C 350 -58.20 -3.68 30.00
CA VAL C 350 -57.41 -2.74 29.22
C VAL C 350 -56.86 -1.57 30.03
N TYR C 351 -57.52 -1.20 31.14
CA TYR C 351 -56.96 -0.15 31.98
C TYR C 351 -55.79 -0.64 32.82
N ALA C 352 -55.69 -1.95 33.04
CA ALA C 352 -54.54 -2.58 33.69
C ALA C 352 -54.28 -3.90 32.96
N TRP C 353 -53.43 -3.85 31.94
CA TRP C 353 -53.17 -4.98 31.08
C TRP C 353 -51.89 -5.70 31.52
N ASN C 354 -51.74 -6.93 31.04
CA ASN C 354 -50.60 -7.76 31.40
C ASN C 354 -49.36 -7.31 30.64
N ARG C 355 -48.29 -7.02 31.37
CA ARG C 355 -47.02 -6.60 30.79
C ARG C 355 -45.99 -7.69 31.10
N LYS C 356 -45.55 -8.40 30.05
CA LYS C 356 -44.59 -9.48 30.18
C LYS C 356 -43.31 -9.12 29.44
N ARG C 357 -42.17 -9.38 30.08
CA ARG C 357 -40.86 -9.10 29.51
C ARG C 357 -40.15 -10.41 29.22
N ILE C 358 -39.57 -10.51 28.02
CA ILE C 358 -38.83 -11.70 27.59
C ILE C 358 -37.35 -11.33 27.55
N SER C 359 -36.56 -11.99 28.40
CA SER C 359 -35.13 -11.74 28.47
C SER C 359 -34.40 -13.05 28.71
N ASN C 360 -33.24 -13.17 28.05
CA ASN C 360 -32.38 -14.35 28.18
C ASN C 360 -33.13 -15.63 27.81
N CYS C 361 -33.85 -15.60 26.69
CA CYS C 361 -34.62 -16.74 26.21
C CYS C 361 -34.62 -16.75 24.69
N VAL C 362 -34.35 -17.92 24.11
CA VAL C 362 -34.45 -18.07 22.65
C VAL C 362 -35.90 -18.31 22.29
N ALA C 363 -36.37 -17.65 21.23
CA ALA C 363 -37.77 -17.68 20.84
C ALA C 363 -37.92 -18.19 19.41
N ASP C 364 -39.08 -18.76 19.12
CA ASP C 364 -39.42 -19.25 17.79
C ASP C 364 -40.73 -18.62 17.35
N TYR C 365 -40.67 -17.83 16.28
CA TYR C 365 -41.86 -17.21 15.70
C TYR C 365 -42.41 -18.00 14.51
N SER C 366 -41.87 -19.19 14.26
CA SER C 366 -42.38 -20.04 13.20
C SER C 366 -43.60 -20.83 13.61
N VAL C 367 -43.74 -21.14 14.91
CA VAL C 367 -44.93 -21.86 15.38
C VAL C 367 -46.11 -20.91 15.56
N LEU C 368 -45.86 -19.62 15.73
CA LEU C 368 -46.92 -18.63 15.80
C LEU C 368 -47.44 -18.22 14.43
N TYR C 369 -46.86 -18.74 13.35
CA TYR C 369 -47.27 -18.40 11.99
C TYR C 369 -48.02 -19.52 11.29
N ASN C 370 -47.66 -20.77 11.52
CA ASN C 370 -48.33 -21.91 10.89
C ASN C 370 -49.39 -22.53 11.79
N SER C 371 -49.93 -21.75 12.72
CA SER C 371 -50.94 -22.28 13.63
C SER C 371 -52.31 -22.39 12.96
N ALA C 372 -52.61 -21.48 12.04
CA ALA C 372 -53.88 -21.49 11.29
C ALA C 372 -55.08 -21.43 12.25
N SER C 373 -54.96 -20.61 13.29
CA SER C 373 -56.04 -20.44 14.26
C SER C 373 -56.31 -18.99 14.61
N PHE C 374 -55.50 -18.05 14.12
CA PHE C 374 -55.70 -16.63 14.41
C PHE C 374 -56.62 -16.00 13.38
N SER C 375 -57.42 -15.04 13.85
CA SER C 375 -58.36 -14.35 12.97
C SER C 375 -57.66 -13.29 12.13
N THR C 376 -57.06 -12.30 12.77
CA THR C 376 -56.33 -11.24 12.11
C THR C 376 -54.87 -11.29 12.50
N PHE C 377 -54.02 -10.71 11.65
CA PHE C 377 -52.57 -10.72 11.89
C PHE C 377 -51.98 -9.48 11.23
N LYS C 378 -51.64 -8.49 12.05
CA LYS C 378 -51.00 -7.27 11.60
C LYS C 378 -49.62 -7.16 12.26
N CYS C 379 -48.58 -7.05 11.44
CA CYS C 379 -47.20 -6.94 11.93
C CYS C 379 -46.48 -5.92 11.04
N TYR C 380 -46.43 -4.68 11.48
CA TYR C 380 -45.85 -3.60 10.72
C TYR C 380 -44.36 -3.44 11.07
N GLY C 381 -43.68 -2.65 10.25
CA GLY C 381 -42.25 -2.41 10.45
C GLY C 381 -41.33 -3.48 9.93
N VAL C 382 -41.54 -4.73 10.33
CA VAL C 382 -40.74 -5.86 9.88
C VAL C 382 -41.66 -6.84 9.16
N SER C 383 -41.13 -7.45 8.10
CA SER C 383 -41.92 -8.40 7.33
C SER C 383 -42.21 -9.64 8.17
N PRO C 384 -43.38 -10.25 8.00
CA PRO C 384 -43.75 -11.38 8.88
C PRO C 384 -42.92 -12.64 8.66
N THR C 385 -42.26 -12.77 7.51
CA THR C 385 -41.52 -13.98 7.18
C THR C 385 -40.00 -13.81 7.30
N LYS C 386 -39.52 -12.61 7.64
CA LYS C 386 -38.10 -12.34 7.75
C LYS C 386 -37.79 -11.61 9.04
N LEU C 387 -38.39 -12.06 10.15
CA LEU C 387 -38.13 -11.49 11.46
C LEU C 387 -37.45 -12.47 12.40
N ASN C 388 -37.20 -13.70 11.96
CA ASN C 388 -36.48 -14.67 12.79
C ASN C 388 -34.97 -14.53 12.67
N ASP C 389 -34.46 -14.10 11.52
CA ASP C 389 -33.03 -13.94 11.35
C ASP C 389 -32.53 -12.67 12.04
N LEU C 390 -33.15 -11.53 11.75
CA LEU C 390 -32.73 -10.26 12.32
C LEU C 390 -33.01 -10.24 13.82
N CYS C 391 -32.10 -9.67 14.59
CA CYS C 391 -32.14 -9.84 16.03
C CYS C 391 -32.48 -8.52 16.70
N PHE C 392 -33.08 -8.62 17.89
CA PHE C 392 -33.31 -7.48 18.77
C PHE C 392 -33.03 -7.81 20.23
N THR C 393 -33.13 -6.79 21.09
CA THR C 393 -32.67 -6.89 22.47
C THR C 393 -33.77 -7.43 23.40
N ASN C 394 -34.87 -6.70 23.51
CA ASN C 394 -35.96 -7.06 24.41
C ASN C 394 -37.28 -7.15 23.65
N VAL C 395 -38.19 -7.96 24.19
CA VAL C 395 -39.51 -8.14 23.62
C VAL C 395 -40.55 -7.88 24.72
N TYR C 396 -41.40 -6.88 24.50
CA TYR C 396 -42.43 -6.53 25.46
C TYR C 396 -43.75 -7.13 25.01
N ALA C 397 -44.37 -7.92 25.89
CA ALA C 397 -45.62 -8.62 25.60
C ALA C 397 -46.75 -7.89 26.32
N ASP C 398 -47.62 -7.25 25.57
CA ASP C 398 -48.79 -6.56 26.10
C ASP C 398 -50.04 -7.29 25.63
N SER C 399 -50.76 -7.89 26.55
CA SER C 399 -51.93 -8.71 26.26
C SER C 399 -53.16 -8.11 26.91
N PHE C 400 -54.25 -8.02 26.14
CA PHE C 400 -55.53 -7.53 26.64
C PHE C 400 -56.63 -8.07 25.76
N VAL C 401 -57.87 -7.79 26.16
CA VAL C 401 -59.04 -8.22 25.41
C VAL C 401 -59.70 -6.99 24.80
N ILE C 402 -60.43 -7.23 23.70
CA ILE C 402 -61.10 -6.15 22.97
C ILE C 402 -62.24 -6.77 22.18
N ARG C 403 -63.19 -5.93 21.76
CA ARG C 403 -64.34 -6.39 21.00
C ARG C 403 -63.94 -6.61 19.54
N GLY C 404 -64.87 -7.21 18.79
CA GLY C 404 -64.62 -7.50 17.39
C GLY C 404 -64.65 -6.29 16.48
N ASP C 405 -65.34 -5.22 16.89
CA ASP C 405 -65.42 -4.01 16.08
C ASP C 405 -64.33 -3.00 16.40
N GLU C 406 -63.49 -3.27 17.39
CA GLU C 406 -62.41 -2.37 17.78
C GLU C 406 -61.03 -2.90 17.39
N VAL C 407 -60.97 -3.98 16.62
CA VAL C 407 -59.67 -4.53 16.21
C VAL C 407 -59.05 -3.69 15.10
N ARG C 408 -59.84 -2.90 14.38
CA ARG C 408 -59.29 -2.00 13.36
C ARG C 408 -58.75 -0.71 13.95
N GLN C 409 -59.08 -0.40 15.21
CA GLN C 409 -58.58 0.82 15.84
C GLN C 409 -57.15 0.67 16.35
N ILE C 410 -56.64 -0.56 16.47
CA ILE C 410 -55.28 -0.77 16.96
C ILE C 410 -54.32 -0.67 15.79
N ALA C 411 -53.88 0.56 15.50
CA ALA C 411 -52.97 0.82 14.39
C ALA C 411 -52.37 2.21 14.60
N PRO C 412 -51.13 2.44 14.14
CA PRO C 412 -50.53 3.76 14.32
C PRO C 412 -51.22 4.84 13.51
N GLY C 413 -51.87 5.78 14.20
CA GLY C 413 -52.52 6.89 13.52
C GLY C 413 -54.02 6.76 13.41
N GLN C 414 -54.67 6.29 14.48
CA GLN C 414 -56.13 6.14 14.50
C GLN C 414 -56.72 6.97 15.64
N THR C 415 -58.00 7.27 15.50
CA THR C 415 -58.73 8.09 16.45
C THR C 415 -60.04 7.40 16.79
N GLY C 416 -60.50 7.60 18.02
CA GLY C 416 -61.73 6.97 18.48
C GLY C 416 -61.95 7.10 19.98
N LYS C 417 -62.25 5.99 20.65
CA LYS C 417 -62.55 6.00 22.07
C LYS C 417 -61.67 5.11 22.90
N ILE C 418 -61.17 4.00 22.35
CA ILE C 418 -60.36 3.05 23.13
C ILE C 418 -58.87 3.34 23.00
N ALA C 419 -58.41 3.61 21.78
CA ALA C 419 -56.97 3.74 21.55
C ALA C 419 -56.40 5.02 22.13
N ASP C 420 -57.20 6.09 22.20
CA ASP C 420 -56.71 7.37 22.67
C ASP C 420 -56.78 7.54 24.18
N TYR C 421 -57.47 6.62 24.88
CA TYR C 421 -57.63 6.73 26.32
C TYR C 421 -57.03 5.58 27.11
N ASN C 422 -56.72 4.45 26.46
CA ASN C 422 -56.19 3.28 27.15
C ASN C 422 -54.78 2.93 26.72
N TYR C 423 -54.54 2.78 25.42
CA TYR C 423 -53.21 2.39 24.92
C TYR C 423 -53.00 3.09 23.58
N LYS C 424 -52.18 4.13 23.59
CA LYS C 424 -51.89 4.91 22.39
C LYS C 424 -50.75 4.29 21.60
N LEU C 425 -50.88 4.29 20.27
CA LEU C 425 -49.86 3.77 19.39
C LEU C 425 -49.05 4.92 18.79
N PRO C 426 -47.73 4.91 18.93
CA PRO C 426 -46.92 6.00 18.37
C PRO C 426 -46.74 5.81 16.86
N ASP C 427 -46.05 6.79 16.26
CA ASP C 427 -45.81 6.73 14.82
C ASP C 427 -44.73 5.70 14.49
N ASP C 428 -43.71 5.59 15.34
CA ASP C 428 -42.64 4.61 15.14
C ASP C 428 -42.95 3.33 15.93
N PHE C 429 -44.09 2.74 15.62
CA PHE C 429 -44.56 1.53 16.28
C PHE C 429 -44.18 0.33 15.43
N THR C 430 -43.15 -0.39 15.86
CA THR C 430 -42.65 -1.56 15.15
C THR C 430 -43.14 -2.87 15.77
N GLY C 431 -44.34 -2.86 16.36
CA GLY C 431 -44.91 -4.06 16.94
C GLY C 431 -45.59 -4.94 15.91
N CYS C 432 -46.14 -6.05 16.40
CA CYS C 432 -46.82 -7.01 15.54
C CYS C 432 -48.01 -7.57 16.32
N VAL C 433 -49.22 -7.22 15.89
CA VAL C 433 -50.45 -7.57 16.60
C VAL C 433 -50.94 -8.93 16.13
N ILE C 434 -51.24 -9.81 17.09
CA ILE C 434 -51.80 -11.13 16.81
C ILE C 434 -53.11 -11.24 17.59
N ALA C 435 -54.20 -11.50 16.86
CA ALA C 435 -55.53 -11.59 17.47
C ALA C 435 -56.20 -12.88 17.02
N TRP C 436 -57.06 -13.41 17.89
CA TRP C 436 -57.82 -14.62 17.58
C TRP C 436 -59.12 -14.60 18.38
N ASN C 437 -60.05 -15.45 17.97
CA ASN C 437 -61.36 -15.53 18.59
C ASN C 437 -61.32 -16.54 19.73
N SER C 438 -61.79 -16.12 20.90
CA SER C 438 -61.79 -16.92 22.12
C SER C 438 -63.16 -16.87 22.79
N ASN C 439 -64.20 -17.05 21.99
CA ASN C 439 -65.57 -16.85 22.48
C ASN C 439 -66.02 -17.93 23.46
N ASN C 440 -65.49 -19.15 23.33
CA ASN C 440 -66.03 -20.27 24.09
C ASN C 440 -65.57 -20.30 25.54
N LEU C 441 -64.62 -19.46 25.94
CA LEU C 441 -64.15 -19.47 27.32
C LEU C 441 -64.15 -18.07 27.92
N ASP C 442 -64.11 -17.04 27.08
CA ASP C 442 -64.15 -15.66 27.54
C ASP C 442 -65.57 -15.12 27.68
N SER C 443 -66.58 -15.99 27.62
CA SER C 443 -67.97 -15.57 27.75
C SER C 443 -68.78 -16.71 28.34
N LYS C 444 -69.87 -16.35 29.02
CA LYS C 444 -70.76 -17.32 29.63
C LYS C 444 -72.18 -16.78 29.58
N VAL C 445 -73.15 -17.66 29.85
CA VAL C 445 -74.55 -17.28 29.80
C VAL C 445 -74.91 -16.47 31.04
N GLY C 446 -75.87 -15.57 30.89
CA GLY C 446 -76.28 -14.68 31.95
C GLY C 446 -75.60 -13.33 31.95
N GLY C 447 -74.48 -13.18 31.23
CA GLY C 447 -73.79 -11.91 31.16
C GLY C 447 -72.42 -11.93 31.81
N ASN C 448 -71.38 -12.00 31.00
CA ASN C 448 -69.99 -11.99 31.50
C ASN C 448 -69.48 -10.56 31.48
N TYR C 449 -69.44 -9.93 32.65
CA TYR C 449 -69.01 -8.54 32.78
C TYR C 449 -67.76 -8.42 33.65
N ASN C 450 -66.91 -9.45 33.63
CA ASN C 450 -65.74 -9.46 34.50
C ASN C 450 -64.64 -8.51 34.03
N TYR C 451 -64.64 -8.13 32.76
CA TYR C 451 -63.64 -7.22 32.22
C TYR C 451 -64.19 -5.80 32.14
N LEU C 452 -63.31 -4.82 32.31
CA LEU C 452 -63.68 -3.42 32.37
C LEU C 452 -62.93 -2.65 31.30
N TYR C 453 -63.32 -1.39 31.12
CA TYR C 453 -62.64 -0.49 30.20
C TYR C 453 -62.89 0.95 30.63
N ARG C 454 -62.07 1.85 30.10
CA ARG C 454 -62.18 3.28 30.38
C ARG C 454 -62.82 3.98 29.20
N LEU C 455 -63.79 4.85 29.49
CA LEU C 455 -64.55 5.55 28.47
C LEU C 455 -64.30 7.05 28.44
N PHE C 456 -64.21 7.69 29.61
CA PHE C 456 -64.05 9.13 29.70
C PHE C 456 -62.65 9.48 30.21
N ARG C 457 -62.15 10.62 29.77
CA ARG C 457 -60.83 11.10 30.18
C ARG C 457 -60.79 12.61 29.99
N LYS C 458 -59.92 13.27 30.77
CA LYS C 458 -59.81 14.72 30.70
C LYS C 458 -59.09 15.17 29.43
N SER C 459 -57.92 14.60 29.16
CA SER C 459 -57.12 14.99 28.01
C SER C 459 -56.45 13.74 27.45
N ASN C 460 -55.52 13.94 26.51
CA ASN C 460 -54.82 12.84 25.88
C ASN C 460 -53.66 12.36 26.75
N LEU C 461 -53.24 11.13 26.51
CA LEU C 461 -52.18 10.50 27.28
C LEU C 461 -51.00 10.17 26.37
N LYS C 462 -49.90 9.74 27.00
CA LYS C 462 -48.71 9.34 26.29
C LYS C 462 -48.80 7.89 25.83
N PRO C 463 -48.15 7.53 24.73
CA PRO C 463 -48.11 6.11 24.34
C PRO C 463 -47.33 5.29 25.34
N PHE C 464 -47.67 3.99 25.40
CA PHE C 464 -47.06 3.05 26.34
C PHE C 464 -47.20 3.53 27.78
N GLU C 465 -48.42 3.93 28.14
CA GLU C 465 -48.72 4.43 29.48
C GLU C 465 -49.99 3.76 29.98
N ARG C 466 -49.94 3.28 31.22
CA ARG C 466 -51.08 2.63 31.85
C ARG C 466 -51.85 3.62 32.71
N ASP C 467 -53.18 3.57 32.61
CA ASP C 467 -54.06 4.48 33.33
C ASP C 467 -55.00 3.66 34.20
N ILE C 468 -54.82 3.76 35.52
CA ILE C 468 -55.65 3.07 36.50
C ILE C 468 -56.43 4.04 37.38
N SER C 469 -56.56 5.29 36.95
CA SER C 469 -57.26 6.31 37.75
C SER C 469 -58.75 6.00 37.78
N THR C 470 -59.29 5.79 38.98
CA THR C 470 -60.71 5.59 39.19
C THR C 470 -61.43 6.86 39.63
N GLU C 471 -60.88 8.02 39.29
CA GLU C 471 -61.49 9.29 39.66
C GLU C 471 -62.67 9.60 38.75
N ILE C 472 -63.69 10.21 39.33
CA ILE C 472 -64.90 10.56 38.57
C ILE C 472 -64.61 11.75 37.68
N TYR C 473 -64.77 11.56 36.37
CA TYR C 473 -64.51 12.63 35.42
C TYR C 473 -65.62 13.68 35.50
N GLN C 474 -65.26 14.90 35.87
CA GLN C 474 -66.23 15.98 35.98
C GLN C 474 -66.47 16.61 34.62
N ALA C 475 -67.74 16.74 34.25
CA ALA C 475 -68.12 17.33 32.97
C ALA C 475 -68.34 18.83 33.07
N GLY C 476 -69.10 19.27 34.06
CA GLY C 476 -69.39 20.67 34.26
C GLY C 476 -68.34 21.38 35.09
N SER C 477 -68.75 22.49 35.71
CA SER C 477 -67.89 23.29 36.55
C SER C 477 -68.21 23.15 38.02
N THR C 478 -69.13 22.24 38.39
CA THR C 478 -69.53 22.06 39.78
C THR C 478 -69.02 20.72 40.29
N PRO C 479 -68.27 20.68 41.39
CA PRO C 479 -67.84 19.41 41.93
C PRO C 479 -68.97 18.68 42.64
N CYS C 480 -69.00 17.36 42.46
CA CYS C 480 -69.98 16.51 43.11
C CYS C 480 -69.39 15.67 44.25
N ASN C 481 -68.07 15.72 44.45
CA ASN C 481 -67.41 15.14 45.63
C ASN C 481 -67.59 13.62 45.67
N GLY C 482 -67.43 12.97 44.53
CA GLY C 482 -67.43 11.52 44.48
C GLY C 482 -68.80 10.90 44.69
N VAL C 483 -69.80 11.38 43.95
CA VAL C 483 -71.14 10.84 43.97
C VAL C 483 -71.60 10.67 42.53
N GLU C 484 -72.78 10.07 42.35
CA GLU C 484 -73.37 9.87 41.04
C GLU C 484 -74.54 10.85 40.93
N GLY C 485 -74.24 12.07 40.52
CA GLY C 485 -75.24 13.11 40.38
C GLY C 485 -75.24 13.73 38.99
N PHE C 486 -75.18 15.05 38.92
CA PHE C 486 -75.20 15.76 37.66
C PHE C 486 -73.79 16.21 37.28
N ASN C 487 -73.47 16.08 35.99
CA ASN C 487 -72.23 16.58 35.40
C ASN C 487 -70.99 15.95 36.05
N CYS C 488 -71.11 14.72 36.53
CA CYS C 488 -69.96 13.92 36.95
C CYS C 488 -70.31 12.45 36.74
N TYR C 489 -69.59 11.79 35.83
CA TYR C 489 -69.88 10.42 35.43
C TYR C 489 -68.66 9.55 35.69
N PHE C 490 -68.92 8.26 35.87
CA PHE C 490 -67.83 7.31 36.09
C PHE C 490 -67.24 6.89 34.76
N PRO C 491 -65.91 6.97 34.59
CA PRO C 491 -65.30 6.64 33.29
C PRO C 491 -65.23 5.13 33.03
N LEU C 492 -65.16 4.34 34.09
CA LEU C 492 -65.03 2.89 33.96
C LEU C 492 -66.42 2.27 33.85
N GLN C 493 -66.67 1.59 32.73
CA GLN C 493 -67.95 0.94 32.48
C GLN C 493 -67.70 -0.52 32.12
N SER C 494 -68.78 -1.30 32.10
CA SER C 494 -68.71 -2.73 31.88
C SER C 494 -68.83 -3.07 30.40
N TYR C 495 -68.56 -4.34 30.08
CA TYR C 495 -68.63 -4.84 28.72
C TYR C 495 -70.02 -5.40 28.44
N GLY C 496 -70.21 -5.96 27.25
CA GLY C 496 -71.46 -6.59 26.88
C GLY C 496 -71.24 -7.97 26.27
N PHE C 497 -70.26 -8.70 26.80
CA PHE C 497 -69.87 -9.98 26.22
C PHE C 497 -70.97 -11.01 26.41
N GLN C 498 -71.41 -11.62 25.31
CA GLN C 498 -72.40 -12.68 25.33
C GLN C 498 -72.02 -13.68 24.25
N PRO C 499 -72.00 -14.98 24.55
CA PRO C 499 -71.57 -15.97 23.56
C PRO C 499 -72.58 -16.23 22.45
N THR C 500 -73.77 -15.62 22.49
CA THR C 500 -74.78 -15.81 21.48
C THR C 500 -74.84 -14.67 20.48
N ASN C 501 -73.82 -13.82 20.44
CA ASN C 501 -73.79 -12.67 19.54
C ASN C 501 -73.30 -13.10 18.16
N GLY C 502 -73.02 -12.12 17.30
CA GLY C 502 -72.59 -12.41 15.95
C GLY C 502 -71.08 -12.57 15.82
N VAL C 503 -70.47 -11.79 14.92
CA VAL C 503 -69.04 -11.88 14.68
C VAL C 503 -68.30 -10.56 14.91
N GLY C 504 -69.00 -9.44 15.03
CA GLY C 504 -68.36 -8.14 15.17
C GLY C 504 -68.29 -7.59 16.58
N TYR C 505 -68.73 -8.34 17.58
CA TYR C 505 -68.68 -7.88 18.96
C TYR C 505 -68.21 -8.98 19.90
N GLN C 506 -67.33 -9.86 19.41
CA GLN C 506 -66.83 -11.00 20.15
C GLN C 506 -65.57 -10.63 20.93
N PRO C 507 -65.32 -11.31 22.05
CA PRO C 507 -64.08 -11.06 22.80
C PRO C 507 -62.84 -11.57 22.06
N TYR C 508 -62.02 -10.66 21.56
CA TYR C 508 -60.82 -11.00 20.81
C TYR C 508 -59.60 -10.75 21.68
N ARG C 509 -58.81 -11.80 21.92
CA ARG C 509 -57.59 -11.69 22.70
C ARG C 509 -56.48 -11.13 21.81
N VAL C 510 -56.02 -9.93 22.14
CA VAL C 510 -55.03 -9.21 21.33
C VAL C 510 -53.74 -9.11 22.14
N VAL C 511 -52.66 -9.64 21.58
CA VAL C 511 -51.33 -9.55 22.16
C VAL C 511 -50.50 -8.58 21.34
N VAL C 512 -49.62 -7.84 22.00
CA VAL C 512 -48.77 -6.85 21.36
C VAL C 512 -47.33 -7.19 21.68
N LEU C 513 -46.53 -7.45 20.64
CA LEU C 513 -45.12 -7.80 20.78
C LEU C 513 -44.29 -6.67 20.19
N SER C 514 -43.79 -5.79 21.04
CA SER C 514 -42.97 -4.66 20.62
C SER C 514 -41.50 -4.95 20.89
N PHE C 515 -40.63 -4.28 20.13
CA PHE C 515 -39.20 -4.47 20.23
C PHE C 515 -38.53 -3.16 20.65
N GLU C 516 -37.39 -3.28 21.34
CA GLU C 516 -36.64 -2.15 21.83
C GLU C 516 -35.35 -1.98 21.03
N LEU C 517 -34.91 -0.73 20.93
CA LEU C 517 -33.69 -0.39 20.18
C LEU C 517 -32.79 0.46 21.07
N LEU C 518 -31.78 -0.17 21.67
CA LEU C 518 -30.81 0.53 22.50
C LEU C 518 -29.49 -0.23 22.44
N HIS C 519 -28.46 0.38 23.03
CA HIS C 519 -27.10 -0.16 22.98
C HIS C 519 -26.99 -1.33 23.97
N ALA C 520 -27.22 -2.53 23.47
CA ALA C 520 -27.10 -3.74 24.27
C ALA C 520 -26.93 -4.93 23.35
N PRO C 521 -26.21 -5.96 23.76
CA PRO C 521 -26.10 -7.15 22.92
C PRO C 521 -27.42 -7.89 22.82
N ALA C 522 -27.59 -8.66 21.76
CA ALA C 522 -28.87 -9.36 21.54
C ALA C 522 -29.20 -10.33 22.67
N THR C 523 -29.99 -9.88 23.65
CA THR C 523 -30.35 -10.73 24.77
C THR C 523 -31.28 -11.86 24.36
N VAL C 524 -32.26 -11.56 23.52
CA VAL C 524 -33.22 -12.59 23.11
C VAL C 524 -33.25 -12.77 21.60
N CYS C 525 -32.94 -13.99 21.14
CA CYS C 525 -32.95 -14.28 19.71
C CYS C 525 -32.76 -15.76 19.42
N GLY C 526 -33.05 -16.17 18.18
CA GLY C 526 -32.90 -17.58 17.82
C GLY C 526 -32.09 -17.81 16.55
N PRO C 527 -31.07 -18.67 16.63
CA PRO C 527 -30.24 -18.98 15.45
C PRO C 527 -30.86 -20.09 14.62
N LYS C 528 -30.43 -20.23 13.37
CA LYS C 528 -30.99 -21.25 12.48
C LYS C 528 -31.22 -22.56 13.23
N LYS C 529 -32.35 -23.20 12.97
CA LYS C 529 -32.69 -24.42 13.69
C LYS C 529 -32.01 -25.63 13.05
N SER C 530 -32.41 -26.82 13.49
CA SER C 530 -31.85 -28.07 12.98
C SER C 530 -32.56 -28.47 11.69
N THR C 531 -31.80 -28.54 10.60
CA THR C 531 -32.34 -28.93 9.30
C THR C 531 -32.16 -30.42 9.10
N ASN C 532 -32.39 -30.90 7.87
CA ASN C 532 -32.23 -32.30 7.56
C ASN C 532 -30.76 -32.67 7.53
N LEU C 533 -30.36 -33.62 8.38
CA LEU C 533 -28.96 -34.03 8.47
C LEU C 533 -28.63 -34.96 7.32
N VAL C 534 -27.62 -34.60 6.54
CA VAL C 534 -27.16 -35.41 5.42
C VAL C 534 -25.67 -35.69 5.60
N LYS C 535 -25.23 -36.83 5.10
CA LYS C 535 -23.85 -37.26 5.25
C LYS C 535 -23.38 -37.93 3.96
N ASN C 536 -22.06 -38.15 3.89
CA ASN C 536 -21.41 -38.87 2.79
C ASN C 536 -21.63 -38.18 1.44
N LYS C 537 -21.89 -36.88 1.44
CA LYS C 537 -21.97 -36.11 0.21
C LYS C 537 -21.13 -34.84 0.36
N CYS C 538 -20.83 -34.22 -0.78
CA CYS C 538 -19.95 -33.05 -0.82
C CYS C 538 -20.77 -31.83 -0.42
N VAL C 539 -20.74 -31.49 0.87
CA VAL C 539 -21.64 -30.53 1.45
C VAL C 539 -20.87 -29.33 2.00
N ASN C 540 -21.61 -28.33 2.47
CA ASN C 540 -21.07 -27.13 3.08
C ASN C 540 -21.81 -26.86 4.39
N PHE C 541 -21.07 -26.66 5.46
CA PHE C 541 -21.64 -26.45 6.79
C PHE C 541 -20.97 -25.26 7.47
N ASN C 542 -21.68 -24.70 8.45
CA ASN C 542 -21.18 -23.59 9.27
C ASN C 542 -21.45 -23.93 10.74
N PHE C 543 -20.49 -24.61 11.37
CA PHE C 543 -20.65 -25.04 12.77
C PHE C 543 -19.95 -24.06 13.72
N ASN C 544 -20.42 -22.81 13.67
CA ASN C 544 -20.13 -21.79 14.68
C ASN C 544 -18.68 -21.30 14.65
N GLY C 545 -17.81 -21.95 13.87
CA GLY C 545 -16.43 -21.54 13.85
C GLY C 545 -15.75 -21.54 12.50
N LEU C 546 -16.43 -22.05 11.47
CA LEU C 546 -15.82 -22.19 10.15
C LEU C 546 -16.90 -22.49 9.12
N THR C 547 -16.56 -22.21 7.86
CA THR C 547 -17.42 -22.51 6.72
C THR C 547 -16.59 -23.29 5.71
N GLY C 548 -16.58 -24.61 5.87
CA GLY C 548 -15.78 -25.49 5.02
C GLY C 548 -16.66 -26.33 4.11
N THR C 549 -16.14 -26.67 2.94
CA THR C 549 -16.84 -27.48 1.95
C THR C 549 -16.18 -28.85 1.87
N GLY C 550 -16.95 -29.89 2.14
CA GLY C 550 -16.41 -31.23 2.09
C GLY C 550 -17.47 -32.25 2.43
N VAL C 551 -17.02 -33.43 2.85
CA VAL C 551 -17.91 -34.52 3.21
C VAL C 551 -17.84 -34.75 4.72
N LEU C 552 -18.78 -35.55 5.23
CA LEU C 552 -18.88 -35.85 6.65
C LEU C 552 -18.94 -37.37 6.81
N THR C 553 -17.78 -37.99 7.00
CA THR C 553 -17.69 -39.42 7.20
C THR C 553 -17.72 -39.77 8.68
N GLU C 554 -18.19 -40.97 8.98
CA GLU C 554 -18.31 -41.42 10.37
C GLU C 554 -16.94 -41.83 10.90
N SER C 555 -16.46 -41.12 11.91
CA SER C 555 -15.17 -41.42 12.51
C SER C 555 -15.30 -42.53 13.54
N ASN C 556 -14.14 -43.01 14.00
CA ASN C 556 -14.09 -44.09 14.98
C ASN C 556 -13.47 -43.65 16.31
N LYS C 557 -13.17 -42.36 16.46
CA LYS C 557 -12.57 -41.83 17.68
C LYS C 557 -13.55 -40.92 18.38
N LYS C 558 -13.67 -41.09 19.71
CA LYS C 558 -14.55 -40.28 20.53
C LYS C 558 -13.74 -39.15 21.17
N PHE C 559 -14.28 -37.94 21.13
CA PHE C 559 -13.61 -36.77 21.67
C PHE C 559 -13.97 -36.55 23.13
N LEU C 560 -13.18 -35.72 23.80
CA LEU C 560 -13.49 -35.34 25.16
C LEU C 560 -14.66 -34.36 25.18
N PRO C 561 -15.53 -34.43 26.21
CA PRO C 561 -16.75 -33.62 26.25
C PRO C 561 -16.53 -32.17 26.66
N PHE C 562 -15.46 -31.57 26.15
CA PHE C 562 -15.23 -30.15 26.34
C PHE C 562 -14.72 -29.42 25.10
N GLN C 563 -14.53 -30.12 23.99
CA GLN C 563 -14.03 -29.54 22.76
C GLN C 563 -15.13 -29.50 21.71
N GLN C 564 -14.89 -28.72 20.66
CA GLN C 564 -15.82 -28.57 19.55
C GLN C 564 -15.20 -28.87 18.20
N PHE C 565 -13.93 -28.52 18.01
CA PHE C 565 -13.24 -28.73 16.74
C PHE C 565 -12.07 -29.70 16.96
N GLY C 566 -11.34 -29.97 15.87
CA GLY C 566 -10.19 -30.85 15.94
C GLY C 566 -9.20 -30.63 14.82
N ARG C 567 -7.93 -30.46 15.16
CA ARG C 567 -6.86 -30.29 14.19
C ARG C 567 -6.17 -31.62 13.94
N ASP C 568 -5.05 -31.58 13.22
CA ASP C 568 -4.31 -32.79 12.88
C ASP C 568 -2.83 -32.44 12.84
N ILE C 569 -2.02 -33.33 12.29
CA ILE C 569 -0.58 -33.10 12.24
C ILE C 569 -0.23 -32.02 11.23
N ALA C 570 -1.04 -31.89 10.16
CA ALA C 570 -0.80 -30.90 9.13
C ALA C 570 -1.45 -29.55 9.44
N ASP C 571 -1.94 -29.35 10.67
CA ASP C 571 -2.56 -28.10 11.11
C ASP C 571 -3.74 -27.74 10.21
N THR C 572 -4.74 -28.61 10.22
CA THR C 572 -5.95 -28.40 9.44
C THR C 572 -7.15 -28.88 10.24
N THR C 573 -8.16 -28.02 10.37
CA THR C 573 -9.38 -28.37 11.10
C THR C 573 -10.21 -29.31 10.24
N ASP C 574 -10.11 -30.62 10.51
CA ASP C 574 -10.80 -31.63 9.73
C ASP C 574 -11.67 -32.53 10.60
N ALA C 575 -12.03 -32.07 11.79
CA ALA C 575 -12.88 -32.86 12.70
C ALA C 575 -13.68 -31.90 13.55
N VAL C 576 -14.97 -31.77 13.27
CA VAL C 576 -15.86 -30.88 13.99
C VAL C 576 -16.97 -31.71 14.63
N ARG C 577 -17.13 -31.58 15.94
CA ARG C 577 -18.16 -32.32 16.66
C ARG C 577 -19.54 -31.72 16.37
N ASP C 578 -20.48 -32.57 15.98
CA ASP C 578 -21.84 -32.12 15.70
C ASP C 578 -22.57 -31.85 17.01
N PRO C 579 -23.09 -30.65 17.23
CA PRO C 579 -23.79 -30.34 18.48
C PRO C 579 -25.20 -30.91 18.59
N GLN C 580 -25.64 -31.70 17.62
CA GLN C 580 -26.99 -32.26 17.66
C GLN C 580 -27.08 -33.43 18.65
N THR C 581 -26.26 -34.46 18.43
CA THR C 581 -26.25 -35.63 19.30
C THR C 581 -24.82 -36.06 19.65
N LEU C 582 -23.87 -35.14 19.58
CA LEU C 582 -22.45 -35.42 19.88
C LEU C 582 -21.91 -36.53 18.98
N GLU C 583 -22.03 -36.31 17.68
CA GLU C 583 -21.56 -37.25 16.66
C GLU C 583 -20.31 -36.68 16.02
N ILE C 584 -19.18 -37.36 16.22
CA ILE C 584 -17.90 -36.90 15.68
C ILE C 584 -17.85 -37.24 14.19
N LEU C 585 -17.60 -36.23 13.37
CA LEU C 585 -17.52 -36.39 11.93
C LEU C 585 -16.23 -35.76 11.41
N ASP C 586 -15.62 -36.40 10.43
CA ASP C 586 -14.39 -35.91 9.82
C ASP C 586 -14.70 -35.11 8.57
N ILE C 587 -13.76 -34.24 8.20
CA ILE C 587 -13.90 -33.36 7.05
C ILE C 587 -12.86 -33.77 6.01
N THR C 588 -13.31 -34.08 4.80
CA THR C 588 -12.44 -34.41 3.69
C THR C 588 -12.82 -33.53 2.51
N PRO C 589 -11.88 -32.79 1.94
CA PRO C 589 -12.22 -31.82 0.90
C PRO C 589 -12.76 -32.49 -0.35
N CYS C 590 -13.30 -31.66 -1.24
CA CYS C 590 -14.06 -32.14 -2.37
C CYS C 590 -13.31 -32.08 -3.69
N SER C 591 -12.46 -31.08 -3.88
CA SER C 591 -11.65 -30.95 -5.10
C SER C 591 -10.22 -31.38 -4.79
N PHE C 592 -9.76 -32.45 -5.44
CA PHE C 592 -8.40 -32.94 -5.31
C PHE C 592 -7.76 -32.99 -6.69
N GLY C 593 -6.80 -32.10 -6.94
CA GLY C 593 -6.12 -32.09 -8.21
C GLY C 593 -6.92 -31.43 -9.32
N GLY C 594 -6.78 -31.97 -10.53
CA GLY C 594 -7.48 -31.45 -11.68
C GLY C 594 -7.72 -32.48 -12.76
N VAL C 595 -7.91 -32.03 -13.99
CA VAL C 595 -8.15 -32.91 -15.12
C VAL C 595 -6.90 -32.94 -16.00
N SER C 596 -6.86 -33.91 -16.91
CA SER C 596 -5.77 -34.05 -17.85
C SER C 596 -6.28 -34.74 -19.10
N VAL C 597 -5.76 -34.31 -20.25
CA VAL C 597 -6.20 -34.81 -21.56
C VAL C 597 -5.05 -35.61 -22.18
N ILE C 598 -5.39 -36.76 -22.75
CA ILE C 598 -4.42 -37.64 -23.39
C ILE C 598 -4.62 -37.54 -24.90
N THR C 599 -3.56 -37.14 -25.61
CA THR C 599 -3.58 -37.03 -27.06
C THR C 599 -2.57 -37.99 -27.66
N PRO C 600 -2.98 -38.87 -28.59
CA PRO C 600 -2.02 -39.82 -29.17
C PRO C 600 -1.01 -39.18 -30.10
N GLY C 601 -1.26 -37.99 -30.62
CA GLY C 601 -0.36 -37.31 -31.51
C GLY C 601 -1.02 -36.92 -32.81
N THR C 602 -0.29 -36.14 -33.60
CA THR C 602 -0.78 -35.65 -34.87
C THR C 602 -0.75 -36.75 -35.93
N ASN C 603 -1.68 -36.68 -36.87
CA ASN C 603 -1.84 -37.62 -37.97
C ASN C 603 -1.98 -39.07 -37.49
N THR C 604 -2.47 -39.26 -36.26
CA THR C 604 -2.67 -40.60 -35.72
C THR C 604 -4.11 -40.89 -35.36
N SER C 605 -4.78 -40.00 -34.64
CA SER C 605 -6.15 -40.24 -34.20
C SER C 605 -6.87 -38.91 -34.07
N ASN C 606 -8.10 -38.96 -33.57
CA ASN C 606 -8.92 -37.78 -33.37
C ASN C 606 -9.58 -37.68 -32.01
N GLN C 607 -9.75 -38.80 -31.30
CA GLN C 607 -10.38 -38.79 -29.98
C GLN C 607 -9.34 -38.66 -28.88
N VAL C 608 -9.81 -38.23 -27.71
CA VAL C 608 -8.95 -38.03 -26.54
C VAL C 608 -9.58 -38.77 -25.35
N ALA C 609 -8.93 -38.64 -24.20
CA ALA C 609 -9.40 -39.26 -22.98
C ALA C 609 -9.23 -38.30 -21.81
N VAL C 610 -10.16 -38.34 -20.87
CA VAL C 610 -10.15 -37.48 -19.70
C VAL C 610 -9.62 -38.28 -18.52
N LEU C 611 -8.56 -37.79 -17.90
CA LEU C 611 -7.93 -38.45 -16.77
C LEU C 611 -7.99 -37.55 -15.54
N TYR C 612 -8.48 -38.10 -14.43
CA TYR C 612 -8.54 -37.36 -13.17
C TYR C 612 -7.30 -37.67 -12.34
N GLN C 613 -6.81 -36.64 -11.64
CA GLN C 613 -5.59 -36.80 -10.85
C GLN C 613 -5.86 -37.54 -9.55
N ASP C 614 -6.71 -36.98 -8.69
CA ASP C 614 -7.03 -37.57 -7.39
C ASP C 614 -8.52 -37.47 -7.11
N VAL C 615 -9.34 -37.68 -8.14
CA VAL C 615 -10.79 -37.63 -8.02
C VAL C 615 -11.34 -39.04 -8.23
N ASN C 616 -12.03 -39.56 -7.21
CA ASN C 616 -12.61 -40.90 -7.30
C ASN C 616 -13.88 -40.87 -8.13
N CYS C 617 -14.15 -41.97 -8.83
CA CYS C 617 -15.31 -42.06 -9.70
C CYS C 617 -16.45 -42.85 -9.06
N ASN C 641 -14.32 -48.18 -21.49
CA ASN C 641 -15.02 -46.96 -21.15
C ASN C 641 -14.45 -46.31 -19.89
N VAL C 642 -15.00 -46.67 -18.74
CA VAL C 642 -14.56 -46.14 -17.45
C VAL C 642 -13.73 -47.20 -16.76
N PHE C 643 -12.49 -46.84 -16.41
CA PHE C 643 -11.57 -47.74 -15.74
C PHE C 643 -10.97 -47.03 -14.53
N GLN C 644 -11.21 -47.57 -13.34
CA GLN C 644 -10.70 -46.98 -12.10
C GLN C 644 -9.24 -47.38 -11.96
N THR C 645 -8.35 -46.52 -12.45
CA THR C 645 -6.92 -46.77 -12.36
C THR C 645 -6.40 -46.42 -10.97
N ARG C 646 -5.16 -46.83 -10.70
CA ARG C 646 -4.54 -46.54 -9.42
C ARG C 646 -4.10 -45.08 -9.29
N ALA C 647 -4.02 -44.36 -10.41
CA ALA C 647 -3.62 -42.96 -10.40
C ALA C 647 -4.81 -42.01 -10.55
N GLY C 648 -6.02 -42.47 -10.25
CA GLY C 648 -7.19 -41.62 -10.34
C GLY C 648 -8.32 -42.23 -11.14
N CYS C 649 -8.72 -41.55 -12.21
CA CYS C 649 -9.80 -42.00 -13.10
C CYS C 649 -9.39 -41.73 -14.54
N LEU C 650 -9.37 -42.79 -15.35
CA LEU C 650 -9.25 -42.65 -16.80
C LEU C 650 -10.54 -43.12 -17.43
N ILE C 651 -11.25 -42.19 -18.08
CA ILE C 651 -12.51 -42.51 -18.75
C ILE C 651 -12.32 -42.34 -20.25
N GLY C 652 -13.19 -42.99 -21.02
CA GLY C 652 -13.11 -42.95 -22.46
C GLY C 652 -12.11 -43.89 -23.07
N ALA C 653 -11.57 -44.83 -22.31
CA ALA C 653 -10.58 -45.78 -22.83
C ALA C 653 -10.79 -47.12 -22.16
N GLU C 654 -10.98 -48.16 -22.97
CA GLU C 654 -11.19 -49.51 -22.45
C GLU C 654 -9.87 -50.09 -21.95
N HIS C 655 -9.99 -51.10 -21.09
CA HIS C 655 -8.84 -51.76 -20.49
C HIS C 655 -8.65 -53.13 -21.10
N VAL C 656 -7.38 -53.50 -21.34
CA VAL C 656 -7.02 -54.80 -21.89
C VAL C 656 -5.94 -55.40 -20.99
N ASN C 657 -6.01 -56.73 -20.81
CA ASN C 657 -5.07 -57.42 -19.94
C ASN C 657 -3.72 -57.67 -20.59
N ASN C 658 -3.59 -57.46 -21.90
CA ASN C 658 -2.31 -57.64 -22.57
C ASN C 658 -1.38 -56.47 -22.26
N SER C 659 -0.08 -56.73 -22.37
CA SER C 659 0.95 -55.75 -22.05
C SER C 659 1.84 -55.53 -23.27
N TYR C 660 2.05 -54.27 -23.62
CA TYR C 660 2.92 -53.87 -24.72
C TYR C 660 3.77 -52.69 -24.27
N GLU C 661 4.63 -52.22 -25.17
CA GLU C 661 5.47 -51.06 -24.89
C GLU C 661 4.63 -49.79 -25.03
N CYS C 662 4.51 -49.05 -23.94
CA CYS C 662 3.69 -47.85 -23.92
C CYS C 662 4.51 -46.62 -24.34
N ASP C 663 3.81 -45.62 -24.83
CA ASP C 663 4.42 -44.39 -25.32
C ASP C 663 4.08 -43.17 -24.47
N ILE C 664 2.80 -42.94 -24.18
CA ILE C 664 2.37 -41.79 -23.41
C ILE C 664 2.39 -42.17 -21.93
N PRO C 665 3.22 -41.53 -21.10
CA PRO C 665 3.25 -41.87 -19.68
C PRO C 665 2.05 -41.27 -18.95
N ILE C 666 1.51 -42.04 -18.01
CA ILE C 666 0.37 -41.60 -17.22
C ILE C 666 0.76 -41.58 -15.75
N GLY C 667 1.21 -42.70 -15.23
CA GLY C 667 1.62 -42.82 -13.84
C GLY C 667 1.12 -44.11 -13.22
N ALA C 668 1.74 -44.47 -12.09
CA ALA C 668 1.36 -45.64 -11.31
C ALA C 668 1.48 -46.93 -12.13
N GLY C 669 2.48 -46.98 -13.01
CA GLY C 669 2.78 -48.19 -13.73
C GLY C 669 1.84 -48.54 -14.87
N ILE C 670 0.91 -47.66 -15.22
CA ILE C 670 -0.04 -47.89 -16.31
C ILE C 670 0.05 -46.73 -17.28
N CYS C 671 0.07 -47.06 -18.57
CA CYS C 671 0.18 -46.08 -19.64
C CYS C 671 -1.12 -46.02 -20.43
N ALA C 672 -1.11 -45.22 -21.50
CA ALA C 672 -2.23 -45.12 -22.42
C ALA C 672 -1.68 -45.06 -23.84
N SER C 673 -2.20 -45.91 -24.72
CA SER C 673 -1.73 -45.99 -26.09
C SER C 673 -2.92 -46.12 -27.03
N TYR C 674 -2.62 -46.20 -28.33
CA TYR C 674 -3.65 -46.33 -29.37
C TYR C 674 -3.27 -47.51 -30.25
N GLN C 675 -3.91 -48.66 -30.00
CA GLN C 675 -3.67 -49.88 -30.75
C GLN C 675 -5.00 -50.47 -31.19
N THR C 676 -4.93 -51.59 -31.90
CA THR C 676 -6.13 -52.27 -32.40
C THR C 676 -6.81 -53.04 -31.27
N SER C 689 -12.45 -51.25 -35.17
CA SER C 689 -11.21 -50.66 -35.65
C SER C 689 -10.20 -50.52 -34.51
N GLN C 690 -9.54 -49.38 -34.46
CA GLN C 690 -8.54 -49.08 -33.44
C GLN C 690 -9.06 -48.01 -32.49
N SER C 691 -8.85 -48.21 -31.19
CA SER C 691 -9.32 -47.28 -30.17
C SER C 691 -8.22 -47.10 -29.13
N ILE C 692 -8.37 -46.07 -28.32
CA ILE C 692 -7.42 -45.78 -27.25
C ILE C 692 -7.62 -46.78 -26.12
N ILE C 693 -6.58 -47.53 -25.79
CA ILE C 693 -6.64 -48.55 -24.75
C ILE C 693 -5.65 -48.21 -23.64
N ALA C 694 -5.98 -48.63 -22.43
CA ALA C 694 -5.14 -48.45 -21.27
C ALA C 694 -4.76 -49.81 -20.70
N TYR C 695 -3.46 -50.04 -20.53
CA TYR C 695 -2.98 -51.33 -20.05
C TYR C 695 -1.68 -51.12 -19.28
N THR C 696 -1.30 -52.13 -18.51
CA THR C 696 -0.05 -52.08 -17.76
C THR C 696 1.13 -52.20 -18.71
N MET C 697 2.11 -51.33 -18.53
CA MET C 697 3.28 -51.34 -19.41
C MET C 697 4.17 -52.54 -19.14
N SER C 698 4.88 -52.98 -20.18
CA SER C 698 5.81 -54.09 -20.07
C SER C 698 7.18 -53.56 -19.62
N LEU C 699 7.78 -54.24 -18.65
CA LEU C 699 9.08 -53.84 -18.12
C LEU C 699 10.25 -54.37 -18.95
N GLY C 700 9.99 -55.12 -19.99
CA GLY C 700 11.05 -55.65 -20.83
C GLY C 700 10.64 -56.97 -21.46
N ALA C 701 11.56 -57.53 -22.22
CA ALA C 701 11.34 -58.81 -22.89
C ALA C 701 11.43 -59.93 -21.87
N GLU C 702 10.32 -60.59 -21.61
CA GLU C 702 10.27 -61.68 -20.64
C GLU C 702 10.92 -62.91 -21.26
N ASN C 703 12.20 -63.12 -20.95
CA ASN C 703 12.95 -64.26 -21.44
C ASN C 703 13.74 -64.89 -20.31
N SER C 704 14.12 -66.16 -20.51
CA SER C 704 14.88 -66.92 -19.53
C SER C 704 16.32 -67.08 -19.98
N VAL C 705 17.24 -66.90 -19.05
CA VAL C 705 18.67 -67.02 -19.32
C VAL C 705 19.16 -68.31 -18.67
N ALA C 706 19.68 -69.22 -19.48
CA ALA C 706 20.16 -70.50 -19.00
C ALA C 706 21.50 -70.33 -18.29
N TYR C 707 21.56 -70.68 -17.02
CA TYR C 707 22.77 -70.58 -16.22
C TYR C 707 23.25 -71.97 -15.86
N SER C 708 24.54 -72.21 -16.05
CA SER C 708 25.15 -73.49 -15.69
C SER C 708 26.62 -73.26 -15.36
N ASN C 709 27.18 -74.19 -14.60
CA ASN C 709 28.55 -74.09 -14.12
C ASN C 709 29.59 -74.59 -15.10
N ASN C 710 29.17 -75.16 -16.24
CA ASN C 710 30.09 -75.69 -17.23
C ASN C 710 29.65 -75.31 -18.64
N SER C 711 29.20 -74.08 -18.82
CA SER C 711 28.78 -73.59 -20.12
C SER C 711 29.14 -72.12 -20.25
N ILE C 712 29.78 -71.76 -21.36
CA ILE C 712 30.16 -70.39 -21.65
C ILE C 712 29.63 -70.03 -23.03
N ALA C 713 29.43 -68.73 -23.25
CA ALA C 713 28.92 -68.21 -24.52
C ALA C 713 29.93 -67.20 -25.06
N ILE C 714 30.55 -67.53 -26.18
CA ILE C 714 31.54 -66.69 -26.83
C ILE C 714 30.94 -66.17 -28.14
N PRO C 715 30.89 -64.85 -28.35
CA PRO C 715 30.32 -64.33 -29.59
C PRO C 715 31.25 -64.54 -30.77
N THR C 716 30.66 -64.85 -31.93
CA THR C 716 31.42 -65.09 -33.15
C THR C 716 31.30 -63.97 -34.17
N ASN C 717 30.31 -63.09 -34.03
CA ASN C 717 30.12 -61.98 -34.96
C ASN C 717 29.79 -60.72 -34.17
N PHE C 718 29.78 -59.59 -34.87
CA PHE C 718 29.53 -58.30 -34.24
C PHE C 718 29.00 -57.34 -35.28
N THR C 719 28.34 -56.28 -34.79
CA THR C 719 27.82 -55.22 -35.63
C THR C 719 28.34 -53.89 -35.14
N ILE C 720 28.89 -53.08 -36.06
CA ILE C 720 29.43 -51.77 -35.73
C ILE C 720 28.31 -50.76 -35.82
N SER C 721 27.88 -50.23 -34.67
CA SER C 721 26.80 -49.27 -34.60
C SER C 721 27.31 -47.93 -34.10
N VAL C 722 26.48 -46.90 -34.30
CA VAL C 722 26.81 -45.54 -33.90
C VAL C 722 25.70 -45.04 -32.98
N THR C 723 26.06 -44.70 -31.75
CA THR C 723 25.13 -44.16 -30.77
C THR C 723 25.23 -42.64 -30.78
N THR C 724 24.12 -41.97 -31.13
CA THR C 724 24.09 -40.52 -31.20
C THR C 724 23.61 -39.96 -29.86
N GLU C 725 24.48 -39.22 -29.19
CA GLU C 725 24.16 -38.58 -27.92
C GLU C 725 24.08 -37.07 -28.12
N ILE C 726 23.01 -36.46 -27.60
CA ILE C 726 22.78 -35.03 -27.73
C ILE C 726 23.06 -34.38 -26.39
N LEU C 727 24.04 -33.47 -26.37
CA LEU C 727 24.41 -32.77 -25.15
C LEU C 727 24.67 -31.30 -25.45
N PRO C 728 23.87 -30.39 -24.91
CA PRO C 728 24.08 -28.95 -25.16
C PRO C 728 25.23 -28.40 -24.33
N VAL C 729 25.86 -27.36 -24.87
CA VAL C 729 26.97 -26.71 -24.20
C VAL C 729 26.75 -25.23 -23.97
N SER C 730 25.85 -24.58 -24.71
CA SER C 730 25.59 -23.16 -24.55
C SER C 730 24.16 -22.86 -24.98
N MET C 731 23.75 -21.61 -24.78
CA MET C 731 22.42 -21.16 -25.14
C MET C 731 22.49 -19.69 -25.55
N THR C 732 21.34 -19.06 -25.69
CA THR C 732 21.28 -17.66 -26.09
C THR C 732 21.68 -16.76 -24.92
N LYS C 733 22.11 -15.55 -25.27
CA LYS C 733 22.54 -14.54 -24.30
C LYS C 733 21.56 -13.38 -24.33
N THR C 734 20.93 -13.11 -23.19
CA THR C 734 19.95 -12.03 -23.07
C THR C 734 20.38 -11.12 -21.93
N SER C 735 20.54 -9.83 -22.24
CA SER C 735 20.92 -8.82 -21.26
C SER C 735 19.74 -7.87 -21.06
N VAL C 736 19.09 -7.98 -19.91
CA VAL C 736 17.95 -7.14 -19.58
C VAL C 736 18.43 -5.97 -18.74
N ASP C 737 18.09 -4.75 -19.18
CA ASP C 737 18.46 -3.53 -18.48
C ASP C 737 17.46 -3.25 -17.36
N CYS C 738 17.96 -2.72 -16.25
CA CYS C 738 17.07 -2.44 -15.13
C CYS C 738 16.28 -1.15 -15.30
N THR C 739 16.74 -0.26 -16.17
CA THR C 739 16.03 1.00 -16.42
C THR C 739 15.11 0.94 -17.64
N MET C 740 15.54 0.27 -18.71
CA MET C 740 14.75 0.27 -19.94
C MET C 740 13.50 -0.59 -19.82
N TYR C 741 13.55 -1.66 -19.04
CA TYR C 741 12.40 -2.55 -18.91
C TYR C 741 11.36 -1.99 -17.95
N ILE C 742 11.80 -1.28 -16.91
CA ILE C 742 10.87 -0.75 -15.91
C ILE C 742 10.36 0.63 -16.34
N CYS C 743 11.27 1.55 -16.64
CA CYS C 743 10.89 2.87 -17.10
C CYS C 743 10.62 2.90 -18.60
N GLY C 744 9.76 3.82 -19.00
CA GLY C 744 9.53 4.10 -20.40
C GLY C 744 10.25 5.35 -20.86
N ASP C 745 9.49 6.43 -21.07
CA ASP C 745 10.03 7.69 -21.58
C ASP C 745 9.62 8.85 -20.68
N SER C 746 9.84 8.70 -19.37
CA SER C 746 9.49 9.75 -18.42
C SER C 746 10.62 9.89 -17.40
N THR C 747 10.55 10.97 -16.63
CA THR C 747 11.54 11.26 -15.60
C THR C 747 11.05 10.96 -14.19
N GLU C 748 9.77 10.66 -14.01
CA GLU C 748 9.23 10.45 -12.67
C GLU C 748 9.60 9.09 -12.09
N CYS C 749 9.76 8.07 -12.93
CA CYS C 749 10.10 6.76 -12.40
C CYS C 749 11.59 6.69 -12.03
N SER C 750 12.43 7.46 -12.70
CA SER C 750 13.86 7.45 -12.42
C SER C 750 14.17 8.01 -11.04
N ASN C 751 13.24 8.78 -10.45
CA ASN C 751 13.42 9.21 -9.07
C ASN C 751 13.15 8.07 -8.11
N LEU C 752 12.18 7.21 -8.43
CA LEU C 752 11.88 6.05 -7.61
C LEU C 752 12.82 4.88 -7.86
N LEU C 753 13.52 4.88 -8.99
CA LEU C 753 14.46 3.80 -9.29
C LEU C 753 15.76 3.93 -8.50
N LEU C 754 16.04 5.10 -7.94
CA LEU C 754 17.24 5.26 -7.12
C LEU C 754 17.10 4.55 -5.78
N GLN C 755 15.87 4.38 -5.29
CA GLN C 755 15.66 3.62 -4.06
C GLN C 755 15.82 2.13 -4.29
N TYR C 756 15.66 1.66 -5.52
CA TYR C 756 15.88 0.26 -5.87
C TYR C 756 17.12 0.09 -6.75
N GLY C 757 18.08 1.01 -6.62
CA GLY C 757 19.31 0.89 -7.40
C GLY C 757 20.21 -0.24 -6.94
N SER C 758 20.10 -0.65 -5.68
CA SER C 758 20.87 -1.79 -5.21
C SER C 758 20.33 -3.10 -5.77
N PHE C 759 19.03 -3.14 -6.08
CA PHE C 759 18.43 -4.36 -6.63
C PHE C 759 18.82 -4.60 -8.09
N CYS C 760 18.81 -3.55 -8.91
CA CYS C 760 19.13 -3.76 -10.32
C CYS C 760 20.63 -3.91 -10.53
N THR C 761 21.43 -3.43 -9.56
CA THR C 761 22.86 -3.70 -9.59
C THR C 761 23.14 -5.19 -9.37
N GLN C 762 22.34 -5.84 -8.52
CA GLN C 762 22.47 -7.28 -8.35
C GLN C 762 21.99 -8.03 -9.59
N LEU C 763 20.98 -7.50 -10.28
CA LEU C 763 20.49 -8.14 -11.49
C LEU C 763 21.42 -7.91 -12.68
N ASN C 764 22.14 -6.79 -12.70
CA ASN C 764 23.10 -6.53 -13.76
C ASN C 764 24.36 -7.36 -13.60
N ARG C 765 24.80 -7.55 -12.36
CA ARG C 765 25.98 -8.39 -12.12
C ARG C 765 25.66 -9.87 -12.32
N ALA C 766 24.40 -10.27 -12.11
CA ALA C 766 24.03 -11.66 -12.34
C ALA C 766 23.91 -11.95 -13.83
N LEU C 767 23.37 -11.01 -14.61
CA LEU C 767 23.30 -11.19 -16.05
C LEU C 767 24.67 -11.05 -16.71
N THR C 768 25.59 -10.31 -16.08
CA THR C 768 26.96 -10.26 -16.58
C THR C 768 27.71 -11.55 -16.29
N GLY C 769 27.44 -12.16 -15.12
CA GLY C 769 28.03 -13.44 -14.80
C GLY C 769 27.50 -14.58 -15.66
N ILE C 770 26.30 -14.43 -16.22
CA ILE C 770 25.77 -15.44 -17.13
C ILE C 770 26.48 -15.36 -18.48
N ALA C 771 26.68 -14.14 -18.99
CA ALA C 771 27.25 -13.98 -20.32
C ALA C 771 28.71 -14.43 -20.37
N VAL C 772 29.46 -14.26 -19.28
CA VAL C 772 30.84 -14.74 -19.26
C VAL C 772 30.87 -16.26 -19.14
N GLU C 773 29.96 -16.83 -18.36
CA GLU C 773 29.90 -18.28 -18.24
C GLU C 773 29.40 -18.93 -19.53
N GLN C 774 28.55 -18.22 -20.29
CA GLN C 774 28.09 -18.75 -21.56
C GLN C 774 29.19 -18.73 -22.61
N ASP C 775 30.11 -17.77 -22.52
CA ASP C 775 31.25 -17.70 -23.43
C ASP C 775 32.41 -18.55 -22.96
N LYS C 776 32.45 -18.92 -21.68
CA LYS C 776 33.52 -19.76 -21.15
C LYS C 776 33.26 -21.26 -21.34
N ASN C 777 31.99 -21.66 -21.48
CA ASN C 777 31.68 -23.06 -21.71
C ASN C 777 32.09 -23.53 -23.10
N THR C 778 32.15 -22.61 -24.07
CA THR C 778 32.58 -22.99 -25.41
C THR C 778 34.08 -23.22 -25.47
N GLN C 779 34.86 -22.46 -24.69
CA GLN C 779 36.31 -22.62 -24.68
C GLN C 779 36.77 -23.85 -23.91
N GLU C 780 35.87 -24.52 -23.19
CA GLU C 780 36.24 -25.71 -22.42
C GLU C 780 35.92 -27.01 -23.16
N VAL C 781 35.03 -26.99 -24.14
CA VAL C 781 34.64 -28.17 -24.89
C VAL C 781 35.26 -28.18 -26.28
N PHE C 782 35.07 -27.10 -27.04
CA PHE C 782 35.59 -27.06 -28.41
C PHE C 782 37.05 -26.64 -28.46
N ALA C 783 37.49 -25.78 -27.55
CA ALA C 783 38.86 -25.27 -27.56
C ALA C 783 39.75 -26.13 -26.66
N GLN C 784 39.84 -27.41 -27.00
CA GLN C 784 40.71 -28.32 -26.27
C GLN C 784 42.16 -28.23 -26.71
N VAL C 785 42.39 -27.94 -28.00
CA VAL C 785 43.73 -27.79 -28.53
C VAL C 785 43.89 -26.37 -29.08
N LYS C 786 45.14 -25.95 -29.25
CA LYS C 786 45.47 -24.62 -29.75
C LYS C 786 46.10 -24.65 -31.13
N GLN C 787 45.86 -25.72 -31.90
CA GLN C 787 46.42 -25.86 -33.23
C GLN C 787 45.33 -26.33 -34.19
N ILE C 788 45.27 -25.69 -35.35
CA ILE C 788 44.31 -26.05 -36.38
C ILE C 788 44.92 -27.11 -37.27
N TYR C 789 44.30 -28.29 -37.33
CA TYR C 789 44.80 -29.41 -38.11
C TYR C 789 44.11 -29.41 -39.47
N LYS C 790 44.89 -29.33 -40.53
CA LYS C 790 44.36 -29.29 -41.88
C LYS C 790 43.96 -30.69 -42.35
N THR C 791 42.97 -30.73 -43.22
CA THR C 791 42.50 -32.00 -43.77
C THR C 791 43.47 -32.51 -44.81
N PRO C 792 43.97 -33.75 -44.70
CA PRO C 792 44.89 -34.26 -45.70
C PRO C 792 44.16 -34.55 -47.00
N PRO C 793 44.83 -34.40 -48.14
CA PRO C 793 44.17 -34.66 -49.43
C PRO C 793 43.97 -36.13 -49.73
N ILE C 794 44.68 -37.03 -49.06
CA ILE C 794 44.56 -38.47 -49.30
C ILE C 794 43.28 -38.95 -48.63
N LYS C 795 42.28 -39.29 -49.45
CA LYS C 795 40.99 -39.77 -48.95
C LYS C 795 40.92 -41.28 -48.84
N ASP C 796 42.00 -41.99 -49.16
CA ASP C 796 42.02 -43.45 -49.09
C ASP C 796 42.41 -43.84 -47.67
N PHE C 797 41.40 -44.18 -46.85
CA PHE C 797 41.61 -44.56 -45.47
C PHE C 797 41.47 -46.07 -45.25
N GLY C 798 41.58 -46.86 -46.32
CA GLY C 798 41.44 -48.30 -46.21
C GLY C 798 40.03 -48.82 -46.38
N GLY C 799 39.21 -48.15 -47.19
CA GLY C 799 37.85 -48.58 -47.42
C GLY C 799 36.80 -47.84 -46.61
N PHE C 800 37.20 -46.87 -45.79
CA PHE C 800 36.26 -46.12 -44.98
C PHE C 800 35.81 -44.85 -45.70
N ASN C 801 34.55 -44.50 -45.52
CA ASN C 801 33.97 -43.30 -46.12
C ASN C 801 33.96 -42.19 -45.08
N PHE C 802 34.80 -41.18 -45.29
CA PHE C 802 34.92 -40.05 -44.37
C PHE C 802 34.42 -38.75 -44.99
N SER C 803 33.68 -38.83 -46.10
CA SER C 803 33.16 -37.63 -46.75
C SER C 803 31.98 -37.02 -46.01
N GLN C 804 31.35 -37.77 -45.11
CA GLN C 804 30.22 -37.23 -44.36
C GLN C 804 30.67 -36.39 -43.17
N ILE C 805 31.86 -36.66 -42.63
CA ILE C 805 32.38 -35.90 -41.51
C ILE C 805 33.34 -34.80 -41.94
N LEU C 806 33.85 -34.84 -43.17
CA LEU C 806 34.76 -33.83 -43.66
C LEU C 806 34.01 -32.79 -44.49
N PRO C 807 34.42 -31.52 -44.43
CA PRO C 807 33.73 -30.49 -45.20
C PRO C 807 34.03 -30.64 -46.70
N ASP C 808 32.97 -30.60 -47.50
CA ASP C 808 33.13 -30.71 -48.94
C ASP C 808 33.47 -29.35 -49.55
N PRO C 809 34.33 -29.31 -50.56
CA PRO C 809 34.70 -28.04 -51.19
C PRO C 809 33.67 -27.50 -52.17
N SER C 810 32.54 -28.19 -52.36
CA SER C 810 31.52 -27.70 -53.28
C SER C 810 30.74 -26.54 -52.71
N LYS C 811 30.63 -26.44 -51.39
CA LYS C 811 29.92 -25.37 -50.73
C LYS C 811 30.89 -24.40 -50.07
N PRO C 812 30.57 -23.10 -50.03
CA PRO C 812 31.48 -22.15 -49.38
C PRO C 812 31.50 -22.27 -47.86
N SER C 813 30.47 -22.85 -47.26
CA SER C 813 30.43 -23.01 -45.82
C SER C 813 31.32 -24.17 -45.39
N LYS C 814 31.78 -24.11 -44.13
CA LYS C 814 32.64 -25.13 -43.57
C LYS C 814 31.88 -26.31 -42.99
N ARG C 815 30.55 -26.26 -42.98
CA ARG C 815 29.75 -27.35 -42.44
C ARG C 815 29.70 -28.51 -43.42
N SER C 816 29.71 -29.73 -42.89
CA SER C 816 29.64 -30.91 -43.74
C SER C 816 28.19 -31.24 -44.06
N PRO C 817 27.96 -32.30 -44.85
CA PRO C 817 26.56 -32.69 -45.11
C PRO C 817 25.79 -32.89 -43.82
N ILE C 818 26.36 -33.61 -42.88
CA ILE C 818 25.69 -33.88 -41.62
C ILE C 818 25.46 -32.58 -40.86
N GLU C 819 26.52 -31.80 -40.66
CA GLU C 819 26.39 -30.55 -39.92
C GLU C 819 25.38 -29.61 -40.56
N ASP C 820 25.28 -29.61 -41.88
CA ASP C 820 24.26 -28.80 -42.55
C ASP C 820 22.86 -29.38 -42.38
N LEU C 821 22.76 -30.70 -42.20
CA LEU C 821 21.46 -31.31 -41.97
C LEU C 821 20.96 -31.02 -40.56
N LEU C 822 21.87 -30.83 -39.60
CA LEU C 822 21.49 -30.51 -38.24
C LEU C 822 21.18 -29.03 -38.05
N PHE C 823 21.69 -28.17 -38.93
CA PHE C 823 21.43 -26.73 -38.80
C PHE C 823 19.99 -26.40 -39.17
N ASN C 824 19.45 -27.05 -40.20
CA ASN C 824 18.08 -26.83 -40.64
C ASN C 824 17.07 -27.70 -39.89
N LYS C 825 17.54 -28.66 -39.09
CA LYS C 825 16.63 -29.53 -38.37
C LYS C 825 16.06 -28.84 -37.12
N VAL C 826 16.94 -28.22 -36.34
CA VAL C 826 16.53 -27.51 -35.13
C VAL C 826 16.36 -26.03 -35.45
N THR C 827 15.32 -25.43 -34.90
CA THR C 827 15.04 -24.01 -35.14
C THR C 827 15.76 -23.14 -34.12
N ALA C 852 9.24 -8.25 -32.84
CA ALA C 852 10.54 -8.79 -32.46
C ALA C 852 10.69 -8.85 -30.94
N GLN C 853 11.54 -9.75 -30.46
CA GLN C 853 11.76 -9.90 -29.03
C GLN C 853 12.62 -8.79 -28.46
N LYS C 854 13.38 -8.07 -29.30
CA LYS C 854 14.24 -6.99 -28.85
C LYS C 854 13.52 -5.64 -28.81
N PHE C 855 12.20 -5.62 -29.06
CA PHE C 855 11.46 -4.36 -29.08
C PHE C 855 11.18 -3.82 -27.69
N ASN C 856 11.17 -4.69 -26.67
CA ASN C 856 10.89 -4.28 -25.31
C ASN C 856 12.16 -4.22 -24.45
N GLY C 857 13.30 -3.93 -25.07
CA GLY C 857 14.56 -3.86 -24.35
C GLY C 857 15.23 -5.18 -24.11
N LEU C 858 14.67 -6.29 -24.60
CA LEU C 858 15.26 -7.61 -24.42
C LEU C 858 16.17 -7.94 -25.60
N THR C 859 17.30 -7.24 -25.65
CA THR C 859 18.26 -7.41 -26.71
C THR C 859 19.03 -8.72 -26.54
N VAL C 860 19.35 -9.37 -27.66
CA VAL C 860 20.09 -10.62 -27.67
C VAL C 860 21.51 -10.34 -28.12
N LEU C 861 22.47 -10.55 -27.23
CA LEU C 861 23.87 -10.30 -27.57
C LEU C 861 24.46 -11.49 -28.32
N PRO C 862 25.29 -11.25 -29.33
CA PRO C 862 25.91 -12.36 -30.04
C PRO C 862 27.00 -13.00 -29.20
N PRO C 863 27.26 -14.28 -29.37
CA PRO C 863 28.30 -14.96 -28.59
C PRO C 863 29.68 -14.58 -29.10
N LEU C 864 30.71 -15.10 -28.40
CA LEU C 864 32.08 -14.80 -28.78
C LEU C 864 32.48 -15.53 -30.05
N LEU C 865 32.07 -16.80 -30.18
CA LEU C 865 32.40 -17.62 -31.33
C LEU C 865 31.12 -17.92 -32.12
N THR C 866 31.16 -17.64 -33.42
CA THR C 866 30.00 -17.87 -34.28
C THR C 866 29.93 -19.33 -34.70
N ASP C 867 28.96 -19.64 -35.55
CA ASP C 867 28.78 -21.02 -36.02
C ASP C 867 29.87 -21.44 -36.99
N GLU C 868 30.55 -20.50 -37.64
CA GLU C 868 31.62 -20.85 -38.57
C GLU C 868 32.87 -21.31 -37.82
N MET C 869 33.16 -20.68 -36.68
CA MET C 869 34.32 -21.08 -35.88
C MET C 869 34.07 -22.35 -35.08
N ILE C 870 32.80 -22.65 -34.78
CA ILE C 870 32.48 -23.94 -34.16
C ILE C 870 32.66 -25.06 -35.17
N ALA C 871 32.28 -24.81 -36.43
CA ALA C 871 32.50 -25.80 -37.47
C ALA C 871 33.98 -25.99 -37.77
N GLN C 872 34.78 -24.95 -37.58
CA GLN C 872 36.22 -25.08 -37.79
C GLN C 872 36.89 -25.81 -36.62
N TYR C 873 36.33 -25.68 -35.42
CA TYR C 873 36.92 -26.37 -34.27
C TYR C 873 36.66 -27.87 -34.34
N THR C 874 35.47 -28.28 -34.81
CA THR C 874 35.18 -29.70 -34.92
C THR C 874 35.91 -30.34 -36.10
N SER C 875 36.13 -29.59 -37.18
CA SER C 875 36.90 -30.13 -38.29
C SER C 875 38.39 -30.24 -37.94
N ALA C 876 38.88 -29.37 -37.05
CA ALA C 876 40.25 -29.50 -36.59
C ALA C 876 40.42 -30.69 -35.66
N LEU C 877 39.42 -30.99 -34.84
CA LEU C 877 39.47 -32.18 -33.99
C LEU C 877 39.26 -33.46 -34.79
N LEU C 878 38.47 -33.40 -35.86
CA LEU C 878 38.26 -34.59 -36.68
C LEU C 878 39.48 -34.87 -37.56
N ALA C 879 40.23 -33.84 -37.93
CA ALA C 879 41.44 -34.06 -38.72
C ALA C 879 42.54 -34.69 -37.88
N GLY C 880 42.65 -34.28 -36.60
CA GLY C 880 43.64 -34.87 -35.72
C GLY C 880 43.28 -36.25 -35.22
N THR C 881 42.00 -36.62 -35.26
CA THR C 881 41.59 -37.95 -34.82
C THR C 881 41.87 -39.00 -35.88
N ILE C 882 41.66 -38.65 -37.16
CA ILE C 882 41.91 -39.59 -38.24
C ILE C 882 43.37 -39.67 -38.66
N THR C 883 44.22 -38.79 -38.13
CA THR C 883 45.63 -38.77 -38.47
C THR C 883 46.56 -39.09 -37.30
N SER C 884 46.16 -38.78 -36.08
CA SER C 884 46.96 -39.08 -34.90
C SER C 884 46.20 -39.86 -33.85
N GLY C 885 44.89 -39.63 -33.71
CA GLY C 885 44.08 -40.37 -32.78
C GLY C 885 43.99 -39.77 -31.40
N TRP C 886 45.06 -39.88 -30.62
CA TRP C 886 45.07 -39.39 -29.24
C TRP C 886 46.32 -38.60 -28.86
N THR C 887 47.36 -38.60 -29.70
CA THR C 887 48.58 -37.87 -29.36
C THR C 887 48.45 -36.37 -29.58
N PHE C 888 47.48 -35.93 -30.39
CA PHE C 888 47.30 -34.51 -30.64
C PHE C 888 46.60 -33.79 -29.50
N GLY C 889 45.89 -34.53 -28.64
CA GLY C 889 45.22 -33.93 -27.51
C GLY C 889 45.99 -34.08 -26.21
N ALA C 890 47.05 -34.89 -26.24
CA ALA C 890 47.87 -35.14 -25.06
C ALA C 890 49.36 -34.88 -25.33
N GLY C 891 49.65 -34.11 -26.38
CA GLY C 891 51.02 -33.81 -26.73
C GLY C 891 51.10 -33.45 -28.20
N PRO C 892 52.31 -33.45 -28.77
CA PRO C 892 52.42 -33.21 -30.21
C PRO C 892 51.68 -34.26 -31.01
N ALA C 893 50.94 -33.83 -32.04
CA ALA C 893 50.22 -34.78 -32.89
C ALA C 893 51.20 -35.62 -33.69
N LEU C 894 50.82 -36.85 -33.99
CA LEU C 894 51.68 -37.72 -34.78
C LEU C 894 50.94 -38.22 -36.01
N GLN C 895 51.61 -39.01 -36.84
CA GLN C 895 50.96 -39.58 -38.02
C GLN C 895 50.81 -41.08 -37.83
N ILE C 896 49.62 -41.59 -38.09
CA ILE C 896 49.33 -43.01 -37.96
C ILE C 896 48.16 -43.37 -38.87
N PRO C 897 48.23 -44.46 -39.62
CA PRO C 897 47.09 -44.85 -40.48
C PRO C 897 45.88 -45.24 -39.66
N PHE C 898 44.71 -45.16 -40.28
CA PHE C 898 43.47 -45.48 -39.57
C PHE C 898 43.38 -46.92 -39.09
N PRO C 899 43.67 -47.90 -39.97
CA PRO C 899 43.50 -49.28 -39.52
C PRO C 899 44.34 -49.54 -38.28
N MET C 900 45.60 -49.10 -38.30
CA MET C 900 46.45 -49.28 -37.14
C MET C 900 45.86 -48.56 -35.94
N GLN C 901 45.10 -47.50 -36.20
CA GLN C 901 44.51 -46.73 -35.11
C GLN C 901 43.29 -47.44 -34.54
N MET C 902 42.50 -48.09 -35.40
CA MET C 902 41.34 -48.84 -34.94
C MET C 902 41.75 -50.09 -34.16
N ALA C 903 42.87 -50.70 -34.54
CA ALA C 903 43.30 -51.92 -33.86
C ALA C 903 43.75 -51.63 -32.42
N TYR C 904 44.20 -50.41 -32.14
CA TYR C 904 44.60 -50.06 -30.79
C TYR C 904 43.41 -49.80 -29.88
N ARG C 905 42.29 -49.36 -30.46
CA ARG C 905 41.07 -49.19 -29.66
C ARG C 905 40.45 -50.53 -29.30
N PHE C 906 40.67 -51.56 -30.11
CA PHE C 906 40.16 -52.88 -29.80
C PHE C 906 40.94 -53.53 -28.67
N ASN C 907 42.21 -53.16 -28.50
CA ASN C 907 43.03 -53.75 -27.44
C ASN C 907 42.66 -53.22 -26.06
N GLY C 908 41.96 -52.09 -25.98
CA GLY C 908 41.54 -51.54 -24.71
C GLY C 908 40.28 -52.15 -24.13
N ILE C 909 39.52 -52.89 -24.93
CA ILE C 909 38.30 -53.55 -24.48
C ILE C 909 38.46 -55.05 -24.34
N GLY C 910 39.64 -55.59 -24.61
CA GLY C 910 39.90 -57.01 -24.48
C GLY C 910 39.91 -57.80 -25.77
N VAL C 911 39.97 -57.13 -26.92
CA VAL C 911 39.99 -57.80 -28.21
C VAL C 911 41.39 -57.72 -28.80
N THR C 912 41.95 -58.87 -29.13
CA THR C 912 43.26 -58.91 -29.78
C THR C 912 43.16 -58.38 -31.21
N GLN C 913 44.24 -57.78 -31.67
CA GLN C 913 44.26 -57.02 -32.93
C GLN C 913 44.52 -57.88 -34.16
N ASN C 914 44.56 -59.20 -34.03
CA ASN C 914 44.81 -60.04 -35.19
C ASN C 914 43.56 -60.27 -36.03
N VAL C 915 42.37 -60.15 -35.43
CA VAL C 915 41.13 -60.37 -36.17
C VAL C 915 40.72 -59.18 -37.02
N LEU C 916 41.32 -58.01 -36.80
CA LEU C 916 40.95 -56.83 -37.57
C LEU C 916 41.50 -56.88 -38.99
N TYR C 917 42.65 -57.52 -39.19
CA TYR C 917 43.29 -57.62 -40.49
C TYR C 917 42.81 -58.82 -41.29
N GLU C 918 41.79 -59.52 -40.82
CA GLU C 918 41.23 -60.66 -41.55
C GLU C 918 39.91 -60.35 -42.23
N ASN C 919 39.16 -59.36 -41.74
CA ASN C 919 37.88 -58.95 -42.31
C ASN C 919 37.83 -57.44 -42.47
N GLN C 920 38.89 -56.88 -43.05
CA GLN C 920 38.97 -55.43 -43.23
C GLN C 920 37.84 -54.90 -44.10
N LYS C 921 37.40 -55.68 -45.10
CA LYS C 921 36.28 -55.26 -45.93
C LYS C 921 34.95 -55.40 -45.19
N LEU C 922 34.90 -56.20 -44.12
CA LEU C 922 33.66 -56.34 -43.35
C LEU C 922 33.47 -55.17 -42.39
N ILE C 923 34.55 -54.71 -41.75
CA ILE C 923 34.45 -53.58 -40.84
C ILE C 923 34.25 -52.28 -41.61
N ALA C 924 34.86 -52.18 -42.80
CA ALA C 924 34.68 -50.97 -43.61
C ALA C 924 33.26 -50.88 -44.17
N ASN C 925 32.65 -52.02 -44.49
CA ASN C 925 31.27 -52.01 -44.96
C ASN C 925 30.28 -51.80 -43.82
N GLN C 926 30.59 -52.29 -42.62
CA GLN C 926 29.71 -52.07 -41.48
C GLN C 926 29.81 -50.64 -40.95
N PHE C 927 30.95 -49.98 -41.16
CA PHE C 927 31.09 -48.60 -40.73
C PHE C 927 30.35 -47.65 -41.67
N ASN C 928 30.37 -47.93 -42.98
CA ASN C 928 29.67 -47.08 -43.93
C ASN C 928 28.16 -47.27 -43.84
N SER C 929 27.70 -48.46 -43.45
CA SER C 929 26.27 -48.67 -43.27
C SER C 929 25.77 -48.03 -41.98
N ALA C 930 26.64 -47.90 -40.97
CA ALA C 930 26.25 -47.23 -39.73
C ALA C 930 26.14 -45.73 -39.91
N ILE C 931 26.96 -45.15 -40.78
CA ILE C 931 26.85 -43.72 -41.05
C ILE C 931 25.59 -43.41 -41.85
N GLY C 932 25.26 -44.28 -42.81
CA GLY C 932 24.05 -44.10 -43.60
C GLY C 932 22.77 -44.31 -42.81
N LYS C 933 22.81 -45.12 -41.76
CA LYS C 933 21.64 -45.30 -40.91
C LYS C 933 21.42 -44.12 -39.99
N ILE C 934 22.48 -43.45 -39.56
CA ILE C 934 22.33 -42.25 -38.75
C ILE C 934 21.87 -41.08 -39.60
N GLN C 935 22.40 -40.97 -40.83
CA GLN C 935 21.99 -39.88 -41.71
C GLN C 935 20.54 -40.04 -42.16
N ASP C 936 20.06 -41.27 -42.32
CA ASP C 936 18.67 -41.49 -42.67
C ASP C 936 17.73 -41.32 -41.50
N SER C 937 18.22 -41.49 -40.26
CA SER C 937 17.37 -41.29 -39.10
C SER C 937 17.28 -39.83 -38.71
N LEU C 938 18.39 -39.09 -38.85
CA LEU C 938 18.39 -37.67 -38.53
C LEU C 938 17.67 -36.83 -39.58
N SER C 939 17.49 -37.35 -40.80
CA SER C 939 16.79 -36.62 -41.84
C SER C 939 15.28 -36.65 -41.67
N SER C 940 14.75 -37.56 -40.86
CA SER C 940 13.31 -37.68 -40.65
C SER C 940 12.81 -36.61 -39.68
N ALA C 944 12.32 -34.23 -34.64
CA ALA C 944 13.34 -33.27 -34.22
C ALA C 944 13.99 -33.71 -32.92
N LEU C 945 15.12 -33.08 -32.58
CA LEU C 945 15.84 -33.41 -31.37
C LEU C 945 15.12 -32.83 -30.15
N GLY C 946 15.42 -33.41 -28.98
CA GLY C 946 14.79 -32.98 -27.75
C GLY C 946 15.69 -32.15 -26.87
N LYS C 947 16.97 -32.51 -26.81
CA LYS C 947 17.92 -31.79 -25.95
C LYS C 947 18.29 -30.43 -26.54
N LEU C 948 18.23 -30.29 -27.86
CA LEU C 948 18.54 -29.03 -28.51
C LEU C 948 17.31 -28.16 -28.77
N GLN C 949 16.13 -28.63 -28.37
CA GLN C 949 14.89 -27.87 -28.54
C GLN C 949 14.28 -27.41 -27.23
N ASP C 950 14.49 -28.15 -26.14
CA ASP C 950 13.94 -27.73 -24.85
C ASP C 950 14.67 -26.52 -24.29
N VAL C 951 15.95 -26.35 -24.64
CA VAL C 951 16.69 -25.17 -24.19
C VAL C 951 16.30 -23.92 -24.97
N VAL C 952 15.70 -24.08 -26.14
CA VAL C 952 15.26 -22.94 -26.94
C VAL C 952 13.80 -22.61 -26.65
N ASN C 953 12.96 -23.63 -26.45
CA ASN C 953 11.56 -23.39 -26.15
C ASN C 953 11.38 -22.79 -24.76
N GLN C 954 12.24 -23.14 -23.81
CA GLN C 954 12.16 -22.55 -22.48
C GLN C 954 12.61 -21.10 -22.48
N ASN C 955 13.55 -20.74 -23.37
CA ASN C 955 13.98 -19.36 -23.47
C ASN C 955 13.00 -18.53 -24.31
N ALA C 956 12.30 -19.15 -25.24
CA ALA C 956 11.32 -18.44 -26.04
C ALA C 956 10.06 -18.13 -25.24
N GLN C 957 9.64 -19.06 -24.37
CA GLN C 957 8.49 -18.82 -23.52
C GLN C 957 8.80 -17.84 -22.39
N ALA C 958 10.06 -17.78 -21.96
CA ALA C 958 10.44 -16.82 -20.92
C ALA C 958 10.51 -15.40 -21.47
N LEU C 959 10.94 -15.23 -22.72
CA LEU C 959 10.97 -13.92 -23.33
C LEU C 959 9.58 -13.43 -23.71
N ASN C 960 8.68 -14.34 -24.07
CA ASN C 960 7.30 -13.96 -24.36
C ASN C 960 6.52 -13.65 -23.09
N THR C 961 6.95 -14.19 -21.94
CA THR C 961 6.28 -13.89 -20.68
C THR C 961 6.61 -12.49 -20.19
N LEU C 962 7.85 -12.02 -20.44
CA LEU C 962 8.24 -10.69 -20.00
C LEU C 962 7.47 -9.60 -20.75
N VAL C 963 7.09 -9.87 -22.00
CA VAL C 963 6.26 -8.91 -22.73
C VAL C 963 4.83 -8.95 -22.19
N LYS C 964 4.36 -10.11 -21.74
CA LYS C 964 3.03 -10.20 -21.14
C LYS C 964 2.99 -9.56 -19.76
N GLN C 965 4.14 -9.40 -19.09
CA GLN C 965 4.15 -8.74 -17.80
C GLN C 965 3.90 -7.25 -17.92
N LEU C 966 4.22 -6.66 -19.07
CA LEU C 966 3.96 -5.24 -19.31
C LEU C 966 2.50 -4.95 -19.62
N SER C 967 1.70 -5.97 -19.92
CA SER C 967 0.29 -5.81 -20.20
C SER C 967 -0.59 -5.98 -18.96
N SER C 968 0.01 -6.22 -17.79
CA SER C 968 -0.73 -6.39 -16.55
C SER C 968 -0.66 -5.10 -15.73
N ASN C 969 -1.57 -5.01 -14.76
CA ASN C 969 -1.67 -3.83 -13.90
C ASN C 969 -1.04 -4.03 -12.53
N PHE C 970 -0.84 -5.28 -12.11
CA PHE C 970 -0.29 -5.59 -10.78
C PHE C 970 -1.15 -4.99 -9.67
N GLY C 971 -2.47 -5.04 -9.84
CA GLY C 971 -3.37 -4.49 -8.86
C GLY C 971 -3.57 -2.99 -8.96
N ALA C 972 -3.52 -2.43 -10.18
CA ALA C 972 -3.70 -1.00 -10.36
C ALA C 972 -4.80 -0.71 -11.37
N ILE C 973 -4.96 0.56 -11.75
CA ILE C 973 -5.99 0.95 -12.71
C ILE C 973 -5.51 0.92 -14.14
N SER C 974 -4.20 0.85 -14.38
CA SER C 974 -3.64 0.83 -15.72
C SER C 974 -2.43 -0.08 -15.75
N SER C 975 -1.98 -0.41 -16.96
CA SER C 975 -0.83 -1.27 -17.15
C SER C 975 0.46 -0.48 -17.31
N VAL C 976 0.48 0.47 -18.24
CA VAL C 976 1.65 1.30 -18.48
C VAL C 976 1.60 2.52 -17.59
N LEU C 977 2.77 3.03 -17.21
CA LEU C 977 2.85 4.21 -16.35
C LEU C 977 2.56 5.51 -17.08
N ASN C 978 2.55 5.51 -18.41
CA ASN C 978 2.26 6.71 -19.17
C ASN C 978 0.77 7.02 -19.24
N ASP C 979 -0.09 6.03 -18.93
CA ASP C 979 -1.52 6.26 -18.99
C ASP C 979 -2.02 6.98 -17.74
N ILE C 980 -1.50 6.63 -16.57
CA ILE C 980 -1.95 7.25 -15.32
C ILE C 980 -1.40 8.67 -15.17
N LEU C 981 -0.30 9.00 -15.84
CA LEU C 981 0.25 10.35 -15.76
C LEU C 981 -0.50 11.34 -16.63
N SER C 982 -1.24 10.88 -17.64
CA SER C 982 -2.00 11.76 -18.51
C SER C 982 -3.37 12.09 -17.93
N ARG C 983 -3.92 11.23 -17.07
CA ARG C 983 -5.23 11.46 -16.47
C ARG C 983 -5.15 11.93 -15.03
N LEU C 984 -4.07 11.60 -14.32
CA LEU C 984 -3.92 11.99 -12.92
C LEU C 984 -2.58 12.69 -12.74
N ASP C 985 -2.45 13.38 -11.60
CA ASP C 985 -1.20 14.07 -11.29
C ASP C 985 -0.24 13.13 -10.58
N PRO C 986 1.06 13.32 -10.79
CA PRO C 986 2.06 12.42 -10.18
C PRO C 986 2.04 12.45 -8.66
N PRO C 987 1.70 13.58 -8.02
CA PRO C 987 1.48 13.52 -6.57
C PRO C 987 0.35 12.60 -6.16
N GLU C 988 -0.63 12.38 -7.03
CA GLU C 988 -1.74 11.49 -6.72
C GLU C 988 -1.47 10.05 -7.15
N ALA C 989 -0.88 9.86 -8.33
CA ALA C 989 -0.62 8.54 -8.88
C ALA C 989 0.76 8.01 -8.49
N GLU C 990 1.32 8.47 -7.38
CA GLU C 990 2.61 7.97 -6.94
C GLU C 990 2.51 6.54 -6.40
N VAL C 991 1.34 6.16 -5.87
CA VAL C 991 1.16 4.81 -5.36
C VAL C 991 1.05 3.82 -6.51
N GLN C 992 0.37 4.21 -7.59
CA GLN C 992 0.21 3.31 -8.72
C GLN C 992 1.51 3.09 -9.48
N ILE C 993 2.42 4.08 -9.43
CA ILE C 993 3.72 3.90 -10.07
C ILE C 993 4.59 2.96 -9.26
N ASP C 994 4.56 3.08 -7.93
CA ASP C 994 5.35 2.19 -7.10
C ASP C 994 4.85 0.75 -7.15
N ARG C 995 3.55 0.56 -7.38
CA ARG C 995 3.03 -0.80 -7.54
C ARG C 995 3.46 -1.41 -8.87
N LEU C 996 3.67 -0.58 -9.89
CA LEU C 996 4.15 -1.09 -11.17
C LEU C 996 5.65 -1.34 -11.15
N ILE C 997 6.39 -0.58 -10.33
CA ILE C 997 7.83 -0.81 -10.22
C ILE C 997 8.12 -2.06 -9.40
N THR C 998 7.46 -2.19 -8.24
CA THR C 998 7.63 -3.39 -7.43
C THR C 998 7.01 -4.61 -8.08
N GLY C 999 5.99 -4.40 -8.92
CA GLY C 999 5.42 -5.52 -9.66
C GLY C 999 6.33 -6.01 -10.77
N ARG C 1000 7.07 -5.09 -11.40
CA ARG C 1000 8.04 -5.49 -12.41
C ARG C 1000 9.37 -5.94 -11.81
N LEU C 1001 9.67 -5.50 -10.58
CA LEU C 1001 10.89 -5.96 -9.91
C LEU C 1001 10.77 -7.42 -9.49
N GLN C 1002 9.57 -7.87 -9.15
CA GLN C 1002 9.36 -9.28 -8.81
C GLN C 1002 9.48 -10.17 -10.04
N SER C 1003 9.03 -9.69 -11.20
CA SER C 1003 9.19 -10.46 -12.42
C SER C 1003 10.63 -10.44 -12.92
N LEU C 1004 11.34 -9.33 -12.68
CA LEU C 1004 12.75 -9.27 -13.04
C LEU C 1004 13.60 -10.14 -12.13
N GLN C 1005 13.24 -10.23 -10.84
CA GLN C 1005 13.93 -11.14 -9.93
C GLN C 1005 13.60 -12.59 -10.23
N THR C 1006 12.45 -12.86 -10.86
CA THR C 1006 12.08 -14.23 -11.22
C THR C 1006 12.78 -14.68 -12.49
N TYR C 1007 12.91 -13.77 -13.47
CA TYR C 1007 13.52 -14.14 -14.74
C TYR C 1007 15.02 -14.42 -14.60
N VAL C 1008 15.70 -13.65 -13.75
CA VAL C 1008 17.14 -13.88 -13.55
C VAL C 1008 17.36 -15.15 -12.73
N THR C 1009 16.47 -15.43 -11.77
CA THR C 1009 16.59 -16.66 -10.99
C THR C 1009 16.30 -17.88 -11.84
N GLN C 1010 15.33 -17.78 -12.75
CA GLN C 1010 15.04 -18.89 -13.65
C GLN C 1010 16.15 -19.08 -14.67
N GLN C 1011 16.81 -17.99 -15.07
CA GLN C 1011 17.92 -18.10 -16.01
C GLN C 1011 19.19 -18.60 -15.34
N LEU C 1012 19.34 -18.38 -14.04
CA LEU C 1012 20.52 -18.88 -13.33
C LEU C 1012 20.46 -20.38 -13.13
N ILE C 1013 19.26 -20.95 -12.96
CA ILE C 1013 19.14 -22.40 -12.88
C ILE C 1013 19.36 -23.02 -14.25
N ARG C 1014 18.90 -22.36 -15.31
CA ARG C 1014 19.18 -22.84 -16.66
C ARG C 1014 20.65 -22.68 -17.00
N ALA C 1015 21.31 -21.67 -16.45
CA ALA C 1015 22.76 -21.53 -16.66
C ALA C 1015 23.53 -22.59 -15.87
N ALA C 1016 23.02 -22.99 -14.71
CA ALA C 1016 23.64 -24.07 -13.97
C ALA C 1016 23.42 -25.42 -14.65
N GLU C 1017 22.27 -25.58 -15.32
CA GLU C 1017 22.04 -26.80 -16.09
C GLU C 1017 22.89 -26.82 -17.35
N ILE C 1018 23.16 -25.66 -17.94
CA ILE C 1018 24.05 -25.59 -19.09
C ILE C 1018 25.50 -25.85 -18.65
N ARG C 1019 25.90 -25.30 -17.50
CA ARG C 1019 27.24 -25.54 -17.00
C ARG C 1019 27.43 -27.01 -16.60
N ALA C 1020 26.37 -27.64 -16.08
CA ALA C 1020 26.47 -29.05 -15.73
C ALA C 1020 26.52 -29.94 -16.96
N SER C 1021 25.91 -29.51 -18.06
CA SER C 1021 25.98 -30.28 -19.30
C SER C 1021 27.25 -29.97 -20.08
N ALA C 1022 27.77 -28.74 -19.96
CA ALA C 1022 29.02 -28.42 -20.64
C ALA C 1022 30.21 -29.09 -19.97
N ASN C 1023 30.18 -29.22 -18.64
CA ASN C 1023 31.25 -29.95 -17.96
C ASN C 1023 31.13 -31.45 -18.21
N LEU C 1024 29.92 -31.95 -18.42
CA LEU C 1024 29.75 -33.35 -18.77
C LEU C 1024 30.19 -33.61 -20.22
N ALA C 1025 29.95 -32.64 -21.11
CA ALA C 1025 30.41 -32.78 -22.48
C ALA C 1025 31.92 -32.57 -22.61
N ALA C 1026 32.51 -31.79 -21.71
CA ALA C 1026 33.96 -31.61 -21.72
C ALA C 1026 34.67 -32.86 -21.26
N THR C 1027 34.08 -33.60 -20.32
CA THR C 1027 34.67 -34.87 -19.88
C THR C 1027 34.50 -35.94 -20.95
N LYS C 1028 33.38 -35.92 -21.69
CA LYS C 1028 33.20 -36.86 -22.78
C LYS C 1028 34.04 -36.51 -24.00
N MET C 1029 34.35 -35.23 -24.20
CA MET C 1029 35.26 -34.84 -25.27
C MET C 1029 36.69 -35.24 -24.93
N SER C 1030 37.05 -35.18 -23.65
CA SER C 1030 38.40 -35.51 -23.21
C SER C 1030 38.63 -37.01 -23.06
N GLU C 1031 37.57 -37.82 -23.10
CA GLU C 1031 37.70 -39.26 -22.92
C GLU C 1031 37.25 -40.04 -24.15
N CYS C 1032 36.03 -39.80 -24.64
CA CYS C 1032 35.53 -40.55 -25.79
C CYS C 1032 36.17 -40.05 -27.09
N VAL C 1033 36.37 -38.75 -27.22
CA VAL C 1033 36.97 -38.19 -28.42
C VAL C 1033 38.50 -38.17 -28.34
N LEU C 1034 39.03 -37.57 -27.28
CA LEU C 1034 40.49 -37.47 -27.09
C LEU C 1034 40.99 -38.76 -26.45
N GLY C 1035 41.07 -39.80 -27.26
CA GLY C 1035 41.55 -41.09 -26.81
C GLY C 1035 40.42 -42.10 -26.63
N GLN C 1036 40.75 -43.16 -25.89
CA GLN C 1036 39.81 -44.24 -25.61
C GLN C 1036 39.44 -44.21 -24.14
N SER C 1037 38.15 -44.14 -23.84
CA SER C 1037 37.68 -44.09 -22.46
C SER C 1037 37.68 -45.50 -21.89
N LYS C 1038 38.39 -45.68 -20.77
CA LYS C 1038 38.46 -47.00 -20.13
C LYS C 1038 37.18 -47.36 -19.39
N ARG C 1039 36.32 -46.38 -19.10
CA ARG C 1039 35.06 -46.63 -18.42
C ARG C 1039 34.07 -47.24 -19.40
N VAL C 1040 33.66 -48.47 -19.14
CA VAL C 1040 32.71 -49.16 -20.01
C VAL C 1040 31.31 -48.57 -19.83
N ASP C 1041 30.53 -48.59 -20.90
CA ASP C 1041 29.16 -48.09 -20.89
C ASP C 1041 29.09 -46.61 -20.51
N PHE C 1042 30.10 -45.84 -20.92
CA PHE C 1042 30.15 -44.41 -20.64
C PHE C 1042 29.86 -43.54 -21.85
N CYS C 1043 30.43 -43.87 -23.01
CA CYS C 1043 30.19 -43.14 -24.24
C CYS C 1043 29.02 -43.71 -25.04
N GLY C 1044 28.20 -44.55 -24.43
CA GLY C 1044 27.07 -45.16 -25.12
C GLY C 1044 26.89 -46.63 -24.78
N LYS C 1045 25.82 -47.22 -25.28
CA LYS C 1045 25.53 -48.63 -25.04
C LYS C 1045 26.45 -49.49 -25.90
N GLY C 1046 27.39 -50.17 -25.27
CA GLY C 1046 28.35 -51.02 -25.96
C GLY C 1046 29.78 -50.61 -25.68
N TYR C 1047 30.69 -51.41 -26.21
CA TYR C 1047 32.13 -51.17 -26.04
C TYR C 1047 32.55 -50.01 -26.93
N HIS C 1048 32.98 -48.90 -26.31
CA HIS C 1048 33.36 -47.71 -27.06
C HIS C 1048 34.77 -47.86 -27.62
N LEU C 1049 34.93 -47.50 -28.89
CA LEU C 1049 36.22 -47.50 -29.56
C LEU C 1049 36.70 -46.08 -29.86
N MET C 1050 35.89 -45.30 -30.55
CA MET C 1050 36.19 -43.91 -30.86
C MET C 1050 34.89 -43.18 -31.16
N SER C 1051 34.99 -41.88 -31.35
CA SER C 1051 33.82 -41.05 -31.64
C SER C 1051 34.19 -39.99 -32.67
N PHE C 1052 33.16 -39.36 -33.23
CA PHE C 1052 33.34 -38.32 -34.24
C PHE C 1052 32.43 -37.15 -33.90
N PRO C 1053 32.95 -36.14 -33.21
CA PRO C 1053 32.12 -35.00 -32.82
C PRO C 1053 31.84 -34.06 -33.98
N GLN C 1054 30.60 -33.57 -34.04
CA GLN C 1054 30.17 -32.64 -35.07
C GLN C 1054 29.61 -31.38 -34.41
N SER C 1055 29.50 -30.32 -35.22
CA SER C 1055 29.00 -29.05 -34.74
C SER C 1055 27.48 -29.04 -34.71
N ALA C 1056 26.92 -28.38 -33.69
CA ALA C 1056 25.49 -28.26 -33.52
C ALA C 1056 25.15 -26.85 -33.06
N PRO C 1057 24.00 -26.32 -33.49
CA PRO C 1057 23.60 -24.98 -33.04
C PRO C 1057 23.24 -25.00 -31.55
N HIS C 1058 23.98 -24.23 -30.76
CA HIS C 1058 23.78 -24.13 -29.31
C HIS C 1058 23.91 -25.51 -28.66
N GLY C 1059 24.92 -26.27 -29.09
CA GLY C 1059 25.15 -27.58 -28.52
C GLY C 1059 26.25 -28.30 -29.28
N VAL C 1060 26.35 -29.61 -29.02
CA VAL C 1060 27.34 -30.45 -29.66
C VAL C 1060 26.81 -31.87 -29.70
N VAL C 1061 27.16 -32.61 -30.75
CA VAL C 1061 26.75 -33.99 -30.91
C VAL C 1061 27.99 -34.87 -31.02
N PHE C 1062 27.80 -36.15 -30.70
CA PHE C 1062 28.89 -37.12 -30.72
C PHE C 1062 28.43 -38.38 -31.45
N LEU C 1063 29.24 -38.84 -32.40
CA LEU C 1063 28.97 -40.05 -33.17
C LEU C 1063 30.00 -41.10 -32.76
N HIS C 1064 29.69 -41.86 -31.72
CA HIS C 1064 30.60 -42.86 -31.20
C HIS C 1064 30.61 -44.10 -32.08
N VAL C 1065 31.60 -44.96 -31.85
CA VAL C 1065 31.74 -46.22 -32.56
C VAL C 1065 31.67 -47.32 -31.51
N THR C 1066 30.52 -47.97 -31.39
CA THR C 1066 30.32 -49.01 -30.40
C THR C 1066 30.62 -50.38 -30.97
N TYR C 1067 30.78 -51.36 -30.07
CA TYR C 1067 31.11 -52.73 -30.42
C TYR C 1067 30.16 -53.66 -29.67
N VAL C 1068 29.09 -54.08 -30.35
CA VAL C 1068 28.09 -54.95 -29.74
C VAL C 1068 28.06 -56.29 -30.47
N PRO C 1069 27.86 -57.40 -29.76
CA PRO C 1069 27.79 -58.70 -30.43
C PRO C 1069 26.42 -58.98 -31.01
N ALA C 1070 26.41 -59.76 -32.09
CA ALA C 1070 25.16 -60.14 -32.76
C ALA C 1070 24.89 -61.63 -32.65
N GLN C 1071 25.82 -62.49 -33.03
CA GLN C 1071 25.66 -63.93 -32.97
C GLN C 1071 26.56 -64.52 -31.90
N GLU C 1072 26.09 -65.60 -31.28
CA GLU C 1072 26.84 -66.27 -30.24
C GLU C 1072 26.42 -67.74 -30.18
N LYS C 1073 27.30 -68.56 -29.64
CA LYS C 1073 27.07 -69.99 -29.48
C LYS C 1073 27.46 -70.42 -28.08
N ASN C 1074 26.86 -71.52 -27.64
CA ASN C 1074 27.09 -72.08 -26.30
C ASN C 1074 28.13 -73.19 -26.39
N PHE C 1075 29.10 -73.16 -25.48
CA PHE C 1075 30.16 -74.16 -25.45
C PHE C 1075 30.44 -74.55 -24.00
N THR C 1076 31.00 -75.75 -23.84
CA THR C 1076 31.41 -76.23 -22.52
C THR C 1076 32.80 -75.69 -22.19
N THR C 1077 32.92 -75.06 -21.04
CA THR C 1077 34.16 -74.45 -20.60
C THR C 1077 34.78 -75.24 -19.45
N ALA C 1078 36.04 -74.91 -19.14
CA ALA C 1078 36.78 -75.54 -18.05
C ALA C 1078 37.64 -74.48 -17.37
N PRO C 1079 37.70 -74.48 -16.03
CA PRO C 1079 38.45 -73.43 -15.34
C PRO C 1079 39.96 -73.66 -15.34
N ALA C 1080 40.38 -74.92 -15.33
CA ALA C 1080 41.79 -75.27 -15.27
C ALA C 1080 42.04 -76.56 -16.01
N ILE C 1081 43.31 -76.90 -16.18
CA ILE C 1081 43.73 -78.13 -16.85
C ILE C 1081 44.78 -78.82 -16.00
N CYS C 1082 44.50 -80.07 -15.61
CA CYS C 1082 45.50 -80.95 -15.00
C CYS C 1082 46.02 -81.89 -16.07
N HIS C 1083 47.31 -81.77 -16.37
CA HIS C 1083 47.95 -82.59 -17.39
C HIS C 1083 48.81 -83.70 -16.79
N ASP C 1084 49.70 -83.36 -15.85
CA ASP C 1084 50.55 -84.33 -15.19
C ASP C 1084 50.56 -84.17 -13.68
N GLY C 1085 49.71 -83.30 -13.13
CA GLY C 1085 49.67 -83.07 -11.70
C GLY C 1085 49.65 -81.59 -11.35
N LYS C 1086 49.78 -80.73 -12.36
CA LYS C 1086 49.77 -79.29 -12.17
C LYS C 1086 48.62 -78.67 -12.93
N ALA C 1087 48.08 -77.58 -12.39
CA ALA C 1087 46.95 -76.88 -12.99
C ALA C 1087 47.45 -75.79 -13.94
N HIS C 1088 46.81 -75.71 -15.11
CA HIS C 1088 47.14 -74.71 -16.12
C HIS C 1088 46.04 -73.66 -16.13
N PHE C 1089 46.43 -72.39 -15.96
CA PHE C 1089 45.49 -71.29 -15.95
C PHE C 1089 45.77 -70.34 -17.12
N PRO C 1090 44.73 -69.86 -17.78
CA PRO C 1090 44.93 -68.93 -18.90
C PRO C 1090 45.26 -67.53 -18.41
N ARG C 1091 45.70 -66.70 -19.36
CA ARG C 1091 46.08 -65.32 -19.08
C ARG C 1091 45.09 -64.30 -19.60
N GLU C 1092 44.59 -64.47 -20.83
CA GLU C 1092 43.67 -63.51 -21.42
C GLU C 1092 42.40 -64.19 -21.91
N GLY C 1093 42.50 -65.47 -22.28
CA GLY C 1093 41.39 -66.21 -22.82
C GLY C 1093 40.79 -67.18 -21.82
N VAL C 1094 39.97 -68.09 -22.35
CA VAL C 1094 39.33 -69.12 -21.55
C VAL C 1094 39.27 -70.40 -22.39
N PHE C 1095 39.38 -71.55 -21.72
CA PHE C 1095 39.38 -72.83 -22.42
C PHE C 1095 37.98 -73.16 -22.90
N VAL C 1096 37.86 -73.40 -24.20
CA VAL C 1096 36.57 -73.63 -24.85
C VAL C 1096 36.58 -75.04 -25.45
N SER C 1097 35.37 -75.57 -25.66
CA SER C 1097 35.20 -76.91 -26.19
C SER C 1097 33.80 -77.03 -26.76
N ASN C 1098 33.68 -77.62 -27.95
CA ASN C 1098 32.39 -77.81 -28.60
C ASN C 1098 31.91 -79.25 -28.58
N GLY C 1099 32.55 -80.12 -27.80
CA GLY C 1099 32.06 -81.47 -27.60
C GLY C 1099 33.13 -82.55 -27.66
N THR C 1100 34.13 -82.39 -28.52
CA THR C 1100 35.22 -83.35 -28.60
C THR C 1100 36.61 -82.73 -28.65
N HIS C 1101 36.75 -81.46 -29.03
CA HIS C 1101 38.04 -80.80 -29.10
C HIS C 1101 38.21 -79.84 -27.93
N TRP C 1102 39.34 -79.14 -27.91
CA TRP C 1102 39.62 -78.18 -26.85
C TRP C 1102 40.43 -77.04 -27.44
N PHE C 1103 39.89 -75.83 -27.34
CA PHE C 1103 40.56 -74.62 -27.83
C PHE C 1103 40.51 -73.55 -26.74
N VAL C 1104 41.05 -72.38 -27.05
CA VAL C 1104 41.06 -71.25 -26.14
C VAL C 1104 40.75 -69.97 -26.91
N THR C 1105 39.89 -69.14 -26.34
CA THR C 1105 39.50 -67.89 -26.97
C THR C 1105 39.12 -66.89 -25.89
N GLN C 1106 39.09 -65.61 -26.28
CA GLN C 1106 38.75 -64.54 -25.36
C GLN C 1106 37.24 -64.47 -25.16
N ARG C 1107 36.82 -63.64 -24.21
CA ARG C 1107 35.42 -63.46 -23.87
C ARG C 1107 34.72 -62.41 -24.74
N ASN C 1108 35.40 -61.90 -25.77
CA ASN C 1108 34.82 -60.89 -26.65
C ASN C 1108 34.72 -61.32 -28.10
N PHE C 1109 35.49 -62.31 -28.54
CA PHE C 1109 35.43 -62.78 -29.91
C PHE C 1109 35.86 -64.24 -29.96
N TYR C 1110 35.28 -64.98 -30.90
CA TYR C 1110 35.56 -66.40 -31.05
C TYR C 1110 36.77 -66.58 -31.96
N GLU C 1111 37.90 -66.95 -31.37
CA GLU C 1111 39.14 -67.22 -32.11
C GLU C 1111 39.72 -68.53 -31.60
N PRO C 1112 39.49 -69.65 -32.30
CA PRO C 1112 39.99 -70.93 -31.80
C PRO C 1112 41.50 -71.03 -31.99
N GLN C 1113 42.20 -71.39 -30.90
CA GLN C 1113 43.64 -71.55 -30.91
C GLN C 1113 44.01 -72.83 -30.18
N ILE C 1114 45.16 -73.39 -30.53
CA ILE C 1114 45.64 -74.61 -29.92
C ILE C 1114 46.21 -74.30 -28.54
N ILE C 1115 45.96 -75.19 -27.59
CA ILE C 1115 46.45 -75.01 -26.22
C ILE C 1115 47.97 -75.14 -26.25
N THR C 1116 48.67 -74.03 -26.03
CA THR C 1116 50.12 -73.97 -26.07
C THR C 1116 50.66 -73.56 -24.71
N THR C 1117 51.97 -73.31 -24.65
CA THR C 1117 52.63 -72.92 -23.41
C THR C 1117 52.72 -71.40 -23.26
N ASP C 1118 52.76 -70.66 -24.36
CA ASP C 1118 52.94 -69.22 -24.30
C ASP C 1118 51.73 -68.49 -23.74
N ASN C 1119 50.55 -69.11 -23.76
CA ASN C 1119 49.33 -68.48 -23.29
C ASN C 1119 48.88 -68.98 -21.92
N THR C 1120 49.54 -69.99 -21.37
CA THR C 1120 49.18 -70.56 -20.07
C THR C 1120 50.37 -70.54 -19.14
N PHE C 1121 50.10 -70.85 -17.87
CA PHE C 1121 51.15 -70.93 -16.85
C PHE C 1121 50.74 -71.96 -15.82
N VAL C 1122 51.69 -72.32 -14.96
CA VAL C 1122 51.47 -73.34 -13.93
C VAL C 1122 51.67 -72.72 -12.56
N SER C 1123 50.95 -73.25 -11.58
CA SER C 1123 51.05 -72.78 -10.20
C SER C 1123 50.50 -73.84 -9.28
N GLY C 1124 51.36 -74.44 -8.46
CA GLY C 1124 50.91 -75.45 -7.52
C GLY C 1124 50.52 -76.75 -8.21
N ASN C 1125 49.50 -77.40 -7.68
CA ASN C 1125 48.97 -78.63 -8.24
C ASN C 1125 47.56 -78.41 -8.77
N CYS C 1126 47.01 -79.45 -9.39
CA CYS C 1126 45.67 -79.35 -9.97
C CYS C 1126 44.60 -79.73 -8.96
N ASP C 1127 44.93 -80.57 -7.97
CA ASP C 1127 43.98 -80.99 -6.95
C ASP C 1127 43.71 -79.83 -5.99
N VAL C 1128 43.29 -78.71 -6.58
CA VAL C 1128 42.89 -77.53 -5.82
C VAL C 1128 41.53 -77.00 -6.23
N VAL C 1129 41.05 -77.30 -7.44
CA VAL C 1129 39.76 -76.82 -7.93
C VAL C 1129 38.72 -77.90 -7.67
N ILE C 1130 37.51 -77.48 -7.28
CA ILE C 1130 36.46 -78.45 -6.98
C ILE C 1130 36.00 -79.16 -8.24
N GLY C 1131 36.08 -78.50 -9.39
CA GLY C 1131 35.72 -79.12 -10.66
C GLY C 1131 36.79 -78.95 -11.71
N ILE C 1132 37.37 -80.05 -12.18
CA ILE C 1132 38.44 -80.03 -13.16
C ILE C 1132 38.30 -81.23 -14.09
N VAL C 1133 38.90 -81.11 -15.27
CA VAL C 1133 38.91 -82.18 -16.26
C VAL C 1133 40.35 -82.42 -16.70
N ASN C 1134 40.54 -83.50 -17.44
CA ASN C 1134 41.86 -83.89 -17.95
C ASN C 1134 41.98 -83.44 -19.40
N ASN C 1135 43.09 -82.75 -19.71
CA ASN C 1135 43.34 -82.26 -21.05
C ASN C 1135 44.85 -82.25 -21.30
N THR C 1136 45.22 -82.49 -22.56
CA THR C 1136 46.62 -82.56 -22.94
C THR C 1136 47.09 -81.21 -23.48
N VAL C 1137 48.41 -81.05 -23.52
CA VAL C 1137 49.06 -79.84 -23.99
C VAL C 1137 49.78 -80.15 -25.31
N TYR C 1138 49.69 -79.22 -26.26
CA TYR C 1138 50.35 -79.44 -27.55
C TYR C 1138 51.87 -79.41 -27.42
N ASP C 1139 52.39 -78.68 -26.43
CA ASP C 1139 53.82 -78.60 -26.16
C ASP C 1139 54.61 -78.20 -27.40
N PRO C 1140 54.53 -76.94 -27.84
CA PRO C 1140 55.22 -76.52 -29.07
C PRO C 1140 56.73 -76.39 -28.92
N LEU C 1141 57.32 -76.88 -27.84
CA LEU C 1141 58.76 -76.88 -27.66
C LEU C 1141 59.39 -78.26 -27.77
N GLN C 1142 58.62 -79.34 -27.60
CA GLN C 1142 59.19 -80.67 -27.63
C GLN C 1142 59.61 -81.11 -29.02
N PRO C 1143 58.78 -80.98 -30.06
CA PRO C 1143 59.19 -81.46 -31.39
C PRO C 1143 60.24 -80.62 -32.07
N GLU C 1144 60.65 -79.50 -31.47
CA GLU C 1144 61.67 -78.65 -32.07
C GLU C 1144 63.08 -79.01 -31.63
N LEU C 1145 63.25 -79.65 -30.48
CA LEU C 1145 64.56 -80.02 -29.98
C LEU C 1145 65.05 -81.36 -30.53
N ASP C 1146 64.21 -82.08 -31.26
CA ASP C 1146 64.61 -83.36 -31.84
C ASP C 1146 65.53 -83.16 -33.04
N VAL D 2 7.19 77.17 28.93
CA VAL D 2 7.94 78.26 29.54
C VAL D 2 9.37 78.28 28.99
N GLN D 3 10.23 79.08 29.63
CA GLN D 3 11.61 79.22 29.21
C GLN D 3 12.52 79.11 30.43
N LEU D 4 13.65 78.44 30.25
CA LEU D 4 14.64 78.25 31.31
C LEU D 4 15.88 79.08 31.00
N VAL D 5 16.29 79.89 31.97
CA VAL D 5 17.44 80.79 31.81
C VAL D 5 18.59 80.26 32.66
N GLU D 6 19.77 80.15 32.05
CA GLU D 6 20.97 79.71 32.72
C GLU D 6 21.99 80.83 32.75
N SER D 7 23.09 80.58 33.45
CA SER D 7 24.15 81.58 33.56
C SER D 7 25.02 81.57 32.30
N GLY D 8 25.92 82.55 32.22
CA GLY D 8 26.80 82.67 31.08
C GLY D 8 28.06 81.85 31.19
N ALA D 9 29.18 82.39 30.69
CA ALA D 9 30.45 81.69 30.76
C ALA D 9 31.04 81.77 32.15
N GLU D 10 31.78 80.73 32.52
CA GLU D 10 32.41 80.65 33.84
C GLU D 10 33.67 79.81 33.74
N VAL D 11 34.75 80.29 34.37
CA VAL D 11 36.01 79.58 34.41
C VAL D 11 36.41 79.39 35.86
N LYS D 12 37.13 78.30 36.13
CA LYS D 12 37.53 77.96 37.49
C LYS D 12 38.91 77.30 37.43
N LYS D 13 39.34 76.70 38.57
CA LYS D 13 40.65 76.11 38.71
C LYS D 13 40.59 74.59 38.63
N PRO D 14 41.67 73.94 38.18
CA PRO D 14 41.68 72.47 38.11
C PRO D 14 41.81 71.82 39.48
N GLY D 15 40.69 71.66 40.18
CA GLY D 15 40.69 71.08 41.50
C GLY D 15 39.84 71.86 42.48
N SER D 16 39.08 72.83 41.95
CA SER D 16 38.16 73.64 42.73
C SER D 16 36.73 73.29 42.37
N SER D 17 35.78 74.01 42.96
CA SER D 17 34.36 73.74 42.80
C SER D 17 33.72 74.81 41.91
N VAL D 18 32.73 74.37 41.13
CA VAL D 18 31.97 75.25 40.24
C VAL D 18 30.56 75.40 40.81
N LYS D 19 30.01 76.60 40.71
CA LYS D 19 28.68 76.91 41.25
C LYS D 19 27.86 77.61 40.18
N VAL D 20 27.03 76.86 39.46
CA VAL D 20 26.11 77.41 38.49
C VAL D 20 24.68 77.19 38.98
N SER D 21 23.74 77.84 38.31
CA SER D 21 22.33 77.79 38.71
C SER D 21 21.45 77.54 37.48
N CYS D 22 20.16 77.33 37.76
CA CYS D 22 19.16 77.11 36.73
C CYS D 22 17.90 77.89 37.12
N LYS D 23 17.60 78.95 36.37
CA LYS D 23 16.43 79.77 36.63
C LYS D 23 15.29 79.38 35.71
N ALA D 24 14.06 79.50 36.23
CA ALA D 24 12.85 79.18 35.49
C ALA D 24 11.96 80.41 35.45
N SER D 25 11.43 80.70 34.26
CA SER D 25 10.56 81.86 34.04
C SER D 25 9.11 81.39 34.08
N GLY D 26 8.41 81.73 35.15
CA GLY D 26 7.02 81.38 35.30
C GLY D 26 6.84 80.16 36.20
N GLY D 27 6.03 79.20 35.74
CA GLY D 27 5.78 78.01 36.52
C GLY D 27 6.18 76.74 35.82
N THR D 28 5.42 75.66 36.04
CA THR D 28 5.69 74.33 35.48
C THR D 28 7.15 73.93 35.70
N PHE D 29 7.62 74.14 36.93
CA PHE D 29 8.97 73.74 37.31
C PHE D 29 8.94 72.90 38.58
N SER D 30 7.93 73.13 39.42
CA SER D 30 7.77 72.40 40.67
C SER D 30 6.84 71.20 40.52
N SER D 31 6.64 70.70 39.30
CA SER D 31 5.77 69.56 39.06
C SER D 31 6.41 68.47 38.21
N TYR D 32 7.44 68.77 37.41
CA TYR D 32 8.07 67.80 36.55
C TYR D 32 9.54 67.65 36.93
N ALA D 33 10.13 66.54 36.50
CA ALA D 33 11.52 66.25 36.82
C ALA D 33 12.46 67.12 35.99
N ILE D 34 13.60 67.44 36.60
CA ILE D 34 14.63 68.27 35.96
C ILE D 34 15.93 67.47 35.95
N SER D 35 16.52 67.32 34.77
CA SER D 35 17.78 66.60 34.59
C SER D 35 18.83 67.55 34.03
N TRP D 36 20.06 67.04 33.92
CA TRP D 36 21.19 67.82 33.41
C TRP D 36 21.86 67.02 32.30
N VAL D 37 21.87 67.57 31.09
CA VAL D 37 22.48 66.94 29.93
C VAL D 37 23.68 67.79 29.51
N ARG D 38 24.83 67.13 29.35
CA ARG D 38 26.07 67.81 28.96
C ARG D 38 26.39 67.49 27.51
N GLN D 39 27.30 68.29 26.94
CA GLN D 39 27.72 68.13 25.56
C GLN D 39 29.13 68.67 25.39
N ALA D 40 30.02 67.84 24.84
CA ALA D 40 31.40 68.22 24.64
C ALA D 40 31.80 68.04 23.18
N PRO D 41 32.57 68.97 22.61
CA PRO D 41 33.00 68.83 21.21
C PRO D 41 34.02 67.72 21.07
N GLY D 42 33.67 66.70 20.29
CA GLY D 42 34.56 65.57 20.07
C GLY D 42 33.88 64.24 20.33
N GLN D 43 32.97 64.21 21.31
CA GLN D 43 32.27 62.99 21.66
C GLN D 43 30.77 63.26 21.65
N GLY D 44 29.95 62.26 21.99
CA GLY D 44 28.52 62.42 22.02
C GLY D 44 28.04 63.15 23.26
N LEU D 45 26.74 63.06 23.49
CA LEU D 45 26.10 63.71 24.63
C LEU D 45 25.92 62.72 25.76
N GLU D 46 26.36 63.10 26.95
CA GLU D 46 26.22 62.27 28.14
C GLU D 46 25.07 62.78 29.01
N TRP D 47 24.74 61.98 30.04
CA TRP D 47 23.65 62.29 30.95
C TRP D 47 24.11 62.01 32.36
N MET D 48 24.17 63.05 33.19
CA MET D 48 24.66 62.90 34.56
C MET D 48 23.58 62.30 35.46
N GLY D 49 22.45 62.98 35.59
CA GLY D 49 21.38 62.49 36.44
C GLY D 49 20.17 63.40 36.36
N GLY D 50 19.11 62.95 36.99
CA GLY D 50 17.87 63.71 37.05
C GLY D 50 17.36 63.82 38.47
N ILE D 51 16.86 65.00 38.81
CA ILE D 51 16.40 65.31 40.16
C ILE D 51 14.92 65.67 40.12
N ILE D 52 14.14 65.08 41.01
CA ILE D 52 12.73 65.42 41.16
C ILE D 52 12.63 66.54 42.19
N PRO D 53 11.89 67.62 41.91
CA PRO D 53 11.87 68.76 42.85
C PRO D 53 10.82 68.62 43.93
N ILE D 54 9.82 67.76 43.73
CA ILE D 54 8.74 67.63 44.69
C ILE D 54 9.20 66.87 45.93
N LEU D 55 9.72 65.66 45.74
CA LEU D 55 10.19 64.85 46.86
C LEU D 55 11.65 65.07 47.20
N GLY D 56 12.43 65.62 46.28
CA GLY D 56 13.84 65.86 46.53
C GLY D 56 14.65 64.58 46.58
N ILE D 57 14.50 63.73 45.57
CA ILE D 57 15.19 62.45 45.49
C ILE D 57 16.18 62.50 44.35
N ALA D 58 17.43 62.13 44.63
CA ALA D 58 18.46 62.12 43.61
C ALA D 58 18.43 60.83 42.80
N ASN D 59 18.79 60.95 41.53
CA ASN D 59 18.83 59.78 40.63
C ASN D 59 19.93 60.04 39.61
N TYR D 60 21.11 59.48 39.87
CA TYR D 60 22.27 59.63 39.00
C TYR D 60 22.46 58.36 38.17
N ALA D 61 23.57 58.31 37.43
CA ALA D 61 23.91 57.16 36.62
C ALA D 61 25.09 56.41 37.23
N GLN D 62 25.33 55.21 36.71
CA GLN D 62 26.42 54.38 37.21
C GLN D 62 27.78 54.77 36.64
N LYS D 63 27.80 55.54 35.54
CA LYS D 63 29.06 55.98 34.95
C LYS D 63 29.67 57.15 35.69
N PHE D 64 28.86 57.92 36.42
CA PHE D 64 29.35 59.05 37.21
C PHE D 64 29.40 58.64 38.69
N GLN D 65 30.55 58.86 39.31
CA GLN D 65 30.74 58.49 40.70
C GLN D 65 30.17 59.58 41.62
N GLY D 66 30.37 59.44 42.92
CA GLY D 66 29.84 60.38 43.89
C GLY D 66 30.70 61.63 44.02
N ARG D 67 30.67 62.49 43.01
CA ARG D 67 31.41 63.74 43.03
C ARG D 67 30.59 64.96 42.65
N VAL D 68 29.37 64.78 42.16
CA VAL D 68 28.50 65.89 41.78
C VAL D 68 27.18 65.77 42.54
N THR D 69 26.71 66.90 43.05
CA THR D 69 25.45 66.95 43.80
C THR D 69 24.58 68.06 43.23
N ILE D 70 23.31 67.73 42.99
CA ILE D 70 22.34 68.68 42.44
C ILE D 70 21.23 68.86 43.46
N THR D 71 20.97 70.10 43.84
CA THR D 71 19.93 70.44 44.81
C THR D 71 18.82 71.23 44.11
N ALA D 72 17.70 71.35 44.81
CA ALA D 72 16.54 72.08 44.30
C ALA D 72 15.98 72.97 45.40
N ASP D 73 15.17 73.95 44.99
CA ASP D 73 14.56 74.89 45.92
C ASP D 73 13.11 75.11 45.50
N LYS D 74 12.24 75.24 46.50
CA LYS D 74 10.81 75.44 46.27
C LYS D 74 10.35 76.87 46.54
N SER D 75 11.17 77.68 47.22
CA SER D 75 10.77 79.05 47.52
C SER D 75 10.89 79.96 46.31
N THR D 76 11.96 79.81 45.53
CA THR D 76 12.17 80.62 44.34
C THR D 76 12.22 79.81 43.06
N SER D 77 12.03 78.50 43.13
CA SER D 77 11.95 77.62 41.95
C SER D 77 13.23 77.71 41.11
N THR D 78 14.36 77.42 41.76
CA THR D 78 15.65 77.38 41.10
C THR D 78 16.40 76.11 41.50
N ALA D 79 17.39 75.76 40.69
CA ALA D 79 18.22 74.57 40.93
C ALA D 79 19.69 74.95 40.83
N TYR D 80 20.51 74.33 41.67
CA TYR D 80 21.93 74.61 41.72
C TYR D 80 22.73 73.34 41.40
N MET D 81 23.93 73.53 40.89
CA MET D 81 24.83 72.44 40.52
C MET D 81 26.18 72.64 41.17
N GLU D 82 26.65 71.63 41.89
CA GLU D 82 27.93 71.67 42.57
C GLU D 82 28.80 70.51 42.11
N LEU D 83 30.02 70.82 41.68
CA LEU D 83 30.95 69.81 41.19
C LEU D 83 32.37 70.24 41.54
N SER D 84 33.05 69.41 42.33
CA SER D 84 34.41 69.68 42.76
C SER D 84 35.37 68.68 42.12
N SER D 85 36.66 68.87 42.40
CA SER D 85 37.74 68.04 41.86
C SER D 85 37.64 67.91 40.35
N LEU D 86 37.73 69.06 39.68
CA LEU D 86 37.63 69.10 38.23
C LEU D 86 38.85 68.48 37.58
N ARG D 87 38.67 67.96 36.37
CA ARG D 87 39.72 67.31 35.60
C ARG D 87 39.94 68.07 34.29
N SER D 88 40.80 67.51 33.44
CA SER D 88 41.16 68.16 32.18
C SER D 88 40.14 67.97 31.08
N GLU D 89 39.16 67.09 31.27
CA GLU D 89 38.15 66.82 30.25
C GLU D 89 36.79 67.39 30.62
N ASP D 90 36.74 68.38 31.52
CA ASP D 90 35.50 68.99 31.94
C ASP D 90 35.13 70.21 31.10
N THR D 91 35.87 70.48 30.03
CA THR D 91 35.58 71.61 29.15
C THR D 91 34.40 71.26 28.25
N ALA D 92 33.19 71.50 28.77
CA ALA D 92 31.97 71.21 28.05
C ALA D 92 30.90 72.22 28.45
N VAL D 93 29.67 71.99 28.00
CA VAL D 93 28.55 72.87 28.31
C VAL D 93 27.41 72.02 28.85
N TYR D 94 26.74 72.54 29.88
CA TYR D 94 25.63 71.84 30.52
C TYR D 94 24.31 72.51 30.16
N TYR D 95 23.24 71.73 30.18
CA TYR D 95 21.92 72.20 29.83
C TYR D 95 20.91 71.78 30.89
N CYS D 96 20.00 72.70 31.22
CA CYS D 96 18.96 72.45 32.20
C CYS D 96 17.71 72.01 31.46
N ALA D 97 17.41 70.71 31.51
CA ALA D 97 16.34 70.13 30.72
C ALA D 97 15.14 69.77 31.59
N ARG D 98 14.00 69.57 30.95
CA ARG D 98 12.76 69.20 31.59
C ARG D 98 12.26 67.88 31.01
N GLU D 99 11.63 67.07 31.87
CA GLU D 99 11.11 65.77 31.48
C GLU D 99 9.59 65.75 31.63
N ASN D 100 8.92 65.13 30.66
CA ASN D 100 7.47 65.00 30.66
C ASN D 100 7.13 63.55 30.34
N GLY D 101 6.80 62.78 31.38
CA GLY D 101 6.49 61.38 31.18
C GLY D 101 5.12 61.17 30.54
N TYR D 102 4.94 59.97 30.00
CA TYR D 102 3.70 59.59 29.35
C TYR D 102 3.47 58.09 29.57
N SER D 103 2.47 57.56 28.89
CA SER D 103 2.11 56.14 28.99
C SER D 103 2.27 55.46 27.64
N GLY D 104 2.59 54.19 27.68
CA GLY D 104 2.79 53.42 26.47
C GLY D 104 3.72 52.25 26.74
N TYR D 105 3.96 51.47 25.67
CA TYR D 105 4.81 50.30 25.80
C TYR D 105 6.28 50.69 25.93
N GLY D 106 6.68 51.80 25.34
CA GLY D 106 8.06 52.26 25.45
C GLY D 106 8.35 52.93 26.78
N ALA D 107 7.67 54.04 27.03
CA ALA D 107 7.80 54.80 28.28
C ALA D 107 9.27 55.20 28.53
N ALA D 108 9.80 55.98 27.61
CA ALA D 108 11.17 56.47 27.69
C ALA D 108 11.17 57.95 28.10
N ALA D 109 12.24 58.37 28.75
CA ALA D 109 12.38 59.75 29.21
C ALA D 109 12.79 60.64 28.04
N ASN D 110 11.96 61.63 27.73
CA ASN D 110 12.22 62.58 26.66
C ASN D 110 12.48 63.96 27.23
N PHE D 111 13.21 64.76 26.46
CA PHE D 111 13.58 66.13 26.84
C PHE D 111 12.85 67.09 25.90
N ASP D 112 11.65 67.51 26.29
CA ASP D 112 10.87 68.42 25.46
C ASP D 112 11.32 69.87 25.64
N LEU D 113 11.68 70.26 26.86
CA LEU D 113 12.10 71.62 27.16
C LEU D 113 13.55 71.61 27.61
N TRP D 114 14.36 72.48 27.02
CA TRP D 114 15.78 72.59 27.34
C TRP D 114 16.07 73.98 27.91
N GLY D 115 17.33 74.21 28.27
CA GLY D 115 17.79 75.46 28.80
C GLY D 115 18.55 76.28 27.79
N ARG D 116 19.35 77.22 28.30
CA ARG D 116 20.17 78.08 27.45
C ARG D 116 21.57 77.51 27.25
N GLY D 117 22.29 77.26 28.34
CA GLY D 117 23.62 76.72 28.25
C GLY D 117 24.63 77.44 29.12
N THR D 118 25.54 76.68 29.75
CA THR D 118 26.57 77.24 30.62
C THR D 118 27.92 76.72 30.17
N LEU D 119 28.73 77.59 29.57
CA LEU D 119 30.06 77.23 29.10
C LEU D 119 30.99 77.19 30.30
N VAL D 120 31.37 75.99 30.72
CA VAL D 120 32.25 75.78 31.85
C VAL D 120 33.54 75.16 31.31
N THR D 121 34.57 75.98 31.12
CA THR D 121 35.87 75.51 30.67
C THR D 121 36.90 75.70 31.77
N VAL D 122 37.83 74.74 31.87
CA VAL D 122 38.85 74.75 32.91
C VAL D 122 40.17 74.33 32.28
N SER D 123 41.24 75.03 32.64
CA SER D 123 42.59 74.72 32.16
C SER D 123 43.59 75.44 33.06
N SER D 124 44.85 75.41 32.68
CA SER D 124 45.91 76.13 33.38
C SER D 124 45.99 77.55 32.81
N ALA D 125 47.03 78.29 33.18
CA ALA D 125 47.25 79.66 32.71
C ALA D 125 46.05 80.54 33.04
N SER D 126 45.86 80.72 34.35
CA SER D 126 44.67 81.40 34.86
C SER D 126 44.75 82.89 34.59
N THR D 127 43.81 83.65 35.16
CA THR D 127 43.69 85.06 34.86
C THR D 127 44.88 85.86 35.37
N LYS D 128 45.48 86.64 34.48
CA LYS D 128 46.59 87.52 34.83
C LYS D 128 46.40 88.84 34.08
N GLY D 129 47.39 89.72 34.19
CA GLY D 129 47.35 91.00 33.52
C GLY D 129 47.69 90.90 32.04
N PRO D 130 46.79 91.38 31.19
CA PRO D 130 47.05 91.31 29.74
C PRO D 130 48.05 92.35 29.29
N SER D 131 48.74 92.03 28.20
CA SER D 131 49.77 92.90 27.62
C SER D 131 49.46 93.12 26.15
N VAL D 132 49.27 94.39 25.77
CA VAL D 132 48.95 94.78 24.41
C VAL D 132 50.13 95.54 23.81
N PHE D 133 50.29 95.39 22.50
CA PHE D 133 51.44 95.95 21.79
C PHE D 133 51.00 96.69 20.54
N PRO D 134 51.58 97.85 20.24
CA PRO D 134 51.24 98.55 19.00
C PRO D 134 51.92 97.95 17.79
N LEU D 135 51.28 98.13 16.64
CA LEU D 135 51.79 97.71 15.34
C LEU D 135 51.73 98.87 14.37
N ALA D 136 52.85 99.16 13.71
CA ALA D 136 52.92 100.28 12.78
C ALA D 136 53.40 99.80 11.42
N PRO D 137 52.84 100.34 10.33
CA PRO D 137 53.31 99.96 9.00
C PRO D 137 54.62 100.64 8.65
N SER D 138 55.31 100.06 7.68
CA SER D 138 56.61 100.53 7.23
C SER D 138 56.50 101.17 5.86
N SER D 139 57.64 101.64 5.35
CA SER D 139 57.65 102.22 4.00
C SER D 139 57.59 101.14 2.93
N LYS D 140 58.02 99.91 3.27
CA LYS D 140 57.96 98.81 2.31
C LYS D 140 56.60 98.11 2.34
N SER D 141 55.93 98.09 3.49
CA SER D 141 54.65 97.41 3.60
C SER D 141 53.51 98.22 2.96
N THR D 142 53.74 99.50 2.67
CA THR D 142 52.73 100.36 2.07
C THR D 142 53.23 100.80 0.70
N SER D 143 52.64 100.22 -0.36
CA SER D 143 53.01 100.57 -1.73
C SER D 143 51.98 101.47 -2.40
N GLY D 144 50.71 101.41 -2.00
CA GLY D 144 49.69 102.24 -2.58
C GLY D 144 49.16 103.28 -1.62
N GLY D 145 47.86 103.52 -1.66
CA GLY D 145 47.24 104.49 -0.78
C GLY D 145 46.43 103.86 0.34
N THR D 146 46.86 102.68 0.79
CA THR D 146 46.19 101.97 1.86
C THR D 146 47.22 101.35 2.79
N ALA D 147 47.08 101.58 4.09
CA ALA D 147 48.01 101.07 5.09
C ALA D 147 47.28 100.13 6.04
N ALA D 148 48.00 99.13 6.54
CA ALA D 148 47.48 98.15 7.47
C ALA D 148 48.19 98.31 8.81
N LEU D 149 47.40 98.46 9.88
CA LEU D 149 47.94 98.60 11.22
C LEU D 149 46.87 98.19 12.21
N GLY D 150 47.29 97.94 13.45
CA GLY D 150 46.35 97.53 14.47
C GLY D 150 47.03 97.30 15.79
N CYS D 151 46.37 96.52 16.64
CA CYS D 151 46.87 96.21 17.98
CA CYS D 151 46.86 96.21 17.98
C CYS D 151 46.73 94.72 18.24
N LEU D 152 47.77 94.13 18.84
CA LEU D 152 47.77 92.72 19.19
C LEU D 152 47.64 92.58 20.71
N VAL D 153 46.80 91.67 21.15
CA VAL D 153 46.60 91.38 22.56
C VAL D 153 47.25 90.02 22.86
N LYS D 154 48.19 90.02 23.80
CA LYS D 154 48.91 88.82 24.19
C LYS D 154 48.71 88.59 25.68
N ASP D 155 48.84 87.32 26.07
CA ASP D 155 48.77 86.86 27.47
C ASP D 155 47.56 87.46 28.20
N TYR D 156 46.38 87.18 27.65
CA TYR D 156 45.12 87.59 28.24
C TYR D 156 44.29 86.36 28.60
N PHE D 157 43.48 86.50 29.66
CA PHE D 157 42.63 85.43 30.16
C PHE D 157 41.62 86.02 31.12
N PRO D 158 40.35 85.57 31.09
CA PRO D 158 39.79 84.58 30.18
C PRO D 158 38.92 85.20 29.08
N GLU D 159 38.25 84.34 28.31
CA GLU D 159 37.29 84.76 27.31
C GLU D 159 35.96 85.14 27.96
N PRO D 160 35.17 86.01 27.33
CA PRO D 160 35.45 86.74 26.08
C PRO D 160 35.94 88.17 26.31
N VAL D 161 36.82 88.64 25.43
CA VAL D 161 37.34 90.01 25.47
C VAL D 161 37.02 90.66 24.13
N THR D 162 36.58 91.92 24.19
CA THR D 162 36.26 92.69 23.00
C THR D 162 37.31 93.77 22.75
N VAL D 163 37.37 94.23 21.51
CA VAL D 163 38.27 95.29 21.10
C VAL D 163 37.47 96.36 20.37
N SER D 164 37.60 97.61 20.81
CA SER D 164 36.92 98.74 20.19
C SER D 164 37.94 99.72 19.63
N TRP D 165 37.54 100.44 18.58
CA TRP D 165 38.40 101.41 17.92
C TRP D 165 37.82 102.81 18.14
N ASN D 166 38.52 103.63 18.92
CA ASN D 166 38.11 105.00 19.22
C ASN D 166 36.71 105.04 19.85
N SER D 167 36.48 104.16 20.82
CA SER D 167 35.21 104.08 21.54
C SER D 167 34.04 103.85 20.60
N GLY D 168 34.25 102.98 19.60
CA GLY D 168 33.20 102.62 18.68
C GLY D 168 32.97 103.59 17.54
N ALA D 169 33.87 104.56 17.34
CA ALA D 169 33.71 105.54 16.27
C ALA D 169 34.15 105.01 14.91
N LEU D 170 34.86 103.89 14.86
CA LEU D 170 35.32 103.28 13.62
C LEU D 170 34.52 102.01 13.38
N THR D 171 33.81 101.95 12.25
CA THR D 171 33.00 100.79 11.89
C THR D 171 33.43 100.14 10.58
N SER D 172 33.70 100.93 9.55
CA SER D 172 34.08 100.38 8.25
C SER D 172 35.56 100.04 8.24
N GLY D 173 35.88 98.78 7.94
CA GLY D 173 37.26 98.34 7.85
C GLY D 173 37.81 97.65 9.07
N VAL D 174 36.97 97.30 10.05
CA VAL D 174 37.42 96.64 11.25
C VAL D 174 37.29 95.13 11.08
N HIS D 175 38.18 94.39 11.73
CA HIS D 175 38.17 92.93 11.67
C HIS D 175 38.74 92.38 12.95
N THR D 176 37.96 91.57 13.66
CA THR D 176 38.36 90.97 14.92
C THR D 176 38.67 89.49 14.70
N PHE D 177 39.91 89.09 15.01
CA PHE D 177 40.36 87.71 14.85
C PHE D 177 40.11 86.92 16.13
N PRO D 178 39.76 85.65 16.01
CA PRO D 178 39.48 84.82 17.19
C PRO D 178 40.75 84.43 17.92
N ALA D 179 40.58 83.64 18.97
CA ALA D 179 41.69 83.18 19.81
C ALA D 179 42.21 81.83 19.32
N VAL D 180 43.23 81.33 20.00
CA VAL D 180 43.83 80.04 19.66
C VAL D 180 44.46 79.45 20.91
N LEU D 181 44.34 78.14 21.06
CA LEU D 181 45.00 77.45 22.18
C LEU D 181 46.50 77.42 21.97
N GLN D 182 47.25 77.61 23.05
CA GLN D 182 48.70 77.59 23.04
C GLN D 182 49.21 76.35 23.75
N SER D 183 50.54 76.18 23.73
CA SER D 183 51.15 75.06 24.44
C SER D 183 51.10 75.26 25.95
N SER D 184 51.05 76.51 26.40
CA SER D 184 50.93 76.83 27.81
C SER D 184 49.48 76.96 28.27
N GLY D 185 48.51 76.83 27.37
CA GLY D 185 47.12 76.99 27.72
C GLY D 185 46.62 78.41 27.69
N LEU D 186 47.11 79.23 26.76
CA LEU D 186 46.81 80.65 26.72
C LEU D 186 46.29 81.00 25.33
N TYR D 187 45.86 82.24 25.14
CA TYR D 187 45.22 82.68 23.91
C TYR D 187 45.88 83.95 23.39
N SER D 188 45.58 84.28 22.13
CA SER D 188 46.10 85.47 21.49
C SER D 188 45.22 85.81 20.29
N LEU D 189 44.86 87.08 20.15
CA LEU D 189 44.02 87.54 19.06
C LEU D 189 44.70 88.71 18.34
N SER D 190 44.05 89.18 17.27
CA SER D 190 44.55 90.29 16.48
C SER D 190 43.37 91.13 15.98
N SER D 191 43.66 92.39 15.68
CA SER D 191 42.64 93.33 15.20
C SER D 191 43.35 94.39 14.36
N VAL D 192 43.13 94.37 13.05
CA VAL D 192 43.76 95.30 12.13
C VAL D 192 42.68 96.08 11.39
N VAL D 193 43.07 97.25 10.90
CA VAL D 193 42.16 98.13 10.14
C VAL D 193 42.86 98.57 8.87
N THR D 194 42.09 99.18 7.97
CA THR D 194 42.59 99.68 6.70
C THR D 194 42.22 101.15 6.57
N VAL D 195 43.21 102.02 6.55
CA VAL D 195 42.99 103.46 6.48
C VAL D 195 43.85 104.05 5.37
N PRO D 196 43.44 105.16 4.75
CA PRO D 196 44.29 105.78 3.73
C PRO D 196 45.57 106.36 4.32
N SER D 197 46.58 106.50 3.47
CA SER D 197 47.88 106.98 3.90
C SER D 197 47.90 108.47 4.22
N SER D 198 46.90 109.22 3.74
CA SER D 198 46.86 110.66 3.97
C SER D 198 46.38 111.03 5.37
N SER D 199 45.82 110.08 6.11
CA SER D 199 45.32 110.34 7.46
C SER D 199 46.23 109.79 8.55
N LEU D 200 47.45 109.37 8.19
CA LEU D 200 48.38 108.82 9.17
C LEU D 200 49.11 109.90 9.96
N GLY D 201 49.13 111.14 9.46
CA GLY D 201 49.83 112.21 10.14
C GLY D 201 48.90 113.23 10.77
N THR D 202 47.60 113.04 10.60
CA THR D 202 46.60 113.96 11.13
C THR D 202 45.71 113.33 12.18
N GLN D 203 45.11 112.17 11.90
CA GLN D 203 44.19 111.52 12.81
C GLN D 203 44.87 110.30 13.42
N THR D 204 44.75 110.15 14.73
CA THR D 204 45.38 109.08 15.48
C THR D 204 44.39 107.93 15.72
N TYR D 205 44.93 106.72 15.79
CA TYR D 205 44.13 105.51 16.01
C TYR D 205 44.55 104.93 17.37
N ILE D 206 43.56 104.72 18.23
CA ILE D 206 43.80 104.26 19.60
C ILE D 206 42.95 103.02 19.86
N CYS D 207 43.59 101.95 20.32
CA CYS D 207 42.88 100.73 20.67
CA CYS D 207 42.91 100.72 20.69
C CYS D 207 42.57 100.72 22.17
N ASN D 208 41.35 100.32 22.50
CA ASN D 208 40.89 100.23 23.87
C ASN D 208 40.35 98.82 24.11
N VAL D 209 40.90 98.13 25.11
CA VAL D 209 40.55 96.76 25.42
C VAL D 209 39.73 96.73 26.70
N ASN D 210 38.65 95.95 26.70
CA ASN D 210 37.78 95.80 27.86
C ASN D 210 37.77 94.34 28.28
N HIS D 211 38.26 94.07 29.50
CA HIS D 211 38.34 92.73 30.05
C HIS D 211 37.53 92.73 31.35
N LYS D 212 36.22 92.46 31.23
CA LYS D 212 35.31 92.55 32.37
C LYS D 212 35.55 91.52 33.47
N PRO D 213 36.10 90.31 33.19
CA PRO D 213 36.43 89.42 34.31
C PRO D 213 37.64 89.86 35.11
N SER D 214 38.58 90.59 34.48
CA SER D 214 39.77 91.07 35.17
C SER D 214 39.69 92.52 35.58
N ASN D 215 38.73 93.28 35.03
CA ASN D 215 38.57 94.70 35.31
C ASN D 215 39.87 95.46 35.02
N THR D 216 40.40 95.24 33.82
CA THR D 216 41.59 95.93 33.35
C THR D 216 41.29 96.59 32.01
N LYS D 217 41.52 97.89 31.92
CA LYS D 217 41.29 98.67 30.71
C LYS D 217 42.58 99.41 30.38
N VAL D 218 43.30 98.92 29.36
CA VAL D 218 44.59 99.48 28.96
C VAL D 218 44.36 100.37 27.75
N ASP D 219 44.73 101.65 27.87
CA ASP D 219 44.59 102.63 26.79
C ASP D 219 45.99 103.00 26.32
N LYS D 220 46.37 102.49 25.15
CA LYS D 220 47.70 102.63 24.59
C LYS D 220 47.68 103.48 23.33
N LYS D 221 48.86 103.97 22.96
CA LYS D 221 49.04 104.83 21.80
C LYS D 221 49.66 104.05 20.65
N VAL D 222 49.29 104.43 19.43
CA VAL D 222 49.84 103.85 18.21
C VAL D 222 50.55 104.96 17.44
N GLU D 223 51.82 104.74 17.10
CA GLU D 223 52.59 105.70 16.34
C GLU D 223 53.33 105.00 15.22
N PRO D 224 53.46 105.64 14.06
CA PRO D 224 54.21 105.03 12.95
C PRO D 224 55.71 105.04 13.21
N LYS D 225 56.38 104.01 12.70
CA LYS D 225 57.81 103.90 12.85
C LYS D 225 58.54 104.95 12.02
N SER D 226 59.68 105.41 12.53
CA SER D 226 60.44 106.46 11.88
C SER D 226 61.58 105.95 11.02
N CYS D 227 62.11 104.76 11.31
CA CYS D 227 63.26 104.26 10.56
C CYS D 227 62.86 103.59 9.25
N ASP D 228 61.63 103.08 9.16
CA ASP D 228 61.13 102.52 7.90
C ASP D 228 59.64 102.75 7.75
N SER E 2 29.12 55.17 22.97
CA SER E 2 29.36 54.00 23.78
C SER E 2 28.65 52.77 23.20
N VAL E 3 27.45 52.50 23.71
CA VAL E 3 26.66 51.36 23.22
C VAL E 3 25.90 51.67 21.95
N LEU E 4 25.82 52.95 21.57
CA LEU E 4 25.10 53.37 20.37
C LEU E 4 26.10 53.94 19.38
N THR E 5 26.13 53.38 18.18
CA THR E 5 27.02 53.82 17.12
C THR E 5 26.22 54.48 16.00
N GLN E 6 26.89 55.40 15.29
CA GLN E 6 26.25 56.15 14.21
C GLN E 6 27.28 56.40 13.11
N PRO E 7 26.84 56.54 11.86
CA PRO E 7 27.78 56.86 10.79
C PRO E 7 28.35 58.25 10.97
N PRO E 8 29.59 58.49 10.55
CA PRO E 8 30.20 59.80 10.77
C PRO E 8 29.66 60.87 9.82
N SER E 9 29.30 60.49 8.60
CA SER E 9 28.82 61.44 7.61
C SER E 9 27.94 60.72 6.60
N VAL E 10 27.02 61.48 6.01
CA VAL E 10 26.09 60.97 5.00
C VAL E 10 25.91 62.03 3.92
N SER E 11 25.84 61.58 2.68
CA SER E 11 25.65 62.45 1.54
C SER E 11 24.20 62.40 1.05
N GLY E 12 23.74 63.52 0.49
CA GLY E 12 22.39 63.59 -0.01
C GLY E 12 22.27 64.68 -1.06
N ALA E 13 21.11 64.70 -1.72
CA ALA E 13 20.82 65.67 -2.75
C ALA E 13 19.63 66.54 -2.35
N PRO E 14 19.65 67.82 -2.72
CA PRO E 14 18.53 68.70 -2.35
C PRO E 14 17.28 68.45 -3.18
N GLY E 15 16.47 67.47 -2.76
CA GLY E 15 15.25 67.14 -3.48
C GLY E 15 14.93 65.66 -3.46
N GLN E 16 15.85 64.84 -2.96
CA GLN E 16 15.64 63.40 -2.84
C GLN E 16 15.42 63.04 -1.37
N ARG E 17 15.20 61.75 -1.14
CA ARG E 17 14.96 61.23 0.20
C ARG E 17 16.27 60.77 0.82
N VAL E 18 16.57 61.28 2.02
CA VAL E 18 17.78 60.94 2.76
C VAL E 18 17.38 60.24 4.04
N THR E 19 17.89 59.03 4.24
CA THR E 19 17.53 58.21 5.39
C THR E 19 18.77 57.97 6.25
N ILE E 20 18.54 57.80 7.56
CA ILE E 20 19.58 57.53 8.54
C ILE E 20 19.12 56.43 9.47
N SER E 21 20.10 55.72 10.04
CA SER E 21 19.83 54.58 10.90
C SER E 21 20.62 54.70 12.19
N CYS E 22 20.06 54.13 13.26
CA CYS E 22 20.73 54.06 14.56
C CYS E 22 20.70 52.62 15.03
N THR E 23 21.88 52.06 15.27
CA THR E 23 22.02 50.66 15.67
C THR E 23 22.64 50.58 17.05
N GLY E 24 22.05 49.77 17.92
CA GLY E 24 22.55 49.58 19.28
C GLY E 24 22.57 48.13 19.71
N SER E 25 21.98 47.85 20.85
CA SER E 25 21.92 46.50 21.40
C SER E 25 20.46 46.06 21.53
N SER E 26 20.26 44.88 22.11
CA SER E 26 18.93 44.32 22.32
C SER E 26 18.38 44.62 23.70
N SER E 27 18.98 45.56 24.42
CA SER E 27 18.54 45.90 25.77
C SER E 27 18.13 47.36 25.94
N ASN E 28 18.45 48.23 24.99
CA ASN E 28 18.13 49.64 25.07
C ASN E 28 17.16 50.11 23.99
N ILE E 29 17.37 49.67 22.75
CA ILE E 29 16.51 50.03 21.63
C ILE E 29 15.64 48.85 21.20
N GLY E 30 16.20 47.64 21.18
CA GLY E 30 15.44 46.47 20.80
C GLY E 30 14.62 45.84 21.89
N ALA E 31 14.75 46.30 23.13
CA ALA E 31 13.99 45.73 24.23
C ALA E 31 12.53 46.17 24.21
N GLY E 32 12.24 47.37 23.71
CA GLY E 32 10.89 47.87 23.66
C GLY E 32 10.77 49.34 24.00
N TYR E 33 11.89 49.94 24.38
CA TYR E 33 11.89 51.36 24.72
C TYR E 33 11.74 52.22 23.47
N ASP E 34 11.10 53.38 23.64
CA ASP E 34 10.94 54.33 22.54
C ASP E 34 12.24 55.09 22.31
N VAL E 35 12.40 55.58 21.09
CA VAL E 35 13.58 56.34 20.70
C VAL E 35 13.20 57.81 20.55
N HIS E 36 14.19 58.68 20.73
CA HIS E 36 14.00 60.12 20.63
C HIS E 36 15.13 60.70 19.78
N TRP E 37 14.76 61.48 18.76
CA TRP E 37 15.73 62.10 17.86
C TRP E 37 15.83 63.59 18.17
N TYR E 38 17.05 64.11 18.17
CA TYR E 38 17.31 65.50 18.46
C TYR E 38 18.18 66.11 17.37
N GLN E 39 18.17 67.43 17.29
CA GLN E 39 18.95 68.19 16.32
C GLN E 39 19.88 69.14 17.07
N GLN E 40 21.18 69.01 16.83
CA GLN E 40 22.20 69.79 17.53
C GLN E 40 22.74 70.84 16.57
N LEU E 41 22.16 72.03 16.62
CA LEU E 41 22.63 73.14 15.78
C LEU E 41 23.82 73.82 16.44
N PRO E 42 24.92 74.02 15.72
CA PRO E 42 26.10 74.66 16.32
C PRO E 42 25.92 76.16 16.53
N GLY E 43 25.33 76.53 17.66
CA GLY E 43 25.10 77.93 17.96
C GLY E 43 23.81 78.21 18.70
N THR E 44 23.02 77.18 18.96
CA THR E 44 21.81 77.32 19.76
C THR E 44 21.57 76.00 20.50
N ALA E 45 20.59 76.04 21.41
CA ALA E 45 20.29 74.87 22.21
C ALA E 45 19.43 73.89 21.42
N PRO E 46 19.64 72.58 21.60
CA PRO E 46 18.82 71.60 20.90
C PRO E 46 17.40 71.57 21.44
N LYS E 47 16.46 71.23 20.56
CA LYS E 47 15.04 71.16 20.89
C LYS E 47 14.53 69.75 20.61
N LEU E 48 13.24 69.55 20.89
CA LEU E 48 12.60 68.26 20.65
C LEU E 48 12.01 68.23 19.24
N LEU E 49 12.26 67.13 18.53
CA LEU E 49 11.76 66.94 17.17
C LEU E 49 10.62 65.94 17.11
N ILE E 50 10.83 64.72 17.63
CA ILE E 50 9.80 63.68 17.60
C ILE E 50 10.06 62.73 18.76
N TYR E 51 8.98 62.36 19.46
CA TYR E 51 9.05 61.45 20.59
C TYR E 51 8.13 60.27 20.34
N GLY E 52 8.63 59.06 20.58
CA GLY E 52 7.85 57.85 20.40
C GLY E 52 7.67 57.42 18.96
N ASN E 53 8.16 58.19 17.99
CA ASN E 53 8.05 57.88 16.57
C ASN E 53 6.61 57.72 16.11
N SER E 54 5.65 58.24 16.87
CA SER E 54 4.25 58.17 16.49
C SER E 54 3.49 59.49 16.64
N ASN E 55 3.96 60.43 17.45
CA ASN E 55 3.27 61.70 17.67
C ASN E 55 4.09 62.84 17.05
N ARG E 56 3.44 63.99 16.94
CA ARG E 56 4.06 65.18 16.37
C ARG E 56 3.95 66.33 17.35
N PRO E 57 5.06 66.87 17.85
CA PRO E 57 4.99 68.02 18.76
C PRO E 57 4.58 69.29 18.01
N SER E 58 4.35 70.34 18.79
CA SER E 58 3.95 71.63 18.24
C SER E 58 5.18 72.43 17.82
N GLY E 59 5.18 72.92 16.59
CA GLY E 59 6.26 73.73 16.06
C GLY E 59 7.22 73.01 15.15
N VAL E 60 7.01 71.73 14.88
CA VAL E 60 7.90 70.96 14.01
C VAL E 60 7.18 70.67 12.70
N PRO E 61 7.87 70.72 11.57
CA PRO E 61 7.24 70.34 10.31
C PRO E 61 6.95 68.85 10.26
N ASP E 62 6.09 68.47 9.32
CA ASP E 62 5.68 67.08 9.14
C ASP E 62 6.56 66.33 8.15
N ARG E 63 7.70 66.91 7.75
CA ARG E 63 8.59 66.25 6.81
C ARG E 63 9.45 65.18 7.47
N PHE E 64 9.59 65.21 8.80
CA PHE E 64 10.36 64.20 9.51
C PHE E 64 9.50 62.97 9.76
N SER E 65 10.06 61.80 9.47
CA SER E 65 9.36 60.53 9.65
C SER E 65 10.25 59.60 10.45
N GLY E 66 9.74 59.09 11.56
CA GLY E 66 10.48 58.17 12.41
C GLY E 66 9.80 56.82 12.49
N SER E 67 10.60 55.76 12.45
CA SER E 67 10.08 54.41 12.51
C SER E 67 11.09 53.51 13.21
N LYS E 68 10.60 52.39 13.73
CA LYS E 68 11.43 51.41 14.43
C LYS E 68 11.24 50.06 13.75
N SER E 69 12.29 49.60 13.07
CA SER E 69 12.27 48.31 12.37
C SER E 69 13.03 47.31 13.22
N GLY E 70 12.33 46.70 14.17
CA GLY E 70 12.93 45.71 15.05
C GLY E 70 13.87 46.31 16.08
N THR E 71 15.17 46.09 15.90
CA THR E 71 16.17 46.54 16.84
C THR E 71 16.83 47.85 16.42
N SER E 72 16.45 48.40 15.25
CA SER E 72 17.04 49.62 14.75
C SER E 72 15.95 50.63 14.44
N ALA E 73 16.28 51.91 14.65
CA ALA E 73 15.39 53.02 14.34
C ALA E 73 15.87 53.74 13.09
N SER E 74 14.92 54.37 12.40
CA SER E 74 15.23 55.05 11.14
C SER E 74 14.56 56.41 11.12
N LEU E 75 15.24 57.36 10.48
CA LEU E 75 14.74 58.72 10.30
C LEU E 75 14.87 59.07 8.82
N ALA E 76 13.75 59.44 8.21
CA ALA E 76 13.71 59.77 6.78
C ALA E 76 13.17 61.18 6.60
N ILE E 77 13.83 61.96 5.75
CA ILE E 77 13.41 63.32 5.45
C ILE E 77 13.20 63.45 3.94
N THR E 78 12.42 64.47 3.56
CA THR E 78 12.12 64.75 2.17
C THR E 78 12.39 66.22 1.89
N GLY E 79 13.42 66.49 1.10
CA GLY E 79 13.77 67.87 0.77
C GLY E 79 14.79 68.46 1.73
N LEU E 80 15.88 68.99 1.19
CA LEU E 80 16.94 69.59 1.98
C LEU E 80 16.82 71.11 1.89
N GLN E 81 16.43 71.74 2.99
CA GLN E 81 16.29 73.19 3.05
C GLN E 81 17.61 73.82 3.51
N ALA E 82 17.56 75.11 3.82
CA ALA E 82 18.75 75.85 4.26
C ALA E 82 18.89 75.89 5.78
N GLU E 83 18.35 74.88 6.48
CA GLU E 83 18.44 74.82 7.94
C GLU E 83 18.86 73.45 8.44
N ASP E 84 19.33 72.57 7.56
CA ASP E 84 19.70 71.21 7.92
C ASP E 84 21.21 71.05 8.11
N GLU E 85 21.89 72.12 8.48
CA GLU E 85 23.34 72.07 8.74
C GLU E 85 23.59 71.86 10.24
N ALA E 86 23.15 70.71 10.73
CA ALA E 86 23.28 70.37 12.14
C ALA E 86 23.59 68.87 12.24
N ASP E 87 23.56 68.36 13.46
CA ASP E 87 23.86 66.96 13.73
C ASP E 87 22.63 66.26 14.28
N TYR E 88 22.45 65.01 13.89
CA TYR E 88 21.32 64.19 14.34
C TYR E 88 21.82 63.12 15.30
N TYR E 89 21.20 63.03 16.46
CA TYR E 89 21.55 62.04 17.47
C TYR E 89 20.36 61.13 17.73
N CYS E 90 20.65 59.88 18.08
CA CYS E 90 19.63 58.91 18.46
C CYS E 90 19.78 58.61 19.94
N GLN E 91 18.71 58.83 20.70
CA GLN E 91 18.72 58.69 22.15
C GLN E 91 17.72 57.63 22.58
N SER E 92 18.16 56.71 23.42
CA SER E 92 17.31 55.65 23.94
C SER E 92 17.69 55.34 25.37
N TYR E 93 16.71 54.87 26.14
CA TYR E 93 16.93 54.53 27.54
C TYR E 93 17.59 53.16 27.63
N ASP E 94 18.79 53.12 28.23
CA ASP E 94 19.53 51.88 28.39
C ASP E 94 19.44 51.40 29.82
N SER E 95 19.20 50.11 30.00
CA SER E 95 19.11 49.52 31.33
C SER E 95 20.47 49.13 31.89
N SER E 96 21.44 48.82 31.03
CA SER E 96 22.77 48.46 31.50
C SER E 96 23.52 49.67 32.05
N LEU E 97 23.24 50.86 31.51
CA LEU E 97 23.82 52.09 32.02
C LEU E 97 22.95 52.79 33.06
N SER E 98 21.70 52.32 33.23
CA SER E 98 20.76 52.89 34.19
C SER E 98 20.52 54.37 33.91
N GLY E 99 20.12 54.66 32.69
CA GLY E 99 19.84 56.02 32.28
C GLY E 99 19.79 56.14 30.78
N SER E 100 19.64 57.38 30.32
CA SER E 100 19.56 57.68 28.90
C SER E 100 20.95 57.95 28.35
N VAL E 101 21.21 57.41 27.16
CA VAL E 101 22.49 57.56 26.48
C VAL E 101 22.23 58.00 25.05
N PHE E 102 23.04 58.94 24.57
CA PHE E 102 22.90 59.45 23.22
C PHE E 102 23.79 58.65 22.25
N GLY E 103 23.71 59.00 20.97
CA GLY E 103 24.46 58.33 19.93
C GLY E 103 25.75 59.04 19.58
N GLY E 104 26.23 58.78 18.37
CA GLY E 104 27.45 59.40 17.89
C GLY E 104 27.23 60.73 17.22
N GLY E 105 26.33 60.78 16.25
CA GLY E 105 26.02 62.02 15.57
C GLY E 105 26.55 62.07 14.14
N THR E 106 25.69 62.44 13.20
CA THR E 106 26.05 62.54 11.79
C THR E 106 26.03 63.99 11.35
N LYS E 107 26.99 64.37 10.52
CA LYS E 107 27.05 65.71 9.96
C LYS E 107 26.45 65.70 8.56
N LEU E 108 25.56 66.66 8.28
CA LEU E 108 24.94 66.74 6.96
C LEU E 108 24.92 68.20 6.49
N THR E 109 26.09 68.73 6.14
CA THR E 109 26.17 70.10 5.68
C THR E 109 26.92 70.21 4.36
N VAL E 110 26.41 71.01 3.44
CA VAL E 110 27.06 71.18 2.14
C VAL E 110 28.36 71.96 2.25
N LEU E 111 29.28 71.71 1.33
CA LEU E 111 30.55 72.43 1.35
C LEU E 111 30.37 73.87 0.91
N GLY E 112 29.85 74.06 -0.30
CA GLY E 112 29.66 75.40 -0.82
C GLY E 112 30.85 76.31 -0.58
N GLN E 113 32.04 75.86 -0.93
CA GLN E 113 33.24 76.67 -0.73
C GLN E 113 34.12 76.71 -1.97
N PRO E 114 33.79 77.60 -2.92
CA PRO E 114 34.58 77.72 -4.16
C PRO E 114 35.97 78.23 -3.88
N LYS E 115 36.85 78.21 -4.89
CA LYS E 115 38.21 78.64 -4.68
C LYS E 115 38.36 80.13 -4.98
N ALA E 116 39.44 80.70 -4.47
CA ALA E 116 39.74 82.12 -4.67
C ALA E 116 41.26 82.30 -4.63
N ALA E 117 41.69 83.56 -4.56
CA ALA E 117 43.11 83.89 -4.50
C ALA E 117 43.43 84.52 -3.15
N PRO E 118 44.37 83.97 -2.39
CA PRO E 118 44.68 84.52 -1.07
C PRO E 118 45.66 85.69 -1.15
N SER E 119 45.78 86.40 -0.04
CA SER E 119 46.71 87.52 0.08
C SER E 119 47.25 87.54 1.49
N VAL E 120 48.57 87.44 1.63
CA VAL E 120 49.21 87.35 2.93
C VAL E 120 49.90 88.67 3.25
N THR E 121 50.11 88.89 4.54
CA THR E 121 50.89 90.04 5.02
C THR E 121 51.74 89.59 6.21
N LEU E 122 53.02 89.90 6.16
CA LEU E 122 53.97 89.55 7.22
C LEU E 122 54.37 90.81 7.97
N PHE E 123 54.22 90.78 9.29
CA PHE E 123 54.52 91.93 10.14
C PHE E 123 55.60 91.55 11.14
N PRO E 124 56.73 92.24 11.18
CA PRO E 124 57.75 91.94 12.19
C PRO E 124 57.35 92.53 13.53
N PRO E 125 57.89 92.00 14.63
CA PRO E 125 57.57 92.57 15.95
C PRO E 125 58.17 93.95 16.11
N SER E 126 57.49 94.77 16.90
CA SER E 126 57.91 96.15 17.11
C SER E 126 58.96 96.22 18.23
N SER E 127 59.40 97.44 18.54
CA SER E 127 60.52 97.62 19.45
C SER E 127 60.14 97.42 20.91
N GLU E 128 58.88 97.70 21.28
CA GLU E 128 58.44 97.56 22.65
C GLU E 128 58.25 96.10 23.05
N GLU E 129 58.12 95.20 22.09
CA GLU E 129 57.86 93.80 22.37
C GLU E 129 59.14 93.02 22.67
N LEU E 130 60.31 93.58 22.33
CA LEU E 130 61.56 92.85 22.47
C LEU E 130 62.06 92.80 23.90
N GLN E 131 61.71 93.79 24.73
CA GLN E 131 62.15 93.80 26.12
C GLN E 131 61.27 92.94 27.03
N ALA E 132 60.24 92.29 26.48
CA ALA E 132 59.37 91.42 27.26
C ALA E 132 59.85 89.97 27.28
N ASN E 133 61.09 89.72 26.85
CA ASN E 133 61.69 88.38 26.85
C ASN E 133 60.86 87.40 26.02
N LYS E 134 60.28 87.88 24.92
CA LYS E 134 59.51 87.03 24.02
C LYS E 134 59.47 87.66 22.65
N ALA E 135 59.12 86.85 21.65
CA ALA E 135 59.01 87.32 20.27
C ALA E 135 57.83 86.63 19.62
N THR E 136 56.85 87.41 19.19
CA THR E 136 55.63 86.89 18.56
C THR E 136 55.65 87.28 17.09
N LEU E 137 56.05 86.34 16.24
CA LEU E 137 56.06 86.55 14.80
C LEU E 137 54.67 86.23 14.26
N VAL E 138 53.97 87.25 13.77
CA VAL E 138 52.57 87.12 13.36
C VAL E 138 52.52 86.90 11.86
N CYS E 139 51.48 86.21 11.40
CA CYS E 139 51.32 85.88 9.98
C CYS E 139 49.83 85.95 9.66
N LEU E 140 49.40 87.10 9.13
CA LEU E 140 47.99 87.32 8.85
C LEU E 140 47.67 86.99 7.41
N ILE E 141 46.62 86.22 7.19
CA ILE E 141 46.11 85.89 5.87
C ILE E 141 44.67 86.39 5.78
N SER E 142 44.34 87.03 4.65
CA SER E 142 43.02 87.62 4.50
C SER E 142 42.58 87.55 3.04
N ASP E 143 41.27 87.71 2.84
CA ASP E 143 40.66 87.75 1.50
C ASP E 143 40.95 86.46 0.72
N PHE E 144 40.45 85.36 1.26
CA PHE E 144 40.61 84.06 0.62
C PHE E 144 39.34 83.23 0.83
N TYR E 145 39.21 82.19 0.02
CA TYR E 145 38.05 81.29 0.08
C TYR E 145 38.41 79.94 -0.51
N PRO E 146 38.18 78.84 0.22
CA PRO E 146 37.61 78.82 1.56
C PRO E 146 38.67 78.94 2.65
N GLY E 147 38.29 78.69 3.90
CA GLY E 147 39.22 78.82 5.01
C GLY E 147 39.95 77.54 5.35
N ALA E 148 40.77 77.04 4.42
CA ALA E 148 41.60 75.85 4.61
C ALA E 148 42.99 76.18 4.09
N VAL E 149 43.85 76.71 4.97
CA VAL E 149 45.19 77.13 4.60
C VAL E 149 46.19 76.40 5.51
N THR E 150 47.21 75.81 4.89
CA THR E 150 48.28 75.13 5.62
C THR E 150 49.42 76.12 5.82
N VAL E 151 49.77 76.37 7.08
CA VAL E 151 50.77 77.36 7.45
C VAL E 151 52.06 76.66 7.83
N ALA E 152 53.17 77.08 7.21
CA ALA E 152 54.49 76.57 7.54
C ALA E 152 55.46 77.73 7.70
N TRP E 153 56.51 77.51 8.48
CA TRP E 153 57.50 78.54 8.76
C TRP E 153 58.89 78.04 8.37
N LYS E 154 59.75 78.98 7.98
CA LYS E 154 61.12 78.68 7.60
C LYS E 154 62.02 79.84 8.01
N ALA E 155 63.31 79.54 8.19
CA ALA E 155 64.32 80.52 8.57
C ALA E 155 65.49 80.48 7.61
N ASP E 156 65.21 80.23 6.33
CA ASP E 156 66.15 80.18 5.23
C ASP E 156 67.15 79.03 5.32
N SER E 157 67.12 78.24 6.41
CA SER E 157 68.01 77.09 6.52
C SER E 157 67.34 75.83 7.04
N SER E 158 66.15 75.91 7.64
CA SER E 158 65.46 74.74 8.17
C SER E 158 64.03 75.13 8.48
N PRO E 159 63.07 74.22 8.32
CA PRO E 159 61.68 74.55 8.68
C PRO E 159 61.50 74.58 10.18
N VAL E 160 60.60 75.46 10.63
CA VAL E 160 60.35 75.64 12.05
C VAL E 160 59.17 74.76 12.46
N LYS E 161 59.43 73.80 13.34
CA LYS E 161 58.40 72.89 13.85
C LYS E 161 58.19 73.07 15.35
N ALA E 162 58.29 74.31 15.83
CA ALA E 162 58.11 74.61 17.25
C ALA E 162 57.45 75.98 17.37
N GLY E 163 56.38 76.04 18.16
CA GLY E 163 55.65 77.28 18.34
C GLY E 163 54.69 77.63 17.22
N VAL E 164 54.42 76.71 16.31
CA VAL E 164 53.54 76.97 15.18
C VAL E 164 52.09 76.83 15.63
N GLU E 165 51.26 77.82 15.27
CA GLU E 165 49.84 77.81 15.62
C GLU E 165 49.04 78.33 14.44
N THR E 166 47.86 77.73 14.24
CA THR E 166 46.93 78.16 13.20
C THR E 166 45.56 78.38 13.83
N THR E 167 44.92 79.50 13.48
CA THR E 167 43.60 79.83 13.95
C THR E 167 42.55 79.38 12.95
N THR E 168 41.32 79.24 13.42
CA THR E 168 40.23 78.93 12.51
C THR E 168 39.72 80.21 11.85
N PRO E 169 39.49 80.20 10.54
CA PRO E 169 39.03 81.43 9.87
C PRO E 169 37.55 81.67 10.08
N SER E 170 37.19 82.94 10.20
CA SER E 170 35.81 83.36 10.37
C SER E 170 35.33 84.11 9.14
N LYS E 171 34.01 84.17 8.99
CA LYS E 171 33.42 84.83 7.84
C LYS E 171 33.48 86.35 8.01
N GLN E 172 33.88 87.04 6.94
CA GLN E 172 33.95 88.49 6.95
C GLN E 172 32.60 89.07 6.54
N SER E 173 32.55 90.38 6.29
CA SER E 173 31.31 91.02 5.85
C SER E 173 31.09 90.86 4.35
N ASN E 174 32.14 90.66 3.57
CA ASN E 174 32.04 90.47 2.13
C ASN E 174 32.24 89.01 1.73
N ASN E 175 31.79 88.07 2.57
CA ASN E 175 31.81 86.63 2.27
C ASN E 175 33.23 86.14 2.00
N LYS E 176 34.17 86.56 2.84
CA LYS E 176 35.55 86.10 2.77
C LYS E 176 35.99 85.57 4.14
N TYR E 177 37.20 85.05 4.19
CA TYR E 177 37.77 84.48 5.40
C TYR E 177 39.09 85.16 5.73
N ALA E 178 39.47 85.10 6.99
CA ALA E 178 40.71 85.70 7.46
C ALA E 178 41.20 84.95 8.68
N ALA E 179 42.53 84.81 8.79
CA ALA E 179 43.14 84.11 9.91
C ALA E 179 44.52 84.69 10.16
N SER E 180 45.13 84.25 11.26
CA SER E 180 46.45 84.72 11.65
C SER E 180 47.22 83.56 12.30
N SER E 181 48.54 83.58 12.14
CA SER E 181 49.41 82.56 12.69
C SER E 181 50.51 83.24 13.50
N TYR E 182 50.73 82.75 14.72
CA TYR E 182 51.77 83.27 15.61
C TYR E 182 52.95 82.31 15.67
N LEU E 183 54.10 82.87 16.05
CA LEU E 183 55.31 82.07 16.29
C LEU E 183 55.95 82.58 17.57
N SER E 184 55.89 81.77 18.63
CA SER E 184 56.44 82.15 19.92
C SER E 184 57.93 81.90 19.92
N LEU E 185 58.71 82.98 19.97
CA LEU E 185 60.16 82.91 19.93
C LEU E 185 60.74 83.83 21.01
N THR E 186 62.06 83.84 21.11
CA THR E 186 62.75 84.70 22.06
C THR E 186 63.63 85.71 21.33
N PRO E 187 63.80 86.92 21.89
CA PRO E 187 64.61 87.94 21.20
C PRO E 187 66.10 87.63 21.19
N GLU E 188 66.56 86.60 21.89
CA GLU E 188 67.99 86.29 21.92
C GLU E 188 68.45 85.75 20.57
N GLN E 189 67.64 84.91 19.93
CA GLN E 189 67.96 84.33 18.63
C GLN E 189 67.27 85.04 17.48
N TRP E 190 66.49 86.10 17.76
CA TRP E 190 65.76 86.78 16.71
C TRP E 190 66.69 87.59 15.81
N LYS E 191 67.72 88.20 16.38
CA LYS E 191 68.68 88.97 15.60
C LYS E 191 69.84 88.13 15.08
N SER E 192 69.98 86.89 15.55
CA SER E 192 71.07 86.04 15.09
C SER E 192 70.81 85.50 13.69
N HIS E 193 69.57 85.12 13.41
CA HIS E 193 69.22 84.66 12.07
C HIS E 193 69.08 85.84 11.11
N ARG E 194 69.20 85.55 9.82
CA ARG E 194 69.23 86.61 8.82
C ARG E 194 67.81 87.09 8.47
N SER E 195 66.85 86.18 8.38
CA SER E 195 65.49 86.57 8.01
C SER E 195 64.51 85.50 8.50
N TYR E 196 63.23 85.82 8.37
CA TYR E 196 62.14 84.92 8.72
C TYR E 196 61.05 85.05 7.67
N SER E 197 60.29 83.97 7.48
CA SER E 197 59.31 83.95 6.39
C SER E 197 58.15 83.04 6.76
N CYS E 198 57.00 83.33 6.17
CA CYS E 198 55.78 82.57 6.35
C CYS E 198 55.36 81.99 5.00
N GLN E 199 55.37 80.67 4.88
CA GLN E 199 54.98 80.00 3.65
C GLN E 199 53.64 79.28 3.85
N VAL E 200 52.68 79.57 2.97
CA VAL E 200 51.38 78.94 2.97
C VAL E 200 51.08 78.45 1.57
N THR E 201 50.03 77.64 1.45
CA THR E 201 49.59 77.14 0.16
C THR E 201 48.07 77.15 0.11
N HIS E 202 47.54 77.26 -1.12
CA HIS E 202 46.09 77.22 -1.33
C HIS E 202 45.85 76.72 -2.75
N GLU E 203 45.52 75.44 -2.88
CA GLU E 203 45.30 74.80 -4.18
C GLU E 203 46.51 74.98 -5.09
N GLY E 204 47.70 74.78 -4.52
CA GLY E 204 48.94 74.89 -5.24
C GLY E 204 49.54 76.28 -5.28
N SER E 205 48.76 77.31 -5.01
CA SER E 205 49.26 78.69 -5.05
C SER E 205 50.08 78.96 -3.79
N THR E 206 51.38 79.19 -3.97
CA THR E 206 52.29 79.46 -2.86
C THR E 206 52.78 80.90 -2.96
N VAL E 207 52.42 81.72 -1.97
CA VAL E 207 52.83 83.11 -1.90
C VAL E 207 53.83 83.26 -0.76
N GLU E 208 54.95 83.93 -1.04
CA GLU E 208 56.06 84.06 -0.10
C GLU E 208 56.35 85.52 0.17
N LYS E 209 56.51 85.86 1.45
CA LYS E 209 56.89 87.19 1.87
C LYS E 209 57.89 87.08 3.01
N THR E 210 58.97 87.85 2.93
CA THR E 210 60.03 87.81 3.92
C THR E 210 60.31 89.23 4.42
N VAL E 211 60.88 89.31 5.63
CA VAL E 211 61.29 90.57 6.23
C VAL E 211 62.74 90.44 6.66
N ALA E 212 63.30 91.57 7.09
CA ALA E 212 64.69 91.60 7.55
C ALA E 212 64.80 92.42 8.83
N PRO E 213 65.32 91.84 9.91
CA PRO E 213 65.45 92.60 11.16
C PRO E 213 66.58 93.61 11.14
N THR E 214 67.59 93.41 10.29
CA THR E 214 68.71 94.35 10.21
C THR E 214 68.75 95.04 8.85
N VAL F 2 -61.21 9.61 55.73
CA VAL F 2 -62.23 8.90 56.50
C VAL F 2 -61.64 7.69 57.19
N GLN F 3 -62.44 7.03 58.00
CA GLN F 3 -62.02 5.84 58.74
C GLN F 3 -62.91 4.66 58.38
N LEU F 4 -62.35 3.46 58.50
CA LEU F 4 -63.06 2.21 58.24
C LEU F 4 -63.00 1.34 59.49
N VAL F 5 -64.16 0.97 60.01
CA VAL F 5 -64.26 0.13 61.20
C VAL F 5 -64.70 -1.26 60.79
N GLU F 6 -64.22 -2.26 61.54
CA GLU F 6 -64.56 -3.65 61.30
C GLU F 6 -65.10 -4.27 62.58
N SER F 7 -65.38 -5.57 62.53
CA SER F 7 -65.89 -6.29 63.68
C SER F 7 -64.73 -6.77 64.55
N GLY F 8 -65.07 -7.42 65.66
CA GLY F 8 -64.10 -7.93 66.59
C GLY F 8 -63.60 -9.32 66.24
N ALA F 9 -63.25 -10.08 67.28
CA ALA F 9 -62.77 -11.44 67.08
C ALA F 9 -63.92 -12.39 66.82
N GLU F 10 -63.70 -13.37 65.95
CA GLU F 10 -64.72 -14.34 65.59
C GLU F 10 -64.10 -15.73 65.50
N VAL F 11 -64.82 -16.71 66.02
CA VAL F 11 -64.43 -18.11 65.91
C VAL F 11 -65.56 -18.88 65.23
N LYS F 12 -65.19 -19.92 64.49
CA LYS F 12 -66.15 -20.70 63.73
C LYS F 12 -65.70 -22.15 63.73
N LYS F 13 -66.36 -22.97 62.89
CA LYS F 13 -66.09 -24.39 62.77
C LYS F 13 -65.37 -24.70 61.47
N PRO F 14 -64.54 -25.73 61.43
CA PRO F 14 -63.84 -26.10 60.19
C PRO F 14 -64.78 -26.74 59.18
N GLY F 15 -65.48 -25.92 58.40
CA GLY F 15 -66.46 -26.42 57.46
C GLY F 15 -67.81 -25.72 57.56
N SER F 16 -67.82 -24.53 58.16
CA SER F 16 -69.00 -23.69 58.26
C SER F 16 -68.77 -22.41 57.46
N SER F 17 -69.69 -21.46 57.63
CA SER F 17 -69.59 -20.16 56.95
C SER F 17 -69.34 -19.06 57.98
N VAL F 18 -68.67 -18.01 57.52
CA VAL F 18 -68.34 -16.87 58.36
C VAL F 18 -69.07 -15.64 57.84
N LYS F 19 -69.10 -14.58 58.63
CA LYS F 19 -69.78 -13.34 58.26
C LYS F 19 -68.93 -12.17 58.77
N VAL F 20 -68.15 -11.58 57.87
CA VAL F 20 -67.29 -10.45 58.19
C VAL F 20 -67.82 -9.23 57.45
N SER F 21 -67.98 -8.13 58.18
CA SER F 21 -68.50 -6.88 57.64
C SER F 21 -67.42 -5.81 57.62
N CYS F 22 -67.63 -4.80 56.77
CA CYS F 22 -66.71 -3.68 56.63
C CYS F 22 -67.54 -2.40 56.52
N LYS F 23 -67.52 -1.59 57.57
CA LYS F 23 -68.27 -0.33 57.61
C LYS F 23 -67.32 0.84 57.43
N ALA F 24 -67.78 1.87 56.72
CA ALA F 24 -67.02 3.08 56.48
C ALA F 24 -67.69 4.26 57.19
N SER F 25 -66.89 5.06 57.88
CA SER F 25 -67.39 6.22 58.60
C SER F 25 -67.37 7.43 57.67
N GLY F 26 -68.55 7.83 57.22
CA GLY F 26 -68.67 8.98 56.33
C GLY F 26 -68.95 8.54 54.90
N GLY F 27 -68.23 9.15 53.95
CA GLY F 27 -68.41 8.83 52.55
C GLY F 27 -67.13 8.38 51.87
N THR F 28 -66.99 8.73 50.59
CA THR F 28 -65.82 8.35 49.79
C THR F 28 -65.59 6.85 49.82
N PHE F 29 -66.68 6.08 49.71
CA PHE F 29 -66.62 4.63 49.69
C PHE F 29 -67.20 4.01 48.43
N SER F 30 -68.25 4.61 47.87
CA SER F 30 -68.89 4.10 46.67
C SER F 30 -68.29 4.69 45.39
N SER F 31 -67.15 5.37 45.49
CA SER F 31 -66.50 5.96 44.33
C SER F 31 -65.12 5.38 44.04
N TYR F 32 -64.56 4.59 44.95
CA TYR F 32 -63.25 3.98 44.76
C TYR F 32 -63.33 2.49 45.10
N ALA F 33 -62.43 1.72 44.50
CA ALA F 33 -62.43 0.28 44.69
C ALA F 33 -61.90 -0.09 46.08
N ILE F 34 -62.34 -1.24 46.58
CA ILE F 34 -61.91 -1.77 47.85
C ILE F 34 -61.23 -3.12 47.61
N SER F 35 -60.56 -3.61 48.64
CA SER F 35 -59.85 -4.88 48.56
C SER F 35 -59.87 -5.56 49.93
N TRP F 36 -59.31 -6.76 49.98
CA TRP F 36 -59.24 -7.53 51.23
C TRP F 36 -57.85 -8.14 51.31
N VAL F 37 -57.03 -7.66 52.25
CA VAL F 37 -55.67 -8.12 52.44
C VAL F 37 -55.60 -8.89 53.75
N ARG F 38 -55.06 -10.10 53.72
CA ARG F 38 -54.91 -10.94 54.89
C ARG F 38 -53.46 -10.95 55.36
N GLN F 39 -53.27 -11.39 56.60
CA GLN F 39 -51.93 -11.43 57.20
C GLN F 39 -51.92 -12.52 58.25
N ALA F 40 -51.02 -13.49 58.08
CA ALA F 40 -50.89 -14.61 59.00
C ALA F 40 -49.49 -14.67 59.58
N PRO F 41 -49.35 -14.97 60.87
CA PRO F 41 -48.01 -15.06 61.48
C PRO F 41 -47.29 -16.30 60.99
N GLY F 42 -46.13 -16.10 60.36
CA GLY F 42 -45.35 -17.20 59.84
C GLY F 42 -44.96 -17.01 58.39
N GLN F 43 -45.86 -16.39 57.61
CA GLN F 43 -45.60 -16.14 56.20
C GLN F 43 -45.96 -14.71 55.83
N GLY F 44 -45.93 -14.40 54.53
CA GLY F 44 -46.19 -13.06 54.06
C GLY F 44 -47.67 -12.71 54.02
N LEU F 45 -47.96 -11.61 53.35
CA LEU F 45 -49.32 -11.10 53.20
C LEU F 45 -49.84 -11.47 51.82
N GLU F 46 -51.08 -11.99 51.77
CA GLU F 46 -51.72 -12.36 50.52
C GLU F 46 -52.81 -11.35 50.17
N TRP F 47 -53.30 -11.48 48.93
CA TRP F 47 -54.34 -10.59 48.40
C TRP F 47 -55.39 -11.47 47.73
N MET F 48 -56.60 -11.48 48.31
CA MET F 48 -57.67 -12.33 47.77
C MET F 48 -58.24 -11.74 46.48
N GLY F 49 -58.77 -10.53 46.55
CA GLY F 49 -59.33 -9.89 45.38
C GLY F 49 -59.79 -8.49 45.69
N GLY F 50 -60.23 -7.81 44.64
CA GLY F 50 -60.72 -6.44 44.76
C GLY F 50 -62.09 -6.31 44.14
N ILE F 51 -62.95 -5.55 44.81
CA ILE F 51 -64.33 -5.35 44.38
C ILE F 51 -64.57 -3.87 44.14
N ILE F 52 -65.14 -3.55 42.98
CA ILE F 52 -65.56 -2.19 42.69
C ILE F 52 -67.00 -2.04 43.20
N PRO F 53 -67.29 -1.03 44.01
CA PRO F 53 -68.62 -0.97 44.65
C PRO F 53 -69.66 -0.25 43.81
N ILE F 54 -69.23 0.59 42.87
CA ILE F 54 -70.18 1.38 42.09
C ILE F 54 -70.82 0.53 41.00
N LEU F 55 -70.05 -0.37 40.39
CA LEU F 55 -70.57 -1.23 39.33
C LEU F 55 -70.89 -2.63 39.83
N GLY F 56 -70.30 -3.07 40.94
CA GLY F 56 -70.57 -4.40 41.46
C GLY F 56 -69.97 -5.49 40.62
N ILE F 57 -68.68 -5.37 40.28
CA ILE F 57 -67.99 -6.33 39.45
C ILE F 57 -66.88 -6.96 40.28
N ALA F 58 -66.88 -8.29 40.34
CA ALA F 58 -65.89 -9.02 41.12
C ALA F 58 -64.58 -9.15 40.34
N ASN F 59 -63.48 -9.15 41.09
CA ASN F 59 -62.15 -9.30 40.49
C ASN F 59 -61.28 -10.00 41.54
N TYR F 60 -61.14 -11.31 41.40
CA TYR F 60 -60.35 -12.11 42.32
C TYR F 60 -58.99 -12.44 41.69
N ALA F 61 -58.23 -13.29 42.37
CA ALA F 61 -56.92 -13.72 41.89
C ALA F 61 -56.98 -15.18 41.45
N GLN F 62 -55.92 -15.61 40.76
CA GLN F 62 -55.85 -16.98 40.26
C GLN F 62 -55.38 -17.97 41.32
N LYS F 63 -54.76 -17.49 42.40
CA LYS F 63 -54.31 -18.39 43.46
C LYS F 63 -55.46 -18.83 44.35
N PHE F 64 -56.50 -18.01 44.48
CA PHE F 64 -57.68 -18.33 45.25
C PHE F 64 -58.77 -18.85 44.32
N GLN F 65 -59.34 -20.01 44.65
CA GLN F 65 -60.37 -20.61 43.82
C GLN F 65 -61.73 -19.98 44.12
N GLY F 66 -62.77 -20.53 43.49
CA GLY F 66 -64.11 -20.02 43.65
C GLY F 66 -64.79 -20.49 44.93
N ARG F 67 -64.33 -19.97 46.07
CA ARG F 67 -64.90 -20.33 47.36
C ARG F 67 -65.26 -19.14 48.23
N VAL F 68 -64.85 -17.93 47.87
CA VAL F 68 -65.16 -16.73 48.65
C VAL F 68 -66.11 -15.84 47.84
N THR F 69 -66.90 -15.05 48.55
CA THR F 69 -67.86 -14.14 47.94
C THR F 69 -67.87 -12.84 48.73
N ILE F 70 -67.64 -11.73 48.03
CA ILE F 70 -67.66 -10.39 48.61
C ILE F 70 -68.79 -9.61 47.97
N THR F 71 -69.68 -9.08 48.80
CA THR F 71 -70.84 -8.31 48.32
C THR F 71 -70.85 -6.94 48.98
N ALA F 72 -70.97 -5.90 48.17
CA ALA F 72 -71.03 -4.53 48.64
C ALA F 72 -72.47 -4.03 48.64
N ASP F 73 -72.70 -2.92 49.34
CA ASP F 73 -74.02 -2.33 49.48
C ASP F 73 -73.95 -0.85 49.19
N LYS F 74 -75.00 -0.32 48.55
CA LYS F 74 -75.06 1.09 48.16
C LYS F 74 -75.88 1.95 49.11
N SER F 75 -76.90 1.39 49.76
CA SER F 75 -77.73 2.19 50.65
C SER F 75 -76.99 2.53 51.94
N THR F 76 -76.48 1.52 52.63
CA THR F 76 -75.76 1.70 53.88
C THR F 76 -74.26 1.82 53.71
N SER F 77 -73.75 1.66 52.48
CA SER F 77 -72.33 1.85 52.16
C SER F 77 -71.44 0.90 52.97
N THR F 78 -71.84 -0.35 53.06
CA THR F 78 -71.06 -1.38 53.75
C THR F 78 -70.60 -2.45 52.77
N ALA F 79 -69.80 -3.38 53.29
CA ALA F 79 -69.30 -4.49 52.49
C ALA F 79 -69.25 -5.74 53.37
N TYR F 80 -69.75 -6.85 52.84
CA TYR F 80 -69.81 -8.11 53.56
C TYR F 80 -68.80 -9.10 52.97
N MET F 81 -68.29 -9.98 53.83
CA MET F 81 -67.32 -11.00 53.43
C MET F 81 -67.82 -12.36 53.88
N GLU F 82 -67.94 -13.29 52.93
CA GLU F 82 -68.38 -14.64 53.20
C GLU F 82 -67.29 -15.63 52.78
N LEU F 83 -67.08 -16.66 53.58
CA LEU F 83 -66.06 -17.66 53.29
C LEU F 83 -66.48 -18.97 53.93
N SER F 84 -66.67 -19.99 53.11
CA SER F 84 -67.10 -21.31 53.57
C SER F 84 -65.99 -22.33 53.39
N SER F 85 -66.24 -23.54 53.89
CA SER F 85 -65.30 -24.66 53.84
C SER F 85 -63.95 -24.27 54.42
N LEU F 86 -63.99 -23.91 55.70
CA LEU F 86 -62.81 -23.36 56.38
C LEU F 86 -61.79 -24.47 56.65
N ARG F 87 -60.51 -24.10 56.57
CA ARG F 87 -59.40 -25.03 56.71
C ARG F 87 -58.54 -24.64 57.91
N SER F 88 -57.43 -25.37 58.08
CA SER F 88 -56.54 -25.17 59.22
C SER F 88 -55.64 -23.97 59.07
N GLU F 89 -55.54 -23.39 57.87
CA GLU F 89 -54.71 -22.21 57.64
C GLU F 89 -55.52 -20.91 57.67
N ASP F 90 -56.79 -20.98 58.07
CA ASP F 90 -57.65 -19.82 58.09
C ASP F 90 -57.42 -18.93 59.31
N THR F 91 -56.54 -19.34 60.23
CA THR F 91 -56.25 -18.54 61.41
C THR F 91 -55.37 -17.34 61.09
N ALA F 92 -56.00 -16.24 60.66
CA ALA F 92 -55.28 -15.02 60.32
C ALA F 92 -56.20 -13.84 60.61
N VAL F 93 -55.82 -12.67 60.11
CA VAL F 93 -56.57 -11.44 60.27
C VAL F 93 -56.76 -10.79 58.91
N TYR F 94 -57.96 -10.27 58.66
CA TYR F 94 -58.30 -9.63 57.39
C TYR F 94 -58.43 -8.13 57.59
N TYR F 95 -58.19 -7.38 56.52
CA TYR F 95 -58.25 -5.93 56.53
C TYR F 95 -59.08 -5.44 55.36
N CYS F 96 -59.86 -4.38 55.59
CA CYS F 96 -60.70 -3.77 54.56
C CYS F 96 -59.96 -2.53 54.06
N ALA F 97 -59.32 -2.67 52.90
CA ALA F 97 -58.50 -1.60 52.34
C ALA F 97 -59.26 -0.86 51.25
N ARG F 98 -58.63 0.20 50.74
CA ARG F 98 -59.20 1.05 49.69
C ARG F 98 -58.19 1.19 48.56
N GLU F 99 -58.69 1.21 47.33
CA GLU F 99 -57.84 1.34 46.15
C GLU F 99 -58.02 2.74 45.56
N ASN F 100 -56.90 3.44 45.38
CA ASN F 100 -56.89 4.78 44.80
C ASN F 100 -55.86 4.80 43.67
N GLY F 101 -56.34 4.67 42.43
CA GLY F 101 -55.45 4.65 41.29
C GLY F 101 -54.91 6.03 40.94
N TYR F 102 -53.93 6.04 40.04
CA TYR F 102 -53.31 7.28 39.59
C TYR F 102 -52.86 7.08 38.15
N SER F 103 -52.09 8.04 37.64
CA SER F 103 -51.59 8.00 36.27
C SER F 103 -50.07 7.99 36.28
N GLY F 104 -49.50 7.34 35.28
CA GLY F 104 -48.05 7.24 35.17
C GLY F 104 -47.67 6.01 34.38
N TYR F 105 -46.35 5.80 34.31
CA TYR F 105 -45.83 4.66 33.55
C TYR F 105 -46.04 3.35 34.30
N GLY F 106 -45.94 3.37 35.62
CA GLY F 106 -46.12 2.18 36.42
C GLY F 106 -47.59 1.81 36.61
N ALA F 107 -48.34 2.69 37.28
CA ALA F 107 -49.77 2.50 37.52
C ALA F 107 -50.03 1.17 38.24
N ALA F 108 -49.50 1.06 39.44
CA ALA F 108 -49.65 -0.12 40.28
C ALA F 108 -50.76 0.10 41.30
N ALA F 109 -51.31 -1.02 41.77
CA ALA F 109 -52.39 -0.95 42.76
C ALA F 109 -51.83 -0.58 44.13
N ASN F 110 -52.43 0.44 44.74
CA ASN F 110 -52.00 0.94 46.03
C ASN F 110 -53.15 0.86 47.04
N PHE F 111 -52.79 0.61 48.30
CA PHE F 111 -53.74 0.56 49.42
C PHE F 111 -53.37 1.69 50.37
N ASP F 112 -53.93 2.88 50.14
CA ASP F 112 -53.59 4.03 50.95
C ASP F 112 -54.32 4.01 52.30
N LEU F 113 -55.59 3.63 52.31
CA LEU F 113 -56.38 3.61 53.52
C LEU F 113 -56.71 2.16 53.90
N TRP F 114 -56.59 1.86 55.18
CA TRP F 114 -56.79 0.52 55.71
C TRP F 114 -57.89 0.53 56.76
N GLY F 115 -58.25 -0.67 57.21
CA GLY F 115 -59.28 -0.85 58.23
C GLY F 115 -58.68 -1.14 59.60
N ARG F 116 -59.51 -1.75 60.45
CA ARG F 116 -59.09 -2.10 61.80
C ARG F 116 -58.49 -3.49 61.87
N GLY F 117 -59.26 -4.50 61.47
CA GLY F 117 -58.78 -5.87 61.49
C GLY F 117 -59.75 -6.83 62.14
N THR F 118 -60.02 -7.95 61.48
CA THR F 118 -60.93 -8.98 61.99
C THR F 118 -60.13 -10.27 62.17
N LEU F 119 -59.79 -10.59 63.41
CA LEU F 119 -59.03 -11.79 63.74
C LEU F 119 -59.97 -12.98 63.77
N VAL F 120 -59.86 -13.87 62.79
CA VAL F 120 -60.70 -15.05 62.68
C VAL F 120 -59.82 -16.27 62.89
N THR F 121 -59.95 -16.91 64.05
CA THR F 121 -59.23 -18.14 64.36
C THR F 121 -60.19 -19.31 64.43
N VAL F 122 -59.74 -20.46 63.93
CA VAL F 122 -60.59 -21.64 63.80
C VAL F 122 -59.78 -22.86 64.20
N SER F 123 -60.42 -23.77 64.93
CA SER F 123 -59.83 -25.06 65.30
C SER F 123 -60.97 -25.96 65.78
N SER F 124 -60.60 -27.11 66.33
CA SER F 124 -61.56 -28.03 66.93
C SER F 124 -61.73 -27.65 68.41
N ALA F 125 -62.39 -28.53 69.18
CA ALA F 125 -62.57 -28.34 70.62
C ALA F 125 -63.29 -27.01 70.92
N SER F 126 -64.55 -26.98 70.49
CA SER F 126 -65.34 -25.77 70.49
C SER F 126 -65.70 -25.34 71.92
N THR F 127 -66.55 -24.32 72.02
CA THR F 127 -66.86 -23.67 73.29
C THR F 127 -67.57 -24.64 74.24
N LYS F 128 -67.31 -24.45 75.53
CA LYS F 128 -67.90 -25.24 76.60
C LYS F 128 -67.64 -24.55 77.93
N GLY F 129 -68.57 -24.72 78.87
CA GLY F 129 -68.47 -24.10 80.17
C GLY F 129 -67.22 -24.51 80.92
N PRO F 130 -66.43 -23.52 81.35
CA PRO F 130 -65.15 -23.81 81.99
C PRO F 130 -65.33 -24.29 83.43
N SER F 131 -64.23 -24.81 83.98
CA SER F 131 -64.16 -25.26 85.36
C SER F 131 -62.96 -24.62 86.03
N VAL F 132 -63.17 -24.01 87.19
CA VAL F 132 -62.14 -23.25 87.88
C VAL F 132 -61.68 -24.04 89.11
N PHE F 133 -60.40 -23.92 89.44
CA PHE F 133 -59.78 -24.72 90.50
C PHE F 133 -59.12 -23.81 91.53
N PRO F 134 -59.50 -23.90 92.80
CA PRO F 134 -58.87 -23.08 93.83
C PRO F 134 -57.52 -23.63 94.26
N LEU F 135 -56.59 -22.72 94.51
CA LEU F 135 -55.26 -23.07 95.00
C LEU F 135 -54.97 -22.31 96.29
N ALA F 136 -54.25 -22.95 97.20
CA ALA F 136 -53.93 -22.37 98.48
C ALA F 136 -52.46 -22.59 98.81
N PRO F 137 -51.80 -21.62 99.43
CA PRO F 137 -50.39 -21.79 99.79
C PRO F 137 -50.23 -22.72 100.98
N SER F 138 -49.16 -23.50 100.95
CA SER F 138 -48.88 -24.48 101.99
C SER F 138 -48.03 -23.84 103.09
N SER F 139 -47.79 -24.61 104.16
CA SER F 139 -47.00 -24.11 105.27
C SER F 139 -45.51 -24.08 104.95
N LYS F 140 -45.05 -24.88 104.00
CA LYS F 140 -43.64 -24.91 103.64
C LYS F 140 -43.29 -23.93 102.52
N SER F 141 -44.28 -23.50 101.74
CA SER F 141 -44.03 -22.58 100.64
C SER F 141 -43.90 -21.12 101.08
N THR F 142 -44.11 -20.83 102.37
CA THR F 142 -44.02 -19.47 102.88
C THR F 142 -42.94 -19.42 103.96
N SER F 143 -42.00 -18.48 103.81
CA SER F 143 -40.94 -18.28 104.78
C SER F 143 -40.88 -16.87 105.33
N GLY F 144 -41.48 -15.89 104.65
CA GLY F 144 -41.49 -14.52 105.15
C GLY F 144 -42.87 -14.07 105.57
N GLY F 145 -43.21 -12.82 105.25
CA GLY F 145 -44.50 -12.26 105.63
C GLY F 145 -45.46 -12.12 104.46
N THR F 146 -45.24 -12.89 103.41
CA THR F 146 -46.05 -12.82 102.20
C THR F 146 -46.44 -14.23 101.78
N ALA F 147 -47.43 -14.32 100.89
CA ALA F 147 -47.90 -15.60 100.39
C ALA F 147 -48.45 -15.42 98.98
N ALA F 148 -48.64 -16.53 98.29
CA ALA F 148 -49.11 -16.52 96.91
C ALA F 148 -50.36 -17.37 96.81
N LEU F 149 -51.40 -16.81 96.17
CA LEU F 149 -52.68 -17.50 96.03
C LEU F 149 -53.37 -16.96 94.80
N GLY F 150 -54.04 -17.85 94.07
CA GLY F 150 -54.70 -17.45 92.84
C GLY F 150 -55.78 -18.44 92.44
N CYS F 151 -56.24 -18.27 91.20
CA CYS F 151 -57.29 -19.12 90.64
CA CYS F 151 -57.30 -19.10 90.63
C CYS F 151 -56.88 -19.56 89.24
N LEU F 152 -57.21 -20.80 88.91
CA LEU F 152 -56.85 -21.40 87.62
C LEU F 152 -58.10 -21.60 86.77
N VAL F 153 -58.00 -21.24 85.49
CA VAL F 153 -59.08 -21.41 84.53
C VAL F 153 -58.62 -22.43 83.51
N LYS F 154 -59.22 -23.62 83.54
CA LYS F 154 -58.87 -24.71 82.67
C LYS F 154 -60.07 -25.11 81.80
N ASP F 155 -59.77 -25.55 80.58
CA ASP F 155 -60.78 -26.06 79.64
C ASP F 155 -61.83 -24.98 79.33
N TYR F 156 -61.36 -23.88 78.76
CA TYR F 156 -62.22 -22.77 78.37
C TYR F 156 -62.00 -22.43 76.90
N PHE F 157 -63.02 -21.80 76.32
CA PHE F 157 -63.00 -21.42 74.90
C PHE F 157 -64.13 -20.44 74.66
N PRO F 158 -63.93 -19.40 73.83
CA PRO F 158 -62.68 -19.00 73.18
C PRO F 158 -62.03 -17.78 73.85
N GLU F 159 -60.97 -17.27 73.23
CA GLU F 159 -60.34 -16.05 73.71
C GLU F 159 -61.22 -14.84 73.35
N PRO F 160 -61.13 -13.75 74.14
CA PRO F 160 -60.35 -13.58 75.36
C PRO F 160 -61.19 -13.75 76.63
N VAL F 161 -60.53 -13.71 77.79
CA VAL F 161 -61.20 -13.82 79.08
C VAL F 161 -60.59 -12.78 80.03
N THR F 162 -61.44 -11.97 80.64
CA THR F 162 -61.01 -10.95 81.60
C THR F 162 -61.32 -11.41 83.01
N VAL F 163 -60.30 -11.40 83.87
CA VAL F 163 -60.43 -11.85 85.25
C VAL F 163 -60.41 -10.63 86.16
N SER F 164 -61.03 -10.77 87.33
CA SER F 164 -61.12 -9.69 88.30
C SER F 164 -60.93 -10.25 89.71
N TRP F 165 -60.50 -9.38 90.61
CA TRP F 165 -60.25 -9.72 92.01
C TRP F 165 -61.11 -8.82 92.88
N ASN F 166 -62.07 -9.43 93.59
CA ASN F 166 -63.03 -8.69 94.42
C ASN F 166 -63.78 -7.64 93.59
N SER F 167 -64.15 -8.01 92.36
CA SER F 167 -64.86 -7.12 91.44
C SER F 167 -64.07 -5.84 91.17
N GLY F 168 -62.75 -5.97 91.06
CA GLY F 168 -61.90 -4.84 90.77
C GLY F 168 -61.51 -4.02 91.97
N ALA F 169 -61.57 -4.57 93.19
CA ALA F 169 -61.23 -3.82 94.39
C ALA F 169 -59.74 -3.88 94.71
N LEU F 170 -59.05 -4.92 94.26
CA LEU F 170 -57.62 -5.09 94.53
C LEU F 170 -56.88 -5.04 93.19
N THR F 171 -55.99 -4.06 93.06
CA THR F 171 -55.22 -3.89 91.84
C THR F 171 -53.71 -3.93 92.05
N SER F 172 -53.24 -3.93 93.29
CA SER F 172 -51.81 -3.99 93.55
C SER F 172 -51.34 -5.43 93.53
N GLY F 173 -50.36 -5.73 92.69
CA GLY F 173 -49.81 -7.07 92.59
C GLY F 173 -50.59 -8.02 91.71
N VAL F 174 -51.48 -7.53 90.87
CA VAL F 174 -52.27 -8.38 89.99
C VAL F 174 -51.50 -8.58 88.68
N HIS F 175 -51.35 -9.84 88.29
CA HIS F 175 -50.66 -10.20 87.05
C HIS F 175 -51.48 -11.25 86.32
N THR F 176 -51.74 -11.02 85.04
CA THR F 176 -52.48 -11.95 84.19
C THR F 176 -51.51 -12.65 83.25
N PHE F 177 -51.72 -13.96 83.08
CA PHE F 177 -50.84 -14.75 82.24
C PHE F 177 -51.51 -15.06 80.90
N PRO F 178 -50.75 -15.11 79.81
CA PRO F 178 -51.35 -15.37 78.49
C PRO F 178 -51.78 -16.82 78.35
N ALA F 179 -52.48 -17.08 77.25
CA ALA F 179 -52.97 -18.42 76.95
C ALA F 179 -51.94 -19.18 76.11
N VAL F 180 -52.26 -20.42 75.78
CA VAL F 180 -51.37 -21.29 75.02
C VAL F 180 -52.21 -22.26 74.22
N LEU F 181 -51.74 -22.58 73.01
CA LEU F 181 -52.45 -23.50 72.13
C LEU F 181 -52.21 -24.92 72.61
N GLN F 182 -53.26 -25.54 73.15
CA GLN F 182 -53.16 -26.91 73.63
C GLN F 182 -53.12 -27.89 72.45
N SER F 183 -52.68 -29.11 72.74
CA SER F 183 -52.66 -30.15 71.72
C SER F 183 -54.06 -30.64 71.38
N SER F 184 -55.00 -30.55 72.33
CA SER F 184 -56.37 -30.94 72.09
C SER F 184 -57.21 -29.81 71.50
N GLY F 185 -56.75 -28.57 71.60
CA GLY F 185 -57.47 -27.44 71.06
C GLY F 185 -58.09 -26.55 72.13
N LEU F 186 -57.42 -26.46 73.27
CA LEU F 186 -57.89 -25.66 74.40
C LEU F 186 -56.88 -24.55 74.71
N TYR F 187 -57.15 -23.81 75.78
CA TYR F 187 -56.27 -22.76 76.26
C TYR F 187 -56.19 -22.85 77.77
N SER F 188 -55.26 -22.10 78.35
CA SER F 188 -55.07 -22.11 79.79
C SER F 188 -54.33 -20.85 80.22
N LEU F 189 -54.86 -20.16 81.24
CA LEU F 189 -54.21 -19.00 81.80
C LEU F 189 -54.28 -19.10 83.32
N SER F 190 -53.59 -18.16 83.98
CA SER F 190 -53.60 -18.12 85.44
C SER F 190 -53.46 -16.67 85.89
N SER F 191 -53.80 -16.43 87.15
CA SER F 191 -53.72 -15.09 87.73
C SER F 191 -53.49 -15.24 89.23
N VAL F 192 -52.26 -15.00 89.66
CA VAL F 192 -51.87 -15.10 91.07
C VAL F 192 -51.51 -13.72 91.58
N VAL F 193 -51.80 -13.46 92.85
CA VAL F 193 -51.52 -12.19 93.49
C VAL F 193 -50.66 -12.45 94.72
N THR F 194 -50.07 -11.38 95.26
CA THR F 194 -49.23 -11.45 96.45
C THR F 194 -50.04 -10.95 97.63
N VAL F 195 -50.29 -11.85 98.58
CA VAL F 195 -51.09 -11.55 99.77
C VAL F 195 -50.20 -11.72 101.00
N PRO F 196 -50.23 -10.80 101.96
CA PRO F 196 -49.46 -10.99 103.19
C PRO F 196 -50.05 -12.12 104.04
N SER F 197 -49.22 -12.62 104.95
CA SER F 197 -49.63 -13.73 105.80
C SER F 197 -50.60 -13.32 106.90
N SER F 198 -50.71 -12.03 107.20
CA SER F 198 -51.59 -11.56 108.26
C SER F 198 -53.03 -11.34 107.81
N SER F 199 -53.32 -11.53 106.52
CA SER F 199 -54.66 -11.31 105.97
C SER F 199 -55.25 -12.58 105.38
N LEU F 200 -54.82 -13.74 105.88
CA LEU F 200 -55.28 -15.02 105.36
C LEU F 200 -56.50 -15.56 106.09
N GLY F 201 -56.82 -15.03 107.27
CA GLY F 201 -57.92 -15.56 108.05
C GLY F 201 -58.99 -14.56 108.40
N THR F 202 -58.86 -13.33 107.90
CA THR F 202 -59.82 -12.27 108.17
C THR F 202 -60.65 -11.91 106.95
N GLN F 203 -60.00 -11.56 105.85
CA GLN F 203 -60.68 -11.18 104.62
C GLN F 203 -60.50 -12.28 103.57
N THR F 204 -61.51 -12.40 102.70
CA THR F 204 -61.52 -13.41 101.65
C THR F 204 -61.26 -12.76 100.29
N TYR F 205 -60.85 -13.57 99.32
CA TYR F 205 -60.56 -13.12 97.97
C TYR F 205 -61.35 -13.96 96.98
N ILE F 206 -62.06 -13.29 96.08
CA ILE F 206 -62.97 -13.94 95.14
C ILE F 206 -62.48 -13.67 93.73
N CYS F 207 -62.29 -14.75 92.96
CA CYS F 207 -61.89 -14.64 91.56
CA CYS F 207 -61.88 -14.66 91.56
C CYS F 207 -63.13 -14.69 90.68
N ASN F 208 -63.30 -13.66 89.84
CA ASN F 208 -64.44 -13.55 88.95
C ASN F 208 -63.97 -13.72 87.52
N VAL F 209 -64.55 -14.69 86.82
CA VAL F 209 -64.24 -14.95 85.41
C VAL F 209 -65.39 -14.46 84.56
N ASN F 210 -65.07 -14.04 83.33
CA ASN F 210 -66.06 -13.52 82.40
C ASN F 210 -65.82 -14.14 81.03
N HIS F 211 -66.84 -14.79 80.48
CA HIS F 211 -66.77 -15.43 79.16
C HIS F 211 -67.96 -14.93 78.35
N LYS F 212 -67.78 -13.80 77.68
CA LYS F 212 -68.86 -13.17 76.92
C LYS F 212 -69.36 -13.99 75.72
N PRO F 213 -68.55 -14.85 75.08
CA PRO F 213 -69.13 -15.67 74.01
C PRO F 213 -70.04 -16.77 74.53
N SER F 214 -69.75 -17.34 75.69
CA SER F 214 -70.56 -18.39 76.27
C SER F 214 -71.52 -17.89 77.35
N ASN F 215 -71.36 -16.64 77.79
CA ASN F 215 -72.25 -16.02 78.78
C ASN F 215 -72.27 -16.80 80.08
N THR F 216 -71.09 -17.10 80.60
CA THR F 216 -70.93 -17.80 81.87
C THR F 216 -70.16 -16.92 82.84
N LYS F 217 -70.53 -17.01 84.12
CA LYS F 217 -69.88 -16.23 85.16
C LYS F 217 -69.83 -17.10 86.42
N VAL F 218 -68.63 -17.51 86.82
CA VAL F 218 -68.44 -18.40 87.97
C VAL F 218 -67.62 -17.64 89.01
N ASP F 219 -68.19 -17.50 90.20
CA ASP F 219 -67.52 -16.88 91.33
C ASP F 219 -67.11 -17.97 92.32
N LYS F 220 -65.80 -18.12 92.51
CA LYS F 220 -65.26 -19.18 93.35
C LYS F 220 -64.58 -18.59 94.58
N LYS F 221 -64.77 -19.26 95.72
CA LYS F 221 -64.11 -18.90 96.97
C LYS F 221 -62.87 -19.78 97.16
N VAL F 222 -61.85 -19.22 97.78
CA VAL F 222 -60.62 -19.94 98.09
C VAL F 222 -60.56 -20.17 99.60
N GLU F 223 -60.14 -21.37 99.99
CA GLU F 223 -60.00 -21.75 101.39
C GLU F 223 -58.58 -22.22 101.66
N PRO F 224 -57.99 -21.81 102.79
CA PRO F 224 -56.66 -22.31 103.14
C PRO F 224 -56.71 -23.78 103.51
N LYS F 225 -55.61 -24.48 103.22
CA LYS F 225 -55.53 -25.91 103.48
C LYS F 225 -55.30 -26.17 104.97
N SER F 226 -55.97 -27.20 105.48
CA SER F 226 -55.85 -27.57 106.89
C SER F 226 -54.74 -28.57 107.14
N CYS F 227 -54.23 -29.23 106.11
CA CYS F 227 -53.15 -30.20 106.28
C CYS F 227 -51.80 -29.50 106.37
N ASP F 228 -51.44 -28.74 105.34
CA ASP F 228 -50.18 -28.00 105.35
C ASP F 228 -50.31 -26.70 104.56
N SER G 2 -43.47 -15.83 47.90
CA SER G 2 -43.60 -16.59 46.67
C SER G 2 -42.58 -16.14 45.63
N VAL G 3 -42.98 -15.22 44.76
CA VAL G 3 -42.08 -14.73 43.72
C VAL G 3 -41.17 -13.62 44.23
N LEU G 4 -41.47 -13.05 45.39
CA LEU G 4 -40.68 -11.98 45.98
C LEU G 4 -40.01 -12.50 47.25
N THR G 5 -38.68 -12.39 47.29
CA THR G 5 -37.89 -12.82 48.44
C THR G 5 -37.30 -11.62 49.14
N GLN G 6 -37.05 -11.79 50.44
CA GLN G 6 -36.52 -10.72 51.28
C GLN G 6 -35.60 -11.33 52.32
N PRO G 7 -34.61 -10.57 52.80
CA PRO G 7 -33.74 -11.10 53.86
C PRO G 7 -34.52 -11.26 55.14
N PRO G 8 -34.17 -12.23 55.98
CA PRO G 8 -34.92 -12.46 57.22
C PRO G 8 -34.65 -11.42 58.28
N SER G 9 -33.44 -10.85 58.29
CA SER G 9 -33.07 -9.87 59.30
C SER G 9 -31.97 -8.98 58.75
N VAL G 10 -31.88 -7.78 59.32
CA VAL G 10 -30.85 -6.81 58.96
C VAL G 10 -30.41 -6.07 60.22
N SER G 11 -29.09 -5.85 60.33
CA SER G 11 -28.52 -5.17 61.48
C SER G 11 -28.16 -3.73 61.12
N GLY G 12 -28.24 -2.86 62.12
CA GLY G 12 -27.93 -1.45 61.91
C GLY G 12 -27.56 -0.78 63.20
N ALA G 13 -27.08 0.46 63.08
CA ALA G 13 -26.67 1.25 64.22
C ALA G 13 -27.53 2.50 64.33
N PRO G 14 -27.81 2.96 65.55
CA PRO G 14 -28.65 4.16 65.72
C PRO G 14 -27.91 5.44 65.39
N GLY G 15 -27.88 5.80 64.11
CA GLY G 15 -27.19 7.00 63.68
C GLY G 15 -26.53 6.88 62.32
N GLN G 16 -26.50 5.67 61.77
CA GLN G 16 -25.92 5.41 60.46
C GLN G 16 -27.05 5.16 59.46
N ARG G 17 -26.66 4.93 58.20
CA ARG G 17 -27.61 4.67 57.13
C ARG G 17 -27.82 3.17 56.98
N VAL G 18 -29.09 2.75 57.03
CA VAL G 18 -29.46 1.35 56.90
C VAL G 18 -30.29 1.20 55.63
N THR G 19 -29.84 0.34 54.72
CA THR G 19 -30.50 0.12 53.45
C THR G 19 -31.01 -1.31 53.35
N ILE G 20 -32.04 -1.50 52.54
CA ILE G 20 -32.62 -2.82 52.29
C ILE G 20 -32.95 -2.93 50.81
N SER G 21 -33.00 -4.17 50.33
CA SER G 21 -33.28 -4.45 48.93
C SER G 21 -34.39 -5.48 48.81
N CYS G 22 -35.15 -5.37 47.72
CA CYS G 22 -36.21 -6.32 47.39
C CYS G 22 -35.98 -6.83 45.98
N THR G 23 -35.82 -8.14 45.84
CA THR G 23 -35.51 -8.77 44.56
C THR G 23 -36.65 -9.69 44.15
N GLY G 24 -37.05 -9.59 42.89
CA GLY G 24 -38.12 -10.43 42.36
C GLY G 24 -37.80 -10.99 40.99
N SER G 25 -38.72 -10.82 40.04
CA SER G 25 -38.55 -11.29 38.69
C SER G 25 -38.59 -10.11 37.72
N SER G 26 -38.54 -10.41 36.43
CA SER G 26 -38.56 -9.40 35.37
C SER G 26 -39.97 -9.15 34.85
N SER G 27 -41.00 -9.59 35.55
CA SER G 27 -42.38 -9.41 35.12
C SER G 27 -43.25 -8.65 36.10
N ASN G 28 -42.81 -8.46 37.35
CA ASN G 28 -43.59 -7.76 38.36
C ASN G 28 -42.94 -6.48 38.84
N ILE G 29 -41.63 -6.50 39.07
CA ILE G 29 -40.89 -5.32 39.50
C ILE G 29 -40.03 -4.75 38.37
N GLY G 30 -39.40 -5.61 37.58
CA GLY G 30 -38.57 -5.17 36.48
C GLY G 30 -39.30 -4.87 35.20
N ALA G 31 -40.60 -5.16 35.13
CA ALA G 31 -41.35 -4.90 33.90
C ALA G 31 -41.67 -3.42 33.73
N GLY G 32 -41.81 -2.68 34.82
CA GLY G 32 -42.11 -1.26 34.74
C GLY G 32 -43.12 -0.82 35.78
N TYR G 33 -43.65 -1.76 36.55
CA TYR G 33 -44.63 -1.44 37.57
C TYR G 33 -43.96 -0.75 38.76
N ASP G 34 -44.71 0.14 39.41
CA ASP G 34 -44.21 0.83 40.59
C ASP G 34 -44.28 -0.07 41.82
N VAL G 35 -43.42 0.22 42.79
CA VAL G 35 -43.33 -0.55 44.02
C VAL G 35 -43.94 0.27 45.15
N HIS G 36 -44.43 -0.44 46.17
CA HIS G 36 -45.03 0.18 47.34
C HIS G 36 -44.48 -0.48 48.60
N TRP G 37 -43.99 0.33 49.53
CA TRP G 37 -43.42 -0.16 50.78
C TRP G 37 -44.39 0.12 51.93
N TYR G 38 -44.55 -0.87 52.80
CA TYR G 38 -45.44 -0.77 53.95
C TYR G 38 -44.70 -1.13 55.22
N GLN G 39 -45.27 -0.72 56.35
CA GLN G 39 -44.71 -0.99 57.67
C GLN G 39 -45.74 -1.75 58.49
N GLN G 40 -45.37 -2.93 58.97
CA GLN G 40 -46.26 -3.81 59.70
C GLN G 40 -45.88 -3.77 61.18
N LEU G 41 -46.54 -2.90 61.93
CA LEU G 41 -46.29 -2.80 63.36
C LEU G 41 -47.09 -3.87 64.10
N PRO G 42 -46.46 -4.65 64.99
CA PRO G 42 -47.20 -5.71 65.70
C PRO G 42 -48.11 -5.16 66.78
N GLY G 43 -49.33 -4.78 66.41
CA GLY G 43 -50.28 -4.23 67.36
C GLY G 43 -51.16 -3.13 66.81
N THR G 44 -50.95 -2.77 65.55
CA THR G 44 -51.82 -1.80 64.87
C THR G 44 -51.88 -2.15 63.39
N ALA G 45 -52.76 -1.47 62.68
CA ALA G 45 -52.94 -1.72 61.26
C ALA G 45 -51.84 -1.03 60.45
N PRO G 46 -51.37 -1.65 59.38
CA PRO G 46 -50.34 -1.00 58.54
C PRO G 46 -50.93 0.17 57.76
N LYS G 47 -50.07 1.16 57.51
CA LYS G 47 -50.44 2.36 56.78
C LYS G 47 -49.57 2.50 55.54
N LEU G 48 -49.82 3.57 54.78
CA LEU G 48 -49.07 3.84 53.56
C LEU G 48 -47.88 4.72 53.88
N LEU G 49 -46.71 4.35 53.37
CA LEU G 49 -45.48 5.09 53.59
C LEU G 49 -45.02 5.87 52.36
N ILE G 50 -44.88 5.20 51.22
CA ILE G 50 -44.44 5.84 49.99
C ILE G 50 -44.98 5.05 48.81
N TYR G 51 -45.51 5.76 47.81
CA TYR G 51 -46.05 5.14 46.61
C TYR G 51 -45.35 5.72 45.39
N GLY G 52 -44.94 4.85 44.48
CA GLY G 52 -44.26 5.26 43.26
C GLY G 52 -42.81 5.66 43.43
N ASN G 53 -42.29 5.67 44.66
CA ASN G 53 -40.91 6.03 44.97
C ASN G 53 -40.55 7.43 44.48
N SER G 54 -41.55 8.29 44.26
CA SER G 54 -41.30 9.66 43.83
C SER G 54 -42.11 10.70 44.58
N ASN G 55 -43.24 10.35 45.19
CA ASN G 55 -44.10 11.29 45.89
C ASN G 55 -44.06 11.01 47.39
N ARG G 56 -44.51 11.99 48.17
CA ARG G 56 -44.54 11.89 49.62
C ARG G 56 -45.95 12.09 50.13
N PRO G 57 -46.56 11.10 50.78
CA PRO G 57 -47.92 11.27 51.31
C PRO G 57 -47.90 12.20 52.53
N SER G 58 -49.11 12.53 52.99
CA SER G 58 -49.27 13.41 54.13
C SER G 58 -49.19 12.61 55.43
N GLY G 59 -48.34 13.07 56.35
CA GLY G 59 -48.18 12.43 57.64
C GLY G 59 -46.97 11.55 57.78
N VAL G 60 -46.13 11.44 56.75
CA VAL G 60 -44.93 10.61 56.80
C VAL G 60 -43.71 11.51 56.85
N PRO G 61 -42.68 11.17 57.62
CA PRO G 61 -41.45 11.95 57.59
C PRO G 61 -40.72 11.80 56.27
N ASP G 62 -39.79 12.73 56.02
CA ASP G 62 -39.01 12.73 54.79
C ASP G 62 -37.71 11.94 54.92
N ARG G 63 -37.54 11.17 55.99
CA ARG G 63 -36.33 10.38 56.16
C ARG G 63 -36.32 9.11 55.33
N PHE G 64 -37.49 8.67 54.85
CA PHE G 64 -37.56 7.48 54.01
C PHE G 64 -37.27 7.85 52.57
N SER G 65 -36.41 7.07 51.93
CA SER G 65 -36.02 7.30 50.53
C SER G 65 -36.19 6.00 49.75
N GLY G 66 -36.97 6.05 48.69
CA GLY G 66 -37.22 4.89 47.84
C GLY G 66 -36.71 5.11 46.44
N SER G 67 -36.11 4.06 45.87
CA SER G 67 -35.57 4.14 44.52
C SER G 67 -35.69 2.77 43.86
N LYS G 68 -35.66 2.78 42.53
CA LYS G 68 -35.76 1.56 41.72
C LYS G 68 -34.53 1.50 40.81
N SER G 69 -33.63 0.57 41.11
CA SER G 69 -32.40 0.40 40.33
C SER G 69 -32.59 -0.82 39.43
N GLY G 70 -33.18 -0.58 38.26
CA GLY G 70 -33.40 -1.65 37.29
C GLY G 70 -34.50 -2.60 37.71
N THR G 71 -34.13 -3.83 38.07
CA THR G 71 -35.08 -4.86 38.46
C THR G 71 -35.23 -4.97 39.97
N SER G 72 -34.51 -4.16 40.74
CA SER G 72 -34.56 -4.22 42.19
C SER G 72 -34.89 -2.85 42.76
N ALA G 73 -35.65 -2.86 43.85
CA ALA G 73 -36.01 -1.65 44.58
C ALA G 73 -35.23 -1.57 45.88
N SER G 74 -35.01 -0.34 46.34
CA SER G 74 -34.21 -0.10 47.54
C SER G 74 -34.91 0.90 48.44
N LEU G 75 -34.74 0.71 49.74
CA LEU G 75 -35.27 1.61 50.76
C LEU G 75 -34.14 1.97 51.71
N ALA G 76 -33.87 3.26 51.86
CA ALA G 76 -32.79 3.76 52.70
C ALA G 76 -33.34 4.71 53.74
N ILE G 77 -32.90 4.55 54.98
CA ILE G 77 -33.32 5.41 56.08
C ILE G 77 -32.08 5.99 56.75
N THR G 78 -32.29 7.10 57.47
CA THR G 78 -31.22 7.78 58.18
C THR G 78 -31.67 8.05 59.61
N GLY G 79 -31.02 7.40 60.57
CA GLY G 79 -31.38 7.56 61.96
C GLY G 79 -32.41 6.56 62.44
N LEU G 80 -32.10 5.84 63.51
CA LEU G 80 -33.00 4.83 64.07
C LEU G 80 -33.66 5.41 65.31
N GLN G 81 -34.95 5.67 65.23
CA GLN G 81 -35.71 6.21 66.35
C GLN G 81 -36.30 5.06 67.17
N ALA G 82 -37.19 5.40 68.11
CA ALA G 82 -37.83 4.42 68.97
C ALA G 82 -39.16 3.93 68.43
N GLU G 83 -39.35 3.95 67.10
CA GLU G 83 -40.58 3.50 66.48
C GLU G 83 -40.32 2.59 65.28
N ASP G 84 -39.09 2.11 65.10
CA ASP G 84 -38.73 1.28 63.95
C ASP G 84 -38.70 -0.21 64.30
N GLU G 85 -39.48 -0.63 65.30
CA GLU G 85 -39.57 -2.04 65.68
C GLU G 85 -40.75 -2.70 64.98
N ALA G 86 -40.66 -2.75 63.65
CA ALA G 86 -41.73 -3.31 62.83
C ALA G 86 -41.08 -4.06 61.67
N ASP G 87 -41.90 -4.49 60.72
CA ASP G 87 -41.45 -5.24 59.56
C ASP G 87 -41.69 -4.44 58.29
N TYR G 88 -40.77 -4.54 57.34
CA TYR G 88 -40.88 -3.86 56.06
C TYR G 88 -41.16 -4.87 54.96
N TYR G 89 -42.18 -4.60 54.16
CA TYR G 89 -42.57 -5.46 53.06
C TYR G 89 -42.46 -4.68 51.75
N CYS G 90 -42.15 -5.39 50.67
CA CYS G 90 -42.10 -4.82 49.33
C CYS G 90 -43.23 -5.42 48.51
N GLN G 91 -44.10 -4.56 47.99
CA GLN G 91 -45.30 -4.98 47.28
C GLN G 91 -45.26 -4.46 45.85
N SER G 92 -45.52 -5.35 44.90
CA SER G 92 -45.52 -4.99 43.48
C SER G 92 -46.61 -5.79 42.77
N TYR G 93 -47.12 -5.22 41.69
CA TYR G 93 -48.18 -5.87 40.91
C TYR G 93 -47.57 -6.93 40.01
N ASP G 94 -48.01 -8.18 40.18
CA ASP G 94 -47.51 -9.31 39.41
C ASP G 94 -48.53 -9.68 38.34
N SER G 95 -48.04 -9.89 37.11
CA SER G 95 -48.90 -10.28 36.01
C SER G 95 -49.10 -11.79 35.93
N SER G 96 -48.12 -12.57 36.37
CA SER G 96 -48.28 -14.02 36.37
C SER G 96 -49.28 -14.47 37.43
N LEU G 97 -49.41 -13.72 38.52
CA LEU G 97 -50.36 -14.01 39.57
C LEU G 97 -51.68 -13.28 39.37
N SER G 98 -51.72 -12.29 38.48
CA SER G 98 -52.92 -11.48 38.21
C SER G 98 -53.41 -10.79 39.48
N GLY G 99 -52.52 -10.02 40.07
CA GLY G 99 -52.83 -9.29 41.28
C GLY G 99 -51.57 -8.83 41.98
N SER G 100 -51.77 -8.22 43.14
CA SER G 100 -50.67 -7.72 43.95
C SER G 100 -50.19 -8.80 44.92
N VAL G 101 -48.87 -8.90 45.07
CA VAL G 101 -48.25 -9.87 45.95
C VAL G 101 -47.22 -9.15 46.82
N PHE G 102 -47.19 -9.50 48.09
CA PHE G 102 -46.26 -8.90 49.04
C PHE G 102 -44.95 -9.70 49.09
N GLY G 103 -44.01 -9.22 49.88
CA GLY G 103 -42.72 -9.85 50.03
C GLY G 103 -42.64 -10.73 51.27
N GLY G 104 -41.41 -10.95 51.73
CA GLY G 104 -41.18 -11.79 52.89
C GLY G 104 -41.26 -11.03 54.20
N GLY G 105 -40.50 -9.93 54.30
CA GLY G 105 -40.51 -9.12 55.51
C GLY G 105 -39.25 -9.26 56.33
N THR G 106 -38.68 -8.11 56.72
CA THR G 106 -37.46 -8.08 57.52
C THR G 106 -37.78 -7.52 58.90
N LYS G 107 -37.14 -8.09 59.92
CA LYS G 107 -37.29 -7.62 61.29
C LYS G 107 -36.10 -6.73 61.64
N LEU G 108 -36.38 -5.54 62.16
CA LEU G 108 -35.31 -4.60 62.47
C LEU G 108 -34.59 -4.96 63.76
N THR G 109 -33.42 -4.38 63.97
CA THR G 109 -32.63 -4.71 65.15
C THR G 109 -32.90 -3.75 66.29
N VAL G 110 -32.94 -4.27 67.51
CA VAL G 110 -33.17 -3.42 68.68
C VAL G 110 -32.21 -3.83 69.80
N LEU G 111 -31.95 -2.91 70.71
CA LEU G 111 -31.02 -3.20 71.81
C LEU G 111 -31.73 -3.26 73.14
N GLY G 112 -31.35 -4.21 73.98
CA GLY G 112 -31.97 -4.35 75.28
C GLY G 112 -32.01 -5.78 75.79
N GLN G 113 -33.04 -6.09 76.57
CA GLN G 113 -33.18 -7.45 77.11
C GLN G 113 -31.94 -7.90 77.87
N PRO G 114 -31.53 -7.15 78.91
CA PRO G 114 -30.39 -7.57 79.71
C PRO G 114 -30.71 -8.78 80.58
N LYS G 115 -29.75 -9.25 81.36
CA LYS G 115 -29.96 -10.44 82.18
C LYS G 115 -30.45 -10.12 83.59
N ALA G 116 -30.78 -11.15 84.36
CA ALA G 116 -31.26 -10.97 85.72
C ALA G 116 -31.27 -12.33 86.42
N ALA G 117 -31.90 -12.38 87.59
CA ALA G 117 -31.99 -13.61 88.36
C ALA G 117 -33.45 -14.05 88.44
N PRO G 118 -33.77 -15.27 88.03
CA PRO G 118 -35.16 -15.72 88.05
C PRO G 118 -35.58 -16.27 89.41
N SER G 119 -36.88 -16.44 89.56
CA SER G 119 -37.45 -17.01 90.79
C SER G 119 -38.66 -17.84 90.40
N VAL G 120 -38.64 -19.13 90.74
CA VAL G 120 -39.68 -20.06 90.34
C VAL G 120 -40.51 -20.44 91.56
N THR G 121 -41.77 -20.77 91.31
CA THR G 121 -42.70 -21.22 92.35
C THR G 121 -43.44 -22.45 91.83
N LEU G 122 -43.37 -23.54 92.58
CA LEU G 122 -43.99 -24.79 92.19
C LEU G 122 -45.20 -25.05 93.09
N PHE G 123 -46.36 -25.26 92.47
CA PHE G 123 -47.62 -25.42 93.20
C PHE G 123 -48.23 -26.77 92.87
N PRO G 124 -48.53 -27.62 93.85
CA PRO G 124 -49.20 -28.88 93.58
C PRO G 124 -50.68 -28.67 93.34
N PRO G 125 -51.35 -29.58 92.63
CA PRO G 125 -52.78 -29.45 92.42
C PRO G 125 -53.56 -29.59 93.72
N SER G 126 -54.75 -29.00 93.72
CA SER G 126 -55.59 -28.99 94.91
C SER G 126 -56.39 -30.29 95.01
N SER G 127 -57.21 -30.39 96.06
CA SER G 127 -58.01 -31.59 96.29
C SER G 127 -59.24 -31.65 95.39
N GLU G 128 -59.77 -30.50 95.00
CA GLU G 128 -60.96 -30.46 94.16
C GLU G 128 -60.65 -30.77 92.70
N GLU G 129 -59.40 -30.60 92.27
CA GLU G 129 -59.01 -30.88 90.89
C GLU G 129 -58.81 -32.37 90.63
N LEU G 130 -58.71 -33.19 91.69
CA LEU G 130 -58.34 -34.58 91.52
C LEU G 130 -59.50 -35.43 91.00
N GLN G 131 -60.75 -35.07 91.32
CA GLN G 131 -61.90 -35.85 90.89
C GLN G 131 -62.35 -35.52 89.48
N ALA G 132 -61.67 -34.60 88.79
CA ALA G 132 -62.00 -34.25 87.42
C ALA G 132 -61.29 -35.13 86.41
N ASN G 133 -60.70 -36.25 86.85
CA ASN G 133 -60.01 -37.20 85.98
C ASN G 133 -58.87 -36.55 85.21
N LYS G 134 -58.19 -35.58 85.82
CA LYS G 134 -57.07 -34.91 85.21
C LYS G 134 -56.17 -34.34 86.29
N ALA G 135 -54.94 -34.01 85.89
CA ALA G 135 -53.96 -33.41 86.80
C ALA G 135 -53.19 -32.36 86.04
N THR G 136 -53.31 -31.10 86.48
CA THR G 136 -52.63 -29.97 85.86
C THR G 136 -51.53 -29.49 86.80
N LEU G 137 -50.30 -29.89 86.51
CA LEU G 137 -49.16 -29.52 87.34
C LEU G 137 -48.59 -28.20 86.80
N VAL G 138 -48.69 -27.13 87.61
CA VAL G 138 -48.26 -25.81 87.20
C VAL G 138 -46.88 -25.52 87.76
N CYS G 139 -46.15 -24.65 87.07
CA CYS G 139 -44.81 -24.24 87.50
C CYS G 139 -44.61 -22.80 87.05
N LEU G 140 -44.85 -21.86 87.96
CA LEU G 140 -44.85 -20.43 87.64
C LEU G 140 -43.46 -19.83 87.85
N ILE G 141 -43.00 -19.07 86.86
CA ILE G 141 -41.73 -18.35 86.94
C ILE G 141 -42.03 -16.86 86.82
N SER G 142 -41.38 -16.06 87.67
CA SER G 142 -41.63 -14.62 87.68
C SER G 142 -40.36 -13.89 88.08
N ASP G 143 -40.37 -12.58 87.80
CA ASP G 143 -39.27 -11.68 88.16
C ASP G 143 -37.95 -12.13 87.52
N PHE G 144 -37.93 -12.13 86.20
CA PHE G 144 -36.73 -12.49 85.45
C PHE G 144 -36.63 -11.62 84.21
N TYR G 145 -35.43 -11.60 83.62
CA TYR G 145 -35.16 -10.80 82.43
C TYR G 145 -33.97 -11.38 81.68
N PRO G 146 -34.10 -11.67 80.38
CA PRO G 146 -35.32 -11.49 79.59
C PRO G 146 -36.24 -12.70 79.63
N GLY G 147 -37.24 -12.73 78.76
CA GLY G 147 -38.19 -13.82 78.75
C GLY G 147 -37.82 -14.96 77.82
N ALA G 148 -36.69 -15.63 78.11
CA ALA G 148 -36.23 -16.78 77.35
C ALA G 148 -35.82 -17.85 78.35
N VAL G 149 -36.76 -18.70 78.74
CA VAL G 149 -36.54 -19.74 79.75
C VAL G 149 -36.90 -21.09 79.14
N THR G 150 -35.98 -22.05 79.27
CA THR G 150 -36.22 -23.42 78.81
C THR G 150 -36.76 -24.24 79.97
N VAL G 151 -37.95 -24.79 79.80
CA VAL G 151 -38.65 -25.52 80.85
C VAL G 151 -38.55 -27.01 80.58
N ALA G 152 -38.11 -27.77 81.59
CA ALA G 152 -38.04 -29.21 81.51
C ALA G 152 -38.66 -29.81 82.76
N TRP G 153 -39.13 -31.05 82.65
CA TRP G 153 -39.79 -31.74 83.75
C TRP G 153 -39.10 -33.07 84.02
N LYS G 154 -39.13 -33.48 85.29
CA LYS G 154 -38.55 -34.74 85.72
C LYS G 154 -39.41 -35.33 86.84
N ALA G 155 -39.31 -36.65 87.00
CA ALA G 155 -40.03 -37.39 88.03
C ALA G 155 -39.08 -38.25 88.83
N ASP G 156 -37.86 -37.75 89.05
CA ASP G 156 -36.79 -38.38 89.83
C ASP G 156 -36.24 -39.65 89.21
N SER G 157 -36.81 -40.12 88.09
CA SER G 157 -36.30 -41.30 87.41
C SER G 157 -36.20 -41.17 85.90
N SER G 158 -36.88 -40.20 85.27
CA SER G 158 -36.85 -40.04 83.83
C SER G 158 -37.43 -38.68 83.49
N PRO G 159 -36.94 -38.01 82.45
CA PRO G 159 -37.52 -36.73 82.06
C PRO G 159 -38.88 -36.93 81.39
N VAL G 160 -39.77 -35.97 81.61
CA VAL G 160 -41.13 -36.03 81.08
C VAL G 160 -41.16 -35.28 79.75
N LYS G 161 -41.41 -36.01 78.67
CA LYS G 161 -41.49 -35.45 77.33
C LYS G 161 -42.90 -35.55 76.76
N ALA G 162 -43.91 -35.42 77.61
CA ALA G 162 -45.30 -35.52 77.20
C ALA G 162 -46.13 -34.56 78.04
N GLY G 163 -46.95 -33.75 77.36
CA GLY G 163 -47.77 -32.76 78.04
C GLY G 163 -47.04 -31.50 78.45
N VAL G 164 -45.83 -31.29 77.97
CA VAL G 164 -45.05 -30.12 78.33
C VAL G 164 -45.49 -28.94 77.47
N GLU G 165 -45.74 -27.79 78.10
CA GLU G 165 -46.14 -26.59 77.39
C GLU G 165 -45.47 -25.38 78.02
N THR G 166 -45.06 -24.44 77.18
CA THR G 166 -44.46 -23.18 77.61
C THR G 166 -45.19 -22.02 76.97
N THR G 167 -45.56 -21.03 77.77
CA THR G 167 -46.23 -19.83 77.28
C THR G 167 -45.22 -18.70 77.11
N THR G 168 -45.61 -17.70 76.33
CA THR G 168 -44.72 -16.57 76.09
C THR G 168 -44.81 -15.58 77.25
N PRO G 169 -43.68 -15.04 77.71
CA PRO G 169 -43.72 -14.10 78.83
C PRO G 169 -44.14 -12.71 78.39
N SER G 170 -44.88 -12.03 79.26
CA SER G 170 -45.34 -10.67 79.01
C SER G 170 -44.66 -9.70 79.97
N LYS G 171 -44.67 -8.43 79.59
CA LYS G 171 -44.03 -7.41 80.40
C LYS G 171 -44.89 -7.06 81.61
N GLN G 172 -44.26 -6.97 82.78
CA GLN G 172 -44.96 -6.61 84.00
C GLN G 172 -44.98 -5.09 84.15
N SER G 173 -45.39 -4.61 85.32
CA SER G 173 -45.42 -3.17 85.58
C SER G 173 -44.06 -2.62 85.98
N ASN G 174 -43.18 -3.46 86.53
CA ASN G 174 -41.84 -3.05 86.93
C ASN G 174 -40.77 -3.56 85.97
N ASN G 175 -41.10 -3.65 84.68
CA ASN G 175 -40.13 -4.02 83.63
C ASN G 175 -39.55 -5.42 83.86
N LYS G 176 -40.41 -6.36 84.20
CA LYS G 176 -40.02 -7.76 84.35
C LYS G 176 -40.93 -8.65 83.49
N TYR G 177 -40.62 -9.94 83.50
CA TYR G 177 -41.37 -10.93 82.74
C TYR G 177 -41.86 -12.03 83.67
N ALA G 178 -42.91 -12.72 83.23
CA ALA G 178 -43.48 -13.82 84.00
C ALA G 178 -44.16 -14.79 83.05
N ALA G 179 -44.08 -16.08 83.39
CA ALA G 179 -44.68 -17.12 82.56
C ALA G 179 -45.06 -18.29 83.46
N SER G 180 -45.75 -19.26 82.87
CA SER G 180 -46.20 -20.45 83.57
C SER G 180 -46.15 -21.65 82.64
N SER G 181 -45.92 -22.82 83.22
CA SER G 181 -45.84 -24.06 82.46
C SER G 181 -46.79 -25.09 83.07
N TYR G 182 -47.59 -25.72 82.23
CA TYR G 182 -48.55 -26.72 82.65
C TYR G 182 -48.07 -28.12 82.28
N LEU G 183 -48.60 -29.11 83.01
CA LEU G 183 -48.30 -30.52 82.74
C LEU G 183 -49.60 -31.29 82.90
N SER G 184 -50.15 -31.78 81.79
CA SER G 184 -51.41 -32.51 81.81
C SER G 184 -51.12 -33.97 82.16
N LEU G 185 -51.59 -34.41 83.31
CA LEU G 185 -51.38 -35.76 83.80
C LEU G 185 -52.71 -36.30 84.34
N THR G 186 -52.67 -37.55 84.83
CA THR G 186 -53.86 -38.19 85.36
C THR G 186 -53.71 -38.41 86.87
N PRO G 187 -54.81 -38.40 87.62
CA PRO G 187 -54.72 -38.64 89.07
C PRO G 187 -54.37 -40.07 89.44
N GLU G 188 -54.46 -41.02 88.51
CA GLU G 188 -54.15 -42.41 88.83
C GLU G 188 -52.66 -42.62 88.98
N GLN G 189 -51.86 -41.95 88.14
CA GLN G 189 -50.40 -42.05 88.19
C GLN G 189 -49.76 -40.91 88.97
N TRP G 190 -50.56 -39.99 89.50
CA TRP G 190 -50.00 -38.86 90.26
C TRP G 190 -49.56 -39.29 91.66
N LYS G 191 -50.29 -40.22 92.28
CA LYS G 191 -49.96 -40.72 93.60
C LYS G 191 -48.97 -41.88 93.58
N SER G 192 -48.73 -42.49 92.42
CA SER G 192 -47.81 -43.63 92.36
C SER G 192 -46.36 -43.18 92.43
N HIS G 193 -46.03 -42.08 91.78
CA HIS G 193 -44.66 -41.56 91.82
C HIS G 193 -44.40 -40.84 93.14
N ARG G 194 -43.12 -40.68 93.46
CA ARG G 194 -42.74 -40.15 94.77
C ARG G 194 -42.82 -38.63 94.80
N SER G 195 -42.39 -37.95 93.73
CA SER G 195 -42.38 -36.50 93.71
C SER G 195 -42.36 -36.02 92.27
N TYR G 196 -42.50 -34.71 92.11
CA TYR G 196 -42.49 -34.06 90.81
C TYR G 196 -41.78 -32.71 90.93
N SER G 197 -41.09 -32.33 89.85
CA SER G 197 -40.32 -31.09 89.86
C SER G 197 -40.19 -30.58 88.43
N CYS G 198 -40.05 -29.26 88.32
CA CYS G 198 -39.86 -28.58 87.03
C CYS G 198 -38.48 -27.93 87.03
N GLN G 199 -37.66 -28.30 86.05
CA GLN G 199 -36.29 -27.83 85.95
C GLN G 199 -36.19 -26.79 84.84
N VAL G 200 -35.62 -25.62 85.17
CA VAL G 200 -35.44 -24.54 84.22
C VAL G 200 -34.01 -24.03 84.33
N THR G 201 -33.58 -23.31 83.29
CA THR G 201 -32.25 -22.72 83.24
C THR G 201 -32.35 -21.29 82.72
N HIS G 202 -31.40 -20.45 83.13
CA HIS G 202 -31.33 -19.08 82.64
C HIS G 202 -29.86 -18.64 82.74
N GLU G 203 -29.17 -18.67 81.61
CA GLU G 203 -27.74 -18.34 81.54
C GLU G 203 -26.94 -19.19 82.52
N GLY G 204 -27.25 -20.50 82.54
CA GLY G 204 -26.57 -21.44 83.39
C GLY G 204 -27.14 -21.59 84.79
N SER G 205 -27.95 -20.63 85.24
CA SER G 205 -28.52 -20.68 86.58
C SER G 205 -29.67 -21.67 86.61
N THR G 206 -29.51 -22.75 87.37
CA THR G 206 -30.53 -23.79 87.49
C THR G 206 -31.07 -23.79 88.91
N VAL G 207 -32.35 -23.45 89.04
CA VAL G 207 -33.05 -23.43 90.33
C VAL G 207 -34.05 -24.59 90.36
N GLU G 208 -34.01 -25.37 91.43
CA GLU G 208 -34.80 -26.59 91.55
C GLU G 208 -35.74 -26.48 92.75
N LYS G 209 -37.00 -26.86 92.54
CA LYS G 209 -37.98 -26.94 93.61
C LYS G 209 -38.83 -28.19 93.42
N THR G 210 -39.08 -28.90 94.52
CA THR G 210 -39.82 -30.16 94.49
C THR G 210 -40.86 -30.16 95.59
N VAL G 211 -41.97 -30.87 95.33
CA VAL G 211 -43.04 -31.05 96.30
C VAL G 211 -43.26 -32.57 96.44
N ALA G 212 -44.02 -32.93 97.48
CA ALA G 212 -44.32 -34.34 97.74
C ALA G 212 -45.82 -34.52 97.99
N PRO G 213 -46.48 -35.39 97.23
CA PRO G 213 -47.93 -35.56 97.41
C PRO G 213 -48.31 -36.30 98.68
N THR G 214 -47.41 -37.09 99.24
CA THR G 214 -47.70 -37.83 100.47
C THR G 214 -46.82 -37.35 101.62
N VAL H 2 -58.66 44.77 -36.52
CA VAL H 2 -59.33 45.26 -37.71
C VAL H 2 -59.46 44.16 -38.74
N GLN H 3 -59.82 44.54 -39.97
CA GLN H 3 -59.99 43.59 -41.06
C GLN H 3 -59.41 44.17 -42.34
N LEU H 4 -58.67 43.36 -43.08
CA LEU H 4 -58.06 43.77 -44.34
C LEU H 4 -58.77 43.06 -45.49
N VAL H 5 -59.31 43.83 -46.43
CA VAL H 5 -60.04 43.30 -47.57
C VAL H 5 -59.19 43.49 -48.82
N GLU H 6 -59.20 42.48 -49.68
CA GLU H 6 -58.45 42.48 -50.93
C GLU H 6 -59.43 42.46 -52.11
N SER H 7 -58.86 42.36 -53.31
CA SER H 7 -59.67 42.31 -54.53
C SER H 7 -60.10 40.87 -54.80
N GLY H 8 -60.92 40.70 -55.84
CA GLY H 8 -61.43 39.41 -56.22
C GLY H 8 -60.51 38.66 -57.15
N ALA H 9 -61.11 37.89 -58.05
CA ALA H 9 -60.35 37.11 -59.02
C ALA H 9 -59.84 38.00 -60.15
N GLU H 10 -58.73 37.59 -60.75
CA GLU H 10 -58.12 38.34 -61.84
C GLU H 10 -57.29 37.41 -62.69
N VAL H 11 -57.42 37.55 -64.01
CA VAL H 11 -56.64 36.79 -64.97
C VAL H 11 -55.76 37.76 -65.74
N LYS H 12 -54.58 37.29 -66.14
CA LYS H 12 -53.61 38.13 -66.83
C LYS H 12 -53.05 37.34 -68.02
N LYS H 13 -52.02 37.90 -68.64
CA LYS H 13 -51.37 37.32 -69.80
C LYS H 13 -49.95 36.86 -69.46
N PRO H 14 -49.42 35.86 -70.17
CA PRO H 14 -48.06 35.38 -69.87
C PRO H 14 -46.99 36.37 -70.35
N GLY H 15 -46.70 37.37 -69.53
CA GLY H 15 -45.72 38.38 -69.88
C GLY H 15 -46.26 39.80 -69.80
N SER H 16 -47.29 39.99 -69.00
CA SER H 16 -47.89 41.30 -68.75
C SER H 16 -47.62 41.71 -67.30
N SER H 17 -48.22 42.82 -66.89
CA SER H 17 -48.04 43.37 -65.55
C SER H 17 -49.35 43.31 -64.80
N VAL H 18 -49.37 42.56 -63.70
CA VAL H 18 -50.54 42.46 -62.83
C VAL H 18 -50.42 43.49 -61.72
N LYS H 19 -51.54 44.11 -61.38
CA LYS H 19 -51.58 45.16 -60.36
C LYS H 19 -52.76 44.92 -59.43
N VAL H 20 -52.48 44.46 -58.21
CA VAL H 20 -53.49 44.25 -57.19
C VAL H 20 -53.19 45.19 -56.03
N SER H 21 -54.13 45.25 -55.08
CA SER H 21 -54.03 46.17 -53.97
C SER H 21 -54.44 45.48 -52.68
N CYS H 22 -54.18 46.14 -51.56
CA CYS H 22 -54.55 45.67 -50.23
C CYS H 22 -55.19 46.83 -49.48
N LYS H 23 -56.47 46.68 -49.15
CA LYS H 23 -57.23 47.73 -48.46
C LYS H 23 -57.33 47.42 -46.97
N ALA H 24 -57.31 48.47 -46.16
CA ALA H 24 -57.41 48.37 -44.71
C ALA H 24 -58.64 49.13 -44.23
N SER H 25 -59.39 48.51 -43.33
CA SER H 25 -60.60 49.10 -42.76
C SER H 25 -60.26 49.67 -41.39
N GLY H 26 -60.26 50.99 -41.29
CA GLY H 26 -59.97 51.66 -40.03
C GLY H 26 -58.53 52.16 -39.98
N GLY H 27 -57.84 51.85 -38.89
CA GLY H 27 -56.47 52.27 -38.67
C GLY H 27 -55.58 51.08 -38.39
N THR H 28 -54.59 51.32 -37.52
CA THR H 28 -53.58 50.33 -37.13
C THR H 28 -52.96 49.67 -38.35
N PHE H 29 -52.63 50.51 -39.34
CA PHE H 29 -51.94 50.09 -40.55
C PHE H 29 -50.63 50.82 -40.77
N SER H 30 -50.49 52.03 -40.25
CA SER H 30 -49.29 52.84 -40.42
C SER H 30 -48.26 52.63 -39.32
N SER H 31 -48.41 51.58 -38.51
CA SER H 31 -47.51 51.34 -37.39
C SER H 31 -46.89 49.96 -37.37
N TYR H 32 -47.35 49.03 -38.20
CA TYR H 32 -46.83 47.67 -38.22
C TYR H 32 -46.50 47.26 -39.64
N ALA H 33 -45.60 46.28 -39.75
CA ALA H 33 -45.14 45.83 -41.06
C ALA H 33 -46.22 45.02 -41.75
N ILE H 34 -46.25 45.12 -43.09
CA ILE H 34 -47.20 44.39 -43.92
C ILE H 34 -46.40 43.53 -44.90
N SER H 35 -46.67 42.23 -44.90
CA SER H 35 -46.00 41.28 -45.77
C SER H 35 -47.00 40.69 -46.77
N TRP H 36 -46.50 39.78 -47.61
CA TRP H 36 -47.32 39.13 -48.62
C TRP H 36 -46.97 37.65 -48.64
N VAL H 37 -47.91 36.80 -48.22
CA VAL H 37 -47.72 35.36 -48.17
C VAL H 37 -48.58 34.73 -49.26
N ARG H 38 -47.96 33.87 -50.06
CA ARG H 38 -48.64 33.19 -51.16
C ARG H 38 -48.90 31.73 -50.79
N GLN H 39 -49.81 31.11 -51.54
CA GLN H 39 -50.17 29.71 -51.30
C GLN H 39 -50.61 29.10 -52.61
N ALA H 40 -49.96 28.02 -53.02
CA ALA H 40 -50.28 27.33 -54.26
C ALA H 40 -50.68 25.89 -53.99
N PRO H 41 -51.69 25.37 -54.68
CA PRO H 41 -52.11 23.98 -54.47
C PRO H 41 -51.07 23.02 -55.04
N GLY H 42 -50.48 22.20 -54.18
CA GLY H 42 -49.48 21.25 -54.59
C GLY H 42 -48.18 21.36 -53.82
N GLN H 43 -47.87 22.58 -53.35
CA GLN H 43 -46.65 22.82 -52.60
C GLN H 43 -46.99 23.60 -51.33
N GLY H 44 -45.99 23.93 -50.53
CA GLY H 44 -46.20 24.67 -49.30
C GLY H 44 -46.43 26.15 -49.55
N LEU H 45 -46.33 26.91 -48.47
CA LEU H 45 -46.54 28.36 -48.51
C LEU H 45 -45.19 29.06 -48.54
N GLU H 46 -45.04 29.98 -49.50
CA GLU H 46 -43.83 30.77 -49.64
C GLU H 46 -44.05 32.18 -49.11
N TRP H 47 -42.95 32.91 -48.95
CA TRP H 47 -42.97 34.27 -48.44
C TRP H 47 -42.08 35.13 -49.31
N MET H 48 -42.68 36.16 -49.94
CA MET H 48 -41.93 37.02 -50.84
C MET H 48 -41.13 38.06 -50.07
N GLY H 49 -41.82 38.92 -49.32
CA GLY H 49 -41.14 39.95 -48.55
C GLY H 49 -42.11 40.70 -47.68
N GLY H 50 -41.55 41.52 -46.81
CA GLY H 50 -42.34 42.37 -45.93
C GLY H 50 -41.94 43.82 -46.06
N ILE H 51 -42.94 44.69 -46.05
CA ILE H 51 -42.75 46.12 -46.24
C ILE H 51 -43.19 46.85 -44.99
N ILE H 52 -42.34 47.74 -44.49
CA ILE H 52 -42.66 48.63 -43.38
C ILE H 52 -43.18 49.93 -43.96
N PRO H 53 -44.38 50.38 -43.58
CA PRO H 53 -45.01 51.50 -44.30
C PRO H 53 -44.65 52.87 -43.73
N ILE H 54 -44.20 52.93 -42.48
CA ILE H 54 -43.98 54.22 -41.84
C ILE H 54 -42.70 54.87 -42.37
N LEU H 55 -41.68 54.06 -42.67
CA LEU H 55 -40.42 54.59 -43.20
C LEU H 55 -40.15 54.17 -44.64
N GLY H 56 -40.76 53.07 -45.11
CA GLY H 56 -40.63 52.68 -46.50
C GLY H 56 -39.33 52.00 -46.86
N ILE H 57 -39.06 50.84 -46.25
CA ILE H 57 -37.91 50.02 -46.59
C ILE H 57 -38.41 48.68 -47.10
N ALA H 58 -37.98 48.31 -48.31
CA ALA H 58 -38.34 47.03 -48.90
C ALA H 58 -37.38 45.95 -48.41
N ASN H 59 -37.94 44.83 -47.94
CA ASN H 59 -37.16 43.72 -47.40
C ASN H 59 -37.71 42.44 -48.03
N TYR H 60 -37.09 42.00 -49.11
CA TYR H 60 -37.47 40.78 -49.80
C TYR H 60 -36.58 39.62 -49.32
N ALA H 61 -36.70 38.48 -49.99
CA ALA H 61 -35.92 37.29 -49.68
C ALA H 61 -34.92 37.02 -50.79
N GLN H 62 -34.01 36.08 -50.52
CA GLN H 62 -32.99 35.71 -51.49
C GLN H 62 -33.49 34.73 -52.54
N LYS H 63 -34.63 34.08 -52.31
CA LYS H 63 -35.17 33.15 -53.28
C LYS H 63 -35.96 33.86 -54.39
N PHE H 64 -36.41 35.09 -54.15
CA PHE H 64 -37.12 35.88 -55.13
C PHE H 64 -36.20 36.97 -55.66
N GLN H 65 -36.06 37.04 -56.98
CA GLN H 65 -35.18 38.00 -57.62
C GLN H 65 -35.92 39.34 -57.79
N GLY H 66 -35.28 40.28 -58.47
CA GLY H 66 -35.85 41.60 -58.66
C GLY H 66 -36.88 41.67 -59.77
N ARG H 67 -38.04 41.07 -59.55
CA ARG H 67 -39.13 41.10 -60.52
C ARG H 67 -40.46 41.56 -59.95
N VAL H 68 -40.58 41.73 -58.63
CA VAL H 68 -41.80 42.18 -58.01
C VAL H 68 -41.47 43.34 -57.07
N THR H 69 -42.34 44.36 -57.07
CA THR H 69 -42.18 45.52 -56.20
C THR H 69 -43.48 45.79 -55.46
N ILE H 70 -43.37 46.21 -54.21
CA ILE H 70 -44.52 46.51 -53.36
C ILE H 70 -44.41 47.95 -52.90
N THR H 71 -45.41 48.76 -53.24
CA THR H 71 -45.45 50.17 -52.88
C THR H 71 -46.68 50.44 -52.01
N ALA H 72 -46.48 51.15 -50.91
CA ALA H 72 -47.56 51.51 -50.00
C ALA H 72 -47.69 53.03 -49.91
N ASP H 73 -48.84 53.49 -49.45
CA ASP H 73 -49.13 54.90 -49.28
C ASP H 73 -49.62 55.15 -47.86
N LYS H 74 -49.26 56.30 -47.31
CA LYS H 74 -49.69 56.65 -45.96
C LYS H 74 -50.86 57.63 -45.93
N SER H 75 -51.29 58.13 -47.08
CA SER H 75 -52.43 59.04 -47.10
C SER H 75 -53.76 58.30 -46.97
N THR H 76 -53.91 57.18 -47.67
CA THR H 76 -55.16 56.42 -47.63
C THR H 76 -55.00 55.01 -47.10
N SER H 77 -53.81 54.63 -46.60
CA SER H 77 -53.59 53.34 -45.96
C SER H 77 -53.91 52.19 -46.91
N THR H 78 -53.17 52.16 -48.04
CA THR H 78 -53.39 51.16 -49.07
C THR H 78 -52.05 50.72 -49.63
N ALA H 79 -51.80 49.42 -49.63
CA ALA H 79 -50.59 48.84 -50.20
C ALA H 79 -50.89 48.27 -51.59
N TYR H 80 -49.99 48.52 -52.53
CA TYR H 80 -50.12 48.05 -53.90
C TYR H 80 -49.05 47.01 -54.20
N MET H 81 -49.43 46.00 -54.97
CA MET H 81 -48.53 44.93 -55.39
C MET H 81 -48.46 44.91 -56.91
N GLU H 82 -47.24 45.01 -57.46
CA GLU H 82 -47.03 45.01 -58.90
C GLU H 82 -46.01 43.93 -59.25
N LEU H 83 -46.38 43.05 -60.17
CA LEU H 83 -45.52 41.97 -60.62
C LEU H 83 -45.58 41.88 -62.13
N SER H 84 -44.44 41.57 -62.75
CA SER H 84 -44.33 41.47 -64.20
C SER H 84 -43.69 40.14 -64.57
N SER H 85 -43.71 39.84 -65.87
CA SER H 85 -43.15 38.61 -66.44
C SER H 85 -43.70 37.37 -65.72
N LEU H 86 -45.01 37.21 -65.83
CA LEU H 86 -45.67 36.06 -65.22
C LEU H 86 -45.27 34.78 -65.94
N ARG H 87 -45.14 33.69 -65.17
CA ARG H 87 -44.77 32.40 -65.70
C ARG H 87 -45.92 31.41 -65.46
N SER H 88 -45.68 30.14 -65.81
CA SER H 88 -46.73 29.13 -65.75
C SER H 88 -46.98 28.63 -64.34
N GLU H 89 -46.07 28.86 -63.39
CA GLU H 89 -46.21 28.36 -62.03
C GLU H 89 -46.65 29.45 -61.06
N ASP H 90 -47.19 30.56 -61.57
CA ASP H 90 -47.67 31.65 -60.72
C ASP H 90 -49.17 31.58 -60.45
N THR H 91 -49.81 30.46 -60.79
CA THR H 91 -51.23 30.28 -60.50
C THR H 91 -51.41 29.97 -59.02
N ALA H 92 -51.51 31.02 -58.21
CA ALA H 92 -51.65 30.88 -56.78
C ALA H 92 -52.51 32.03 -56.25
N VAL H 93 -52.59 32.15 -54.93
CA VAL H 93 -53.36 33.20 -54.28
C VAL H 93 -52.47 33.88 -53.25
N TYR H 94 -52.55 35.21 -53.19
CA TYR H 94 -51.74 36.00 -52.27
C TYR H 94 -52.60 36.50 -51.11
N TYR H 95 -51.94 36.76 -49.99
CA TYR H 95 -52.61 37.21 -48.78
C TYR H 95 -51.89 38.42 -48.22
N CYS H 96 -52.66 39.32 -47.61
CA CYS H 96 -52.12 40.54 -47.00
C CYS H 96 -52.00 40.30 -45.51
N ALA H 97 -50.77 40.06 -45.05
CA ALA H 97 -50.50 39.70 -43.66
C ALA H 97 -50.04 40.93 -42.88
N ARG H 98 -49.79 40.73 -41.59
CA ARG H 98 -49.35 41.79 -40.69
C ARG H 98 -48.39 41.22 -39.68
N GLU H 99 -47.36 41.99 -39.34
CA GLU H 99 -46.35 41.59 -38.37
C GLU H 99 -46.60 42.29 -37.05
N ASN H 100 -46.56 41.52 -35.95
CA ASN H 100 -46.72 42.06 -34.60
C ASN H 100 -45.54 41.56 -33.76
N GLY H 101 -44.50 42.39 -33.67
CA GLY H 101 -43.31 41.99 -32.95
C GLY H 101 -43.50 41.96 -31.44
N TYR H 102 -42.62 41.24 -30.78
CA TYR H 102 -42.64 41.11 -29.33
C TYR H 102 -41.21 40.90 -28.84
N SER H 103 -41.07 40.61 -27.55
CA SER H 103 -39.77 40.39 -26.94
C SER H 103 -39.67 38.96 -26.44
N GLY H 104 -38.45 38.45 -26.42
CA GLY H 104 -38.20 37.09 -26.00
C GLY H 104 -36.93 36.55 -26.64
N TYR H 105 -36.62 35.30 -26.28
CA TYR H 105 -35.42 34.67 -26.80
C TYR H 105 -35.59 34.24 -28.25
N GLY H 106 -36.82 33.95 -28.67
CA GLY H 106 -37.07 33.54 -30.04
C GLY H 106 -37.09 34.70 -31.01
N ALA H 107 -38.03 35.63 -30.82
CA ALA H 107 -38.19 36.82 -31.66
C ALA H 107 -38.36 36.43 -33.13
N ALA H 108 -39.44 35.71 -33.40
CA ALA H 108 -39.78 35.27 -34.75
C ALA H 108 -40.97 36.06 -35.26
N ALA H 109 -41.02 36.23 -36.57
CA ALA H 109 -42.09 37.00 -37.21
C ALA H 109 -43.36 36.14 -37.27
N ASN H 110 -44.43 36.63 -36.66
CA ASN H 110 -45.72 35.94 -36.65
C ASN H 110 -46.75 36.76 -37.40
N PHE H 111 -47.73 36.07 -37.97
CA PHE H 111 -48.80 36.69 -38.74
C PHE H 111 -50.11 36.48 -37.99
N ASP H 112 -50.48 37.46 -37.17
CA ASP H 112 -51.73 37.39 -36.42
C ASP H 112 -52.93 37.84 -37.23
N LEU H 113 -52.72 38.78 -38.16
CA LEU H 113 -53.79 39.32 -38.98
C LEU H 113 -53.51 38.97 -40.44
N TRP H 114 -54.53 38.47 -41.13
CA TRP H 114 -54.44 38.07 -42.52
C TRP H 114 -55.48 38.81 -43.35
N GLY H 115 -55.43 38.61 -44.66
CA GLY H 115 -56.35 39.23 -45.59
C GLY H 115 -57.37 38.25 -46.13
N ARG H 116 -58.08 38.71 -47.17
CA ARG H 116 -59.09 37.88 -47.81
C ARG H 116 -58.47 36.90 -48.79
N GLY H 117 -57.78 37.42 -49.81
CA GLY H 117 -57.15 36.58 -50.80
C GLY H 117 -57.44 36.99 -52.22
N THR H 118 -56.40 37.14 -53.03
CA THR H 118 -56.53 37.54 -54.43
C THR H 118 -56.02 36.39 -55.30
N LEU H 119 -56.93 35.66 -55.92
CA LEU H 119 -56.59 34.53 -56.78
C LEU H 119 -56.17 35.06 -58.15
N VAL H 120 -54.88 34.96 -58.46
CA VAL H 120 -54.33 35.44 -59.72
C VAL H 120 -53.88 34.21 -60.52
N THR H 121 -54.59 33.93 -61.60
CA THR H 121 -54.26 32.82 -62.49
C THR H 121 -53.83 33.37 -63.86
N VAL H 122 -52.86 32.69 -64.46
CA VAL H 122 -52.31 33.09 -65.76
C VAL H 122 -52.06 31.85 -66.59
N SER H 123 -52.56 31.84 -67.81
CA SER H 123 -52.36 30.73 -68.74
C SER H 123 -52.67 31.21 -70.15
N SER H 124 -52.72 30.28 -71.09
CA SER H 124 -53.06 30.59 -72.47
C SER H 124 -54.57 30.52 -72.64
N ALA H 125 -55.05 30.54 -73.89
CA ALA H 125 -56.47 30.47 -74.21
C ALA H 125 -57.24 31.59 -73.50
N SER H 126 -56.92 32.82 -73.93
CA SER H 126 -57.40 34.02 -73.26
C SER H 126 -58.88 34.23 -73.57
N THR H 127 -59.41 35.39 -73.18
CA THR H 127 -60.84 35.66 -73.26
C THR H 127 -61.29 35.74 -74.72
N LYS H 128 -62.35 35.01 -75.04
CA LYS H 128 -62.96 35.03 -76.36
C LYS H 128 -64.47 34.94 -76.19
N GLY H 129 -65.18 34.81 -77.30
CA GLY H 129 -66.62 34.71 -77.28
C GLY H 129 -67.10 33.33 -76.89
N PRO H 130 -68.01 33.27 -75.91
CA PRO H 130 -68.53 31.97 -75.49
C PRO H 130 -69.55 31.41 -76.47
N SER H 131 -69.61 30.08 -76.52
CA SER H 131 -70.51 29.37 -77.42
C SER H 131 -71.43 28.48 -76.59
N VAL H 132 -72.73 28.62 -76.82
CA VAL H 132 -73.75 27.87 -76.09
C VAL H 132 -74.40 26.88 -77.06
N PHE H 133 -74.54 25.63 -76.61
CA PHE H 133 -75.18 24.59 -77.40
C PHE H 133 -76.33 23.99 -76.59
N PRO H 134 -77.56 24.02 -77.08
CA PRO H 134 -78.68 23.42 -76.34
C PRO H 134 -78.68 21.90 -76.45
N LEU H 135 -79.54 21.28 -75.65
CA LEU H 135 -79.63 19.83 -75.56
C LEU H 135 -81.09 19.44 -75.42
N ALA H 136 -81.52 18.48 -76.25
CA ALA H 136 -82.91 18.03 -76.26
C ALA H 136 -83.00 16.53 -76.06
N PRO H 137 -83.98 16.05 -75.30
CA PRO H 137 -84.13 14.61 -75.10
C PRO H 137 -84.74 13.91 -76.30
N SER H 138 -84.48 12.62 -76.39
CA SER H 138 -84.97 11.78 -77.47
C SER H 138 -86.04 10.82 -76.94
N SER H 139 -86.69 10.12 -77.87
CA SER H 139 -87.71 9.15 -77.51
C SER H 139 -87.14 7.87 -76.94
N LYS H 140 -85.88 7.55 -77.24
CA LYS H 140 -85.27 6.33 -76.71
C LYS H 140 -84.67 6.55 -75.33
N SER H 141 -84.18 7.76 -75.05
CA SER H 141 -83.58 8.05 -73.74
C SER H 141 -84.62 8.42 -72.68
N THR H 142 -85.88 8.56 -73.07
CA THR H 142 -86.95 8.92 -72.13
C THR H 142 -87.95 7.77 -72.09
N SER H 143 -87.80 6.90 -71.09
CA SER H 143 -88.69 5.76 -70.91
C SER H 143 -89.80 6.02 -69.90
N GLY H 144 -89.61 6.96 -68.97
CA GLY H 144 -90.58 7.28 -67.97
C GLY H 144 -91.24 8.63 -68.20
N GLY H 145 -91.73 9.20 -67.10
CA GLY H 145 -92.39 10.50 -67.16
C GLY H 145 -91.49 11.65 -66.79
N THR H 146 -90.18 11.45 -66.92
CA THR H 146 -89.20 12.49 -66.59
C THR H 146 -88.14 12.54 -67.68
N ALA H 147 -87.85 13.76 -68.14
CA ALA H 147 -86.87 13.99 -69.19
C ALA H 147 -85.76 14.90 -68.67
N ALA H 148 -84.55 14.67 -69.17
CA ALA H 148 -83.38 15.45 -68.80
C ALA H 148 -82.89 16.23 -70.02
N LEU H 149 -82.70 17.54 -69.84
CA LEU H 149 -82.22 18.39 -70.92
C LEU H 149 -81.58 19.62 -70.30
N GLY H 150 -80.74 20.29 -71.09
CA GLY H 150 -80.08 21.50 -70.64
C GLY H 150 -79.32 22.22 -71.73
N CYS H 151 -78.29 22.96 -71.34
CA CYS H 151 -77.47 23.70 -72.29
CA CYS H 151 -77.47 23.72 -72.28
C CYS H 151 -76.00 23.45 -71.99
N LEU H 152 -75.20 23.45 -73.04
CA LEU H 152 -73.76 23.19 -72.95
C LEU H 152 -73.00 24.47 -73.30
N VAL H 153 -72.11 24.89 -72.41
CA VAL H 153 -71.31 26.08 -72.60
C VAL H 153 -69.89 25.66 -72.98
N LYS H 154 -69.44 26.06 -74.16
CA LYS H 154 -68.13 25.71 -74.67
C LYS H 154 -67.40 26.97 -75.14
N ASP H 155 -66.07 26.89 -75.11
CA ASP H 155 -65.20 27.94 -75.63
C ASP H 155 -65.43 29.27 -74.90
N TYR H 156 -65.33 29.23 -73.58
CA TYR H 156 -65.52 30.39 -72.74
C TYR H 156 -64.31 30.60 -71.83
N PHE H 157 -64.04 31.86 -71.51
CA PHE H 157 -62.91 32.26 -70.67
C PHE H 157 -63.11 33.71 -70.27
N PRO H 158 -62.83 34.09 -69.02
CA PRO H 158 -62.40 33.23 -67.91
C PRO H 158 -63.51 32.91 -66.92
N GLU H 159 -63.15 32.26 -65.81
CA GLU H 159 -64.07 31.98 -64.72
C GLU H 159 -64.35 33.25 -63.92
N PRO H 160 -65.52 33.33 -63.26
CA PRO H 160 -66.62 32.36 -63.28
C PRO H 160 -67.74 32.75 -64.24
N VAL H 161 -68.62 31.79 -64.53
CA VAL H 161 -69.78 32.02 -65.39
C VAL H 161 -70.97 31.34 -64.76
N THR H 162 -72.01 32.12 -64.46
CA THR H 162 -73.23 31.59 -63.88
C THR H 162 -74.23 31.21 -64.97
N VAL H 163 -75.12 30.29 -64.62
CA VAL H 163 -76.18 29.83 -65.52
C VAL H 163 -77.51 29.97 -64.81
N SER H 164 -78.47 30.62 -65.47
CA SER H 164 -79.80 30.83 -64.93
C SER H 164 -80.84 30.18 -65.84
N TRP H 165 -81.99 29.85 -65.24
CA TRP H 165 -83.09 29.22 -65.96
C TRP H 165 -84.33 30.09 -65.77
N ASN H 166 -84.80 30.70 -66.87
CA ASN H 166 -85.97 31.57 -66.86
C ASN H 166 -85.78 32.73 -65.88
N SER H 167 -84.60 33.33 -65.92
CA SER H 167 -84.26 34.48 -65.08
C SER H 167 -84.41 34.15 -63.58
N GLY H 168 -84.04 32.92 -63.22
CA GLY H 168 -84.09 32.52 -61.82
C GLY H 168 -85.45 32.07 -61.35
N ALA H 169 -86.29 31.55 -62.24
CA ALA H 169 -87.62 31.09 -61.87
C ALA H 169 -87.68 29.59 -61.59
N LEU H 170 -86.78 28.81 -62.18
CA LEU H 170 -86.74 27.36 -61.99
C LEU H 170 -85.62 27.06 -61.01
N THR H 171 -85.98 26.66 -59.78
CA THR H 171 -85.01 26.34 -58.75
C THR H 171 -85.02 24.88 -58.34
N SER H 172 -86.01 24.10 -58.75
CA SER H 172 -86.14 22.70 -58.37
C SER H 172 -85.51 21.82 -59.43
N GLY H 173 -84.48 21.06 -59.05
CA GLY H 173 -83.82 20.15 -59.96
C GLY H 173 -82.69 20.76 -60.77
N VAL H 174 -82.20 21.93 -60.39
CA VAL H 174 -81.13 22.59 -61.12
C VAL H 174 -79.79 22.21 -60.50
N HIS H 175 -78.79 21.99 -61.35
CA HIS H 175 -77.45 21.64 -60.90
C HIS H 175 -76.43 22.28 -61.83
N THR H 176 -75.37 22.83 -61.24
CA THR H 176 -74.30 23.48 -61.98
C THR H 176 -73.04 22.65 -61.87
N PHE H 177 -72.57 22.13 -63.01
CA PHE H 177 -71.37 21.31 -63.02
C PHE H 177 -70.11 22.18 -63.02
N PRO H 178 -69.04 21.74 -62.35
CA PRO H 178 -67.81 22.52 -62.33
C PRO H 178 -67.06 22.50 -63.65
N ALA H 179 -65.98 23.26 -63.74
CA ALA H 179 -65.19 23.33 -64.96
C ALA H 179 -64.07 22.27 -64.93
N VAL H 180 -63.28 22.24 -65.99
CA VAL H 180 -62.17 21.29 -66.11
C VAL H 180 -61.09 21.91 -66.98
N LEU H 181 -59.84 21.67 -66.62
CA LEU H 181 -58.71 22.11 -67.43
C LEU H 181 -58.61 21.28 -68.69
N GLN H 182 -58.36 21.94 -69.81
CA GLN H 182 -58.18 21.28 -71.11
C GLN H 182 -56.70 21.29 -71.48
N SER H 183 -56.36 20.46 -72.47
CA SER H 183 -55.00 20.42 -72.98
C SER H 183 -54.58 21.75 -73.60
N SER H 184 -55.54 22.53 -74.09
CA SER H 184 -55.27 23.87 -74.61
C SER H 184 -55.40 24.94 -73.56
N GLY H 185 -55.75 24.59 -72.33
CA GLY H 185 -55.92 25.56 -71.26
C GLY H 185 -57.26 26.25 -71.25
N LEU H 186 -58.35 25.50 -71.43
CA LEU H 186 -59.68 26.06 -71.49
C LEU H 186 -60.60 25.27 -70.56
N TYR H 187 -61.74 25.88 -70.22
CA TYR H 187 -62.70 25.30 -69.30
C TYR H 187 -64.00 24.99 -70.01
N SER H 188 -64.81 24.14 -69.38
CA SER H 188 -66.11 23.76 -69.93
C SER H 188 -66.98 23.24 -68.78
N LEU H 189 -68.25 23.65 -68.77
CA LEU H 189 -69.19 23.23 -67.75
C LEU H 189 -70.52 22.90 -68.42
N SER H 190 -71.43 22.31 -67.64
CA SER H 190 -72.73 21.91 -68.15
C SER H 190 -73.77 22.12 -67.07
N SER H 191 -75.05 22.05 -67.48
CA SER H 191 -76.16 22.18 -66.56
C SER H 191 -77.36 21.46 -67.15
N VAL H 192 -78.03 20.63 -66.35
CA VAL H 192 -79.15 19.83 -66.80
C VAL H 192 -80.24 19.88 -65.74
N VAL H 193 -81.48 19.99 -66.17
CA VAL H 193 -82.64 20.05 -65.28
C VAL H 193 -83.63 18.96 -65.68
N THR H 194 -84.18 18.27 -64.69
CA THR H 194 -85.16 17.22 -64.93
C THR H 194 -86.56 17.80 -64.82
N VAL H 195 -87.32 17.73 -65.91
CA VAL H 195 -88.68 18.24 -65.95
C VAL H 195 -89.60 17.14 -66.46
N PRO H 196 -90.88 17.14 -66.09
CA PRO H 196 -91.81 16.13 -66.61
C PRO H 196 -92.04 16.32 -68.11
N SER H 197 -92.43 15.23 -68.76
CA SER H 197 -92.65 15.24 -70.19
C SER H 197 -93.93 15.96 -70.60
N SER H 198 -94.85 16.19 -69.66
CA SER H 198 -96.10 16.86 -69.99
C SER H 198 -95.91 18.37 -70.20
N SER H 199 -94.84 18.94 -69.65
CA SER H 199 -94.56 20.36 -69.80
C SER H 199 -93.50 20.64 -70.86
N LEU H 200 -93.25 19.68 -71.76
CA LEU H 200 -92.23 19.86 -72.78
C LEU H 200 -92.77 20.64 -73.98
N GLY H 201 -94.04 20.42 -74.34
CA GLY H 201 -94.64 21.07 -75.47
C GLY H 201 -95.48 22.29 -75.15
N THR H 202 -95.50 22.73 -73.90
CA THR H 202 -96.28 23.90 -73.49
C THR H 202 -95.43 25.01 -72.92
N GLN H 203 -94.46 24.68 -72.08
CA GLN H 203 -93.60 25.68 -71.44
C GLN H 203 -92.19 25.57 -72.03
N THR H 204 -91.67 26.71 -72.47
CA THR H 204 -90.36 26.75 -73.12
C THR H 204 -89.26 27.06 -72.11
N TYR H 205 -88.10 26.44 -72.31
CA TYR H 205 -86.93 26.65 -71.47
C TYR H 205 -85.88 27.43 -72.23
N ILE H 206 -85.13 28.27 -71.50
CA ILE H 206 -84.12 29.14 -72.08
C ILE H 206 -82.97 29.28 -71.08
N CYS H 207 -81.74 29.11 -71.57
CA CYS H 207 -80.56 29.26 -70.74
CA CYS H 207 -80.56 29.26 -70.74
C CYS H 207 -79.99 30.66 -70.90
N ASN H 208 -79.71 31.32 -69.78
CA ASN H 208 -79.14 32.66 -69.75
C ASN H 208 -77.71 32.57 -69.22
N VAL H 209 -76.73 32.66 -70.13
CA VAL H 209 -75.33 32.63 -69.76
C VAL H 209 -74.85 34.06 -69.58
N ASN H 210 -74.33 34.37 -68.39
CA ASN H 210 -73.84 35.70 -68.05
C ASN H 210 -72.34 35.65 -67.79
N HIS H 211 -71.62 36.64 -68.31
CA HIS H 211 -70.17 36.72 -68.15
C HIS H 211 -69.82 38.17 -67.83
N LYS H 212 -69.42 38.43 -66.59
CA LYS H 212 -69.16 39.79 -66.13
C LYS H 212 -67.82 40.33 -66.65
N PRO H 213 -66.72 39.57 -66.59
CA PRO H 213 -65.45 40.13 -67.09
C PRO H 213 -65.40 40.29 -68.60
N SER H 214 -66.25 39.56 -69.35
CA SER H 214 -66.28 39.66 -70.80
C SER H 214 -67.44 40.51 -71.32
N ASN H 215 -68.42 40.81 -70.47
CA ASN H 215 -69.57 41.64 -70.84
C ASN H 215 -70.30 41.04 -72.05
N THR H 216 -70.58 39.75 -71.99
CA THR H 216 -71.35 39.06 -73.01
C THR H 216 -72.50 38.31 -72.35
N LYS H 217 -73.72 38.62 -72.77
CA LYS H 217 -74.93 37.99 -72.24
C LYS H 217 -75.73 37.46 -73.43
N VAL H 218 -75.58 36.17 -73.73
CA VAL H 218 -76.20 35.55 -74.89
C VAL H 218 -77.23 34.54 -74.42
N ASP H 219 -78.48 34.75 -74.80
CA ASP H 219 -79.57 33.85 -74.46
C ASP H 219 -79.87 32.95 -75.66
N LYS H 220 -80.17 31.68 -75.38
CA LYS H 220 -80.43 30.70 -76.43
C LYS H 220 -81.57 29.80 -76.01
N LYS H 221 -82.49 29.53 -76.94
CA LYS H 221 -83.65 28.70 -76.68
C LYS H 221 -83.34 27.24 -77.01
N VAL H 222 -84.17 26.35 -76.47
CA VAL H 222 -84.04 24.91 -76.67
C VAL H 222 -85.30 24.40 -77.35
N GLU H 223 -85.12 23.48 -78.30
CA GLU H 223 -86.23 22.87 -79.01
C GLU H 223 -86.04 21.36 -79.07
N PRO H 224 -87.12 20.60 -78.92
CA PRO H 224 -87.00 19.13 -78.98
C PRO H 224 -86.70 18.65 -80.39
N LYS H 225 -86.12 17.45 -80.47
CA LYS H 225 -85.81 16.84 -81.75
C LYS H 225 -87.09 16.31 -82.41
N SER H 226 -87.10 16.33 -83.73
CA SER H 226 -88.24 15.89 -84.51
C SER H 226 -88.11 14.47 -85.05
N CYS H 227 -86.88 13.97 -85.22
CA CYS H 227 -86.68 12.64 -85.77
C CYS H 227 -86.64 11.56 -84.69
N ASP H 228 -86.05 11.85 -83.54
CA ASP H 228 -85.99 10.89 -82.44
C ASP H 228 -86.42 11.52 -81.12
N SER I 2 -39.16 22.87 -48.44
CA SER I 2 -37.74 23.07 -48.70
C SER I 2 -36.89 22.53 -47.54
N VAL I 3 -36.54 23.40 -46.61
CA VAL I 3 -35.73 23.00 -45.45
C VAL I 3 -36.58 22.36 -44.35
N LEU I 4 -37.90 22.51 -44.42
CA LEU I 4 -38.81 21.98 -43.41
C LEU I 4 -39.65 20.88 -44.05
N THR I 5 -39.60 19.68 -43.48
CA THR I 5 -40.36 18.53 -43.96
C THR I 5 -41.46 18.18 -42.96
N GLN I 6 -42.51 17.56 -43.49
CA GLN I 6 -43.67 17.20 -42.68
C GLN I 6 -44.26 15.90 -43.22
N PRO I 7 -44.91 15.10 -42.37
CA PRO I 7 -45.54 13.88 -42.87
C PRO I 7 -46.71 14.22 -43.77
N PRO I 8 -47.00 13.37 -44.76
CA PRO I 8 -48.09 13.70 -45.70
C PRO I 8 -49.47 13.49 -45.11
N SER I 9 -49.61 12.52 -44.20
CA SER I 9 -50.91 12.21 -43.62
C SER I 9 -50.71 11.54 -42.27
N VAL I 10 -51.70 11.71 -41.40
CA VAL I 10 -51.69 11.12 -40.06
C VAL I 10 -53.10 10.63 -39.73
N SER I 11 -53.18 9.48 -39.07
CA SER I 11 -54.45 8.89 -38.66
C SER I 11 -54.68 9.13 -37.17
N GLY I 12 -55.96 9.23 -36.81
CA GLY I 12 -56.33 9.45 -35.42
C GLY I 12 -57.74 8.98 -35.16
N ALA I 13 -58.10 8.96 -33.87
CA ALA I 13 -59.42 8.54 -33.44
C ALA I 13 -60.14 9.69 -32.75
N PRO I 14 -61.47 9.78 -32.92
CA PRO I 14 -62.21 10.88 -32.29
C PRO I 14 -62.39 10.67 -30.79
N GLY I 15 -61.39 11.07 -30.01
CA GLY I 15 -61.45 10.92 -28.57
C GLY I 15 -60.11 10.61 -27.93
N GLN I 16 -59.09 10.36 -28.75
CA GLN I 16 -57.75 10.10 -28.27
C GLN I 16 -56.85 11.30 -28.56
N ARG I 17 -55.59 11.18 -28.16
CA ARG I 17 -54.62 12.26 -28.35
C ARG I 17 -53.85 12.04 -29.65
N VAL I 18 -53.83 13.05 -30.50
CA VAL I 18 -53.15 13.00 -31.78
C VAL I 18 -52.04 14.04 -31.77
N THR I 19 -50.81 13.60 -32.01
CA THR I 19 -49.64 14.45 -31.96
C THR I 19 -49.00 14.54 -33.34
N ILE I 20 -48.33 15.67 -33.60
CA ILE I 20 -47.64 15.92 -34.86
C ILE I 20 -46.29 16.56 -34.56
N SER I 21 -45.36 16.37 -35.48
CA SER I 21 -43.99 16.83 -35.32
C SER I 21 -43.55 17.61 -36.54
N CYS I 22 -42.64 18.56 -36.33
CA CYS I 22 -42.03 19.33 -37.41
C CYS I 22 -40.52 19.28 -37.24
N THR I 23 -39.82 18.76 -38.25
CA THR I 23 -38.37 18.59 -38.19
C THR I 23 -37.73 19.44 -39.27
N GLY I 24 -36.68 20.17 -38.89
CA GLY I 24 -35.96 21.01 -39.82
C GLY I 24 -34.45 20.90 -39.67
N SER I 25 -33.78 22.04 -39.54
CA SER I 25 -32.34 22.08 -39.38
C SER I 25 -32.00 22.72 -38.03
N SER I 26 -30.69 22.91 -37.79
CA SER I 26 -30.20 23.50 -36.57
C SER I 26 -29.97 25.01 -36.68
N SER I 27 -30.51 25.64 -37.72
CA SER I 27 -30.33 27.07 -37.94
C SER I 27 -31.63 27.86 -37.99
N ASN I 28 -32.78 27.20 -38.11
CA ASN I 28 -34.07 27.87 -38.19
C ASN I 28 -34.98 27.54 -37.01
N ILE I 29 -35.06 26.27 -36.61
CA ILE I 29 -35.88 25.87 -35.49
C ILE I 29 -35.03 25.52 -34.26
N GLY I 30 -33.89 24.86 -34.46
CA GLY I 30 -33.01 24.52 -33.37
C GLY I 30 -32.06 25.61 -32.92
N ALA I 31 -32.01 26.73 -33.64
CA ALA I 31 -31.10 27.81 -33.26
C ALA I 31 -31.62 28.59 -32.07
N GLY I 32 -32.93 28.67 -31.89
CA GLY I 32 -33.51 29.40 -30.77
C GLY I 32 -34.74 30.19 -31.15
N TYR I 33 -35.08 30.21 -32.44
CA TYR I 33 -36.24 30.95 -32.90
C TYR I 33 -37.53 30.25 -32.50
N ASP I 34 -38.57 31.04 -32.26
CA ASP I 34 -39.87 30.49 -31.92
C ASP I 34 -40.58 29.96 -33.16
N VAL I 35 -41.49 29.02 -32.94
CA VAL I 35 -42.25 28.40 -34.01
C VAL I 35 -43.68 28.92 -33.97
N HIS I 36 -44.34 28.90 -35.13
CA HIS I 36 -45.72 29.35 -35.26
C HIS I 36 -46.50 28.32 -36.06
N TRP I 37 -47.64 27.88 -35.53
CA TRP I 37 -48.49 26.89 -36.18
C TRP I 37 -49.74 27.58 -36.74
N TYR I 38 -50.11 27.18 -37.95
CA TYR I 38 -51.27 27.75 -38.63
C TYR I 38 -52.17 26.64 -39.11
N GLN I 39 -53.43 27.00 -39.39
CA GLN I 39 -54.44 26.08 -39.88
C GLN I 39 -54.95 26.58 -41.22
N GLN I 40 -54.83 25.75 -42.25
CA GLN I 40 -55.20 26.12 -43.62
C GLN I 40 -56.50 25.40 -43.97
N LEU I 41 -57.62 26.09 -43.76
CA LEU I 41 -58.93 25.53 -44.11
C LEU I 41 -59.21 25.75 -45.59
N PRO I 42 -59.60 24.72 -46.33
CA PRO I 42 -59.86 24.88 -47.77
C PRO I 42 -61.17 25.61 -48.04
N GLY I 43 -61.12 26.94 -48.06
CA GLY I 43 -62.31 27.73 -48.30
C GLY I 43 -62.37 29.02 -47.51
N THR I 44 -61.38 29.26 -46.66
CA THR I 44 -61.28 30.51 -45.93
C THR I 44 -59.81 30.84 -45.69
N ALA I 45 -59.56 32.04 -45.19
CA ALA I 45 -58.19 32.48 -44.96
C ALA I 45 -57.66 31.89 -43.66
N PRO I 46 -56.37 31.55 -43.60
CA PRO I 46 -55.80 31.02 -42.36
C PRO I 46 -55.66 32.10 -41.31
N LYS I 47 -55.77 31.70 -40.06
CA LYS I 47 -55.68 32.59 -38.91
C LYS I 47 -54.53 32.14 -38.00
N LEU I 48 -54.33 32.89 -36.92
CA LEU I 48 -53.28 32.57 -35.94
C LEU I 48 -53.84 31.66 -34.87
N LEU I 49 -53.09 30.60 -34.56
CA LEU I 49 -53.49 29.65 -33.53
C LEU I 49 -52.68 29.78 -32.25
N ILE I 50 -51.35 29.75 -32.35
CA ILE I 50 -50.48 29.86 -31.19
C ILE I 50 -49.13 30.41 -31.64
N TYR I 51 -48.60 31.37 -30.88
CA TYR I 51 -47.32 31.99 -31.16
C TYR I 51 -46.41 31.82 -29.97
N GLY I 52 -45.16 31.41 -30.22
CA GLY I 52 -44.18 31.23 -29.18
C GLY I 52 -44.34 29.98 -28.35
N ASN I 53 -45.40 29.19 -28.58
CA ASN I 53 -45.68 27.95 -27.85
C ASN I 53 -45.82 28.18 -26.34
N SER I 54 -46.07 29.41 -25.92
CA SER I 54 -46.26 29.71 -24.51
C SER I 54 -47.45 30.59 -24.20
N ASN I 55 -47.97 31.35 -25.16
CA ASN I 55 -49.11 32.24 -24.94
C ASN I 55 -50.33 31.73 -25.69
N ARG I 56 -51.48 32.28 -25.34
CA ARG I 56 -52.75 31.90 -25.95
C ARG I 56 -53.44 33.14 -26.52
N PRO I 57 -53.66 33.23 -27.83
CA PRO I 57 -54.37 34.38 -28.39
C PRO I 57 -55.84 34.35 -28.04
N SER I 58 -56.53 35.43 -28.40
CA SER I 58 -57.96 35.56 -28.12
C SER I 58 -58.76 34.91 -29.24
N GLY I 59 -59.70 34.04 -28.87
CA GLY I 59 -60.56 33.37 -29.82
C GLY I 59 -60.19 31.95 -30.14
N VAL I 60 -59.12 31.41 -29.54
CA VAL I 60 -58.69 30.04 -29.81
C VAL I 60 -58.99 29.18 -28.59
N PRO I 61 -59.43 27.94 -28.77
CA PRO I 61 -59.62 27.05 -27.62
C PRO I 61 -58.28 26.67 -26.99
N ASP I 62 -58.36 26.16 -25.77
CA ASP I 62 -57.19 25.76 -25.01
C ASP I 62 -56.82 24.29 -25.22
N ARG I 63 -57.43 23.63 -26.20
CA ARG I 63 -57.12 22.23 -26.48
C ARG I 63 -55.82 22.05 -27.25
N PHE I 64 -55.33 23.11 -27.90
CA PHE I 64 -54.07 23.03 -28.63
C PHE I 64 -52.90 23.24 -27.67
N SER I 65 -51.89 22.37 -27.77
CA SER I 65 -50.71 22.45 -26.92
C SER I 65 -49.47 22.40 -27.80
N GLY I 66 -48.61 23.40 -27.67
CA GLY I 66 -47.39 23.49 -28.45
C GLY I 66 -46.17 23.43 -27.54
N SER I 67 -45.14 22.70 -27.99
CA SER I 67 -43.92 22.55 -27.22
C SER I 67 -42.75 22.40 -28.19
N LYS I 68 -41.56 22.69 -27.69
CA LYS I 68 -40.32 22.60 -28.47
C LYS I 68 -39.36 21.69 -27.72
N SER I 69 -39.12 20.50 -28.27
CA SER I 69 -38.22 19.51 -27.67
C SER I 69 -36.91 19.56 -28.45
N GLY I 70 -36.03 20.48 -28.06
CA GLY I 70 -34.74 20.61 -28.71
C GLY I 70 -34.82 21.23 -30.08
N THR I 71 -34.60 20.43 -31.11
CA THR I 71 -34.56 20.91 -32.48
C THR I 71 -35.89 20.68 -33.21
N SER I 72 -36.86 20.06 -32.57
CA SER I 72 -38.15 19.77 -33.19
C SER I 72 -39.27 20.31 -32.32
N ALA I 73 -40.34 20.74 -33.00
CA ALA I 73 -41.54 21.24 -32.34
C ALA I 73 -42.66 20.21 -32.44
N SER I 74 -43.58 20.25 -31.47
CA SER I 74 -44.66 19.28 -31.41
C SER I 74 -45.97 20.00 -31.15
N LEU I 75 -47.04 19.46 -31.73
CA LEU I 75 -48.40 19.96 -31.52
C LEU I 75 -49.29 18.79 -31.14
N ALA I 76 -49.95 18.90 -29.99
CA ALA I 76 -50.80 17.84 -29.48
C ALA I 76 -52.21 18.38 -29.26
N ILE I 77 -53.21 17.62 -29.69
CA ILE I 77 -54.61 17.98 -29.53
C ILE I 77 -55.32 16.87 -28.77
N THR I 78 -56.47 17.22 -28.19
CA THR I 78 -57.28 16.28 -27.42
C THR I 78 -58.73 16.40 -27.90
N GLY I 79 -59.21 15.36 -28.58
CA GLY I 79 -60.56 15.34 -29.08
C GLY I 79 -60.66 15.87 -30.50
N LEU I 80 -61.28 15.09 -31.39
CA LEU I 80 -61.45 15.46 -32.78
C LEU I 80 -62.90 15.92 -33.00
N GLN I 81 -63.07 17.21 -33.24
CA GLN I 81 -64.39 17.79 -33.46
C GLN I 81 -64.68 17.81 -34.97
N ALA I 82 -65.73 18.54 -35.37
CA ALA I 82 -66.17 18.60 -36.75
C ALA I 82 -65.61 19.79 -37.51
N GLU I 83 -64.44 20.30 -37.11
CA GLU I 83 -63.80 21.41 -37.81
C GLU I 83 -62.31 21.18 -38.02
N ASP I 84 -61.82 19.95 -37.80
CA ASP I 84 -60.40 19.63 -37.96
C ASP I 84 -60.08 19.07 -39.34
N GLU I 85 -60.87 19.42 -40.35
CA GLU I 85 -60.63 18.99 -41.73
C GLU I 85 -59.84 20.06 -42.48
N ALA I 86 -58.62 20.31 -42.00
CA ALA I 86 -57.76 21.31 -42.59
C ALA I 86 -56.33 20.78 -42.57
N ASP I 87 -55.37 21.65 -42.89
CA ASP I 87 -53.96 21.30 -42.93
C ASP I 87 -53.20 22.10 -41.87
N TYR I 88 -52.21 21.46 -41.27
CA TYR I 88 -51.37 22.08 -40.26
C TYR I 88 -49.97 22.31 -40.83
N TYR I 89 -49.48 23.54 -40.70
CA TYR I 89 -48.16 23.91 -41.18
C TYR I 89 -47.31 24.37 -40.01
N CYS I 90 -46.00 24.13 -40.11
CA CYS I 90 -45.04 24.61 -39.12
C CYS I 90 -44.17 25.68 -39.77
N GLN I 91 -44.16 26.87 -39.16
CA GLN I 91 -43.47 28.02 -39.71
C GLN I 91 -42.40 28.50 -38.74
N SER I 92 -41.20 28.72 -39.25
CA SER I 92 -40.09 29.19 -38.43
C SER I 92 -39.22 30.12 -39.27
N TYR I 93 -38.55 31.05 -38.58
CA TYR I 93 -37.68 32.01 -39.25
C TYR I 93 -36.34 31.35 -39.55
N ASP I 94 -35.98 31.29 -40.83
CA ASP I 94 -34.73 30.69 -41.27
C ASP I 94 -33.73 31.78 -41.64
N SER I 95 -32.50 31.64 -41.18
CA SER I 95 -31.45 32.60 -41.49
C SER I 95 -30.77 32.32 -42.83
N SER I 96 -30.76 31.06 -43.27
CA SER I 96 -30.14 30.74 -44.56
C SER I 96 -30.98 31.24 -45.72
N LEU I 97 -32.31 31.30 -45.56
CA LEU I 97 -33.20 31.85 -46.57
C LEU I 97 -33.50 33.33 -46.35
N SER I 98 -33.09 33.89 -45.21
CA SER I 98 -33.31 35.30 -44.87
C SER I 98 -34.80 35.65 -44.91
N GLY I 99 -35.57 34.90 -44.14
CA GLY I 99 -36.99 35.12 -44.06
C GLY I 99 -37.70 33.92 -43.45
N SER I 100 -39.02 34.01 -43.42
CA SER I 100 -39.86 32.96 -42.87
C SER I 100 -40.22 31.94 -43.95
N VAL I 101 -40.16 30.66 -43.59
CA VAL I 101 -40.47 29.57 -44.50
C VAL I 101 -41.45 28.62 -43.81
N PHE I 102 -42.44 28.16 -44.57
CA PHE I 102 -43.45 27.26 -44.03
C PHE I 102 -43.02 25.81 -44.25
N GLY I 103 -43.85 24.88 -43.77
CA GLY I 103 -43.57 23.46 -43.86
C GLY I 103 -44.28 22.82 -45.03
N GLY I 104 -44.47 21.51 -44.92
CA GLY I 104 -45.13 20.74 -45.96
C GLY I 104 -46.64 20.71 -45.82
N GLY I 105 -47.12 20.33 -44.64
CA GLY I 105 -48.56 20.28 -44.40
C GLY I 105 -49.11 18.88 -44.33
N THR I 106 -49.88 18.60 -43.27
CA THR I 106 -50.49 17.29 -43.06
C THR I 106 -52.00 17.41 -43.21
N LYS I 107 -52.60 16.42 -43.85
CA LYS I 107 -54.05 16.43 -44.05
C LYS I 107 -54.74 15.86 -42.83
N LEU I 108 -55.87 16.44 -42.47
CA LEU I 108 -56.61 15.93 -41.33
C LEU I 108 -58.06 15.75 -41.75
N THR I 109 -58.45 14.52 -42.07
CA THR I 109 -59.81 14.27 -42.54
C THR I 109 -60.29 12.87 -42.20
N VAL I 110 -61.45 12.49 -42.72
CA VAL I 110 -62.01 11.18 -42.44
C VAL I 110 -62.76 10.62 -43.64
N LEU I 111 -63.18 9.36 -43.57
CA LEU I 111 -63.89 8.74 -44.68
C LEU I 111 -65.24 9.40 -44.93
N GLY I 112 -66.27 8.98 -44.20
CA GLY I 112 -67.59 9.52 -44.42
C GLY I 112 -68.06 9.37 -45.85
N GLN I 113 -67.56 8.34 -46.54
CA GLN I 113 -67.93 8.14 -47.93
C GLN I 113 -68.36 6.70 -48.20
N PRO I 114 -69.57 6.34 -47.75
CA PRO I 114 -70.09 4.99 -47.97
C PRO I 114 -70.37 4.73 -49.45
N LYS I 115 -70.59 3.47 -49.82
CA LYS I 115 -70.81 3.16 -51.23
C LYS I 115 -72.28 3.31 -51.59
N ALA I 116 -72.54 3.43 -52.89
CA ALA I 116 -73.88 3.57 -53.41
C ALA I 116 -73.92 2.98 -54.82
N ALA I 117 -75.02 3.25 -55.53
CA ALA I 117 -75.18 2.76 -56.89
C ALA I 117 -75.21 3.94 -57.86
N PRO I 118 -74.35 3.97 -58.86
CA PRO I 118 -74.33 5.11 -59.78
C PRO I 118 -75.35 4.98 -60.89
N SER I 119 -75.56 6.07 -61.60
CA SER I 119 -76.48 6.12 -62.73
C SER I 119 -75.90 7.06 -63.78
N VAL I 120 -75.65 6.53 -64.98
CA VAL I 120 -74.99 7.28 -66.03
C VAL I 120 -76.00 7.57 -67.14
N THR I 121 -75.81 8.71 -67.80
CA THR I 121 -76.60 9.09 -68.96
C THR I 121 -75.66 9.60 -70.05
N LEU I 122 -75.83 9.07 -71.26
CA LEU I 122 -75.00 9.44 -72.40
C LEU I 122 -75.84 10.25 -73.38
N PHE I 123 -75.32 11.40 -73.79
CA PHE I 123 -76.05 12.32 -74.66
C PHE I 123 -75.25 12.59 -75.92
N PRO I 124 -75.78 12.31 -77.10
CA PRO I 124 -75.04 12.59 -78.34
C PRO I 124 -75.08 14.08 -78.66
N PRO I 125 -74.11 14.57 -79.45
CA PRO I 125 -74.13 15.98 -79.82
C PRO I 125 -75.30 16.29 -80.75
N SER I 126 -75.75 17.55 -80.68
CA SER I 126 -76.90 17.99 -81.44
C SER I 126 -76.48 18.38 -82.86
N SER I 127 -77.44 18.83 -83.66
CA SER I 127 -77.18 19.16 -85.05
C SER I 127 -76.48 20.50 -85.22
N GLU I 128 -76.70 21.44 -84.31
CA GLU I 128 -76.08 22.75 -84.40
C GLU I 128 -74.61 22.74 -84.01
N GLU I 129 -74.16 21.70 -83.31
CA GLU I 129 -72.78 21.61 -82.87
C GLU I 129 -71.86 21.03 -83.95
N LEU I 130 -72.43 20.39 -84.98
CA LEU I 130 -71.62 19.69 -85.97
C LEU I 130 -70.96 20.63 -86.96
N GLN I 131 -71.56 21.79 -87.23
CA GLN I 131 -70.99 22.74 -88.17
C GLN I 131 -69.91 23.63 -87.55
N ALA I 132 -69.60 23.44 -86.27
CA ALA I 132 -68.57 24.22 -85.60
C ALA I 132 -67.19 23.57 -85.69
N ASN I 133 -67.03 22.57 -86.56
CA ASN I 133 -65.76 21.89 -86.76
C ASN I 133 -65.24 21.25 -85.47
N LYS I 134 -66.16 20.74 -84.64
CA LYS I 134 -65.78 20.08 -83.41
C LYS I 134 -66.90 19.15 -82.98
N ALA I 135 -66.58 18.22 -82.09
CA ALA I 135 -67.54 17.26 -81.56
C ALA I 135 -67.25 17.04 -80.09
N THR I 136 -68.21 17.39 -79.23
CA THR I 136 -68.07 17.26 -77.78
C THR I 136 -68.99 16.14 -77.30
N LEU I 137 -68.43 14.95 -77.10
CA LEU I 137 -69.19 13.81 -76.59
C LEU I 137 -69.19 13.89 -75.07
N VAL I 138 -70.37 14.12 -74.49
CA VAL I 138 -70.50 14.36 -73.06
C VAL I 138 -70.89 13.05 -72.37
N CYS I 139 -70.51 12.92 -71.09
CA CYS I 139 -70.77 11.71 -70.33
C CYS I 139 -71.10 12.13 -68.90
N LEU I 140 -72.39 12.24 -68.60
CA LEU I 140 -72.84 12.73 -67.30
C LEU I 140 -73.13 11.56 -66.37
N ILE I 141 -72.57 11.62 -65.16
CA ILE I 141 -72.83 10.64 -64.11
C ILE I 141 -73.41 11.38 -62.91
N SER I 142 -74.46 10.82 -62.32
CA SER I 142 -75.14 11.48 -61.22
C SER I 142 -75.67 10.44 -60.25
N ASP I 143 -75.99 10.90 -59.04
CA ASP I 143 -76.58 10.09 -57.97
C ASP I 143 -75.68 8.90 -57.63
N PHE I 144 -74.49 9.22 -57.12
CA PHE I 144 -73.54 8.21 -56.71
C PHE I 144 -72.79 8.69 -55.47
N TYR I 145 -72.15 7.75 -54.78
CA TYR I 145 -71.40 8.03 -53.57
C TYR I 145 -70.36 6.95 -53.33
N PRO I 146 -69.07 7.31 -53.15
CA PRO I 146 -68.59 8.69 -53.17
C PRO I 146 -68.20 9.14 -54.58
N GLY I 147 -67.50 10.28 -54.67
CA GLY I 147 -67.11 10.83 -55.95
C GLY I 147 -65.76 10.37 -56.44
N ALA I 148 -65.62 9.07 -56.68
CA ALA I 148 -64.38 8.49 -57.21
C ALA I 148 -64.78 7.51 -58.32
N VAL I 149 -64.86 8.02 -59.55
CA VAL I 149 -65.29 7.25 -60.71
C VAL I 149 -64.21 7.32 -61.77
N THR I 150 -63.81 6.15 -62.29
CA THR I 150 -62.84 6.06 -63.37
C THR I 150 -63.57 6.03 -64.70
N VAL I 151 -63.29 7.00 -65.57
CA VAL I 151 -64.00 7.16 -66.83
C VAL I 151 -63.11 6.67 -67.96
N ALA I 152 -63.65 5.78 -68.80
CA ALA I 152 -62.95 5.29 -69.97
C ALA I 152 -63.89 5.36 -71.17
N TRP I 153 -63.31 5.46 -72.36
CA TRP I 153 -64.07 5.55 -73.60
C TRP I 153 -63.65 4.44 -74.56
N LYS I 154 -64.59 4.01 -75.38
CA LYS I 154 -64.35 3.00 -76.40
C LYS I 154 -65.20 3.30 -77.63
N ALA I 155 -64.76 2.78 -78.77
CA ALA I 155 -65.45 2.96 -80.04
C ALA I 155 -65.71 1.60 -80.70
N ASP I 156 -66.00 0.59 -79.89
CA ASP I 156 -66.31 -0.77 -80.29
C ASP I 156 -65.15 -1.51 -80.95
N SER I 157 -64.01 -0.85 -81.16
CA SER I 157 -62.84 -1.51 -81.72
C SER I 157 -61.53 -1.17 -81.03
N SER I 158 -61.46 -0.11 -80.23
CA SER I 158 -60.23 0.27 -79.55
C SER I 158 -60.56 1.31 -78.49
N PRO I 159 -59.87 1.32 -77.36
CA PRO I 159 -60.13 2.35 -76.34
C PRO I 159 -59.59 3.70 -76.78
N VAL I 160 -60.28 4.75 -76.37
CA VAL I 160 -59.92 6.11 -76.75
C VAL I 160 -59.04 6.70 -75.64
N LYS I 161 -57.79 7.03 -76.00
CA LYS I 161 -56.84 7.62 -75.07
C LYS I 161 -56.44 9.03 -75.50
N ALA I 162 -57.38 9.77 -76.08
CA ALA I 162 -57.12 11.12 -76.55
C ALA I 162 -58.36 11.98 -76.34
N GLY I 163 -58.18 13.14 -75.70
CA GLY I 163 -59.30 14.02 -75.42
C GLY I 163 -60.13 13.64 -74.22
N VAL I 164 -59.66 12.70 -73.40
CA VAL I 164 -60.42 12.25 -72.24
C VAL I 164 -60.23 13.23 -71.09
N GLU I 165 -61.33 13.62 -70.45
CA GLU I 165 -61.29 14.54 -69.34
C GLU I 165 -62.28 14.10 -68.27
N THR I 166 -61.91 14.26 -67.00
CA THR I 166 -62.77 13.96 -65.88
C THR I 166 -62.84 15.17 -64.96
N THR I 167 -64.05 15.50 -64.52
CA THR I 167 -64.26 16.62 -63.60
C THR I 167 -64.33 16.10 -62.16
N THR I 168 -64.09 17.03 -61.22
CA THR I 168 -64.24 16.65 -59.83
C THR I 168 -65.71 16.75 -59.41
N PRO I 169 -66.23 15.75 -58.70
CA PRO I 169 -67.64 15.77 -58.32
C PRO I 169 -67.88 16.71 -57.13
N SER I 170 -69.03 17.38 -57.17
CA SER I 170 -69.45 18.28 -56.12
C SER I 170 -70.66 17.71 -55.39
N LYS I 171 -70.88 18.20 -54.17
CA LYS I 171 -71.98 17.73 -53.34
C LYS I 171 -73.30 18.32 -53.83
N GLN I 172 -74.32 17.48 -53.93
CA GLN I 172 -75.64 17.91 -54.33
C GLN I 172 -76.43 18.36 -53.09
N SER I 173 -77.73 18.59 -53.26
CA SER I 173 -78.58 18.97 -52.15
C SER I 173 -79.04 17.77 -51.33
N ASN I 174 -79.06 16.57 -51.92
CA ASN I 174 -79.46 15.35 -51.24
C ASN I 174 -78.27 14.47 -50.89
N ASN I 175 -77.12 15.08 -50.59
CA ASN I 175 -75.92 14.37 -50.16
C ASN I 175 -75.46 13.35 -51.20
N LYS I 176 -75.45 13.76 -52.46
CA LYS I 176 -74.96 12.93 -53.56
C LYS I 176 -73.91 13.70 -54.34
N TYR I 177 -73.32 13.03 -55.33
CA TYR I 177 -72.29 13.61 -56.17
C TYR I 177 -72.69 13.49 -57.64
N ALA I 178 -72.11 14.36 -58.46
CA ALA I 178 -72.39 14.38 -59.89
C ALA I 178 -71.17 14.93 -60.63
N ALA I 179 -70.91 14.38 -61.82
CA ALA I 179 -69.78 14.81 -62.62
C ALA I 179 -70.12 14.59 -64.09
N SER I 180 -69.24 15.09 -64.96
CA SER I 180 -69.41 14.95 -66.40
C SER I 180 -68.06 14.79 -67.05
N SER I 181 -68.04 14.06 -68.17
CA SER I 181 -66.82 13.81 -68.93
C SER I 181 -67.04 14.18 -70.38
N TYR I 182 -66.11 14.94 -70.95
CA TYR I 182 -66.18 15.36 -72.34
C TYR I 182 -65.19 14.58 -73.19
N LEU I 183 -65.46 14.55 -74.50
CA LEU I 183 -64.55 13.95 -75.47
C LEU I 183 -64.48 14.89 -76.66
N SER I 184 -63.33 15.54 -76.85
CA SER I 184 -63.14 16.49 -77.95
C SER I 184 -62.79 15.70 -79.21
N LEU I 185 -63.70 15.71 -80.18
CA LEU I 185 -63.52 15.03 -81.45
C LEU I 185 -63.92 15.97 -82.58
N THR I 186 -63.77 15.48 -83.81
CA THR I 186 -64.15 16.24 -84.98
C THR I 186 -65.30 15.56 -85.72
N PRO I 187 -66.20 16.33 -86.36
CA PRO I 187 -67.34 15.70 -87.05
C PRO I 187 -66.95 14.91 -88.29
N GLU I 188 -65.70 14.98 -88.74
CA GLU I 188 -65.29 14.23 -89.92
C GLU I 188 -65.25 12.74 -89.63
N GLN I 189 -64.79 12.35 -88.45
CA GLN I 189 -64.73 10.96 -88.04
C GLN I 189 -65.89 10.54 -87.15
N TRP I 190 -66.83 11.43 -86.88
CA TRP I 190 -67.95 11.09 -86.00
C TRP I 190 -68.95 10.17 -86.67
N LYS I 191 -69.20 10.37 -87.96
CA LYS I 191 -70.15 9.54 -88.69
C LYS I 191 -69.50 8.31 -89.33
N SER I 192 -68.16 8.23 -89.33
CA SER I 192 -67.51 7.06 -89.93
C SER I 192 -67.60 5.84 -89.03
N HIS I 193 -67.43 6.04 -87.72
CA HIS I 193 -67.55 4.94 -86.78
C HIS I 193 -69.02 4.59 -86.55
N ARG I 194 -69.24 3.36 -86.06
CA ARG I 194 -70.61 2.86 -85.94
C ARG I 194 -71.29 3.37 -84.68
N SER I 195 -70.55 3.47 -83.57
CA SER I 195 -71.14 3.90 -82.31
C SER I 195 -70.05 4.43 -81.39
N TYR I 196 -70.49 5.03 -80.29
CA TYR I 196 -69.63 5.54 -79.24
C TYR I 196 -70.27 5.24 -77.90
N SER I 197 -69.44 5.01 -76.89
CA SER I 197 -69.96 4.55 -75.59
C SER I 197 -69.05 5.05 -74.48
N CYS I 198 -69.64 5.17 -73.29
CA CYS I 198 -68.94 5.63 -72.10
C CYS I 198 -68.92 4.49 -71.08
N GLN I 199 -67.73 4.04 -70.71
CA GLN I 199 -67.55 2.96 -69.75
C GLN I 199 -66.96 3.50 -68.46
N VAL I 200 -67.62 3.23 -67.34
CA VAL I 200 -67.15 3.62 -66.02
C VAL I 200 -67.29 2.44 -65.08
N THR I 201 -66.67 2.56 -63.90
CA THR I 201 -66.74 1.53 -62.88
C THR I 201 -66.88 2.19 -61.51
N HIS I 202 -67.48 1.45 -60.58
CA HIS I 202 -67.62 1.93 -59.21
C HIS I 202 -67.74 0.69 -58.31
N GLU I 203 -66.64 0.33 -57.65
CA GLU I 203 -66.57 -0.85 -56.80
C GLU I 203 -66.99 -2.10 -57.56
N GLY I 204 -66.49 -2.23 -58.78
CA GLY I 204 -66.77 -3.37 -59.62
C GLY I 204 -68.02 -3.24 -60.48
N SER I 205 -68.93 -2.34 -60.14
CA SER I 205 -70.17 -2.17 -60.89
C SER I 205 -69.87 -1.39 -62.17
N THR I 206 -70.06 -2.04 -63.32
CA THR I 206 -69.82 -1.43 -64.62
C THR I 206 -71.14 -1.24 -65.36
N VAL I 207 -71.49 0.00 -65.64
CA VAL I 207 -72.71 0.35 -66.37
C VAL I 207 -72.31 0.86 -67.75
N GLU I 208 -72.97 0.32 -68.78
CA GLU I 208 -72.60 0.58 -70.17
C GLU I 208 -73.82 1.13 -70.91
N LYS I 209 -73.62 2.24 -71.62
CA LYS I 209 -74.66 2.85 -72.43
C LYS I 209 -74.08 3.33 -73.74
N THR I 210 -74.79 3.05 -74.84
CA THR I 210 -74.31 3.34 -76.18
C THR I 210 -75.42 4.02 -76.98
N VAL I 211 -75.01 4.85 -77.94
CA VAL I 211 -75.92 5.50 -78.87
C VAL I 211 -75.50 5.16 -80.29
N ALA I 212 -76.30 5.62 -81.25
CA ALA I 212 -76.01 5.40 -82.66
C ALA I 212 -76.26 6.68 -83.45
N PRO I 213 -75.25 7.18 -84.18
CA PRO I 213 -75.47 8.42 -84.95
C PRO I 213 -76.32 8.21 -86.20
N THR I 214 -76.40 6.99 -86.72
CA THR I 214 -77.21 6.72 -87.90
C THR I 214 -78.37 5.77 -87.56
C1 NAG J . 43.19 -64.80 6.02
C2 NAG J . 43.76 -66.12 6.53
C3 NAG J . 42.65 -67.14 6.73
C4 NAG J . 41.55 -66.56 7.62
C5 NAG J . 41.08 -65.21 7.08
C6 NAG J . 40.10 -64.52 7.99
C7 NAG J . 46.08 -66.55 5.85
C8 NAG J . 46.98 -67.14 4.79
N2 NAG J . 44.77 -66.64 5.61
O3 NAG J . 43.18 -68.32 7.31
O4 NAG J . 40.45 -67.45 7.66
O5 NAG J . 42.20 -64.32 6.93
O6 NAG J . 40.52 -64.54 9.35
O7 NAG J . 46.53 -66.01 6.85
C1 NAG J . 40.35 -68.05 8.97
C2 NAG J . 38.94 -68.60 9.16
C3 NAG J . 38.82 -69.28 10.51
C4 NAG J . 39.91 -70.33 10.68
C5 NAG J . 41.28 -69.72 10.43
C6 NAG J . 42.40 -70.73 10.45
C7 NAG J . 37.13 -67.44 7.99
C8 NAG J . 36.17 -66.29 8.02
N2 NAG J . 37.95 -67.55 9.03
O3 NAG J . 37.54 -69.90 10.63
O4 NAG J . 39.87 -70.88 11.99
O5 NAG J . 41.31 -69.10 9.13
O6 NAG J . 42.81 -71.09 9.14
O7 NAG J . 37.16 -68.23 7.05
C1 NAG K . 22.04 -67.94 3.32
C2 NAG K . 22.05 -69.33 3.95
C3 NAG K . 20.71 -69.63 4.59
C4 NAG K . 20.32 -68.52 5.56
C5 NAG K . 20.39 -67.16 4.89
C6 NAG K . 20.15 -66.01 5.84
C7 NAG K . 23.57 -70.96 2.92
C8 NAG K . 23.74 -71.98 1.83
N2 NAG K . 22.38 -70.34 2.96
O3 NAG K . 20.77 -70.88 5.27
O4 NAG K . 18.99 -68.73 6.03
O5 NAG K . 21.70 -66.97 4.32
O6 NAG K . 18.98 -65.28 5.49
O7 NAG K . 24.47 -70.70 3.71
C1 NAG K . 19.02 -69.09 7.43
C2 NAG K . 17.60 -68.94 7.98
C3 NAG K . 17.57 -69.36 9.46
C4 NAG K . 18.15 -70.76 9.62
C5 NAG K . 19.53 -70.84 8.99
C6 NAG K . 20.11 -72.23 9.02
C7 NAG K . 16.28 -67.20 6.87
C8 NAG K . 15.89 -65.76 6.85
N2 NAG K . 17.13 -67.57 7.84
O3 NAG K . 16.23 -69.32 9.94
O4 NAG K . 18.24 -71.08 11.01
O5 NAG K . 19.47 -70.44 7.62
O6 NAG K . 19.09 -73.22 8.98
O7 NAG K . 15.86 -68.00 6.03
C1 NAG L . 65.63 -35.02 -24.26
C2 NAG L . 67.09 -35.28 -24.63
C3 NAG L . 67.99 -34.90 -23.46
C4 NAG L . 67.72 -33.48 -22.99
C5 NAG L . 66.22 -33.29 -22.71
C6 NAG L . 65.86 -31.86 -22.38
C7 NAG L . 67.42 -37.05 -26.28
C8 NAG L . 67.63 -38.52 -26.51
N2 NAG L . 67.30 -36.67 -25.01
O3 NAG L . 69.36 -35.03 -23.85
O4 NAG L . 68.45 -33.20 -21.80
O5 NAG L . 65.46 -33.66 -23.87
O6 NAG L . 66.47 -30.95 -23.29
O7 NAG L . 67.35 -36.26 -27.22
C1 NAG L . 69.50 -32.26 -22.09
C2 NAG L . 69.95 -31.63 -20.78
C3 NAG L . 71.11 -30.66 -21.03
C4 NAG L . 72.23 -31.35 -21.79
C5 NAG L . 71.68 -32.00 -23.06
C6 NAG L . 72.72 -32.82 -23.80
C7 NAG L . 68.28 -31.39 -19.00
C8 NAG L . 67.16 -30.57 -18.46
N2 NAG L . 68.85 -30.95 -20.12
O3 NAG L . 71.60 -30.18 -19.78
O4 NAG L . 73.24 -30.42 -22.14
O5 NAG L . 70.62 -32.90 -22.73
O6 NAG L . 72.56 -34.21 -23.56
O7 NAG L . 68.66 -32.43 -18.45
C1 NAG M . 65.66 -28.43 -3.69
C2 NAG M . 67.18 -28.35 -3.60
C3 NAG M . 67.59 -27.29 -2.58
C4 NAG M . 66.94 -25.96 -2.92
C5 NAG M . 65.43 -26.13 -3.05
C6 NAG M . 64.72 -24.87 -3.50
C7 NAG M . 68.39 -30.43 -4.12
C8 NAG M . 68.91 -31.73 -3.58
N2 NAG M . 67.74 -29.65 -3.24
O3 NAG M . 69.01 -27.15 -2.60
O4 NAG M . 67.20 -25.02 -1.87
O5 NAG M . 65.13 -27.14 -4.03
O6 NAG M . 63.83 -24.39 -2.52
O7 NAG M . 68.54 -30.10 -5.29
C1 NAG M . 68.07 -23.99 -2.37
C2 NAG M . 68.05 -22.82 -1.39
C3 NAG M . 69.01 -21.72 -1.84
C4 NAG M . 70.40 -22.30 -2.06
C5 NAG M . 70.34 -23.48 -3.01
C6 NAG M . 71.67 -24.18 -3.18
C7 NAG M . 65.91 -22.59 -0.21
C8 NAG M . 64.54 -21.97 -0.21
N2 NAG M . 66.70 -22.30 -1.24
O3 NAG M . 69.05 -20.70 -0.86
O4 NAG M . 71.25 -21.30 -2.61
O5 NAG M . 69.43 -24.47 -2.50
O6 NAG M . 72.48 -24.04 -2.03
O7 NAG M . 66.27 -23.34 0.69
C1 NAG N . 28.46 -61.07 -39.51
C2 NAG N . 28.68 -62.12 -40.59
C3 NAG N . 28.88 -61.46 -41.94
C4 NAG N . 27.72 -60.51 -42.24
C5 NAG N . 27.53 -59.52 -41.09
C6 NAG N . 26.31 -58.64 -41.27
C7 NAG N . 29.68 -64.20 -39.75
C8 NAG N . 30.96 -64.94 -39.48
N2 NAG N . 29.81 -62.97 -40.26
O3 NAG N . 28.96 -62.46 -42.96
O4 NAG N . 28.01 -59.77 -43.44
O5 NAG N . 27.35 -60.24 -39.87
O6 NAG N . 25.18 -59.39 -41.65
O7 NAG N . 28.59 -64.70 -39.53
C1 NAG N . 27.13 -60.22 -44.49
C2 NAG N . 27.10 -59.15 -45.57
C3 NAG N . 26.21 -59.59 -46.74
C4 NAG N . 26.65 -60.96 -47.25
C5 NAG N . 26.70 -61.95 -46.09
C6 NAG N . 27.24 -63.30 -46.50
C7 NAG N . 27.43 -56.82 -44.83
C8 NAG N . 26.79 -55.60 -44.28
N2 NAG N . 26.63 -57.87 -45.05
O3 NAG N . 26.28 -58.62 -47.78
O4 NAG N . 25.74 -61.42 -48.23
O5 NAG N . 27.56 -61.46 -45.05
O6 NAG N . 28.60 -63.46 -46.11
O7 NAG N . 28.63 -56.87 -45.09
C1 NAG O . 30.45 -41.96 -49.32
C2 NAG O . 30.55 -42.56 -50.72
C3 NAG O . 30.00 -41.58 -51.76
C4 NAG O . 28.59 -41.13 -51.38
C5 NAG O . 28.57 -40.60 -49.94
C6 NAG O . 27.18 -40.26 -49.46
C7 NAG O . 32.35 -44.19 -51.07
C8 NAG O . 33.79 -44.38 -51.41
N2 NAG O . 31.92 -42.92 -51.03
O3 NAG O . 29.99 -42.20 -53.04
O4 NAG O . 28.15 -40.10 -52.26
O5 NAG O . 29.10 -41.59 -49.04
O6 NAG O . 27.06 -38.88 -49.16
O7 NAG O . 31.61 -45.13 -50.82
C1 NAG O . 27.10 -40.60 -53.09
C2 NAG O . 26.41 -39.40 -53.74
C3 NAG O . 25.30 -39.89 -54.68
C4 NAG O . 25.86 -40.89 -55.69
C5 NAG O . 26.57 -42.01 -54.96
C6 NAG O . 27.25 -42.99 -55.89
C7 NAG O . 26.48 -37.37 -52.37
C8 NAG O . 25.78 -36.56 -51.33
N2 NAG O . 25.86 -38.49 -52.75
O3 NAG O . 24.75 -38.76 -55.37
O4 NAG O . 24.79 -41.43 -56.47
O5 NAG O . 27.60 -41.47 -54.11
O6 NAG O . 27.63 -42.36 -57.10
O7 NAG O . 27.55 -37.02 -52.86
C1 NAG P . -7.71 -43.38 24.74
C2 NAG P . -8.21 -44.56 25.56
C3 NAG P . -7.59 -45.86 25.06
C4 NAG P . -7.85 -46.02 23.56
C5 NAG P . -7.36 -44.78 22.80
C6 NAG P . -7.70 -44.82 21.33
C7 NAG P . -8.87 -44.38 27.92
C8 NAG P . -8.39 -44.17 29.32
N2 NAG P . -7.92 -44.37 26.97
O3 NAG P . -8.14 -46.96 25.76
O4 NAG P . -7.16 -47.16 23.07
O5 NAG P . -7.99 -43.61 23.35
O6 NAG P . -8.91 -45.52 21.09
O7 NAG P . -10.06 -44.53 27.66
C1 NAG Q . 35.06 22.18 24.96
C2 NAG Q . 35.99 22.22 23.76
C3 NAG Q . 37.31 21.54 24.09
C4 NAG Q . 37.92 22.15 25.34
C5 NAG Q . 36.92 22.11 26.49
C6 NAG Q . 37.42 22.80 27.74
C7 NAG Q . 35.07 22.24 21.48
C8 NAG Q . 35.41 23.70 21.45
N2 NAG Q . 35.36 21.59 22.60
O3 NAG Q . 38.21 21.69 22.99
O4 NAG Q . 39.09 21.43 25.71
O5 NAG Q . 35.71 22.78 26.09
O6 NAG Q . 36.80 24.07 27.91
O7 NAG Q . 34.55 21.68 20.51
C1 NAG R . 18.69 -46.42 24.75
C2 NAG R . 17.43 -46.09 23.92
C3 NAG R . 17.47 -46.85 22.61
C4 NAG R . 18.78 -46.60 21.86
C5 NAG R . 19.97 -46.90 22.77
C6 NAG R . 21.30 -46.55 22.14
C7 NAG R . 15.16 -45.58 24.65
C8 NAG R . 13.98 -46.04 25.48
N2 NAG R . 16.23 -46.38 24.66
O3 NAG R . 16.37 -46.46 21.80
O4 NAG R . 18.86 -47.43 20.72
O5 NAG R . 19.87 -46.12 23.98
O6 NAG R . 22.24 -47.59 22.30
O7 NAG R . 15.13 -44.53 24.02
C1 NAG S . 37.68 -10.90 26.53
C2 NAG S . 39.00 -10.59 25.83
C3 NAG S . 40.16 -10.71 26.81
C4 NAG S . 39.91 -9.88 28.06
C5 NAG S . 38.55 -10.24 28.67
C6 NAG S . 38.19 -9.37 29.85
C7 NAG S . 39.65 -11.01 23.50
C8 NAG S . 39.80 -12.05 22.43
N2 NAG S . 39.20 -11.45 24.68
O3 NAG S . 41.37 -10.28 26.18
O4 NAG S . 40.93 -10.12 29.02
O5 NAG S . 37.53 -10.07 27.68
O6 NAG S . 37.36 -8.28 29.44
O7 NAG S . 39.91 -9.83 23.31
C1 NAG T . 48.03 -31.15 29.39
C2 NAG T . 47.77 -30.02 30.40
C3 NAG T . 48.71 -28.86 30.13
C4 NAG T . 50.15 -29.32 30.11
C5 NAG T . 50.32 -30.47 29.12
C6 NAG T . 51.70 -31.06 29.13
C7 NAG T . 45.47 -29.88 31.28
C8 NAG T . 44.10 -29.35 31.06
N2 NAG T . 46.38 -29.59 30.34
O3 NAG T . 48.53 -27.88 31.16
O4 NAG T . 51.02 -28.25 29.74
O5 NAG T . 49.41 -31.54 29.45
O6 NAG T . 52.68 -30.11 29.51
O7 NAG T . 45.77 -30.54 32.27
C1 NAG U . 69.65 -46.46 0.25
C2 NAG U . 70.82 -47.21 -0.39
C3 NAG U . 72.01 -47.24 0.56
C4 NAG U . 72.37 -45.83 1.00
C5 NAG U . 71.14 -45.13 1.59
C6 NAG U . 71.40 -43.68 1.94
C7 NAG U . 70.40 -49.01 -2.01
C8 NAG U . 69.96 -50.43 -2.20
N2 NAG U . 70.42 -48.57 -0.75
O3 NAG U . 73.12 -47.85 -0.09
O4 NAG U . 73.39 -45.88 2.00
O5 NAG U . 70.08 -45.14 0.62
O6 NAG U . 72.10 -43.01 0.90
O7 NAG U . 70.73 -48.30 -2.95
C1 NAG V . 62.51 -67.37 4.31
C2 NAG V . 62.06 -68.37 3.26
C3 NAG V . 62.39 -69.80 3.71
C4 NAG V . 63.86 -69.91 4.09
C5 NAG V . 64.21 -68.83 5.12
C6 NAG V . 65.68 -68.82 5.47
C7 NAG V . 60.12 -68.47 1.76
C8 NAG V . 58.62 -68.28 1.64
N2 NAG V . 60.64 -68.25 2.97
O3 NAG V . 62.09 -70.71 2.67
O4 NAG V . 64.11 -71.19 4.66
O5 NAG V . 63.90 -67.54 4.59
O6 NAG V . 66.22 -70.13 5.51
O7 NAG V . 60.81 -68.81 0.80
C1 NAG W . 78.47 -58.88 -8.20
C2 NAG W . 78.99 -58.73 -9.63
C3 NAG W . 80.16 -57.75 -9.67
C4 NAG W . 79.76 -56.43 -9.03
C5 NAG W . 79.20 -56.66 -7.63
C6 NAG W . 78.67 -55.41 -6.99
C7 NAG W . 79.16 -60.38 -11.45
C8 NAG W . 79.64 -61.75 -11.83
N2 NAG W . 79.39 -60.02 -10.18
O3 NAG W . 80.56 -57.54 -11.01
O4 NAG W . 80.90 -55.58 -8.95
O5 NAG W . 78.11 -57.58 -7.69
O6 NAG W . 77.49 -54.94 -7.63
O7 NAG W . 78.60 -59.63 -12.24
C1 NAG X . 49.08 10.81 8.06
C2 NAG X . 50.49 11.39 7.93
C3 NAG X . 51.53 10.30 8.12
C4 NAG X . 51.29 9.57 9.44
C5 NAG X . 49.85 9.06 9.51
C6 NAG X . 49.51 8.43 10.84
C7 NAG X . 50.95 13.35 6.51
C8 NAG X . 51.07 14.13 7.79
N2 NAG X . 50.67 12.04 6.64
O3 NAG X . 52.82 10.87 8.11
O4 NAG X . 52.19 8.47 9.55
O5 NAG X . 48.94 10.15 9.32
O6 NAG X . 48.24 8.85 11.30
O7 NAG X . 51.10 13.87 5.41
C1 NAG Y . -7.22 11.71 -46.50
C2 NAG Y . -7.62 10.29 -46.90
C3 NAG Y . -6.76 9.81 -48.08
C4 NAG Y . -6.82 10.81 -49.21
C5 NAG Y . -6.44 12.21 -48.72
C6 NAG Y . -6.57 13.27 -49.78
C7 NAG Y . -8.54 8.74 -45.24
C8 NAG Y . -9.88 9.01 -45.85
N2 NAG Y . -7.50 9.38 -45.77
O3 NAG Y . -7.22 8.54 -48.51
O4 NAG Y . -5.91 10.43 -50.25
O5 NAG Y . -7.30 12.58 -47.64
O6 NAG Y . -7.76 14.03 -49.61
O7 NAG Y . -8.41 7.98 -44.28
C1 NAG Z . 54.07 -2.36 -14.67
C2 NAG Z . 53.32 -2.37 -13.33
C3 NAG Z . 53.49 -3.72 -12.64
C4 NAG Z . 53.08 -4.85 -13.57
C5 NAG Z . 53.82 -4.75 -14.90
C6 NAG Z . 53.37 -5.78 -15.92
C7 NAG Z . 52.94 -0.56 -11.71
C8 NAG Z . 53.58 0.52 -10.90
N2 NAG Z . 53.77 -1.28 -12.47
O3 NAG Z . 52.71 -3.75 -11.45
O4 NAG Z . 53.39 -6.10 -12.96
O5 NAG Z . 53.60 -3.45 -15.49
O6 NAG Z . 54.48 -6.43 -16.52
O7 NAG Z . 51.73 -0.76 -11.69
C1 NAG AA . 23.83 1.46 -41.01
C2 NAG AA . 23.37 0.37 -41.98
C3 NAG AA . 23.98 0.60 -43.36
C4 NAG AA . 23.68 2.02 -43.84
C5 NAG AA . 24.13 3.04 -42.80
C6 NAG AA . 23.78 4.46 -43.16
C7 NAG AA . 22.90 -1.99 -41.51
C8 NAG AA . 23.44 -3.28 -40.97
N2 NAG AA . 23.73 -0.94 -41.48
O3 NAG AA . 23.43 -0.34 -44.28
O4 NAG AA . 24.36 2.28 -45.07
O5 NAG AA . 23.51 2.75 -41.55
O6 NAG AA . 22.55 4.85 -42.56
O7 NAG AA . 21.77 -1.90 -41.96
C1 NAG BA . 44.35 -7.28 -46.22
C2 NAG BA . 43.69 -5.98 -46.68
C3 NAG BA . 42.59 -6.26 -47.70
C4 NAG BA . 43.14 -7.11 -48.85
C5 NAG BA . 43.82 -8.36 -48.30
C6 NAG BA . 44.49 -9.19 -49.38
C7 NAG BA . 43.71 -4.15 -45.05
C8 NAG BA . 43.01 -3.52 -43.87
N2 NAG BA . 43.15 -5.24 -45.54
O3 NAG BA . 42.08 -5.03 -48.20
O4 NAG BA . 42.09 -7.49 -49.72
O5 NAG BA . 44.84 -7.99 -47.37
O6 NAG BA . 43.84 -9.03 -50.63
O7 NAG BA . 44.74 -3.68 -45.51
C1 NAG CA . 48.75 -46.24 -49.89
C2 NAG CA . 49.29 -47.55 -50.47
C3 NAG CA . 49.78 -47.34 -51.89
C4 NAG CA . 48.70 -46.69 -52.74
C5 NAG CA . 48.19 -45.41 -52.06
C6 NAG CA . 47.02 -44.79 -52.79
C7 NAG CA . 50.26 -49.27 -49.02
C8 NAG CA . 51.45 -49.69 -48.19
N2 NAG CA . 50.35 -48.10 -49.63
O3 NAG CA . 50.16 -48.59 -52.45
O4 NAG CA . 49.21 -46.36 -54.02
O5 NAG CA . 47.73 -45.72 -50.74
O6 NAG CA . 46.06 -45.76 -53.18
O7 NAG CA . 49.27 -49.99 -49.11
C1 NAG DA . 68.89 -46.13 -39.97
C2 NAG DA . 69.37 -47.13 -38.91
C3 NAG DA . 70.87 -47.36 -39.01
C4 NAG DA . 71.24 -47.74 -40.44
C5 NAG DA . 70.69 -46.73 -41.43
C6 NAG DA . 70.94 -47.10 -42.87
C7 NAG DA . 68.70 -47.50 -36.57
C8 NAG DA . 68.36 -46.86 -35.26
N2 NAG DA . 69.01 -46.67 -37.57
O3 NAG DA . 71.27 -48.37 -38.11
O4 NAG DA . 72.66 -47.80 -40.57
O5 NAG DA . 69.26 -46.61 -41.27
O6 NAG DA . 72.20 -47.73 -43.04
O7 NAG DA . 68.68 -48.73 -36.72
C1 NAG EA . 57.53 -61.25 -51.22
C2 NAG EA . 56.89 -62.63 -51.15
C3 NAG EA . 56.06 -62.90 -52.41
C4 NAG EA . 55.07 -61.77 -52.64
C5 NAG EA . 55.79 -60.42 -52.65
C6 NAG EA . 54.83 -59.25 -52.75
C7 NAG EA . 57.69 -64.73 -50.16
C8 NAG EA . 58.83 -65.70 -50.09
N2 NAG EA . 57.88 -63.66 -50.96
O3 NAG EA . 55.38 -64.13 -52.28
O4 NAG EA . 54.42 -61.95 -53.90
O5 NAG EA . 56.52 -60.25 -51.43
O6 NAG EA . 54.07 -59.09 -51.57
O7 NAG EA . 56.65 -64.89 -49.53
C1 NAG FA . -2.34 -12.40 -49.15
C2 NAG FA . -2.81 -13.01 -50.47
C3 NAG FA . -1.65 -13.68 -51.20
C4 NAG FA . -0.51 -12.69 -51.39
C5 NAG FA . -0.11 -12.09 -50.03
C6 NAG FA . 0.93 -11.00 -50.15
C7 NAG FA . -5.11 -13.84 -50.74
C8 NAG FA . -6.09 -14.92 -50.40
N2 NAG FA . -3.89 -13.98 -50.24
O3 NAG FA . -2.09 -14.16 -52.46
O4 NAG FA . 0.61 -13.34 -51.95
O5 NAG FA . -1.26 -11.48 -49.42
O6 NAG FA . 0.78 -10.26 -51.35
O7 NAG FA . -5.42 -12.88 -51.44
C1 NAG GA . -29.12 -31.52 22.15
C2 NAG GA . -28.03 -32.08 23.07
C3 NAG GA . -27.95 -33.60 22.94
C4 NAG GA . -29.32 -34.22 23.17
C5 NAG GA . -30.36 -33.59 22.23
C6 NAG GA . -31.76 -34.08 22.49
C7 NAG GA . -26.10 -30.69 23.64
C8 NAG GA . -26.77 -30.45 24.96
N2 NAG GA . -26.75 -31.48 22.78
O3 NAG GA . -27.03 -34.11 23.89
O4 NAG GA . -29.27 -35.63 22.92
O5 NAG GA . -30.37 -32.17 22.43
O6 NAG GA . -32.55 -33.09 23.13
O7 NAG GA . -25.00 -30.19 23.37
C1 NAG HA . 1.28 -37.67 -41.24
C2 NAG HA . 1.75 -36.21 -41.12
C3 NAG HA . 3.27 -36.13 -41.22
C4 NAG HA . 3.91 -37.06 -40.20
C5 NAG HA . 3.36 -38.48 -40.35
C6 NAG HA . 3.88 -39.42 -39.29
C7 NAG HA . 0.68 -34.13 -41.89
C8 NAG HA . 0.06 -33.42 -43.06
N2 NAG HA . 1.12 -35.38 -42.13
O3 NAG HA . 3.69 -34.79 -41.00
O4 NAG HA . 5.32 -37.09 -40.41
O5 NAG HA . 1.93 -38.46 -40.23
O6 NAG HA . 4.32 -40.64 -39.85
O7 NAG HA . 0.78 -33.61 -40.78
C1 NAG IA . -15.05 -44.44 -5.06
C2 NAG IA . -14.46 -45.37 -4.00
C3 NAG IA . -15.17 -46.72 -4.03
C4 NAG IA . -16.68 -46.54 -3.94
C5 NAG IA . -17.16 -45.57 -5.02
C6 NAG IA . -18.64 -45.26 -4.90
C7 NAG IA . -12.15 -45.50 -3.18
C8 NAG IA . -10.72 -45.69 -3.55
N2 NAG IA . -13.03 -45.53 -4.19
O3 NAG IA . -14.71 -47.52 -2.95
O4 NAG IA . -17.33 -47.80 -4.11
O5 NAG IA . -16.46 -44.33 -4.89
O6 NAG IA . -18.86 -44.08 -4.15
O7 NAG IA . -12.51 -45.33 -2.01
C1 NAG JA . -7.30 -60.95 -18.92
C2 NAG JA . -8.73 -60.61 -18.49
C3 NAG JA . -8.97 -61.05 -17.04
C4 NAG JA . -8.60 -62.51 -16.86
C5 NAG JA . -7.17 -62.76 -17.35
C6 NAG JA . -6.77 -64.22 -17.31
C7 NAG JA . -9.77 -58.70 -19.63
C8 NAG JA . -9.95 -57.21 -19.64
N2 NAG JA . -9.00 -59.19 -18.65
O3 NAG JA . -10.33 -60.85 -16.71
O4 NAG JA . -8.69 -62.87 -15.49
O5 NAG JA . -7.05 -62.35 -18.72
O6 NAG JA . -7.48 -64.91 -16.28
O7 NAG JA . -10.30 -59.42 -20.46
C1 NAG KA . 27.42 -78.19 -11.60
C2 NAG KA . 28.47 -79.30 -11.51
C3 NAG KA . 27.78 -80.66 -11.43
C4 NAG KA . 26.76 -80.69 -10.30
C5 NAG KA . 25.79 -79.53 -10.46
C6 NAG KA . 24.81 -79.42 -9.30
C7 NAG KA . 30.70 -79.02 -12.49
C8 NAG KA . 31.50 -79.00 -13.75
N2 NAG KA . 29.39 -79.24 -12.62
O3 NAG KA . 28.76 -81.67 -11.22
O4 NAG KA . 26.03 -81.92 -10.34
O5 NAG KA . 26.51 -78.29 -10.49
O6 NAG KA . 25.47 -79.44 -8.05
O7 NAG KA . 31.21 -78.83 -11.38
C1 NAG LA . 32.88 -79.10 -33.34
C2 NAG LA . 34.25 -78.72 -33.91
C3 NAG LA . 34.56 -79.57 -35.15
C4 NAG LA . 34.41 -81.05 -34.83
C5 NAG LA . 33.03 -81.32 -34.22
C6 NAG LA . 32.85 -82.76 -33.79
C7 NAG LA . 35.45 -76.60 -34.20
C8 NAG LA . 35.34 -75.14 -34.56
N2 NAG LA . 34.32 -77.31 -34.23
O3 NAG LA . 35.89 -79.30 -35.59
O4 NAG LA . 34.55 -81.82 -36.03
O5 NAG LA . 32.85 -80.51 -33.06
O6 NAG LA . 33.40 -83.66 -34.74
O7 NAG LA . 36.53 -77.12 -33.90
C1 NAG MA . 41.37 -87.92 -15.09
C2 NAG MA . 42.61 -87.99 -14.20
C3 NAG MA . 42.29 -88.75 -12.92
C4 NAG MA . 41.08 -88.14 -12.23
C5 NAG MA . 39.91 -88.05 -13.20
C6 NAG MA . 38.71 -87.33 -12.62
C7 NAG MA . 44.99 -88.18 -14.78
C8 NAG MA . 46.01 -88.95 -15.57
N2 NAG MA . 43.72 -88.61 -14.90
O3 NAG MA . 43.42 -88.70 -12.05
O4 NAG MA . 40.71 -88.92 -11.11
O5 NAG MA . 40.29 -87.32 -14.37
O6 NAG MA . 38.96 -85.95 -12.44
O7 NAG MA . 45.29 -87.22 -14.08
#